data_2EW9
#
_entry.id   2EW9
#
_cell.length_a   1.000
_cell.length_b   1.000
_cell.length_c   1.000
_cell.angle_alpha   90.00
_cell.angle_beta   90.00
_cell.angle_gamma   90.00
#
_symmetry.space_group_name_H-M   'P 1'
#
_entity_poly.entity_id   1
_entity_poly.type   'polypeptide(L)'
_entity_poly.pdbx_seq_one_letter_code
;MAPQKCFLQIKGMTCASCVSNIERNLQKEAGVLSVLVALMAGKAEIKYDPEVIQPLEIAQFIQDLGFEAAVMEDYAGSDG
NIELTITGMTCASCVHNIESKLTRTNGITYASVALATSKALVKFDPEIIGPRDIIKIIEEIGFHASLAQ
;
_entity_poly.pdbx_strand_id   A
#
# COMPACT_ATOMS: atom_id res chain seq x y z
N MET A 1 12.38 -13.51 3.94
CA MET A 1 10.96 -13.57 3.54
C MET A 1 10.79 -12.60 2.37
N ALA A 2 9.56 -12.21 2.03
CA ALA A 2 9.29 -11.11 1.12
C ALA A 2 8.82 -9.92 1.96
N PRO A 3 9.71 -9.04 2.44
CA PRO A 3 9.33 -7.97 3.34
C PRO A 3 8.62 -6.85 2.58
N GLN A 4 7.41 -6.51 3.00
CA GLN A 4 6.66 -5.41 2.40
C GLN A 4 6.58 -4.26 3.40
N LYS A 5 6.82 -3.03 2.95
CA LYS A 5 6.74 -1.88 3.81
C LYS A 5 5.32 -1.31 3.75
N CYS A 6 4.81 -0.86 4.89
CA CYS A 6 3.50 -0.24 5.02
C CYS A 6 3.69 1.17 5.55
N PHE A 7 3.05 2.16 4.93
CA PHE A 7 3.13 3.57 5.30
C PHE A 7 1.83 3.97 5.97
N LEU A 8 1.83 4.08 7.31
CA LEU A 8 0.67 4.57 8.02
C LEU A 8 1.03 5.67 9.00
N GLN A 9 0.00 6.29 9.57
CA GLN A 9 0.16 7.25 10.65
C GLN A 9 -0.65 6.73 11.83
N ILE A 10 -0.23 7.13 13.02
CA ILE A 10 -0.88 6.82 14.27
C ILE A 10 -1.72 8.04 14.62
N LYS A 11 -2.86 7.83 15.27
CA LYS A 11 -3.52 8.89 16.03
C LYS A 11 -3.74 8.35 17.44
N GLY A 12 -3.38 9.15 18.45
CA GLY A 12 -3.29 8.73 19.84
C GLY A 12 -2.05 9.38 20.45
N MET A 13 -0.92 8.67 20.44
CA MET A 13 0.38 9.14 20.92
C MET A 13 0.30 9.74 22.33
N THR A 14 0.18 8.89 23.35
CA THR A 14 0.21 9.32 24.75
C THR A 14 1.43 10.22 25.03
N CYS A 15 2.58 9.90 24.42
CA CYS A 15 3.76 10.76 24.24
C CYS A 15 5.02 9.99 24.62
N ALA A 16 5.22 9.78 25.92
CA ALA A 16 6.53 9.44 26.46
C ALA A 16 7.04 8.08 25.98
N SER A 17 6.17 7.06 25.99
CA SER A 17 6.63 5.69 25.77
C SER A 17 5.57 4.75 25.17
N CYS A 18 4.34 5.22 24.90
CA CYS A 18 3.31 4.28 24.47
C CYS A 18 3.60 3.80 23.05
N VAL A 19 4.01 4.72 22.16
CA VAL A 19 4.52 4.37 20.85
C VAL A 19 5.66 3.37 21.02
N SER A 20 6.56 3.66 21.95
CA SER A 20 7.74 2.82 22.18
C SER A 20 7.34 1.38 22.58
N ASN A 21 6.33 1.25 23.44
CA ASN A 21 5.75 -0.04 23.78
C ASN A 21 5.17 -0.68 22.52
N ILE A 22 4.31 0.06 21.81
CA ILE A 22 3.66 -0.38 20.57
C ILE A 22 4.70 -1.00 19.61
N GLU A 23 5.82 -0.32 19.36
CA GLU A 23 6.89 -0.84 18.51
C GLU A 23 7.32 -2.26 18.95
N ARG A 24 7.56 -2.45 20.24
CA ARG A 24 7.98 -3.75 20.77
C ARG A 24 6.87 -4.78 20.58
N ASN A 25 5.62 -4.37 20.80
CA ASN A 25 4.48 -5.24 20.62
C ASN A 25 4.42 -5.72 19.17
N LEU A 26 4.45 -4.80 18.20
CA LEU A 26 4.42 -5.17 16.79
C LEU A 26 5.59 -6.07 16.40
N GLN A 27 6.80 -5.80 16.91
CA GLN A 27 7.92 -6.71 16.69
C GLN A 27 7.63 -8.15 17.14
N LYS A 28 6.63 -8.34 18.00
CA LYS A 28 6.19 -9.65 18.44
C LYS A 28 4.81 -10.04 17.91
N GLU A 29 4.15 -9.22 17.05
CA GLU A 29 2.86 -9.59 16.50
C GLU A 29 2.95 -10.88 15.68
N ALA A 30 3.66 -10.84 14.54
CA ALA A 30 3.73 -11.95 13.61
C ALA A 30 4.81 -11.69 12.56
N GLY A 31 4.45 -11.58 11.27
CA GLY A 31 5.41 -11.44 10.18
C GLY A 31 6.07 -10.07 10.11
N VAL A 32 5.61 -9.10 10.90
CA VAL A 32 6.22 -7.78 10.97
C VAL A 32 7.47 -7.82 11.85
N LEU A 33 8.62 -7.44 11.29
CA LEU A 33 9.85 -7.28 12.08
C LEU A 33 10.69 -6.11 11.59
N SER A 34 10.07 -4.93 11.46
CA SER A 34 10.79 -3.68 11.39
C SER A 34 9.79 -2.58 11.73
N VAL A 35 10.18 -1.67 12.62
CA VAL A 35 9.41 -0.54 13.05
C VAL A 35 10.19 0.69 12.64
N LEU A 36 9.52 1.65 12.02
CA LEU A 36 10.14 2.92 11.64
C LEU A 36 9.11 4.01 11.93
N VAL A 37 8.93 4.34 13.21
CA VAL A 37 8.03 5.41 13.63
C VAL A 37 8.85 6.66 13.86
N ALA A 38 8.43 7.77 13.23
CA ALA A 38 8.94 9.08 13.58
C ALA A 38 7.87 9.73 14.45
N LEU A 39 7.99 9.59 15.78
CA LEU A 39 7.08 10.21 16.74
C LEU A 39 7.06 11.74 16.56
N MET A 40 8.18 12.30 16.08
CA MET A 40 8.32 13.73 15.77
C MET A 40 7.29 14.16 14.73
N ALA A 41 7.42 13.61 13.53
CA ALA A 41 6.59 13.97 12.38
C ALA A 41 5.21 13.34 12.50
N GLY A 42 5.13 12.21 13.21
CA GLY A 42 3.91 11.47 13.45
C GLY A 42 3.62 10.53 12.29
N LYS A 43 4.51 9.58 12.01
CA LYS A 43 4.28 8.58 10.99
C LYS A 43 4.77 7.25 11.54
N ALA A 44 4.08 6.15 11.20
CA ALA A 44 4.52 4.79 11.41
C ALA A 44 4.73 4.12 10.05
N GLU A 45 6.00 4.01 9.65
CA GLU A 45 6.39 3.13 8.56
C GLU A 45 6.86 1.84 9.23
N ILE A 46 6.45 0.67 8.73
CA ILE A 46 6.89 -0.61 9.29
C ILE A 46 7.13 -1.55 8.11
N LYS A 47 7.71 -2.74 8.34
CA LYS A 47 7.74 -3.81 7.33
C LYS A 47 7.05 -5.08 7.83
N TYR A 48 5.87 -5.35 7.26
CA TYR A 48 5.05 -6.53 7.44
C TYR A 48 5.26 -7.55 6.32
N ASP A 49 4.53 -8.66 6.43
CA ASP A 49 4.58 -9.79 5.53
C ASP A 49 3.15 -10.23 5.18
N PRO A 50 2.60 -9.83 4.02
CA PRO A 50 1.17 -9.86 3.75
C PRO A 50 0.58 -11.27 3.76
N GLU A 51 1.41 -12.28 3.47
CA GLU A 51 0.96 -13.67 3.42
C GLU A 51 0.76 -14.24 4.83
N VAL A 52 1.20 -13.53 5.88
CA VAL A 52 1.15 -13.99 7.25
C VAL A 52 0.36 -13.02 8.11
N ILE A 53 0.66 -11.71 8.01
CA ILE A 53 -0.02 -10.65 8.74
C ILE A 53 -0.72 -9.75 7.72
N GLN A 54 -1.86 -9.17 8.10
CA GLN A 54 -2.65 -8.30 7.25
C GLN A 54 -2.85 -6.97 7.98
N PRO A 55 -3.02 -5.86 7.23
CA PRO A 55 -3.07 -4.53 7.80
C PRO A 55 -4.20 -4.37 8.82
N LEU A 56 -5.34 -5.03 8.60
CA LEU A 56 -6.47 -4.93 9.50
C LEU A 56 -6.23 -5.66 10.83
N GLU A 57 -5.50 -6.77 10.77
CA GLU A 57 -5.00 -7.47 11.94
C GLU A 57 -4.11 -6.51 12.75
N ILE A 58 -3.19 -5.83 12.06
CA ILE A 58 -2.35 -4.80 12.65
C ILE A 58 -3.28 -3.82 13.35
N ALA A 59 -4.27 -3.32 12.59
CA ALA A 59 -5.19 -2.32 13.11
C ALA A 59 -5.84 -2.84 14.39
N GLN A 60 -6.28 -4.08 14.40
CA GLN A 60 -6.85 -4.72 15.59
C GLN A 60 -5.87 -4.66 16.76
N PHE A 61 -4.59 -4.97 16.52
CA PHE A 61 -3.56 -4.88 17.54
C PHE A 61 -3.48 -3.44 18.09
N ILE A 62 -3.46 -2.45 17.21
CA ILE A 62 -3.33 -1.05 17.62
C ILE A 62 -4.57 -0.58 18.38
N GLN A 63 -5.75 -0.97 17.90
CA GLN A 63 -7.04 -0.70 18.52
C GLN A 63 -7.08 -1.30 19.92
N ASP A 64 -6.62 -2.55 20.08
CA ASP A 64 -6.52 -3.21 21.37
C ASP A 64 -5.60 -2.42 22.30
N LEU A 65 -4.39 -2.11 21.81
CA LEU A 65 -3.44 -1.31 22.57
C LEU A 65 -4.01 0.07 22.93
N GLY A 66 -4.88 0.63 22.08
CA GLY A 66 -5.76 1.73 22.42
C GLY A 66 -5.45 2.98 21.60
N PHE A 67 -4.90 2.80 20.41
CA PHE A 67 -4.56 3.86 19.47
C PHE A 67 -5.37 3.65 18.19
N GLU A 68 -5.39 4.66 17.32
CA GLU A 68 -5.82 4.49 15.94
C GLU A 68 -4.57 4.29 15.10
N ALA A 69 -4.59 3.29 14.24
CA ALA A 69 -3.67 3.14 13.12
C ALA A 69 -4.48 3.43 11.87
N ALA A 70 -4.10 4.45 11.11
CA ALA A 70 -4.73 4.73 9.82
C ALA A 70 -3.63 4.89 8.78
N VAL A 71 -3.69 4.07 7.74
CA VAL A 71 -2.83 4.22 6.58
C VAL A 71 -3.01 5.61 6.00
N MET A 72 -1.91 6.17 5.50
CA MET A 72 -1.92 7.40 4.74
C MET A 72 -2.91 7.26 3.56
N GLU A 73 -2.78 6.12 2.88
CA GLU A 73 -3.46 5.64 1.69
C GLU A 73 -2.59 4.45 1.28
N ASP A 74 -1.27 4.68 1.32
CA ASP A 74 -0.23 3.87 0.72
C ASP A 74 0.16 2.69 1.61
N TYR A 75 -0.85 1.84 1.78
CA TYR A 75 -0.92 0.50 2.33
C TYR A 75 0.24 -0.43 1.96
N ALA A 76 0.94 -0.15 0.87
CA ALA A 76 2.26 -0.69 0.58
C ALA A 76 2.86 -0.03 -0.65
N GLY A 77 2.75 -0.67 -1.82
CA GLY A 77 3.48 -0.26 -3.02
C GLY A 77 4.69 -1.18 -3.18
N SER A 78 4.46 -2.50 -3.28
CA SER A 78 5.49 -3.48 -2.93
C SER A 78 5.42 -4.73 -3.85
N ASP A 79 5.14 -5.94 -3.36
CA ASP A 79 5.17 -7.18 -4.16
C ASP A 79 3.74 -7.66 -4.38
N GLY A 80 3.25 -7.68 -5.62
CA GLY A 80 1.92 -8.14 -5.98
C GLY A 80 0.95 -7.00 -5.76
N ASN A 81 1.05 -6.40 -4.57
CA ASN A 81 0.26 -5.31 -4.08
C ASN A 81 1.06 -4.03 -4.29
N ILE A 82 0.99 -3.49 -5.52
CA ILE A 82 1.63 -2.23 -5.86
C ILE A 82 0.57 -1.16 -5.99
N GLU A 83 1.02 0.07 -6.14
CA GLU A 83 0.20 1.20 -6.47
C GLU A 83 0.98 2.10 -7.42
N LEU A 84 0.28 2.93 -8.20
CA LEU A 84 0.84 3.75 -9.25
C LEU A 84 0.11 5.09 -9.28
N THR A 85 0.79 6.18 -9.63
CA THR A 85 0.15 7.44 -9.98
C THR A 85 0.06 7.48 -11.50
N ILE A 86 -1.17 7.55 -12.00
CA ILE A 86 -1.49 7.64 -13.42
C ILE A 86 -1.68 9.11 -13.77
N THR A 87 -0.81 9.62 -14.63
CA THR A 87 -0.79 11.00 -15.09
C THR A 87 -1.29 11.01 -16.54
N GLY A 88 -1.97 12.09 -16.94
CA GLY A 88 -2.53 12.28 -18.28
C GLY A 88 -4.03 12.02 -18.30
N MET A 89 -4.47 10.99 -17.58
CA MET A 89 -5.89 10.66 -17.43
C MET A 89 -6.65 11.84 -16.81
N THR A 90 -7.88 12.08 -17.30
CA THR A 90 -8.75 13.14 -16.79
C THR A 90 -10.22 12.88 -17.14
N CYS A 91 -10.68 11.63 -17.11
CA CYS A 91 -12.07 11.30 -17.42
C CYS A 91 -12.44 9.90 -16.90
N ALA A 92 -13.66 9.73 -16.39
CA ALA A 92 -14.16 8.45 -15.90
C ALA A 92 -13.92 7.33 -16.91
N SER A 93 -14.22 7.58 -18.19
CA SER A 93 -14.01 6.61 -19.26
C SER A 93 -12.55 6.14 -19.31
N CYS A 94 -11.61 7.06 -19.12
CA CYS A 94 -10.19 6.73 -19.14
C CYS A 94 -9.88 5.79 -17.97
N VAL A 95 -10.37 6.13 -16.77
CA VAL A 95 -10.31 5.24 -15.60
C VAL A 95 -10.86 3.86 -15.96
N HIS A 96 -12.09 3.80 -16.47
CA HIS A 96 -12.77 2.55 -16.74
C HIS A 96 -11.96 1.70 -17.73
N ASN A 97 -11.43 2.38 -18.75
CA ASN A 97 -10.58 1.81 -19.78
C ASN A 97 -9.29 1.25 -19.18
N ILE A 98 -8.60 2.04 -18.35
CA ILE A 98 -7.40 1.59 -17.63
C ILE A 98 -7.74 0.33 -16.82
N GLU A 99 -8.82 0.38 -16.05
CA GLU A 99 -9.22 -0.70 -15.18
C GLU A 99 -9.55 -1.93 -16.01
N SER A 100 -10.23 -1.76 -17.15
CA SER A 100 -10.44 -2.83 -18.12
C SER A 100 -9.10 -3.41 -18.57
N LYS A 101 -8.17 -2.57 -19.03
CA LYS A 101 -6.84 -3.01 -19.44
C LYS A 101 -6.18 -3.86 -18.34
N LEU A 102 -6.26 -3.39 -17.09
CA LEU A 102 -5.63 -4.09 -16.00
C LEU A 102 -6.31 -5.42 -15.84
N THR A 103 -7.62 -5.41 -15.57
CA THR A 103 -8.39 -6.65 -15.38
C THR A 103 -8.21 -7.62 -16.55
N ARG A 104 -7.85 -7.13 -17.74
CA ARG A 104 -7.62 -8.02 -18.87
C ARG A 104 -6.42 -8.96 -18.64
N THR A 105 -5.47 -8.55 -17.79
CA THR A 105 -4.29 -9.30 -17.42
C THR A 105 -4.65 -10.51 -16.57
N ASN A 106 -4.06 -11.67 -16.87
CA ASN A 106 -4.33 -12.93 -16.19
C ASN A 106 -4.21 -12.84 -14.67
N GLY A 107 -3.10 -12.32 -14.15
CA GLY A 107 -2.79 -12.36 -12.73
C GLY A 107 -3.61 -11.37 -11.90
N ILE A 108 -3.87 -10.19 -12.45
CA ILE A 108 -4.43 -9.10 -11.65
C ILE A 108 -5.83 -9.49 -11.18
N THR A 109 -6.02 -9.51 -9.86
CA THR A 109 -7.23 -10.03 -9.26
C THR A 109 -8.16 -8.91 -8.81
N TYR A 110 -7.62 -7.82 -8.25
CA TYR A 110 -8.37 -6.59 -8.13
C TYR A 110 -7.48 -5.38 -8.39
N ALA A 111 -7.93 -4.51 -9.28
CA ALA A 111 -7.42 -3.16 -9.41
C ALA A 111 -8.39 -2.24 -8.68
N SER A 112 -7.92 -1.08 -8.23
CA SER A 112 -8.80 0.01 -7.80
C SER A 112 -8.16 1.34 -8.19
N VAL A 113 -8.66 2.03 -9.22
CA VAL A 113 -8.12 3.33 -9.63
C VAL A 113 -8.95 4.50 -9.09
N ALA A 114 -8.28 5.44 -8.40
CA ALA A 114 -8.90 6.54 -7.68
C ALA A 114 -8.33 7.88 -8.17
N LEU A 115 -9.10 8.57 -9.02
CA LEU A 115 -8.68 9.74 -9.77
C LEU A 115 -8.61 11.00 -8.92
N ALA A 116 -9.42 11.10 -7.87
CA ALA A 116 -9.45 12.27 -7.00
C ALA A 116 -8.08 12.43 -6.32
N THR A 117 -7.50 11.27 -5.98
CA THR A 117 -6.19 11.12 -5.40
C THR A 117 -5.14 11.01 -6.52
N SER A 118 -5.54 10.45 -7.66
CA SER A 118 -4.71 10.17 -8.82
C SER A 118 -3.64 9.13 -8.46
N LYS A 119 -4.09 8.02 -7.87
CA LYS A 119 -3.33 6.79 -7.88
C LYS A 119 -4.25 5.59 -8.09
N ALA A 120 -3.64 4.45 -8.40
CA ALA A 120 -4.25 3.19 -8.74
C ALA A 120 -3.60 2.11 -7.89
N LEU A 121 -4.38 1.25 -7.26
CA LEU A 121 -3.87 0.08 -6.55
C LEU A 121 -4.00 -1.11 -7.49
N VAL A 122 -2.97 -1.99 -7.52
CA VAL A 122 -2.91 -3.14 -8.41
C VAL A 122 -2.52 -4.37 -7.58
N LYS A 123 -3.27 -5.47 -7.70
CA LYS A 123 -3.06 -6.70 -6.96
C LYS A 123 -2.85 -7.85 -7.95
N PHE A 124 -1.60 -8.19 -8.29
CA PHE A 124 -1.28 -9.32 -9.17
C PHE A 124 -0.24 -10.26 -8.55
N ASP A 125 0.18 -11.31 -9.26
CA ASP A 125 1.19 -12.26 -8.82
C ASP A 125 2.54 -11.91 -9.47
N PRO A 126 3.56 -11.51 -8.70
CA PRO A 126 4.81 -10.97 -9.24
C PRO A 126 5.73 -12.08 -9.76
N GLU A 127 5.32 -12.70 -10.86
CA GLU A 127 6.06 -13.73 -11.55
C GLU A 127 5.50 -13.92 -12.95
N ILE A 128 4.17 -13.98 -13.10
CA ILE A 128 3.53 -14.27 -14.36
C ILE A 128 3.45 -13.03 -15.24
N ILE A 129 3.34 -11.87 -14.62
CA ILE A 129 3.29 -10.57 -15.26
C ILE A 129 4.16 -9.62 -14.42
N GLY A 130 4.42 -8.40 -14.91
CA GLY A 130 5.26 -7.45 -14.21
C GLY A 130 4.84 -6.02 -14.53
N PRO A 131 5.24 -5.05 -13.69
CA PRO A 131 4.77 -3.68 -13.75
C PRO A 131 5.10 -3.01 -15.09
N ARG A 132 6.26 -3.33 -15.66
CA ARG A 132 6.68 -2.78 -16.92
C ARG A 132 5.67 -3.12 -18.01
N ASP A 133 5.05 -4.30 -17.98
CA ASP A 133 4.08 -4.64 -19.01
C ASP A 133 2.85 -3.73 -18.86
N ILE A 134 2.40 -3.54 -17.61
CA ILE A 134 1.30 -2.64 -17.32
C ILE A 134 1.63 -1.24 -17.82
N ILE A 135 2.84 -0.75 -17.50
CA ILE A 135 3.35 0.52 -17.99
C ILE A 135 3.22 0.54 -19.51
N LYS A 136 3.86 -0.38 -20.23
CA LYS A 136 3.76 -0.51 -21.67
C LYS A 136 2.31 -0.40 -22.16
N ILE A 137 1.40 -1.19 -21.60
CA ILE A 137 0.00 -1.16 -21.95
C ILE A 137 -0.51 0.29 -21.84
N ILE A 138 -0.32 0.97 -20.71
CA ILE A 138 -0.81 2.34 -20.59
C ILE A 138 -0.04 3.36 -21.44
N GLU A 139 1.24 3.11 -21.75
CA GLU A 139 1.99 3.90 -22.72
C GLU A 139 1.34 3.78 -24.10
N GLU A 140 0.86 2.59 -24.43
CA GLU A 140 0.20 2.31 -25.70
C GLU A 140 -1.08 3.14 -25.79
N ILE A 141 -1.77 3.32 -24.66
CA ILE A 141 -2.88 4.26 -24.57
C ILE A 141 -2.38 5.69 -24.70
N GLY A 142 -1.34 6.02 -23.92
CA GLY A 142 -0.73 7.33 -23.81
C GLY A 142 -0.91 7.96 -22.43
N PHE A 143 -0.98 7.15 -21.36
CA PHE A 143 -0.87 7.66 -19.99
C PHE A 143 0.54 7.38 -19.45
N HIS A 144 0.82 7.80 -18.20
CA HIS A 144 2.09 7.52 -17.54
C HIS A 144 1.78 7.03 -16.13
N ALA A 145 2.17 5.80 -15.80
CA ALA A 145 1.93 5.17 -14.51
C ALA A 145 3.24 5.10 -13.72
N SER A 146 3.44 6.03 -12.80
CA SER A 146 4.64 6.13 -11.98
C SER A 146 4.29 5.72 -10.55
N LEU A 147 4.82 4.60 -10.06
CA LEU A 147 4.80 4.16 -8.67
C LEU A 147 4.89 5.37 -7.75
N ALA A 148 3.76 5.68 -7.13
CA ALA A 148 3.66 6.92 -6.38
C ALA A 148 4.49 6.83 -5.10
N GLN A 149 4.54 5.62 -4.52
CA GLN A 149 5.40 5.18 -3.43
C GLN A 149 5.67 6.23 -2.35
N MET A 1 9.59 -14.45 6.80
CA MET A 1 8.35 -14.15 6.05
C MET A 1 8.68 -13.11 4.98
N ALA A 2 7.73 -12.75 4.13
CA ALA A 2 7.89 -11.88 2.98
C ALA A 2 8.19 -10.44 3.40
N PRO A 3 9.27 -9.82 2.92
CA PRO A 3 9.53 -8.42 3.20
C PRO A 3 8.69 -7.52 2.32
N GLN A 4 7.74 -6.84 2.94
CA GLN A 4 6.87 -5.85 2.36
C GLN A 4 6.86 -4.66 3.32
N LYS A 5 6.75 -3.45 2.79
CA LYS A 5 6.71 -2.23 3.60
C LYS A 5 5.26 -1.76 3.65
N CYS A 6 4.88 -1.01 4.69
CA CYS A 6 3.59 -0.33 4.71
C CYS A 6 3.67 1.05 5.37
N PHE A 7 3.12 2.06 4.70
CA PHE A 7 3.08 3.47 5.09
C PHE A 7 1.71 3.79 5.70
N LEU A 8 1.64 3.91 7.03
CA LEU A 8 0.45 4.39 7.73
C LEU A 8 0.79 5.61 8.57
N GLN A 9 -0.23 6.19 9.20
CA GLN A 9 -0.11 7.20 10.23
C GLN A 9 -0.84 6.69 11.46
N ILE A 10 -0.41 7.11 12.65
CA ILE A 10 -1.11 6.87 13.89
C ILE A 10 -1.94 8.11 14.16
N LYS A 11 -3.10 7.94 14.80
CA LYS A 11 -3.81 9.04 15.42
C LYS A 11 -3.97 8.72 16.90
N GLY A 12 -3.19 9.39 17.76
CA GLY A 12 -3.19 9.22 19.20
C GLY A 12 -1.90 9.75 19.79
N MET A 13 -0.90 8.87 19.97
CA MET A 13 0.41 9.18 20.53
C MET A 13 0.34 9.86 21.91
N THR A 14 0.15 9.06 22.96
CA THR A 14 0.27 9.49 24.35
C THR A 14 1.65 10.11 24.65
N CYS A 15 2.67 9.82 23.84
CA CYS A 15 4.04 10.26 24.04
C CYS A 15 4.64 9.42 25.17
N ALA A 16 4.31 9.78 26.42
CA ALA A 16 4.80 9.22 27.69
C ALA A 16 5.89 8.16 27.48
N SER A 17 5.48 6.90 27.29
CA SER A 17 6.32 5.88 26.67
C SER A 17 5.49 5.05 25.70
N CYS A 18 4.37 5.57 25.19
CA CYS A 18 3.44 4.72 24.48
C CYS A 18 4.05 4.30 23.17
N VAL A 19 4.52 5.25 22.35
CA VAL A 19 5.19 4.94 21.08
C VAL A 19 6.29 3.90 21.31
N SER A 20 7.01 4.04 22.41
CA SER A 20 8.02 3.08 22.83
C SER A 20 7.41 1.67 23.03
N ASN A 21 6.28 1.58 23.73
CA ASN A 21 5.58 0.32 23.92
C ASN A 21 5.07 -0.23 22.58
N ILE A 22 4.43 0.62 21.76
CA ILE A 22 3.98 0.28 20.42
C ILE A 22 5.09 -0.45 19.68
N GLU A 23 6.28 0.13 19.62
CA GLU A 23 7.44 -0.48 18.97
C GLU A 23 7.58 -1.94 19.38
N ARG A 24 7.67 -2.18 20.69
CA ARG A 24 7.94 -3.48 21.26
C ARG A 24 6.74 -4.40 21.12
N ASN A 25 5.54 -3.83 20.99
CA ASN A 25 4.34 -4.59 20.72
C ASN A 25 4.41 -5.11 19.29
N LEU A 26 4.56 -4.24 18.29
CA LEU A 26 4.57 -4.65 16.90
C LEU A 26 5.70 -5.64 16.64
N GLN A 27 6.88 -5.39 17.22
CA GLN A 27 7.99 -6.32 17.08
C GLN A 27 7.64 -7.74 17.53
N LYS A 28 6.61 -7.87 18.38
CA LYS A 28 6.11 -9.15 18.84
C LYS A 28 4.61 -9.29 18.55
N GLU A 29 4.12 -8.68 17.46
CA GLU A 29 2.82 -8.97 16.89
C GLU A 29 2.90 -10.33 16.19
N ALA A 30 3.49 -10.37 15.00
CA ALA A 30 3.67 -11.60 14.23
C ALA A 30 4.84 -11.44 13.26
N GLY A 31 4.61 -11.55 11.94
CA GLY A 31 5.71 -11.55 10.98
C GLY A 31 6.35 -10.17 10.79
N VAL A 32 5.69 -9.11 11.28
CA VAL A 32 6.18 -7.74 11.19
C VAL A 32 7.56 -7.59 11.85
N LEU A 33 8.52 -7.06 11.08
CA LEU A 33 9.90 -6.87 11.49
C LEU A 33 10.40 -5.55 10.89
N SER A 34 9.72 -4.45 11.18
CA SER A 34 10.36 -3.13 11.27
C SER A 34 9.44 -2.23 12.08
N VAL A 35 10.01 -1.21 12.72
CA VAL A 35 9.28 -0.10 13.32
C VAL A 35 9.97 1.20 12.89
N LEU A 36 9.35 1.96 11.98
CA LEU A 36 9.82 3.27 11.57
C LEU A 36 8.69 4.27 11.79
N VAL A 37 8.43 4.62 13.05
CA VAL A 37 7.44 5.64 13.39
C VAL A 37 8.17 6.93 13.76
N ALA A 38 7.79 8.04 13.12
CA ALA A 38 8.24 9.36 13.49
C ALA A 38 7.16 10.00 14.36
N LEU A 39 7.35 9.95 15.68
CA LEU A 39 6.50 10.61 16.65
C LEU A 39 6.53 12.13 16.44
N MET A 40 7.62 12.66 15.88
CA MET A 40 7.76 14.08 15.61
C MET A 40 6.80 14.50 14.49
N ALA A 41 6.85 13.77 13.37
CA ALA A 41 6.18 14.14 12.13
C ALA A 41 4.84 13.40 11.95
N GLY A 42 4.54 12.43 12.81
CA GLY A 42 3.30 11.67 12.73
C GLY A 42 3.30 10.80 11.49
N LYS A 43 4.18 9.79 11.42
CA LYS A 43 4.14 8.81 10.35
C LYS A 43 4.52 7.46 10.92
N ALA A 44 3.73 6.42 10.64
CA ALA A 44 3.94 5.04 11.05
C ALA A 44 4.30 4.16 9.85
N GLU A 45 5.58 4.04 9.55
CA GLU A 45 6.06 3.17 8.48
C GLU A 45 6.62 1.91 9.13
N ILE A 46 6.21 0.73 8.67
CA ILE A 46 6.69 -0.54 9.21
C ILE A 46 6.89 -1.51 8.04
N LYS A 47 7.33 -2.73 8.34
CA LYS A 47 7.45 -3.80 7.35
C LYS A 47 6.82 -5.09 7.89
N TYR A 48 5.64 -5.40 7.36
CA TYR A 48 4.96 -6.66 7.56
C TYR A 48 4.99 -7.56 6.33
N ASP A 49 4.51 -8.78 6.54
CA ASP A 49 4.42 -9.90 5.64
C ASP A 49 2.95 -10.24 5.35
N PRO A 50 2.40 -9.83 4.19
CA PRO A 50 0.99 -10.05 3.92
C PRO A 50 0.62 -11.53 3.69
N GLU A 51 1.53 -12.48 3.95
CA GLU A 51 1.30 -13.90 3.79
C GLU A 51 0.77 -14.54 5.09
N VAL A 52 1.08 -13.98 6.26
CA VAL A 52 0.64 -14.53 7.54
C VAL A 52 -0.30 -13.50 8.12
N ILE A 53 0.24 -12.32 8.41
CA ILE A 53 -0.60 -11.24 8.90
C ILE A 53 -1.40 -10.62 7.75
N GLN A 54 -2.35 -9.75 8.09
CA GLN A 54 -3.14 -8.98 7.15
C GLN A 54 -3.29 -7.55 7.70
N PRO A 55 -3.59 -6.57 6.84
CA PRO A 55 -3.61 -5.17 7.23
C PRO A 55 -4.67 -4.90 8.30
N LEU A 56 -5.85 -5.51 8.16
CA LEU A 56 -6.87 -5.42 9.20
C LEU A 56 -6.35 -5.95 10.53
N GLU A 57 -5.60 -7.05 10.50
CA GLU A 57 -5.00 -7.65 11.69
C GLU A 57 -4.01 -6.67 12.35
N ILE A 58 -3.17 -5.99 11.55
CA ILE A 58 -2.33 -4.91 12.03
C ILE A 58 -3.25 -3.97 12.79
N ALA A 59 -4.29 -3.48 12.09
CA ALA A 59 -5.12 -2.42 12.60
C ALA A 59 -5.74 -2.85 13.93
N GLN A 60 -6.23 -4.09 13.98
CA GLN A 60 -6.76 -4.74 15.16
C GLN A 60 -5.75 -4.66 16.30
N PHE A 61 -4.50 -5.04 16.05
CA PHE A 61 -3.46 -5.01 17.07
C PHE A 61 -3.30 -3.59 17.61
N ILE A 62 -3.26 -2.61 16.70
CA ILE A 62 -3.18 -1.21 17.09
C ILE A 62 -4.41 -0.80 17.93
N GLN A 63 -5.61 -1.20 17.51
CA GLN A 63 -6.82 -0.84 18.23
C GLN A 63 -6.83 -1.48 19.62
N ASP A 64 -6.39 -2.73 19.71
CA ASP A 64 -6.31 -3.47 20.96
C ASP A 64 -5.36 -2.76 21.92
N LEU A 65 -4.15 -2.42 21.46
CA LEU A 65 -3.20 -1.73 22.32
C LEU A 65 -3.74 -0.33 22.70
N GLY A 66 -4.45 0.32 21.78
CA GLY A 66 -5.29 1.47 22.09
C GLY A 66 -4.95 2.69 21.24
N PHE A 67 -4.34 2.49 20.07
CA PHE A 67 -4.05 3.56 19.13
C PHE A 67 -4.90 3.36 17.86
N GLU A 68 -5.10 4.43 17.07
CA GLU A 68 -5.64 4.30 15.74
C GLU A 68 -4.47 4.28 14.78
N ALA A 69 -4.48 3.33 13.85
CA ALA A 69 -3.57 3.28 12.71
C ALA A 69 -4.39 3.27 11.43
N ALA A 70 -4.12 4.22 10.52
CA ALA A 70 -4.69 4.22 9.18
C ALA A 70 -3.59 4.48 8.16
N VAL A 71 -3.60 3.70 7.08
CA VAL A 71 -2.70 3.85 5.95
C VAL A 71 -2.74 5.28 5.42
N MET A 72 -1.63 5.70 4.83
CA MET A 72 -1.54 6.98 4.14
C MET A 72 -2.23 6.94 2.77
N GLU A 73 -2.74 5.76 2.39
CA GLU A 73 -3.50 5.43 1.19
C GLU A 73 -2.57 4.80 0.12
N ASP A 74 -1.33 4.53 0.51
CA ASP A 74 -0.24 4.22 -0.39
C ASP A 74 0.80 3.42 0.37
N TYR A 75 0.35 2.24 0.78
CA TYR A 75 1.11 1.17 1.40
C TYR A 75 2.62 1.22 1.09
N ALA A 76 3.02 1.06 -0.17
CA ALA A 76 4.41 0.80 -0.55
C ALA A 76 4.55 0.67 -2.06
N GLY A 77 4.04 -0.44 -2.58
CA GLY A 77 4.16 -0.79 -3.98
C GLY A 77 5.36 -1.70 -4.16
N SER A 78 5.19 -3.01 -3.93
CA SER A 78 6.30 -3.95 -4.03
C SER A 78 5.92 -5.24 -4.78
N ASP A 79 5.73 -6.37 -4.10
CA ASP A 79 5.40 -7.66 -4.68
C ASP A 79 3.99 -8.01 -4.20
N GLY A 80 3.16 -8.62 -5.05
CA GLY A 80 1.81 -9.00 -4.65
C GLY A 80 0.88 -7.79 -4.70
N ASN A 81 1.34 -6.63 -4.19
CA ASN A 81 0.67 -5.37 -4.36
C ASN A 81 1.64 -4.30 -4.86
N ILE A 82 1.34 -3.75 -6.04
CA ILE A 82 2.07 -2.62 -6.58
C ILE A 82 1.12 -1.42 -6.60
N GLU A 83 1.64 -0.20 -6.60
CA GLU A 83 0.88 1.00 -6.73
C GLU A 83 1.65 2.01 -7.58
N LEU A 84 0.91 2.73 -8.44
CA LEU A 84 1.49 3.53 -9.51
C LEU A 84 0.71 4.84 -9.64
N THR A 85 1.38 5.95 -9.95
CA THR A 85 0.78 7.27 -10.08
C THR A 85 0.50 7.51 -11.56
N ILE A 86 -0.73 7.94 -11.87
CA ILE A 86 -1.25 8.02 -13.24
C ILE A 86 -1.43 9.47 -13.66
N THR A 87 -0.48 10.00 -14.42
CA THR A 87 -0.49 11.41 -14.81
C THR A 87 -1.09 11.53 -16.21
N GLY A 88 -2.06 12.43 -16.37
CA GLY A 88 -2.74 12.69 -17.64
C GLY A 88 -4.24 12.43 -17.54
N MET A 89 -4.64 11.53 -16.63
CA MET A 89 -6.04 11.23 -16.43
C MET A 89 -6.83 12.44 -15.93
N THR A 90 -8.12 12.49 -16.32
CA THR A 90 -9.10 13.45 -15.85
C THR A 90 -10.49 13.02 -16.31
N CYS A 91 -10.83 11.72 -16.24
CA CYS A 91 -12.14 11.28 -16.70
C CYS A 91 -12.48 9.86 -16.23
N ALA A 92 -13.75 9.63 -15.87
CA ALA A 92 -14.23 8.32 -15.45
C ALA A 92 -14.00 7.29 -16.55
N SER A 93 -14.27 7.66 -17.80
CA SER A 93 -13.97 6.84 -18.96
C SER A 93 -12.51 6.36 -18.92
N CYS A 94 -11.58 7.25 -18.60
CA CYS A 94 -10.18 6.91 -18.51
C CYS A 94 -9.98 5.91 -17.38
N VAL A 95 -10.50 6.22 -16.18
CA VAL A 95 -10.43 5.31 -15.03
C VAL A 95 -10.86 3.90 -15.41
N HIS A 96 -12.04 3.78 -16.04
CA HIS A 96 -12.55 2.49 -16.49
C HIS A 96 -11.57 1.84 -17.48
N ASN A 97 -10.91 2.66 -18.29
CA ASN A 97 -9.92 2.22 -19.25
C ASN A 97 -8.74 1.58 -18.52
N ILE A 98 -8.08 2.33 -17.63
CA ILE A 98 -6.97 1.80 -16.85
C ILE A 98 -7.43 0.53 -16.14
N GLU A 99 -8.55 0.57 -15.40
CA GLU A 99 -9.02 -0.59 -14.67
C GLU A 99 -9.19 -1.75 -15.64
N SER A 100 -9.88 -1.53 -16.76
CA SER A 100 -10.07 -2.56 -17.78
C SER A 100 -8.71 -3.14 -18.21
N LYS A 101 -7.73 -2.29 -18.48
CA LYS A 101 -6.42 -2.70 -18.93
C LYS A 101 -5.67 -3.50 -17.86
N LEU A 102 -5.81 -3.12 -16.59
CA LEU A 102 -5.19 -3.84 -15.50
C LEU A 102 -5.92 -5.17 -15.34
N THR A 103 -7.21 -5.10 -15.00
CA THR A 103 -8.14 -6.23 -14.83
C THR A 103 -8.12 -7.19 -16.01
N ARG A 104 -7.72 -6.73 -17.20
CA ARG A 104 -7.51 -7.61 -18.34
C ARG A 104 -6.52 -8.75 -18.03
N THR A 105 -5.55 -8.48 -17.17
CA THR A 105 -4.51 -9.42 -16.77
C THR A 105 -5.12 -10.67 -16.13
N ASN A 106 -4.51 -11.82 -16.37
CA ASN A 106 -4.92 -13.11 -15.78
C ASN A 106 -4.69 -13.12 -14.26
N GLY A 107 -3.50 -12.70 -13.83
CA GLY A 107 -3.09 -12.78 -12.44
C GLY A 107 -3.80 -11.79 -11.54
N ILE A 108 -4.19 -10.63 -12.08
CA ILE A 108 -4.64 -9.53 -11.26
C ILE A 108 -5.99 -9.87 -10.62
N THR A 109 -6.09 -9.68 -9.30
CA THR A 109 -7.29 -10.04 -8.57
C THR A 109 -8.15 -8.80 -8.31
N TYR A 110 -7.54 -7.74 -7.80
CA TYR A 110 -8.24 -6.47 -7.65
C TYR A 110 -7.29 -5.33 -7.98
N ALA A 111 -7.67 -4.51 -8.96
CA ALA A 111 -7.09 -3.18 -9.11
C ALA A 111 -8.04 -2.17 -8.47
N SER A 112 -7.51 -1.01 -8.06
CA SER A 112 -8.33 0.13 -7.65
C SER A 112 -7.65 1.38 -8.18
N VAL A 113 -8.37 2.18 -8.99
CA VAL A 113 -7.84 3.31 -9.72
C VAL A 113 -8.53 4.59 -9.23
N ALA A 114 -7.77 5.53 -8.64
CA ALA A 114 -8.35 6.70 -7.98
C ALA A 114 -7.75 8.00 -8.52
N LEU A 115 -8.47 8.64 -9.46
CA LEU A 115 -8.06 9.90 -10.07
C LEU A 115 -7.89 11.04 -9.04
N ALA A 116 -8.53 10.94 -7.87
CA ALA A 116 -8.51 11.98 -6.85
C ALA A 116 -7.19 11.95 -6.12
N THR A 117 -6.70 10.74 -5.87
CA THR A 117 -5.48 10.45 -5.16
C THR A 117 -4.31 10.44 -6.15
N SER A 118 -4.62 10.26 -7.44
CA SER A 118 -3.71 10.23 -8.56
C SER A 118 -2.90 8.93 -8.58
N LYS A 119 -3.38 7.88 -7.92
CA LYS A 119 -2.73 6.59 -7.93
C LYS A 119 -3.70 5.45 -8.27
N ALA A 120 -3.11 4.35 -8.75
CA ALA A 120 -3.75 3.11 -9.12
C ALA A 120 -3.00 2.00 -8.42
N LEU A 121 -3.71 1.20 -7.61
CA LEU A 121 -3.20 0.08 -6.87
C LEU A 121 -3.56 -1.19 -7.65
N VAL A 122 -2.62 -2.13 -7.75
CA VAL A 122 -2.71 -3.30 -8.61
C VAL A 122 -2.24 -4.54 -7.85
N LYS A 123 -3.09 -5.56 -7.74
CA LYS A 123 -2.80 -6.77 -7.00
C LYS A 123 -2.65 -7.95 -7.98
N PHE A 124 -1.43 -8.17 -8.49
CA PHE A 124 -1.14 -9.28 -9.40
C PHE A 124 -0.11 -10.22 -8.78
N ASP A 125 0.15 -11.35 -9.45
CA ASP A 125 1.09 -12.35 -9.00
C ASP A 125 2.43 -12.13 -9.74
N PRO A 126 3.51 -11.72 -9.04
CA PRO A 126 4.71 -11.21 -9.68
C PRO A 126 5.57 -12.33 -10.27
N GLU A 127 5.10 -12.86 -11.40
CA GLU A 127 5.80 -13.82 -12.23
C GLU A 127 5.17 -13.88 -13.62
N ILE A 128 3.84 -13.91 -13.68
CA ILE A 128 3.09 -14.15 -14.90
C ILE A 128 2.93 -12.87 -15.71
N ILE A 129 2.86 -11.74 -15.04
CA ILE A 129 2.87 -10.42 -15.66
C ILE A 129 3.99 -9.61 -15.02
N GLY A 130 4.44 -8.57 -15.73
CA GLY A 130 5.42 -7.60 -15.27
C GLY A 130 4.87 -6.19 -15.43
N PRO A 131 5.44 -5.20 -14.71
CA PRO A 131 4.98 -3.83 -14.75
C PRO A 131 5.19 -3.21 -16.13
N ARG A 132 6.29 -3.57 -16.80
CA ARG A 132 6.67 -3.04 -18.10
C ARG A 132 5.55 -3.26 -19.12
N ASP A 133 4.91 -4.41 -19.09
CA ASP A 133 3.83 -4.74 -20.00
C ASP A 133 2.65 -3.82 -19.74
N ILE A 134 2.31 -3.62 -18.45
CA ILE A 134 1.24 -2.72 -18.05
C ILE A 134 1.58 -1.31 -18.55
N ILE A 135 2.81 -0.87 -18.32
CA ILE A 135 3.32 0.40 -18.81
C ILE A 135 3.10 0.48 -20.33
N LYS A 136 3.60 -0.47 -21.12
CA LYS A 136 3.38 -0.48 -22.55
C LYS A 136 1.88 -0.35 -22.88
N ILE A 137 1.04 -1.15 -22.23
CA ILE A 137 -0.40 -1.10 -22.45
C ILE A 137 -0.91 0.33 -22.24
N ILE A 138 -0.63 0.97 -21.10
CA ILE A 138 -1.14 2.32 -20.87
C ILE A 138 -0.48 3.39 -21.75
N GLU A 139 0.77 3.18 -22.17
CA GLU A 139 1.43 4.03 -23.16
C GLU A 139 0.69 3.97 -24.50
N GLU A 140 0.09 2.82 -24.85
CA GLU A 140 -0.74 2.71 -26.05
C GLU A 140 -1.86 3.74 -25.99
N ILE A 141 -2.47 3.87 -24.81
CA ILE A 141 -3.56 4.80 -24.59
C ILE A 141 -3.01 6.22 -24.54
N GLY A 142 -1.87 6.38 -23.88
CA GLY A 142 -1.20 7.65 -23.66
C GLY A 142 -1.42 8.14 -22.24
N PHE A 143 -1.45 7.24 -21.25
CA PHE A 143 -1.24 7.64 -19.86
C PHE A 143 0.21 7.32 -19.49
N HIS A 144 0.62 7.65 -18.25
CA HIS A 144 1.96 7.36 -17.78
C HIS A 144 1.84 6.92 -16.33
N ALA A 145 2.38 5.74 -16.01
CA ALA A 145 2.27 5.08 -14.72
C ALA A 145 3.64 5.06 -14.06
N SER A 146 3.86 5.89 -13.03
CA SER A 146 5.16 5.98 -12.35
C SER A 146 5.02 5.71 -10.86
N LEU A 147 5.93 4.93 -10.28
CA LEU A 147 5.99 4.55 -8.88
C LEU A 147 5.47 5.64 -7.94
N ALA A 148 4.43 5.29 -7.17
CA ALA A 148 3.72 6.21 -6.31
C ALA A 148 4.20 6.11 -4.86
N GLN A 149 5.51 6.14 -4.66
CA GLN A 149 6.16 6.04 -3.36
C GLN A 149 7.31 7.03 -3.35
N MET A 1 8.02 -13.52 3.20
CA MET A 1 7.35 -14.10 2.04
C MET A 1 6.96 -12.98 1.07
N ALA A 2 7.99 -12.35 0.46
CA ALA A 2 7.88 -11.10 -0.28
C ALA A 2 7.37 -9.99 0.65
N PRO A 3 8.24 -9.13 1.22
CA PRO A 3 7.85 -8.20 2.26
C PRO A 3 7.07 -7.02 1.67
N GLN A 4 6.02 -6.52 2.36
CA GLN A 4 5.28 -5.34 1.92
C GLN A 4 5.45 -4.26 2.98
N LYS A 5 5.58 -3.01 2.53
CA LYS A 5 5.64 -1.88 3.44
C LYS A 5 4.20 -1.43 3.62
N CYS A 6 3.92 -0.74 4.73
CA CYS A 6 2.62 -0.20 5.02
C CYS A 6 2.83 1.21 5.52
N PHE A 7 2.24 2.20 4.84
CA PHE A 7 2.40 3.62 5.05
C PHE A 7 1.20 4.16 5.81
N LEU A 8 1.27 4.18 7.14
CA LEU A 8 0.19 4.69 7.98
C LEU A 8 0.65 5.89 8.79
N GLN A 9 -0.30 6.55 9.44
CA GLN A 9 -0.03 7.53 10.49
C GLN A 9 -0.62 7.01 11.79
N ILE A 10 0.10 7.25 12.89
CA ILE A 10 -0.32 6.95 14.24
C ILE A 10 -0.87 8.22 14.84
N LYS A 11 -1.97 8.12 15.59
CA LYS A 11 -2.48 9.19 16.43
C LYS A 11 -2.63 8.62 17.85
N GLY A 12 -1.96 9.26 18.81
CA GLY A 12 -1.91 8.85 20.20
C GLY A 12 -0.70 9.48 20.90
N MET A 13 0.52 9.04 20.53
CA MET A 13 1.82 9.50 21.04
C MET A 13 1.82 9.82 22.54
N THR A 14 1.74 8.81 23.42
CA THR A 14 1.71 9.05 24.86
C THR A 14 2.86 9.93 25.35
N CYS A 15 4.12 9.51 25.16
CA CYS A 15 5.23 10.24 25.77
C CYS A 15 6.58 9.84 25.18
N ALA A 16 6.66 9.80 23.85
CA ALA A 16 7.88 9.48 23.10
C ALA A 16 8.56 8.21 23.63
N SER A 17 7.79 7.13 23.73
CA SER A 17 8.23 5.84 24.27
C SER A 17 7.13 4.79 24.14
N CYS A 18 5.85 5.17 24.30
CA CYS A 18 4.79 4.17 24.31
C CYS A 18 4.62 3.56 22.92
N VAL A 19 4.65 4.40 21.88
CA VAL A 19 4.76 3.92 20.51
C VAL A 19 5.97 2.99 20.39
N SER A 20 7.09 3.38 20.98
CA SER A 20 8.30 2.59 20.91
C SER A 20 8.13 1.22 21.55
N ASN A 21 7.28 1.12 22.57
CA ASN A 21 6.90 -0.15 23.14
C ASN A 21 5.99 -0.92 22.18
N ILE A 22 4.98 -0.26 21.62
CA ILE A 22 4.10 -0.84 20.61
C ILE A 22 4.93 -1.50 19.49
N GLU A 23 5.97 -0.82 18.99
CA GLU A 23 6.89 -1.42 18.02
C GLU A 23 7.31 -2.85 18.41
N ARG A 24 7.71 -3.05 19.67
CA ARG A 24 8.15 -4.36 20.13
C ARG A 24 7.00 -5.36 20.13
N ASN A 25 5.78 -4.88 20.41
CA ASN A 25 4.61 -5.74 20.41
C ASN A 25 4.40 -6.24 18.99
N LEU A 26 4.32 -5.33 18.01
CA LEU A 26 4.13 -5.73 16.62
C LEU A 26 5.27 -6.62 16.13
N GLN A 27 6.52 -6.37 16.55
CA GLN A 27 7.62 -7.28 16.21
C GLN A 27 7.36 -8.73 16.62
N LYS A 28 6.42 -8.97 17.55
CA LYS A 28 6.03 -10.32 17.92
C LYS A 28 4.55 -10.60 17.63
N GLU A 29 3.90 -9.85 16.73
CA GLU A 29 2.58 -10.22 16.23
C GLU A 29 2.69 -11.50 15.41
N ALA A 30 3.34 -11.41 14.25
CA ALA A 30 3.33 -12.46 13.24
C ALA A 30 4.37 -12.12 12.15
N GLY A 31 3.95 -12.06 10.88
CA GLY A 31 4.84 -11.77 9.76
C GLY A 31 5.35 -10.33 9.75
N VAL A 32 4.80 -9.45 10.60
CA VAL A 32 5.30 -8.09 10.74
C VAL A 32 6.61 -8.08 11.53
N LEU A 33 7.69 -7.58 10.93
CA LEU A 33 8.94 -7.37 11.66
C LEU A 33 9.70 -6.16 11.14
N SER A 34 9.07 -4.99 11.07
CA SER A 34 9.81 -3.77 10.78
C SER A 34 8.98 -2.62 11.30
N VAL A 35 9.65 -1.68 11.94
CA VAL A 35 9.06 -0.61 12.71
C VAL A 35 9.87 0.65 12.39
N LEU A 36 9.32 1.51 11.53
CA LEU A 36 9.98 2.72 11.10
C LEU A 36 8.97 3.85 11.30
N VAL A 37 8.79 4.27 12.55
CA VAL A 37 7.96 5.41 12.88
C VAL A 37 8.88 6.62 13.02
N ALA A 38 8.41 7.77 12.54
CA ALA A 38 9.02 9.05 12.90
C ALA A 38 7.98 9.78 13.72
N LEU A 39 8.16 9.80 15.05
CA LEU A 39 7.43 10.65 15.98
C LEU A 39 7.61 12.12 15.55
N MET A 40 8.77 12.45 14.98
CA MET A 40 9.13 13.82 14.62
C MET A 40 8.16 14.36 13.56
N ALA A 41 7.93 13.59 12.50
CA ALA A 41 7.07 13.97 11.39
C ALA A 41 5.63 13.52 11.63
N GLY A 42 5.45 12.40 12.35
CA GLY A 42 4.17 11.80 12.65
C GLY A 42 3.78 10.80 11.57
N LYS A 43 4.62 9.79 11.30
CA LYS A 43 4.33 8.77 10.32
C LYS A 43 4.77 7.41 10.85
N ALA A 44 4.02 6.34 10.53
CA ALA A 44 4.47 4.96 10.70
C ALA A 44 4.65 4.28 9.34
N GLU A 45 5.89 3.89 9.01
CA GLU A 45 6.15 2.84 8.04
C GLU A 45 6.38 1.53 8.81
N ILE A 46 5.60 0.49 8.52
CA ILE A 46 5.87 -0.88 8.95
C ILE A 46 6.18 -1.72 7.73
N LYS A 47 6.75 -2.92 7.93
CA LYS A 47 6.87 -3.96 6.93
C LYS A 47 6.25 -5.26 7.45
N TYR A 48 5.10 -5.63 6.88
CA TYR A 48 4.36 -6.85 7.10
C TYR A 48 4.26 -7.72 5.85
N ASP A 49 3.64 -8.89 6.03
CA ASP A 49 3.43 -9.91 5.00
C ASP A 49 1.91 -10.23 4.96
N PRO A 50 1.19 -9.80 3.91
CA PRO A 50 -0.27 -9.80 3.83
C PRO A 50 -0.86 -11.19 3.64
N GLU A 51 -0.05 -12.25 3.71
CA GLU A 51 -0.52 -13.62 3.74
C GLU A 51 -0.83 -14.07 5.16
N VAL A 52 -0.25 -13.42 6.19
CA VAL A 52 -0.38 -13.85 7.57
C VAL A 52 -1.08 -12.77 8.39
N ILE A 53 -0.53 -11.56 8.37
CA ILE A 53 -1.04 -10.43 9.12
C ILE A 53 -1.68 -9.47 8.13
N GLN A 54 -2.79 -8.85 8.52
CA GLN A 54 -3.61 -7.98 7.68
C GLN A 54 -3.69 -6.59 8.29
N PRO A 55 -3.85 -5.55 7.44
CA PRO A 55 -3.93 -4.18 7.91
C PRO A 55 -5.09 -3.96 8.88
N LEU A 56 -6.28 -4.51 8.58
CA LEU A 56 -7.41 -4.35 9.49
C LEU A 56 -7.15 -5.04 10.84
N GLU A 57 -6.52 -6.21 10.80
CA GLU A 57 -6.12 -6.93 11.98
C GLU A 57 -5.18 -6.07 12.84
N ILE A 58 -4.21 -5.40 12.19
CA ILE A 58 -3.34 -4.44 12.85
C ILE A 58 -4.20 -3.44 13.62
N ALA A 59 -5.30 -3.00 12.99
CA ALA A 59 -6.17 -2.00 13.56
C ALA A 59 -6.70 -2.44 14.92
N GLN A 60 -7.02 -3.72 15.07
CA GLN A 60 -7.44 -4.24 16.36
C GLN A 60 -6.31 -4.13 17.37
N PHE A 61 -5.12 -4.61 17.03
CA PHE A 61 -3.98 -4.52 17.94
C PHE A 61 -3.72 -3.07 18.39
N ILE A 62 -3.62 -2.14 17.45
CA ILE A 62 -3.39 -0.75 17.82
C ILE A 62 -4.51 -0.18 18.69
N GLN A 63 -5.79 -0.47 18.35
CA GLN A 63 -6.91 0.01 19.15
C GLN A 63 -6.90 -0.63 20.55
N ASP A 64 -6.48 -1.90 20.66
CA ASP A 64 -6.33 -2.58 21.94
C ASP A 64 -5.25 -1.88 22.79
N LEU A 65 -4.08 -1.67 22.18
CA LEU A 65 -2.99 -0.91 22.79
C LEU A 65 -3.46 0.49 23.21
N GLY A 66 -4.36 1.09 22.42
CA GLY A 66 -5.08 2.31 22.77
C GLY A 66 -4.61 3.48 21.91
N PHE A 67 -4.38 3.19 20.63
CA PHE A 67 -3.84 4.12 19.64
C PHE A 67 -4.66 3.98 18.37
N GLU A 68 -4.68 5.01 17.53
CA GLU A 68 -5.29 4.94 16.21
C GLU A 68 -4.17 4.84 15.19
N ALA A 69 -4.25 3.86 14.30
CA ALA A 69 -3.39 3.72 13.15
C ALA A 69 -4.28 3.70 11.93
N ALA A 70 -4.18 4.76 11.13
CA ALA A 70 -4.93 4.91 9.89
C ALA A 70 -3.96 4.96 8.72
N VAL A 71 -4.21 4.13 7.71
CA VAL A 71 -3.41 4.09 6.49
C VAL A 71 -3.86 5.20 5.56
N MET A 72 -2.96 5.64 4.68
CA MET A 72 -3.31 6.54 3.60
C MET A 72 -4.50 5.99 2.81
N GLU A 73 -4.37 4.76 2.30
CA GLU A 73 -5.34 4.18 1.37
C GLU A 73 -5.06 2.69 1.13
N ASP A 74 -4.99 1.92 2.23
CA ASP A 74 -4.56 0.51 2.33
C ASP A 74 -3.90 -0.03 1.07
N TYR A 75 -2.76 0.58 0.79
CA TYR A 75 -2.14 0.42 -0.51
C TYR A 75 -0.96 -0.54 -0.41
N ALA A 76 -0.10 -0.33 0.57
CA ALA A 76 1.07 -1.14 0.90
C ALA A 76 2.35 -0.62 0.24
N GLY A 77 2.84 -1.23 -0.84
CA GLY A 77 3.99 -0.71 -1.57
C GLY A 77 5.29 -1.40 -1.26
N SER A 78 5.53 -2.52 -1.94
CA SER A 78 6.88 -3.00 -2.18
C SER A 78 6.87 -4.04 -3.31
N ASP A 79 6.15 -5.14 -3.10
CA ASP A 79 6.26 -6.36 -3.87
C ASP A 79 4.88 -6.94 -4.02
N GLY A 80 4.41 -7.17 -5.25
CA GLY A 80 3.09 -7.70 -5.51
C GLY A 80 2.10 -6.56 -5.45
N ASN A 81 2.01 -5.92 -4.27
CA ASN A 81 1.18 -4.75 -4.07
C ASN A 81 2.07 -3.51 -4.07
N ILE A 82 1.93 -2.69 -5.11
CA ILE A 82 2.42 -1.32 -5.15
C ILE A 82 1.32 -0.35 -5.60
N GLU A 83 1.63 0.95 -5.56
CA GLU A 83 0.83 2.09 -6.02
C GLU A 83 1.48 2.70 -7.25
N LEU A 84 0.69 3.29 -8.14
CA LEU A 84 1.20 4.07 -9.28
C LEU A 84 0.29 5.29 -9.51
N THR A 85 0.86 6.47 -9.84
CA THR A 85 0.07 7.68 -10.05
C THR A 85 -0.17 7.87 -11.54
N ILE A 86 -1.45 7.98 -11.94
CA ILE A 86 -1.84 7.99 -13.35
C ILE A 86 -1.97 9.42 -13.82
N THR A 87 -1.01 9.86 -14.61
CA THR A 87 -0.99 11.18 -15.20
C THR A 87 -1.50 11.07 -16.64
N GLY A 88 -2.41 11.96 -17.02
CA GLY A 88 -2.93 12.10 -18.38
C GLY A 88 -4.44 11.85 -18.45
N MET A 89 -4.93 10.81 -17.78
CA MET A 89 -6.33 10.45 -17.81
C MET A 89 -7.18 11.43 -16.99
N THR A 90 -8.45 11.61 -17.38
CA THR A 90 -9.35 12.53 -16.70
C THR A 90 -10.81 12.22 -17.08
N CYS A 91 -11.18 10.92 -17.07
CA CYS A 91 -12.53 10.52 -17.46
C CYS A 91 -12.83 9.11 -16.95
N ALA A 92 -14.03 8.89 -16.41
CA ALA A 92 -14.50 7.59 -15.95
C ALA A 92 -14.31 6.51 -17.01
N SER A 93 -14.55 6.85 -18.28
CA SER A 93 -14.28 5.96 -19.39
C SER A 93 -12.82 5.50 -19.42
N CYS A 94 -11.88 6.44 -19.19
CA CYS A 94 -10.46 6.14 -19.23
C CYS A 94 -10.10 5.27 -18.04
N VAL A 95 -10.52 5.66 -16.84
CA VAL A 95 -10.45 4.87 -15.62
C VAL A 95 -10.89 3.42 -15.92
N HIS A 96 -12.13 3.25 -16.38
CA HIS A 96 -12.74 1.95 -16.65
C HIS A 96 -11.93 1.19 -17.70
N ASN A 97 -11.49 1.85 -18.76
CA ASN A 97 -10.70 1.25 -19.83
C ASN A 97 -9.36 0.74 -19.28
N ILE A 98 -8.67 1.57 -18.50
CA ILE A 98 -7.43 1.19 -17.83
C ILE A 98 -7.70 -0.05 -16.98
N GLU A 99 -8.76 -0.02 -16.17
CA GLU A 99 -9.10 -1.13 -15.31
C GLU A 99 -9.35 -2.38 -16.15
N SER A 100 -10.11 -2.25 -17.24
CA SER A 100 -10.36 -3.35 -18.17
C SER A 100 -9.05 -3.92 -18.71
N LYS A 101 -8.15 -3.06 -19.18
CA LYS A 101 -6.83 -3.44 -19.63
C LYS A 101 -6.02 -4.12 -18.52
N LEU A 102 -6.13 -3.63 -17.28
CA LEU A 102 -5.40 -4.22 -16.17
C LEU A 102 -5.95 -5.61 -15.93
N THR A 103 -7.23 -5.69 -15.60
CA THR A 103 -7.92 -6.96 -15.38
C THR A 103 -7.80 -7.92 -16.57
N ARG A 104 -7.44 -7.42 -17.76
CA ARG A 104 -7.12 -8.28 -18.90
C ARG A 104 -5.94 -9.22 -18.63
N THR A 105 -5.05 -8.85 -17.70
CA THR A 105 -3.75 -9.46 -17.48
C THR A 105 -3.89 -10.83 -16.80
N ASN A 106 -2.79 -11.61 -16.81
CA ASN A 106 -2.71 -12.94 -16.21
C ASN A 106 -2.59 -12.86 -14.67
N GLY A 107 -1.55 -12.19 -14.18
CA GLY A 107 -1.23 -12.15 -12.76
C GLY A 107 -2.13 -11.15 -12.04
N ILE A 108 -2.26 -9.96 -12.64
CA ILE A 108 -3.15 -8.95 -12.12
C ILE A 108 -4.59 -9.49 -12.12
N THR A 109 -5.26 -9.32 -10.99
CA THR A 109 -6.67 -9.63 -10.82
C THR A 109 -7.40 -8.46 -10.14
N TYR A 110 -6.77 -7.81 -9.15
CA TYR A 110 -7.39 -6.76 -8.35
C TYR A 110 -6.50 -5.52 -8.50
N ALA A 111 -7.03 -4.48 -9.15
CA ALA A 111 -6.46 -3.15 -9.07
C ALA A 111 -7.56 -2.18 -8.67
N SER A 112 -7.20 -0.96 -8.28
CA SER A 112 -8.13 0.14 -8.22
C SER A 112 -7.39 1.40 -8.67
N VAL A 113 -8.04 2.24 -9.48
CA VAL A 113 -7.42 3.38 -10.13
C VAL A 113 -8.28 4.63 -9.87
N ALA A 114 -7.83 5.52 -8.98
CA ALA A 114 -8.62 6.62 -8.44
C ALA A 114 -8.08 7.97 -8.93
N LEU A 115 -8.75 8.56 -9.91
CA LEU A 115 -8.33 9.78 -10.60
C LEU A 115 -8.34 11.02 -9.71
N ALA A 116 -9.25 11.07 -8.73
CA ALA A 116 -9.46 12.22 -7.86
C ALA A 116 -8.19 12.52 -7.07
N THR A 117 -7.61 11.45 -6.54
CA THR A 117 -6.30 11.46 -5.91
C THR A 117 -5.21 11.27 -6.98
N SER A 118 -5.57 10.62 -8.09
CA SER A 118 -4.69 10.28 -9.19
C SER A 118 -3.77 9.11 -8.83
N LYS A 119 -4.15 8.25 -7.86
CA LYS A 119 -3.32 7.13 -7.43
C LYS A 119 -4.01 5.80 -7.74
N ALA A 120 -3.22 4.76 -7.99
CA ALA A 120 -3.69 3.46 -8.43
C ALA A 120 -2.86 2.31 -7.86
N LEU A 121 -3.42 1.54 -6.92
CA LEU A 121 -2.81 0.33 -6.39
C LEU A 121 -3.27 -0.90 -7.18
N VAL A 122 -2.32 -1.82 -7.38
CA VAL A 122 -2.46 -3.01 -8.20
C VAL A 122 -1.89 -4.17 -7.39
N LYS A 123 -2.57 -5.32 -7.35
CA LYS A 123 -2.03 -6.54 -6.75
C LYS A 123 -1.60 -7.47 -7.89
N PHE A 124 -0.30 -7.57 -8.13
CA PHE A 124 0.29 -8.51 -9.09
C PHE A 124 1.13 -9.56 -8.39
N ASP A 125 1.72 -10.48 -9.18
CA ASP A 125 2.70 -11.46 -8.74
C ASP A 125 4.03 -11.21 -9.48
N PRO A 126 5.11 -10.80 -8.78
CA PRO A 126 6.34 -10.33 -9.40
C PRO A 126 7.23 -11.47 -9.89
N GLU A 127 6.67 -12.29 -10.77
CA GLU A 127 7.35 -13.36 -11.50
C GLU A 127 6.69 -13.48 -12.86
N ILE A 128 5.37 -13.63 -12.87
CA ILE A 128 4.60 -13.85 -14.07
C ILE A 128 4.26 -12.55 -14.81
N ILE A 129 4.22 -11.45 -14.07
CA ILE A 129 3.98 -10.12 -14.63
C ILE A 129 4.75 -9.09 -13.80
N GLY A 130 4.84 -7.83 -14.28
CA GLY A 130 5.55 -6.77 -13.58
C GLY A 130 4.93 -5.41 -13.90
N PRO A 131 5.27 -4.37 -13.12
CA PRO A 131 4.71 -3.03 -13.25
C PRO A 131 5.11 -2.38 -14.58
N ARG A 132 6.31 -2.69 -15.07
CA ARG A 132 6.78 -2.19 -16.36
C ARG A 132 5.76 -2.49 -17.47
N ASP A 133 5.16 -3.68 -17.42
CA ASP A 133 4.23 -4.13 -18.44
C ASP A 133 2.93 -3.34 -18.29
N ILE A 134 2.52 -3.06 -17.04
CA ILE A 134 1.37 -2.21 -16.75
C ILE A 134 1.60 -0.83 -17.37
N ILE A 135 2.73 -0.17 -17.05
CA ILE A 135 3.04 1.12 -17.64
C ILE A 135 3.02 1.01 -19.16
N LYS A 136 3.79 0.09 -19.75
CA LYS A 136 3.81 -0.08 -21.19
C LYS A 136 2.40 -0.15 -21.80
N ILE A 137 1.50 -0.94 -21.20
CA ILE A 137 0.12 -1.03 -21.68
C ILE A 137 -0.57 0.34 -21.65
N ILE A 138 -0.40 1.14 -20.61
CA ILE A 138 -1.02 2.48 -20.60
C ILE A 138 -0.27 3.51 -21.48
N GLU A 139 1.04 3.36 -21.65
CA GLU A 139 1.85 4.20 -22.53
C GLU A 139 1.31 4.13 -23.96
N GLU A 140 0.69 3.00 -24.33
CA GLU A 140 0.02 2.84 -25.61
C GLU A 140 -1.11 3.88 -25.73
N ILE A 141 -1.85 4.08 -24.63
CA ILE A 141 -2.89 5.09 -24.57
C ILE A 141 -2.24 6.47 -24.55
N GLY A 142 -1.15 6.59 -23.79
CA GLY A 142 -0.41 7.82 -23.56
C GLY A 142 -0.61 8.31 -22.13
N PHE A 143 -0.81 7.40 -21.18
CA PHE A 143 -0.79 7.73 -19.75
C PHE A 143 0.47 7.16 -19.13
N HIS A 144 0.78 7.58 -17.90
CA HIS A 144 1.99 7.16 -17.19
C HIS A 144 1.59 6.89 -15.75
N ALA A 145 2.04 5.76 -15.20
CA ALA A 145 1.68 5.25 -13.88
C ALA A 145 2.95 4.98 -13.07
N SER A 146 3.42 5.95 -12.28
CA SER A 146 4.70 5.83 -11.55
C SER A 146 4.68 6.54 -10.19
N LEU A 147 4.59 5.85 -9.04
CA LEU A 147 4.58 6.54 -7.73
C LEU A 147 5.00 5.66 -6.56
N ALA A 148 4.17 4.69 -6.18
CA ALA A 148 4.16 3.95 -4.92
C ALA A 148 4.45 4.76 -3.64
N GLN A 149 3.42 5.44 -3.15
CA GLN A 149 3.34 6.17 -1.91
C GLN A 149 1.84 6.54 -1.81
N MET A 1 14.10 -7.28 8.87
CA MET A 1 12.78 -7.06 8.27
C MET A 1 12.76 -7.62 6.87
N ALA A 2 11.57 -7.71 6.28
CA ALA A 2 11.38 -8.07 4.89
C ALA A 2 11.18 -6.77 4.09
N PRO A 3 11.49 -6.74 2.79
CA PRO A 3 11.76 -5.48 2.10
C PRO A 3 10.58 -4.78 1.46
N GLN A 4 9.47 -5.02 2.08
CA GLN A 4 8.21 -4.36 1.83
C GLN A 4 7.94 -3.41 2.99
N LYS A 5 8.06 -2.13 2.69
CA LYS A 5 7.86 -1.04 3.62
C LYS A 5 6.41 -0.60 3.53
N CYS A 6 5.84 -0.02 4.58
CA CYS A 6 4.45 0.42 4.57
C CYS A 6 4.33 1.74 5.32
N PHE A 7 3.63 2.71 4.72
CA PHE A 7 3.70 4.13 5.08
C PHE A 7 2.40 4.52 5.77
N LEU A 8 2.32 4.35 7.09
CA LEU A 8 1.11 4.69 7.82
C LEU A 8 1.37 5.85 8.76
N GLN A 9 0.33 6.30 9.45
CA GLN A 9 0.44 7.28 10.51
C GLN A 9 -0.28 6.71 11.72
N ILE A 10 0.14 7.11 12.93
CA ILE A 10 -0.56 6.78 14.15
C ILE A 10 -1.40 8.00 14.53
N LYS A 11 -2.71 7.83 14.61
CA LYS A 11 -3.63 8.83 15.12
C LYS A 11 -3.96 8.39 16.56
N GLY A 12 -3.12 8.82 17.51
CA GLY A 12 -3.26 8.51 18.92
C GLY A 12 -2.04 9.05 19.70
N MET A 13 -0.98 8.24 19.79
CA MET A 13 0.33 8.61 20.36
C MET A 13 0.28 9.44 21.65
N THR A 14 -0.15 8.85 22.75
CA THR A 14 -0.13 9.44 24.09
C THR A 14 1.24 9.97 24.54
N CYS A 15 2.33 9.63 23.84
CA CYS A 15 3.71 10.04 24.11
C CYS A 15 4.27 9.30 25.32
N ALA A 16 3.66 9.50 26.50
CA ALA A 16 4.03 8.95 27.80
C ALA A 16 4.93 7.70 27.70
N SER A 17 4.34 6.57 27.30
CA SER A 17 5.10 5.40 26.88
C SER A 17 4.30 4.47 25.98
N CYS A 18 3.14 4.91 25.51
CA CYS A 18 2.23 3.99 24.83
C CYS A 18 2.84 3.66 23.49
N VAL A 19 3.24 4.68 22.73
CA VAL A 19 3.88 4.50 21.44
C VAL A 19 5.02 3.49 21.58
N SER A 20 5.88 3.68 22.57
CA SER A 20 6.99 2.79 22.85
C SER A 20 6.55 1.33 23.05
N ASN A 21 5.50 1.10 23.84
CA ASN A 21 4.96 -0.25 23.99
C ASN A 21 4.42 -0.75 22.64
N ILE A 22 3.66 0.10 21.95
CA ILE A 22 3.05 -0.21 20.66
C ILE A 22 4.15 -0.65 19.68
N GLU A 23 5.27 0.06 19.62
CA GLU A 23 6.42 -0.26 18.81
C GLU A 23 6.93 -1.67 19.12
N ARG A 24 7.13 -1.96 20.41
CA ARG A 24 7.63 -3.25 20.86
C ARG A 24 6.68 -4.36 20.46
N ASN A 25 5.37 -4.07 20.57
CA ASN A 25 4.34 -4.98 20.12
C ASN A 25 4.44 -5.18 18.62
N LEU A 26 4.49 -4.09 17.84
CA LEU A 26 4.57 -4.13 16.38
C LEU A 26 5.69 -5.02 15.89
N GLN A 27 6.93 -4.78 16.31
CA GLN A 27 8.03 -5.64 15.87
C GLN A 27 7.86 -7.12 16.24
N LYS A 28 6.98 -7.38 17.22
CA LYS A 28 6.59 -8.71 17.64
C LYS A 28 5.21 -9.16 17.12
N GLU A 29 4.51 -8.39 16.26
CA GLU A 29 3.20 -8.83 15.75
C GLU A 29 3.29 -10.19 15.05
N ALA A 30 4.04 -10.21 13.94
CA ALA A 30 4.10 -11.30 12.99
C ALA A 30 5.27 -11.00 12.06
N GLY A 31 5.12 -11.14 10.74
CA GLY A 31 6.22 -10.89 9.81
C GLY A 31 6.49 -9.39 9.60
N VAL A 32 6.29 -8.54 10.60
CA VAL A 32 6.77 -7.16 10.67
C VAL A 32 7.94 -7.18 11.64
N LEU A 33 9.11 -6.70 11.21
CA LEU A 33 10.29 -6.77 12.08
C LEU A 33 11.09 -5.49 11.93
N SER A 34 10.41 -4.35 12.02
CA SER A 34 11.02 -3.04 12.04
C SER A 34 9.98 -2.07 12.60
N VAL A 35 10.46 -1.04 13.29
CA VAL A 35 9.71 0.13 13.69
C VAL A 35 10.49 1.33 13.15
N LEU A 36 9.87 2.15 12.30
CA LEU A 36 10.43 3.45 11.93
C LEU A 36 9.32 4.50 12.03
N VAL A 37 8.90 4.83 13.25
CA VAL A 37 8.00 5.94 13.48
C VAL A 37 8.76 7.19 13.89
N ALA A 38 8.10 8.33 13.73
CA ALA A 38 8.53 9.61 14.24
C ALA A 38 7.35 10.20 15.00
N LEU A 39 7.35 10.08 16.33
CA LEU A 39 6.40 10.73 17.23
C LEU A 39 6.46 12.25 17.05
N MET A 40 7.62 12.76 16.62
CA MET A 40 7.88 14.20 16.50
C MET A 40 7.07 14.82 15.37
N ALA A 41 7.01 14.14 14.22
CA ALA A 41 6.32 14.60 13.02
C ALA A 41 4.93 13.95 12.94
N GLY A 42 4.87 12.68 13.33
CA GLY A 42 3.67 11.88 13.43
C GLY A 42 3.50 10.98 12.22
N LYS A 43 4.44 10.04 12.00
CA LYS A 43 4.35 9.10 10.91
C LYS A 43 4.89 7.77 11.39
N ALA A 44 4.31 6.64 10.95
CA ALA A 44 4.81 5.30 11.18
C ALA A 44 5.16 4.60 9.86
N GLU A 45 6.46 4.47 9.57
CA GLU A 45 6.96 3.59 8.53
C GLU A 45 7.39 2.31 9.23
N ILE A 46 7.03 1.16 8.65
CA ILE A 46 7.56 -0.11 9.09
C ILE A 46 7.93 -0.92 7.86
N LYS A 47 8.54 -2.08 8.09
CA LYS A 47 8.93 -3.03 7.07
C LYS A 47 8.54 -4.44 7.50
N TYR A 48 7.57 -4.99 6.76
CA TYR A 48 7.02 -6.31 6.96
C TYR A 48 7.08 -7.18 5.70
N ASP A 49 6.63 -8.44 5.82
CA ASP A 49 6.56 -9.42 4.74
C ASP A 49 5.09 -9.77 4.41
N PRO A 50 4.55 -9.29 3.29
CA PRO A 50 3.13 -9.38 3.00
C PRO A 50 2.63 -10.81 2.75
N GLU A 51 3.54 -11.79 2.60
CA GLU A 51 3.14 -13.18 2.39
C GLU A 51 2.42 -13.77 3.61
N VAL A 52 2.56 -13.16 4.79
CA VAL A 52 2.10 -13.72 6.05
C VAL A 52 1.31 -12.69 6.84
N ILE A 53 1.82 -11.45 6.94
CA ILE A 53 1.12 -10.35 7.59
C ILE A 53 0.36 -9.55 6.54
N GLN A 54 -0.72 -8.89 6.96
CA GLN A 54 -1.60 -8.08 6.12
C GLN A 54 -1.82 -6.72 6.80
N PRO A 55 -2.04 -5.66 6.02
CA PRO A 55 -2.19 -4.30 6.55
C PRO A 55 -3.40 -4.18 7.49
N LEU A 56 -4.52 -4.84 7.15
CA LEU A 56 -5.69 -4.86 8.00
C LEU A 56 -5.35 -5.50 9.35
N GLU A 57 -4.68 -6.65 9.32
CA GLU A 57 -4.27 -7.37 10.52
C GLU A 57 -3.36 -6.51 11.40
N ILE A 58 -2.48 -5.70 10.78
CA ILE A 58 -1.72 -4.68 11.49
C ILE A 58 -2.72 -3.81 12.23
N ALA A 59 -3.67 -3.24 11.48
CA ALA A 59 -4.60 -2.28 12.04
C ALA A 59 -5.32 -2.87 13.25
N GLN A 60 -5.79 -4.12 13.15
CA GLN A 60 -6.40 -4.86 14.25
C GLN A 60 -5.54 -4.77 15.51
N PHE A 61 -4.25 -5.10 15.37
CA PHE A 61 -3.34 -5.04 16.50
C PHE A 61 -3.36 -3.64 17.12
N ILE A 62 -3.23 -2.61 16.26
CA ILE A 62 -3.19 -1.23 16.74
C ILE A 62 -4.50 -0.85 17.44
N GLN A 63 -5.64 -1.34 16.93
CA GLN A 63 -6.94 -1.06 17.52
C GLN A 63 -7.02 -1.70 18.91
N ASP A 64 -6.58 -2.95 19.04
CA ASP A 64 -6.54 -3.65 20.33
C ASP A 64 -5.66 -2.87 21.31
N LEU A 65 -4.45 -2.52 20.85
CA LEU A 65 -3.50 -1.73 21.63
C LEU A 65 -4.15 -0.43 22.12
N GLY A 66 -4.87 0.27 21.23
CA GLY A 66 -5.76 1.36 21.58
C GLY A 66 -5.46 2.64 20.80
N PHE A 67 -4.96 2.51 19.58
CA PHE A 67 -4.64 3.60 18.67
C PHE A 67 -5.26 3.32 17.31
N GLU A 68 -5.37 4.35 16.48
CA GLU A 68 -5.75 4.20 15.09
C GLU A 68 -4.48 4.23 14.25
N ALA A 69 -4.24 3.17 13.47
CA ALA A 69 -3.25 3.20 12.40
C ALA A 69 -4.03 3.31 11.10
N ALA A 70 -3.74 4.35 10.31
CA ALA A 70 -4.32 4.53 8.99
C ALA A 70 -3.20 4.84 8.02
N VAL A 71 -3.29 4.29 6.81
CA VAL A 71 -2.25 4.44 5.80
C VAL A 71 -2.21 5.90 5.35
N MET A 72 -1.03 6.40 4.96
CA MET A 72 -0.92 7.73 4.38
C MET A 72 -1.85 7.84 3.17
N GLU A 73 -1.84 6.79 2.35
CA GLU A 73 -2.57 6.61 1.11
C GLU A 73 -2.07 5.29 0.52
N ASP A 74 -0.76 5.26 0.30
CA ASP A 74 -0.04 4.30 -0.51
C ASP A 74 0.52 3.21 0.40
N TYR A 75 -0.27 2.16 0.62
CA TYR A 75 0.12 0.97 1.36
C TYR A 75 1.19 0.10 0.68
N ALA A 76 2.06 0.72 -0.14
CA ALA A 76 3.19 0.07 -0.78
C ALA A 76 2.79 -1.13 -1.64
N GLY A 77 3.76 -2.02 -1.81
CA GLY A 77 3.66 -3.23 -2.58
C GLY A 77 3.49 -4.42 -1.65
N SER A 78 2.24 -4.80 -1.35
CA SER A 78 2.00 -6.13 -0.79
C SER A 78 2.05 -7.18 -1.89
N ASP A 79 3.24 -7.30 -2.46
CA ASP A 79 3.72 -8.38 -3.34
C ASP A 79 2.99 -8.45 -4.68
N GLY A 80 1.73 -8.87 -4.69
CA GLY A 80 0.85 -8.83 -5.82
C GLY A 80 0.08 -7.53 -5.82
N ASN A 81 -0.08 -6.92 -4.64
CA ASN A 81 -0.80 -5.68 -4.48
C ASN A 81 0.21 -4.59 -4.59
N ILE A 82 0.27 -3.91 -5.73
CA ILE A 82 1.17 -2.78 -5.90
C ILE A 82 0.32 -1.55 -6.17
N GLU A 83 0.77 -0.42 -5.62
CA GLU A 83 0.24 0.87 -5.90
C GLU A 83 1.13 1.48 -6.98
N LEU A 84 0.53 2.28 -7.86
CA LEU A 84 1.25 3.15 -8.77
C LEU A 84 0.50 4.47 -8.77
N THR A 85 1.15 5.57 -9.17
CA THR A 85 0.51 6.85 -9.40
C THR A 85 0.28 6.95 -10.91
N ILE A 86 -0.97 7.16 -11.33
CA ILE A 86 -1.31 7.29 -12.74
C ILE A 86 -1.42 8.78 -13.08
N THR A 87 -0.92 9.18 -14.24
CA THR A 87 -1.02 10.54 -14.75
C THR A 87 -1.59 10.53 -16.18
N GLY A 88 -2.50 11.46 -16.47
CA GLY A 88 -3.06 11.73 -17.80
C GLY A 88 -4.59 11.75 -17.79
N MET A 89 -5.20 10.89 -16.97
CA MET A 89 -6.64 10.84 -16.69
C MET A 89 -7.35 12.19 -16.78
N THR A 90 -8.09 12.42 -17.87
CA THR A 90 -8.83 13.66 -18.09
C THR A 90 -10.32 13.47 -17.76
N CYS A 91 -10.77 12.24 -17.44
CA CYS A 91 -12.16 12.01 -17.07
C CYS A 91 -12.33 10.62 -16.47
N ALA A 92 -13.46 10.36 -15.82
CA ALA A 92 -13.78 9.02 -15.31
C ALA A 92 -13.67 7.97 -16.42
N SER A 93 -14.05 8.34 -17.64
CA SER A 93 -13.87 7.52 -18.83
C SER A 93 -12.44 6.98 -18.92
N CYS A 94 -11.44 7.84 -18.70
CA CYS A 94 -10.04 7.43 -18.75
C CYS A 94 -9.81 6.34 -17.72
N VAL A 95 -10.17 6.65 -16.48
CA VAL A 95 -10.05 5.72 -15.36
C VAL A 95 -10.71 4.37 -15.69
N HIS A 96 -11.89 4.42 -16.28
CA HIS A 96 -12.67 3.24 -16.60
C HIS A 96 -11.89 2.43 -17.64
N ASN A 97 -11.32 3.11 -18.64
CA ASN A 97 -10.51 2.46 -19.64
C ASN A 97 -9.26 1.85 -18.98
N ILE A 98 -8.62 2.56 -18.06
CA ILE A 98 -7.43 2.08 -17.37
C ILE A 98 -7.78 0.79 -16.63
N GLU A 99 -8.83 0.84 -15.79
CA GLU A 99 -9.33 -0.28 -15.02
C GLU A 99 -9.64 -1.43 -15.97
N SER A 100 -10.29 -1.16 -17.10
CA SER A 100 -10.51 -2.15 -18.14
C SER A 100 -9.18 -2.79 -18.60
N LYS A 101 -8.18 -1.99 -18.97
CA LYS A 101 -6.90 -2.54 -19.39
C LYS A 101 -6.24 -3.36 -18.29
N LEU A 102 -6.40 -2.96 -17.03
CA LEU A 102 -5.80 -3.69 -15.93
C LEU A 102 -6.52 -5.02 -15.81
N THR A 103 -7.84 -4.97 -15.58
CA THR A 103 -8.69 -6.15 -15.46
C THR A 103 -8.62 -7.06 -16.70
N ARG A 104 -8.16 -6.53 -17.83
CA ARG A 104 -7.89 -7.36 -19.01
C ARG A 104 -6.86 -8.46 -18.68
N THR A 105 -5.93 -8.18 -17.77
CA THR A 105 -4.85 -9.06 -17.37
C THR A 105 -5.39 -10.30 -16.67
N ASN A 106 -4.76 -11.45 -16.91
CA ASN A 106 -5.11 -12.73 -16.31
C ASN A 106 -4.87 -12.73 -14.79
N GLY A 107 -3.70 -12.25 -14.35
CA GLY A 107 -3.28 -12.36 -12.96
C GLY A 107 -4.02 -11.39 -12.05
N ILE A 108 -4.38 -10.20 -12.55
CA ILE A 108 -5.03 -9.20 -11.73
C ILE A 108 -6.44 -9.69 -11.36
N THR A 109 -6.83 -9.55 -10.09
CA THR A 109 -8.18 -9.92 -9.64
C THR A 109 -9.03 -8.70 -9.33
N TYR A 110 -8.52 -7.76 -8.54
CA TYR A 110 -9.24 -6.52 -8.26
C TYR A 110 -8.26 -5.35 -8.35
N ALA A 111 -8.52 -4.37 -9.23
CA ALA A 111 -7.81 -3.11 -9.17
C ALA A 111 -8.69 -2.07 -8.47
N SER A 112 -8.11 -1.33 -7.53
CA SER A 112 -8.74 -0.15 -6.94
C SER A 112 -7.92 1.07 -7.36
N VAL A 113 -8.39 1.85 -8.33
CA VAL A 113 -7.72 3.08 -8.72
C VAL A 113 -8.56 4.28 -8.26
N ALA A 114 -7.91 5.34 -7.76
CA ALA A 114 -8.57 6.45 -7.09
C ALA A 114 -7.99 7.79 -7.57
N LEU A 115 -8.67 8.40 -8.54
CA LEU A 115 -8.25 9.61 -9.22
C LEU A 115 -8.10 10.80 -8.27
N ALA A 116 -8.94 10.85 -7.23
CA ALA A 116 -8.87 11.86 -6.17
C ALA A 116 -7.44 11.99 -5.62
N THR A 117 -6.72 10.86 -5.59
CA THR A 117 -5.35 10.75 -5.10
C THR A 117 -4.39 10.33 -6.25
N SER A 118 -4.94 10.03 -7.42
CA SER A 118 -4.23 9.65 -8.63
C SER A 118 -3.46 8.35 -8.45
N LYS A 119 -3.92 7.46 -7.57
CA LYS A 119 -3.30 6.16 -7.31
C LYS A 119 -4.02 5.06 -8.07
N ALA A 120 -3.32 3.95 -8.30
CA ALA A 120 -3.78 2.77 -8.98
C ALA A 120 -3.26 1.54 -8.23
N LEU A 121 -4.11 0.89 -7.44
CA LEU A 121 -3.74 -0.24 -6.59
C LEU A 121 -4.18 -1.53 -7.29
N VAL A 122 -3.24 -2.26 -7.89
CA VAL A 122 -3.50 -3.49 -8.63
C VAL A 122 -3.12 -4.69 -7.76
N LYS A 123 -4.03 -5.66 -7.59
CA LYS A 123 -3.77 -6.94 -6.93
C LYS A 123 -3.61 -8.00 -8.00
N PHE A 124 -2.36 -8.41 -8.27
CA PHE A 124 -2.00 -9.45 -9.22
C PHE A 124 -1.22 -10.56 -8.51
N ASP A 125 -0.69 -11.57 -9.22
CA ASP A 125 0.13 -12.62 -8.65
C ASP A 125 1.58 -12.49 -9.16
N PRO A 126 2.56 -12.14 -8.30
CA PRO A 126 3.87 -11.67 -8.74
C PRO A 126 4.78 -12.83 -9.17
N GLU A 127 4.45 -13.40 -10.31
CA GLU A 127 5.24 -14.41 -11.00
C GLU A 127 4.83 -14.48 -12.47
N ILE A 128 3.51 -14.45 -12.73
CA ILE A 128 2.94 -14.63 -14.04
C ILE A 128 2.90 -13.30 -14.80
N ILE A 129 2.72 -12.22 -14.05
CA ILE A 129 2.63 -10.87 -14.57
C ILE A 129 3.54 -9.97 -13.73
N GLY A 130 3.88 -8.79 -14.26
CA GLY A 130 4.77 -7.84 -13.61
C GLY A 130 4.40 -6.42 -14.04
N PRO A 131 4.87 -5.41 -13.28
CA PRO A 131 4.49 -4.03 -13.48
C PRO A 131 4.86 -3.54 -14.88
N ARG A 132 5.98 -4.03 -15.42
CA ARG A 132 6.46 -3.63 -16.74
C ARG A 132 5.39 -3.88 -17.81
N ASP A 133 4.63 -4.97 -17.68
CA ASP A 133 3.65 -5.32 -18.69
C ASP A 133 2.52 -4.29 -18.65
N ILE A 134 2.06 -3.99 -17.43
CA ILE A 134 1.03 -2.98 -17.19
C ILE A 134 1.52 -1.66 -17.77
N ILE A 135 2.76 -1.28 -17.44
CA ILE A 135 3.42 -0.12 -18.00
C ILE A 135 3.30 -0.16 -19.54
N LYS A 136 3.81 -1.20 -20.21
CA LYS A 136 3.72 -1.28 -21.65
C LYS A 136 2.29 -1.05 -22.16
N ILE A 137 1.30 -1.75 -21.61
CA ILE A 137 -0.10 -1.53 -21.96
C ILE A 137 -0.47 -0.05 -21.83
N ILE A 138 -0.21 0.59 -20.68
CA ILE A 138 -0.60 1.98 -20.50
C ILE A 138 0.22 2.96 -21.36
N GLU A 139 1.47 2.61 -21.70
CA GLU A 139 2.25 3.36 -22.68
C GLU A 139 1.54 3.37 -24.03
N GLU A 140 0.92 2.26 -24.43
CA GLU A 140 0.20 2.17 -25.70
C GLU A 140 -0.91 3.23 -25.70
N ILE A 141 -1.57 3.39 -24.55
CA ILE A 141 -2.62 4.38 -24.39
C ILE A 141 -2.03 5.78 -24.33
N GLY A 142 -0.91 5.92 -23.62
CA GLY A 142 -0.24 7.18 -23.37
C GLY A 142 -0.58 7.73 -21.98
N PHE A 143 -0.75 6.85 -20.98
CA PHE A 143 -0.73 7.26 -19.58
C PHE A 143 0.67 7.00 -19.03
N HIS A 144 0.92 7.39 -17.77
CA HIS A 144 2.18 7.13 -17.10
C HIS A 144 1.85 6.60 -15.71
N ALA A 145 2.47 5.48 -15.32
CA ALA A 145 2.26 4.78 -14.06
C ALA A 145 3.56 4.73 -13.26
N SER A 146 3.72 5.64 -12.29
CA SER A 146 4.93 5.73 -11.46
C SER A 146 4.62 5.33 -10.01
N LEU A 147 5.21 4.22 -9.56
CA LEU A 147 5.27 3.73 -8.20
C LEU A 147 5.36 4.87 -7.20
N ALA A 148 4.31 5.06 -6.41
CA ALA A 148 4.29 6.08 -5.36
C ALA A 148 4.51 5.46 -3.99
N GLN A 149 5.73 4.97 -3.80
CA GLN A 149 6.26 4.47 -2.53
C GLN A 149 7.43 5.34 -2.05
N MET A 1 7.91 -15.00 4.61
CA MET A 1 7.18 -15.50 3.45
C MET A 1 7.37 -14.46 2.34
N ALA A 2 6.37 -13.64 2.01
CA ALA A 2 6.49 -12.53 1.07
C ALA A 2 6.49 -11.21 1.86
N PRO A 3 7.66 -10.58 2.10
CA PRO A 3 7.74 -9.40 2.94
C PRO A 3 7.10 -8.20 2.23
N GLN A 4 6.27 -7.42 2.94
CA GLN A 4 5.54 -6.29 2.36
C GLN A 4 5.51 -5.10 3.32
N LYS A 5 5.63 -3.87 2.81
CA LYS A 5 5.67 -2.68 3.62
C LYS A 5 4.28 -2.06 3.68
N CYS A 6 3.93 -1.57 4.88
CA CYS A 6 2.68 -0.85 5.14
C CYS A 6 3.00 0.56 5.64
N PHE A 7 2.27 1.56 5.12
CA PHE A 7 2.48 2.98 5.33
C PHE A 7 1.40 3.56 6.23
N LEU A 8 1.60 3.56 7.54
CA LEU A 8 0.65 4.17 8.46
C LEU A 8 1.24 5.34 9.25
N GLN A 9 0.34 6.07 9.90
CA GLN A 9 0.68 7.03 10.92
C GLN A 9 0.02 6.55 12.20
N ILE A 10 0.51 7.06 13.33
CA ILE A 10 -0.14 6.93 14.60
C ILE A 10 -0.84 8.27 14.83
N LYS A 11 -2.09 8.25 15.31
CA LYS A 11 -2.83 9.44 15.65
C LYS A 11 -3.21 9.34 17.12
N GLY A 12 -2.24 9.62 18.00
CA GLY A 12 -2.42 9.62 19.44
C GLY A 12 -1.19 10.20 20.14
N MET A 13 -0.11 9.40 20.23
CA MET A 13 1.15 9.74 20.91
C MET A 13 0.94 10.08 22.39
N THR A 14 1.01 9.07 23.27
CA THR A 14 0.97 9.31 24.71
C THR A 14 2.15 10.20 25.15
N CYS A 15 3.39 9.75 24.92
CA CYS A 15 4.55 10.52 25.36
C CYS A 15 5.78 9.92 24.70
N ALA A 16 6.09 10.40 23.49
CA ALA A 16 7.20 10.03 22.60
C ALA A 16 8.10 8.89 23.11
N SER A 17 7.53 7.68 23.22
CA SER A 17 8.12 6.54 23.90
C SER A 17 7.08 5.41 23.94
N CYS A 18 5.82 5.72 24.25
CA CYS A 18 4.81 4.68 24.39
C CYS A 18 4.52 3.99 23.05
N VAL A 19 4.46 4.79 21.97
CA VAL A 19 4.46 4.26 20.62
C VAL A 19 5.67 3.36 20.39
N SER A 20 6.79 3.67 21.06
CA SER A 20 7.99 2.86 20.93
C SER A 20 7.80 1.49 21.60
N ASN A 21 6.94 1.37 22.60
CA ASN A 21 6.61 0.07 23.14
C ASN A 21 5.87 -0.76 22.08
N ILE A 22 4.86 -0.19 21.41
CA ILE A 22 4.17 -0.86 20.31
C ILE A 22 5.12 -1.58 19.34
N GLU A 23 6.30 -1.00 19.05
CA GLU A 23 7.32 -1.66 18.25
C GLU A 23 7.59 -3.11 18.68
N ARG A 24 7.93 -3.32 19.97
CA ARG A 24 8.35 -4.65 20.44
C ARG A 24 7.20 -5.64 20.32
N ASN A 25 5.99 -5.13 20.56
CA ASN A 25 4.77 -5.90 20.46
C ASN A 25 4.61 -6.38 19.02
N LEU A 26 4.66 -5.46 18.06
CA LEU A 26 4.62 -5.80 16.64
C LEU A 26 5.71 -6.81 16.26
N GLN A 27 6.95 -6.63 16.72
CA GLN A 27 8.03 -7.60 16.48
C GLN A 27 7.64 -9.02 16.89
N LYS A 28 6.65 -9.16 17.77
CA LYS A 28 6.16 -10.47 18.20
C LYS A 28 4.71 -10.71 17.80
N GLU A 29 4.07 -9.80 17.04
CA GLU A 29 2.69 -10.00 16.62
C GLU A 29 2.58 -11.21 15.69
N ALA A 30 3.31 -11.21 14.57
CA ALA A 30 3.12 -12.22 13.52
C ALA A 30 4.25 -12.12 12.48
N GLY A 31 3.92 -12.18 11.18
CA GLY A 31 4.86 -12.07 10.08
C GLY A 31 5.60 -10.73 10.03
N VAL A 32 5.11 -9.73 10.76
CA VAL A 32 5.71 -8.40 10.79
C VAL A 32 7.03 -8.40 11.56
N LEU A 33 8.11 -7.92 10.92
CA LEU A 33 9.42 -7.90 11.55
C LEU A 33 10.19 -6.62 11.19
N SER A 34 9.53 -5.46 11.24
CA SER A 34 10.21 -4.17 11.15
C SER A 34 9.33 -3.10 11.76
N VAL A 35 9.97 -2.07 12.33
CA VAL A 35 9.35 -1.05 13.14
C VAL A 35 9.99 0.30 12.83
N LEU A 36 9.74 0.86 11.63
CA LEU A 36 10.38 2.14 11.30
C LEU A 36 9.39 3.29 11.46
N VAL A 37 9.18 3.69 12.72
CA VAL A 37 8.38 4.85 13.07
C VAL A 37 9.31 6.05 13.27
N ALA A 38 8.84 7.24 12.90
CA ALA A 38 9.43 8.49 13.32
C ALA A 38 8.36 9.27 14.07
N LEU A 39 8.40 9.22 15.41
CA LEU A 39 7.54 10.03 16.28
C LEU A 39 7.68 11.52 15.98
N MET A 40 8.85 11.94 15.46
CA MET A 40 9.14 13.33 15.11
C MET A 40 8.09 13.84 14.12
N ALA A 41 7.98 13.15 12.98
CA ALA A 41 7.07 13.52 11.89
C ALA A 41 5.69 12.91 12.12
N GLY A 42 5.63 11.77 12.82
CA GLY A 42 4.41 11.04 13.10
C GLY A 42 4.07 10.11 11.96
N LYS A 43 4.98 9.20 11.59
CA LYS A 43 4.74 8.18 10.59
C LYS A 43 5.27 6.86 11.09
N ALA A 44 4.48 5.79 11.00
CA ALA A 44 4.83 4.40 11.26
C ALA A 44 4.91 3.66 9.92
N GLU A 45 6.13 3.40 9.44
CA GLU A 45 6.33 2.43 8.38
C GLU A 45 6.74 1.13 9.06
N ILE A 46 6.22 0.01 8.60
CA ILE A 46 6.58 -1.32 9.09
C ILE A 46 6.56 -2.27 7.91
N LYS A 47 7.04 -3.51 8.13
CA LYS A 47 7.04 -4.56 7.13
C LYS A 47 6.35 -5.80 7.70
N TYR A 48 5.13 -6.05 7.23
CA TYR A 48 4.28 -7.21 7.47
C TYR A 48 4.36 -8.25 6.33
N ASP A 49 3.79 -9.45 6.56
CA ASP A 49 3.59 -10.50 5.56
C ASP A 49 2.05 -10.70 5.43
N PRO A 50 1.39 -10.13 4.41
CA PRO A 50 -0.07 -10.08 4.30
C PRO A 50 -0.77 -11.43 4.44
N GLU A 51 -0.08 -12.50 4.04
CA GLU A 51 -0.56 -13.86 4.04
C GLU A 51 -0.83 -14.41 5.45
N VAL A 52 -0.26 -13.77 6.48
CA VAL A 52 -0.37 -14.22 7.87
C VAL A 52 -0.89 -13.11 8.78
N ILE A 53 -0.46 -11.86 8.57
CA ILE A 53 -1.00 -10.71 9.31
C ILE A 53 -1.73 -9.79 8.33
N GLN A 54 -2.75 -9.09 8.81
CA GLN A 54 -3.56 -8.16 8.03
C GLN A 54 -3.65 -6.83 8.77
N PRO A 55 -3.79 -5.71 8.05
CA PRO A 55 -3.84 -4.38 8.64
C PRO A 55 -4.96 -4.27 9.68
N LEU A 56 -6.10 -4.92 9.42
CA LEU A 56 -7.20 -5.01 10.37
C LEU A 56 -6.73 -5.58 11.72
N GLU A 57 -5.87 -6.61 11.71
CA GLU A 57 -5.37 -7.23 12.94
C GLU A 57 -4.44 -6.25 13.66
N ILE A 58 -3.60 -5.57 12.88
CA ILE A 58 -2.75 -4.49 13.36
C ILE A 58 -3.63 -3.50 14.11
N ALA A 59 -4.78 -3.16 13.51
CA ALA A 59 -5.68 -2.19 14.06
C ALA A 59 -6.17 -2.61 15.44
N GLN A 60 -6.49 -3.90 15.62
CA GLN A 60 -6.84 -4.40 16.92
C GLN A 60 -5.67 -4.20 17.89
N PHE A 61 -4.48 -4.65 17.51
CA PHE A 61 -3.29 -4.51 18.35
C PHE A 61 -3.12 -3.05 18.82
N ILE A 62 -3.06 -2.10 17.90
CA ILE A 62 -2.89 -0.70 18.26
C ILE A 62 -4.07 -0.17 19.11
N GLN A 63 -5.32 -0.54 18.78
CA GLN A 63 -6.47 -0.12 19.56
C GLN A 63 -6.43 -0.73 20.97
N ASP A 64 -5.89 -1.94 21.12
CA ASP A 64 -5.72 -2.58 22.43
C ASP A 64 -4.74 -1.77 23.27
N LEU A 65 -3.55 -1.47 22.74
CA LEU A 65 -2.65 -0.55 23.41
C LEU A 65 -3.33 0.79 23.71
N GLY A 66 -4.15 1.30 22.79
CA GLY A 66 -5.01 2.46 23.01
C GLY A 66 -4.60 3.61 22.11
N PHE A 67 -4.36 3.30 20.83
CA PHE A 67 -3.90 4.23 19.82
C PHE A 67 -4.78 4.07 18.59
N GLU A 68 -4.84 5.10 17.75
CA GLU A 68 -5.40 5.00 16.41
C GLU A 68 -4.21 4.88 15.46
N ALA A 69 -4.27 3.87 14.60
CA ALA A 69 -3.32 3.69 13.52
C ALA A 69 -4.09 3.70 12.23
N ALA A 70 -3.69 4.59 11.33
CA ALA A 70 -4.29 4.70 10.01
C ALA A 70 -3.21 4.65 8.93
N VAL A 71 -3.32 3.64 8.05
CA VAL A 71 -2.58 3.54 6.82
C VAL A 71 -3.06 4.62 5.87
N MET A 72 -2.12 5.21 5.13
CA MET A 72 -2.36 6.37 4.27
C MET A 72 -3.70 6.26 3.54
N GLU A 73 -3.89 5.12 2.87
CA GLU A 73 -5.10 4.80 2.11
C GLU A 73 -5.18 3.28 1.90
N ASP A 74 -4.85 2.53 2.95
CA ASP A 74 -4.53 1.09 2.92
C ASP A 74 -3.93 0.67 1.59
N TYR A 75 -2.90 1.41 1.21
CA TYR A 75 -2.31 1.18 -0.10
C TYR A 75 -1.60 -0.17 0.00
N ALA A 76 -0.52 -0.12 0.77
CA ALA A 76 0.49 -1.15 0.99
C ALA A 76 1.38 -1.27 -0.25
N GLY A 77 2.68 -1.04 -0.12
CA GLY A 77 3.55 -0.73 -1.24
C GLY A 77 4.93 -1.31 -1.07
N SER A 78 5.22 -2.39 -1.80
CA SER A 78 6.55 -3.00 -1.83
C SER A 78 6.58 -4.05 -2.94
N ASP A 79 5.65 -5.01 -2.86
CA ASP A 79 5.53 -6.18 -3.72
C ASP A 79 4.06 -6.54 -3.67
N GLY A 80 3.50 -7.08 -4.77
CA GLY A 80 2.14 -7.55 -4.82
C GLY A 80 1.24 -6.38 -5.17
N ASN A 81 1.30 -5.35 -4.32
CA ASN A 81 0.36 -4.26 -4.27
C ASN A 81 1.11 -2.97 -4.57
N ILE A 82 0.95 -2.34 -5.74
CA ILE A 82 1.69 -1.12 -6.06
C ILE A 82 0.77 0.00 -6.53
N GLU A 83 1.17 1.24 -6.22
CA GLU A 83 0.44 2.48 -6.47
C GLU A 83 1.07 3.32 -7.56
N LEU A 84 0.28 3.63 -8.58
CA LEU A 84 0.72 4.35 -9.78
C LEU A 84 -0.20 5.53 -10.04
N THR A 85 0.36 6.67 -10.43
CA THR A 85 -0.38 7.90 -10.67
C THR A 85 -0.53 8.08 -12.17
N ILE A 86 -1.78 8.20 -12.63
CA ILE A 86 -2.14 8.32 -14.04
C ILE A 86 -2.34 9.79 -14.40
N THR A 87 -1.39 10.37 -15.12
CA THR A 87 -1.44 11.74 -15.58
C THR A 87 -1.83 11.74 -17.06
N GLY A 88 -2.88 12.48 -17.43
CA GLY A 88 -3.34 12.63 -18.81
C GLY A 88 -4.79 12.21 -18.96
N MET A 89 -5.22 11.21 -18.19
CA MET A 89 -6.60 10.77 -18.15
C MET A 89 -7.49 11.89 -17.61
N THR A 90 -8.59 12.17 -18.32
CA THR A 90 -9.55 13.22 -18.00
C THR A 90 -10.99 12.71 -18.21
N CYS A 91 -11.22 11.40 -18.17
CA CYS A 91 -12.55 10.85 -18.41
C CYS A 91 -12.73 9.46 -17.81
N ALA A 92 -13.91 9.18 -17.24
CA ALA A 92 -14.20 7.92 -16.58
C ALA A 92 -14.17 6.75 -17.56
N SER A 93 -14.62 6.98 -18.80
CA SER A 93 -14.50 6.01 -19.87
C SER A 93 -13.05 5.55 -20.00
N CYS A 94 -12.13 6.52 -20.01
CA CYS A 94 -10.71 6.22 -20.08
C CYS A 94 -10.28 5.35 -18.90
N VAL A 95 -10.65 5.75 -17.66
CA VAL A 95 -10.38 4.95 -16.47
C VAL A 95 -10.85 3.51 -16.68
N HIS A 96 -12.07 3.32 -17.15
CA HIS A 96 -12.65 2.01 -17.38
C HIS A 96 -11.81 1.26 -18.42
N ASN A 97 -11.37 1.95 -19.47
CA ASN A 97 -10.52 1.33 -20.47
C ASN A 97 -9.18 0.93 -19.86
N ILE A 98 -8.59 1.76 -19.01
CA ILE A 98 -7.31 1.49 -18.38
C ILE A 98 -7.45 0.23 -17.53
N GLU A 99 -8.48 0.23 -16.67
CA GLU A 99 -8.83 -0.90 -15.81
C GLU A 99 -9.06 -2.14 -16.68
N SER A 100 -9.79 -2.03 -17.79
CA SER A 100 -9.95 -3.13 -18.73
C SER A 100 -8.58 -3.65 -19.18
N LYS A 101 -7.72 -2.77 -19.72
CA LYS A 101 -6.40 -3.16 -20.19
C LYS A 101 -5.66 -3.95 -19.12
N LEU A 102 -5.43 -3.31 -17.98
CA LEU A 102 -4.63 -3.93 -16.93
C LEU A 102 -5.31 -5.21 -16.44
N THR A 103 -6.64 -5.23 -16.31
CA THR A 103 -7.39 -6.42 -15.93
C THR A 103 -7.19 -7.57 -16.92
N ARG A 104 -6.73 -7.30 -18.15
CA ARG A 104 -6.36 -8.41 -19.02
C ARG A 104 -5.14 -9.18 -18.50
N THR A 105 -4.26 -8.53 -17.74
CA THR A 105 -3.03 -9.11 -17.25
C THR A 105 -3.29 -10.30 -16.32
N ASN A 106 -2.67 -11.44 -16.64
CA ASN A 106 -2.73 -12.69 -15.89
C ASN A 106 -2.72 -12.51 -14.37
N GLY A 107 -1.68 -11.90 -13.82
CA GLY A 107 -1.52 -11.80 -12.37
C GLY A 107 -2.50 -10.83 -11.71
N ILE A 108 -2.95 -9.80 -12.44
CA ILE A 108 -3.68 -8.73 -11.79
C ILE A 108 -5.02 -9.26 -11.28
N THR A 109 -5.23 -9.20 -9.97
CA THR A 109 -6.39 -9.83 -9.34
C THR A 109 -7.45 -8.81 -8.98
N TYR A 110 -7.06 -7.67 -8.40
CA TYR A 110 -7.96 -6.54 -8.29
C TYR A 110 -7.15 -5.27 -8.50
N ALA A 111 -7.61 -4.40 -9.40
CA ALA A 111 -7.16 -3.01 -9.39
C ALA A 111 -8.20 -2.12 -8.74
N SER A 112 -7.79 -0.91 -8.35
CA SER A 112 -8.72 0.17 -8.06
C SER A 112 -8.06 1.49 -8.47
N VAL A 113 -8.59 2.17 -9.50
CA VAL A 113 -8.10 3.47 -9.94
C VAL A 113 -9.11 4.58 -9.61
N ALA A 114 -8.64 5.65 -8.95
CA ALA A 114 -9.49 6.66 -8.32
C ALA A 114 -9.15 8.06 -8.84
N LEU A 115 -9.84 8.47 -9.90
CA LEU A 115 -9.61 9.72 -10.62
C LEU A 115 -9.65 10.95 -9.70
N ALA A 116 -10.48 10.90 -8.65
CA ALA A 116 -10.62 11.99 -7.70
C ALA A 116 -9.27 12.36 -7.08
N THR A 117 -8.41 11.36 -6.92
CA THR A 117 -7.09 11.47 -6.30
C THR A 117 -5.97 11.18 -7.32
N SER A 118 -6.30 10.60 -8.48
CA SER A 118 -5.36 10.24 -9.53
C SER A 118 -4.40 9.12 -9.09
N LYS A 119 -4.85 8.27 -8.15
CA LYS A 119 -4.13 7.09 -7.70
C LYS A 119 -4.64 5.86 -8.44
N ALA A 120 -3.80 4.83 -8.59
CA ALA A 120 -4.11 3.59 -9.28
C ALA A 120 -3.44 2.42 -8.57
N LEU A 121 -4.22 1.63 -7.85
CA LEU A 121 -3.74 0.52 -7.06
C LEU A 121 -3.86 -0.74 -7.90
N VAL A 122 -2.77 -1.50 -7.98
CA VAL A 122 -2.67 -2.69 -8.80
C VAL A 122 -2.18 -3.86 -7.94
N LYS A 123 -2.94 -4.96 -7.88
CA LYS A 123 -2.56 -6.17 -7.15
C LYS A 123 -2.13 -7.24 -8.16
N PHE A 124 -0.82 -7.34 -8.48
CA PHE A 124 -0.30 -8.35 -9.41
C PHE A 124 0.66 -9.30 -8.69
N ASP A 125 1.13 -10.36 -9.37
CA ASP A 125 2.03 -11.35 -8.78
C ASP A 125 3.46 -11.04 -9.23
N PRO A 126 4.37 -10.63 -8.33
CA PRO A 126 5.69 -10.14 -8.67
C PRO A 126 6.64 -11.29 -9.01
N GLU A 127 6.37 -11.91 -10.16
CA GLU A 127 7.16 -13.00 -10.73
C GLU A 127 6.75 -13.17 -12.19
N ILE A 128 5.44 -13.24 -12.43
CA ILE A 128 4.86 -13.47 -13.74
C ILE A 128 4.75 -12.17 -14.53
N ILE A 129 4.42 -11.08 -13.84
CA ILE A 129 4.33 -9.76 -14.43
C ILE A 129 4.98 -8.74 -13.48
N GLY A 130 5.18 -7.51 -13.95
CA GLY A 130 5.80 -6.43 -13.21
C GLY A 130 5.30 -5.10 -13.75
N PRO A 131 5.60 -3.99 -13.07
CA PRO A 131 5.02 -2.69 -13.37
C PRO A 131 5.30 -2.28 -14.82
N ARG A 132 6.49 -2.62 -15.34
CA ARG A 132 6.87 -2.24 -16.68
C ARG A 132 5.88 -2.69 -17.75
N ASP A 133 5.21 -3.82 -17.54
CA ASP A 133 4.26 -4.33 -18.51
C ASP A 133 3.10 -3.33 -18.62
N ILE A 134 2.58 -2.97 -17.46
CA ILE A 134 1.45 -2.07 -17.33
C ILE A 134 1.88 -0.71 -17.88
N ILE A 135 3.09 -0.26 -17.52
CA ILE A 135 3.68 0.94 -18.09
C ILE A 135 3.68 0.83 -19.62
N LYS A 136 4.28 -0.21 -20.22
CA LYS A 136 4.25 -0.36 -21.66
C LYS A 136 2.83 -0.23 -22.23
N ILE A 137 1.87 -0.99 -21.67
CA ILE A 137 0.48 -0.96 -22.10
C ILE A 137 -0.05 0.49 -22.07
N ILE A 138 0.06 1.19 -20.95
CA ILE A 138 -0.47 2.54 -20.84
C ILE A 138 0.30 3.56 -21.68
N GLU A 139 1.60 3.37 -21.89
CA GLU A 139 2.36 4.15 -22.85
C GLU A 139 1.73 3.98 -24.24
N GLU A 140 1.35 2.75 -24.58
CA GLU A 140 0.74 2.44 -25.87
C GLU A 140 -0.61 3.15 -25.97
N ILE A 141 -1.36 3.22 -24.86
CA ILE A 141 -2.55 4.05 -24.82
C ILE A 141 -2.19 5.53 -25.01
N GLY A 142 -1.15 5.97 -24.32
CA GLY A 142 -0.69 7.35 -24.27
C GLY A 142 -1.00 8.01 -22.92
N PHE A 143 -1.08 7.23 -21.84
CA PHE A 143 -1.05 7.78 -20.48
C PHE A 143 0.35 7.58 -19.89
N HIS A 144 0.58 8.02 -18.65
CA HIS A 144 1.85 7.88 -17.97
C HIS A 144 1.53 7.49 -16.52
N ALA A 145 2.13 6.40 -16.06
CA ALA A 145 1.89 5.75 -14.78
C ALA A 145 3.15 5.89 -13.92
N SER A 146 3.23 6.96 -13.12
CA SER A 146 4.40 7.24 -12.29
C SER A 146 4.08 6.86 -10.84
N LEU A 147 4.97 6.12 -10.19
CA LEU A 147 4.83 5.62 -8.83
C LEU A 147 4.24 6.66 -7.90
N ALA A 148 3.00 6.43 -7.48
CA ALA A 148 2.25 7.35 -6.66
C ALA A 148 2.49 7.08 -5.18
N GLN A 149 2.94 5.86 -4.89
CA GLN A 149 3.30 5.38 -3.57
C GLN A 149 2.16 5.59 -2.55
N MET A 1 12.57 -13.96 4.01
CA MET A 1 11.52 -13.93 2.99
C MET A 1 11.59 -12.55 2.33
N ALA A 2 10.88 -12.31 1.23
CA ALA A 2 10.85 -11.00 0.61
C ALA A 2 10.03 -10.08 1.50
N PRO A 3 10.62 -9.05 2.13
CA PRO A 3 9.92 -8.18 3.07
C PRO A 3 9.25 -7.04 2.31
N GLN A 4 8.12 -6.56 2.81
CA GLN A 4 7.35 -5.49 2.21
C GLN A 4 7.39 -4.30 3.16
N LYS A 5 7.03 -3.12 2.66
CA LYS A 5 7.06 -1.88 3.42
C LYS A 5 5.64 -1.36 3.54
N CYS A 6 5.34 -0.69 4.65
CA CYS A 6 4.06 -0.05 4.86
C CYS A 6 4.28 1.28 5.56
N PHE A 7 3.52 2.30 5.13
CA PHE A 7 3.64 3.65 5.63
C PHE A 7 2.28 4.00 6.21
N LEU A 8 2.17 3.99 7.53
CA LEU A 8 0.96 4.39 8.21
C LEU A 8 1.34 5.33 9.33
N GLN A 9 0.39 6.12 9.81
CA GLN A 9 0.64 6.94 10.96
C GLN A 9 0.02 6.25 12.18
N ILE A 10 0.31 6.80 13.36
CA ILE A 10 -0.45 6.55 14.54
C ILE A 10 -1.37 7.74 14.71
N LYS A 11 -2.66 7.50 14.85
CA LYS A 11 -3.62 8.48 15.29
C LYS A 11 -3.90 8.13 16.77
N GLY A 12 -3.17 8.81 17.68
CA GLY A 12 -3.31 8.63 19.12
C GLY A 12 -2.16 9.32 19.86
N MET A 13 -0.97 8.70 19.85
CA MET A 13 0.27 9.16 20.47
C MET A 13 0.09 9.92 21.80
N THR A 14 -0.18 9.19 22.88
CA THR A 14 -0.20 9.73 24.25
C THR A 14 0.94 10.72 24.50
N CYS A 15 2.17 10.26 24.23
CA CYS A 15 3.47 10.89 24.48
C CYS A 15 4.25 9.99 25.43
N ALA A 16 3.72 9.82 26.65
CA ALA A 16 4.30 9.08 27.77
C ALA A 16 5.33 8.04 27.35
N SER A 17 4.86 6.89 26.84
CA SER A 17 5.70 5.95 26.11
C SER A 17 4.84 4.97 25.28
N CYS A 18 3.61 5.38 24.97
CA CYS A 18 2.64 4.38 24.50
C CYS A 18 3.00 3.92 23.09
N VAL A 19 3.40 4.85 22.21
CA VAL A 19 3.91 4.46 20.91
C VAL A 19 5.07 3.48 21.10
N SER A 20 6.00 3.81 22.00
CA SER A 20 7.17 2.97 22.21
C SER A 20 6.75 1.54 22.55
N ASN A 21 5.82 1.40 23.50
CA ASN A 21 5.33 0.10 23.92
C ASN A 21 4.63 -0.60 22.75
N ILE A 22 3.72 0.11 22.08
CA ILE A 22 2.95 -0.41 20.98
C ILE A 22 3.90 -0.94 19.90
N GLU A 23 4.88 -0.16 19.49
CA GLU A 23 5.86 -0.53 18.49
C GLU A 23 6.69 -1.75 18.90
N ARG A 24 7.08 -1.84 20.18
CA ARG A 24 7.78 -2.97 20.72
C ARG A 24 6.86 -4.21 20.64
N ASN A 25 5.60 -4.06 21.01
CA ASN A 25 4.61 -5.12 20.83
C ASN A 25 4.47 -5.46 19.35
N LEU A 26 4.53 -4.46 18.47
CA LEU A 26 4.33 -4.61 17.04
C LEU A 26 5.47 -5.41 16.41
N GLN A 27 6.74 -5.05 16.62
CA GLN A 27 7.83 -5.85 16.10
C GLN A 27 7.78 -7.31 16.58
N LYS A 28 7.17 -7.53 17.75
CA LYS A 28 6.89 -8.87 18.27
C LYS A 28 5.73 -9.61 17.57
N GLU A 29 5.05 -9.04 16.56
CA GLU A 29 4.02 -9.73 15.78
C GLU A 29 4.47 -11.12 15.29
N ALA A 30 5.19 -11.17 14.16
CA ALA A 30 5.60 -12.40 13.50
C ALA A 30 6.50 -12.11 12.31
N GLY A 31 5.92 -11.93 11.13
CA GLY A 31 6.67 -11.61 9.92
C GLY A 31 7.20 -10.18 9.95
N VAL A 32 6.51 -9.30 10.71
CA VAL A 32 7.01 -7.96 10.95
C VAL A 32 8.36 -8.04 11.69
N LEU A 33 9.39 -7.36 11.18
CA LEU A 33 10.57 -7.09 11.98
C LEU A 33 11.19 -5.74 11.62
N SER A 34 10.42 -4.66 11.65
CA SER A 34 11.04 -3.34 11.58
C SER A 34 10.11 -2.29 12.16
N VAL A 35 10.70 -1.36 12.91
CA VAL A 35 10.04 -0.24 13.53
C VAL A 35 10.79 1.03 13.11
N LEU A 36 10.19 1.84 12.24
CA LEU A 36 10.73 3.13 11.85
C LEU A 36 9.64 4.17 12.11
N VAL A 37 9.39 4.45 13.39
CA VAL A 37 8.42 5.45 13.82
C VAL A 37 9.16 6.69 14.27
N ALA A 38 8.62 7.86 13.93
CA ALA A 38 9.11 9.13 14.43
C ALA A 38 8.03 9.78 15.28
N LEU A 39 8.07 9.59 16.61
CA LEU A 39 7.22 10.33 17.54
C LEU A 39 7.35 11.86 17.38
N MET A 40 8.42 12.33 16.73
CA MET A 40 8.64 13.75 16.48
C MET A 40 7.62 14.28 15.47
N ALA A 41 7.50 13.57 14.34
CA ALA A 41 6.71 14.00 13.20
C ALA A 41 5.33 13.35 13.20
N GLY A 42 5.23 12.13 13.74
CA GLY A 42 4.01 11.34 13.79
C GLY A 42 3.87 10.52 12.52
N LYS A 43 4.79 9.57 12.29
CA LYS A 43 4.66 8.61 11.21
C LYS A 43 5.17 7.29 11.75
N ALA A 44 4.50 6.18 11.45
CA ALA A 44 4.92 4.83 11.80
C ALA A 44 5.19 3.97 10.57
N GLU A 45 6.44 3.93 10.11
CA GLU A 45 6.80 3.14 8.95
C GLU A 45 7.37 1.79 9.44
N ILE A 46 6.73 0.68 9.07
CA ILE A 46 7.11 -0.69 9.40
C ILE A 46 7.33 -1.47 8.10
N LYS A 47 8.00 -2.61 8.21
CA LYS A 47 8.14 -3.57 7.12
C LYS A 47 7.60 -4.94 7.56
N TYR A 48 6.41 -5.29 7.05
CA TYR A 48 5.73 -6.57 7.25
C TYR A 48 5.90 -7.54 6.06
N ASP A 49 5.41 -8.78 6.26
CA ASP A 49 5.41 -9.86 5.27
C ASP A 49 3.95 -10.35 5.05
N PRO A 50 3.29 -9.96 3.93
CA PRO A 50 1.89 -10.27 3.61
C PRO A 50 1.52 -11.73 3.85
N GLU A 51 2.48 -12.61 3.58
CA GLU A 51 2.31 -14.04 3.55
C GLU A 51 1.85 -14.59 4.90
N VAL A 52 2.23 -13.91 5.99
CA VAL A 52 1.98 -14.34 7.35
C VAL A 52 1.29 -13.27 8.18
N ILE A 53 1.55 -11.98 7.93
CA ILE A 53 0.85 -10.89 8.59
C ILE A 53 0.17 -10.05 7.51
N GLN A 54 -1.00 -9.49 7.81
CA GLN A 54 -1.79 -8.66 6.92
C GLN A 54 -2.06 -7.31 7.58
N PRO A 55 -2.13 -6.21 6.80
CA PRO A 55 -2.20 -4.85 7.34
C PRO A 55 -3.45 -4.62 8.18
N LEU A 56 -4.59 -5.17 7.75
CA LEU A 56 -5.83 -5.10 8.51
C LEU A 56 -5.65 -5.68 9.92
N GLU A 57 -5.02 -6.84 10.02
CA GLU A 57 -4.75 -7.53 11.27
C GLU A 57 -3.85 -6.64 12.17
N ILE A 58 -2.84 -6.03 11.56
CA ILE A 58 -2.01 -5.03 12.23
C ILE A 58 -2.96 -3.99 12.81
N ALA A 59 -3.83 -3.44 11.96
CA ALA A 59 -4.68 -2.34 12.36
C ALA A 59 -5.53 -2.75 13.57
N GLN A 60 -6.12 -3.94 13.52
CA GLN A 60 -6.87 -4.51 14.63
C GLN A 60 -6.02 -4.58 15.89
N PHE A 61 -4.75 -4.99 15.77
CA PHE A 61 -3.84 -5.03 16.91
C PHE A 61 -3.71 -3.63 17.53
N ILE A 62 -3.59 -2.60 16.67
CA ILE A 62 -3.48 -1.22 17.15
C ILE A 62 -4.77 -0.77 17.83
N GLN A 63 -5.92 -1.10 17.23
CA GLN A 63 -7.23 -0.84 17.82
C GLN A 63 -7.38 -1.54 19.18
N ASP A 64 -6.91 -2.79 19.30
CA ASP A 64 -6.94 -3.53 20.55
C ASP A 64 -6.07 -2.83 21.60
N LEU A 65 -4.84 -2.48 21.22
CA LEU A 65 -3.95 -1.69 22.07
C LEU A 65 -4.60 -0.36 22.49
N GLY A 66 -5.39 0.24 21.59
CA GLY A 66 -6.26 1.37 21.90
C GLY A 66 -5.86 2.64 21.17
N PHE A 67 -5.19 2.49 20.02
CA PHE A 67 -4.79 3.55 19.11
C PHE A 67 -5.52 3.36 17.79
N GLU A 68 -5.47 4.37 16.90
CA GLU A 68 -5.85 4.18 15.52
C GLU A 68 -4.58 4.09 14.69
N ALA A 69 -4.60 3.23 13.67
CA ALA A 69 -3.56 3.06 12.69
C ALA A 69 -4.20 3.27 11.33
N ALA A 70 -3.83 4.34 10.63
CA ALA A 70 -4.31 4.59 9.27
C ALA A 70 -3.10 4.83 8.37
N VAL A 71 -3.06 4.12 7.24
CA VAL A 71 -2.10 4.29 6.19
C VAL A 71 -1.97 5.77 5.83
N MET A 72 -0.75 6.17 5.47
CA MET A 72 -0.45 7.55 5.22
C MET A 72 -1.40 8.12 4.14
N GLU A 73 -1.66 7.27 3.14
CA GLU A 73 -2.58 7.40 2.02
C GLU A 73 -2.23 6.27 1.04
N ASP A 74 -0.92 6.08 0.84
CA ASP A 74 -0.34 5.12 -0.08
C ASP A 74 0.63 4.25 0.70
N TYR A 75 0.15 3.09 1.16
CA TYR A 75 0.91 2.12 1.91
C TYR A 75 2.32 1.94 1.38
N ALA A 76 2.40 1.57 0.11
CA ALA A 76 3.54 1.23 -0.71
C ALA A 76 3.15 -0.04 -1.44
N GLY A 77 3.94 -0.43 -2.44
CA GLY A 77 3.70 -1.70 -3.08
C GLY A 77 4.18 -2.87 -2.24
N SER A 78 3.32 -3.27 -1.32
CA SER A 78 3.40 -4.50 -0.55
C SER A 78 3.03 -5.71 -1.39
N ASP A 79 3.83 -5.92 -2.44
CA ASP A 79 4.03 -7.16 -3.19
C ASP A 79 2.76 -7.81 -3.77
N GLY A 80 2.58 -7.78 -5.10
CA GLY A 80 1.33 -8.19 -5.72
C GLY A 80 0.39 -7.01 -5.64
N ASN A 81 0.30 -6.42 -4.46
CA ASN A 81 -0.41 -5.21 -4.17
C ASN A 81 0.59 -4.10 -4.36
N ILE A 82 0.60 -3.46 -5.54
CA ILE A 82 1.41 -2.30 -5.76
C ILE A 82 0.56 -1.14 -6.21
N GLU A 83 0.96 0.06 -5.78
CA GLU A 83 0.30 1.27 -6.12
C GLU A 83 1.05 1.87 -7.30
N LEU A 84 0.40 2.72 -8.06
CA LEU A 84 1.10 3.62 -8.95
C LEU A 84 0.31 4.92 -9.08
N THR A 85 0.97 5.99 -9.54
CA THR A 85 0.34 7.25 -9.89
C THR A 85 0.17 7.30 -11.41
N ILE A 86 -1.04 7.57 -11.90
CA ILE A 86 -1.30 7.77 -13.32
C ILE A 86 -1.37 9.26 -13.66
N THR A 87 -0.59 9.70 -14.65
CA THR A 87 -0.65 11.05 -15.18
C THR A 87 -1.33 11.03 -16.55
N GLY A 88 -2.14 12.07 -16.83
CA GLY A 88 -2.75 12.31 -18.14
C GLY A 88 -4.26 12.11 -18.13
N MET A 89 -4.78 11.31 -17.21
CA MET A 89 -6.20 10.96 -17.19
C MET A 89 -7.07 12.19 -16.89
N THR A 90 -8.23 12.29 -17.51
CA THR A 90 -9.19 13.37 -17.27
C THR A 90 -10.59 13.00 -17.78
N CYS A 91 -11.00 11.73 -17.63
CA CYS A 91 -12.32 11.29 -18.09
C CYS A 91 -12.69 9.93 -17.49
N ALA A 92 -13.96 9.78 -17.07
CA ALA A 92 -14.48 8.52 -16.56
C ALA A 92 -14.34 7.41 -17.60
N SER A 93 -14.60 7.72 -18.88
CA SER A 93 -14.38 6.76 -19.95
C SER A 93 -12.95 6.23 -19.89
N CYS A 94 -11.98 7.13 -19.67
CA CYS A 94 -10.58 6.77 -19.60
C CYS A 94 -10.30 5.91 -18.37
N VAL A 95 -10.87 6.26 -17.20
CA VAL A 95 -10.67 5.45 -15.99
C VAL A 95 -11.21 4.03 -16.21
N HIS A 96 -12.44 3.93 -16.69
CA HIS A 96 -13.06 2.65 -16.96
C HIS A 96 -12.22 1.88 -17.98
N ASN A 97 -11.66 2.60 -18.96
CA ASN A 97 -10.79 1.99 -19.96
C ASN A 97 -9.53 1.44 -19.31
N ILE A 98 -8.84 2.23 -18.49
CA ILE A 98 -7.66 1.79 -17.77
C ILE A 98 -7.99 0.55 -16.96
N GLU A 99 -9.09 0.58 -16.20
CA GLU A 99 -9.51 -0.54 -15.39
C GLU A 99 -9.72 -1.74 -16.31
N SER A 100 -10.47 -1.57 -17.40
CA SER A 100 -10.69 -2.61 -18.39
C SER A 100 -9.35 -3.21 -18.84
N LYS A 101 -8.37 -2.35 -19.16
CA LYS A 101 -7.05 -2.77 -19.59
C LYS A 101 -6.33 -3.56 -18.51
N LEU A 102 -6.41 -3.13 -17.25
CA LEU A 102 -5.75 -3.82 -16.16
C LEU A 102 -6.43 -5.16 -16.00
N THR A 103 -7.74 -5.15 -15.74
CA THR A 103 -8.56 -6.34 -15.55
C THR A 103 -8.50 -7.29 -16.76
N ARG A 104 -8.09 -6.79 -17.93
CA ARG A 104 -7.80 -7.64 -19.09
C ARG A 104 -6.75 -8.73 -18.75
N THR A 105 -5.80 -8.38 -17.89
CA THR A 105 -4.64 -9.18 -17.53
C THR A 105 -5.04 -10.45 -16.77
N ASN A 106 -4.25 -11.52 -16.91
CA ASN A 106 -4.46 -12.80 -16.23
C ASN A 106 -4.29 -12.67 -14.73
N GLY A 107 -3.17 -12.11 -14.27
CA GLY A 107 -2.77 -12.16 -12.87
C GLY A 107 -3.55 -11.17 -12.00
N ILE A 108 -4.01 -10.07 -12.58
CA ILE A 108 -4.64 -9.00 -11.80
C ILE A 108 -5.99 -9.50 -11.26
N THR A 109 -6.25 -9.29 -9.98
CA THR A 109 -7.50 -9.66 -9.34
C THR A 109 -8.39 -8.44 -9.12
N TYR A 110 -7.90 -7.45 -8.38
CA TYR A 110 -8.65 -6.23 -8.11
C TYR A 110 -7.75 -5.02 -8.31
N ALA A 111 -8.04 -4.19 -9.32
CA ALA A 111 -7.43 -2.86 -9.41
C ALA A 111 -8.41 -1.85 -8.83
N SER A 112 -7.91 -0.76 -8.25
CA SER A 112 -8.74 0.34 -7.77
C SER A 112 -8.00 1.65 -8.04
N VAL A 113 -8.48 2.44 -9.00
CA VAL A 113 -7.88 3.70 -9.42
C VAL A 113 -8.73 4.89 -8.93
N ALA A 114 -8.07 5.95 -8.44
CA ALA A 114 -8.70 7.11 -7.81
C ALA A 114 -8.07 8.41 -8.32
N LEU A 115 -8.66 9.01 -9.35
CA LEU A 115 -8.21 10.26 -9.96
C LEU A 115 -8.18 11.44 -9.00
N ALA A 116 -8.88 11.36 -7.86
CA ALA A 116 -8.92 12.43 -6.86
C ALA A 116 -7.50 12.71 -6.37
N THR A 117 -6.74 11.63 -6.18
CA THR A 117 -5.33 11.65 -5.83
C THR A 117 -4.51 11.52 -7.12
N SER A 118 -4.96 10.66 -8.03
CA SER A 118 -4.27 10.20 -9.24
C SER A 118 -3.44 8.95 -8.93
N LYS A 119 -3.80 8.20 -7.88
CA LYS A 119 -3.15 6.95 -7.55
C LYS A 119 -4.08 5.78 -7.90
N ALA A 120 -3.51 4.60 -8.08
CA ALA A 120 -4.26 3.36 -8.24
C ALA A 120 -3.55 2.23 -7.53
N LEU A 121 -4.29 1.28 -6.93
CA LEU A 121 -3.75 0.00 -6.51
C LEU A 121 -4.01 -1.00 -7.62
N VAL A 122 -3.04 -1.89 -7.80
CA VAL A 122 -3.08 -3.03 -8.70
C VAL A 122 -2.70 -4.24 -7.85
N LYS A 123 -3.56 -5.26 -7.82
CA LYS A 123 -3.32 -6.50 -7.10
C LYS A 123 -3.05 -7.60 -8.12
N PHE A 124 -1.79 -7.84 -8.47
CA PHE A 124 -1.39 -8.91 -9.38
C PHE A 124 -0.58 -9.94 -8.61
N ASP A 125 -0.09 -10.99 -9.28
CA ASP A 125 0.70 -12.04 -8.68
C ASP A 125 2.12 -11.98 -9.25
N PRO A 126 3.14 -11.59 -8.48
CA PRO A 126 4.44 -11.23 -9.02
C PRO A 126 5.29 -12.45 -9.36
N GLU A 127 4.85 -13.17 -10.39
CA GLU A 127 5.56 -14.26 -11.03
C GLU A 127 5.04 -14.42 -12.46
N ILE A 128 3.72 -14.39 -12.64
CA ILE A 128 3.09 -14.64 -13.92
C ILE A 128 2.99 -13.36 -14.75
N ILE A 129 2.87 -12.21 -14.09
CA ILE A 129 2.78 -10.92 -14.73
C ILE A 129 3.60 -9.91 -13.91
N GLY A 130 3.95 -8.76 -14.51
CA GLY A 130 4.83 -7.78 -13.92
C GLY A 130 4.52 -6.39 -14.45
N PRO A 131 5.08 -5.34 -13.82
CA PRO A 131 4.73 -3.95 -14.07
C PRO A 131 5.00 -3.54 -15.51
N ARG A 132 6.12 -4.00 -16.10
CA ARG A 132 6.49 -3.64 -17.47
C ARG A 132 5.35 -3.86 -18.47
N ASP A 133 4.59 -4.94 -18.30
CA ASP A 133 3.50 -5.23 -19.21
C ASP A 133 2.41 -4.18 -19.07
N ILE A 134 2.07 -3.85 -17.82
CA ILE A 134 1.09 -2.82 -17.50
C ILE A 134 1.55 -1.49 -18.12
N ILE A 135 2.82 -1.13 -17.88
CA ILE A 135 3.45 0.04 -18.48
C ILE A 135 3.20 0.00 -20.00
N LYS A 136 3.63 -1.05 -20.69
CA LYS A 136 3.40 -1.19 -22.12
C LYS A 136 1.91 -0.96 -22.47
N ILE A 137 0.98 -1.58 -21.74
CA ILE A 137 -0.44 -1.42 -22.01
C ILE A 137 -0.81 0.07 -21.97
N ILE A 138 -0.42 0.79 -20.92
CA ILE A 138 -0.75 2.21 -20.84
C ILE A 138 0.02 3.05 -21.85
N GLU A 139 1.25 2.68 -22.24
CA GLU A 139 1.95 3.33 -23.33
C GLU A 139 1.09 3.27 -24.60
N GLU A 140 0.49 2.10 -24.83
CA GLU A 140 -0.35 1.82 -25.98
C GLU A 140 -1.58 2.76 -25.95
N ILE A 141 -2.07 3.08 -24.76
CA ILE A 141 -3.14 4.06 -24.57
C ILE A 141 -2.61 5.50 -24.72
N GLY A 142 -1.42 5.75 -24.18
CA GLY A 142 -0.80 7.07 -24.07
C GLY A 142 -0.96 7.68 -22.67
N PHE A 143 -1.02 6.85 -21.62
CA PHE A 143 -0.90 7.32 -20.23
C PHE A 143 0.47 6.97 -19.67
N HIS A 144 0.77 7.49 -18.46
CA HIS A 144 2.04 7.29 -17.77
C HIS A 144 1.70 6.84 -16.36
N ALA A 145 2.11 5.63 -15.99
CA ALA A 145 1.97 5.06 -14.66
C ALA A 145 3.34 5.05 -13.98
N SER A 146 3.57 6.00 -13.09
CA SER A 146 4.78 6.08 -12.29
C SER A 146 4.47 5.46 -10.93
N LEU A 147 5.07 4.31 -10.62
CA LEU A 147 5.12 3.74 -9.28
C LEU A 147 5.57 4.83 -8.33
N ALA A 148 4.63 5.37 -7.54
CA ALA A 148 4.99 6.39 -6.58
C ALA A 148 5.60 5.72 -5.34
N GLN A 149 5.05 4.56 -4.96
CA GLN A 149 5.43 3.74 -3.82
C GLN A 149 5.23 4.43 -2.48
N MET A 1 12.69 -12.56 7.07
CA MET A 1 11.35 -12.56 6.47
C MET A 1 11.44 -11.82 5.14
N ALA A 2 10.40 -11.80 4.32
CA ALA A 2 10.42 -11.03 3.07
C ALA A 2 10.59 -9.55 3.40
N PRO A 3 11.62 -8.86 2.88
CA PRO A 3 11.78 -7.45 3.17
C PRO A 3 10.79 -6.65 2.34
N GLN A 4 9.82 -6.07 3.02
CA GLN A 4 8.90 -5.09 2.47
C GLN A 4 8.78 -3.97 3.49
N LYS A 5 8.36 -2.78 3.05
CA LYS A 5 8.11 -1.63 3.90
C LYS A 5 6.68 -1.17 3.72
N CYS A 6 6.11 -0.55 4.76
CA CYS A 6 4.76 0.01 4.72
C CYS A 6 4.76 1.33 5.48
N PHE A 7 4.25 2.36 4.81
CA PHE A 7 4.27 3.75 5.25
C PHE A 7 2.93 4.12 5.83
N LEU A 8 2.80 4.10 7.16
CA LEU A 8 1.57 4.52 7.81
C LEU A 8 1.80 5.60 8.85
N GLN A 9 0.71 6.07 9.43
CA GLN A 9 0.73 7.06 10.49
C GLN A 9 -0.27 6.61 11.54
N ILE A 10 0.06 6.92 12.79
CA ILE A 10 -0.74 6.59 13.93
C ILE A 10 -1.53 7.84 14.28
N LYS A 11 -2.79 7.69 14.66
CA LYS A 11 -3.61 8.81 15.13
C LYS A 11 -3.96 8.56 16.59
N GLY A 12 -3.00 8.79 17.49
CA GLY A 12 -3.21 8.68 18.92
C GLY A 12 -2.00 9.21 19.68
N MET A 13 -0.88 8.48 19.59
CA MET A 13 0.43 8.81 20.14
C MET A 13 0.41 9.65 21.44
N THR A 14 0.03 9.00 22.54
CA THR A 14 0.08 9.56 23.90
C THR A 14 1.45 10.11 24.31
N CYS A 15 2.53 9.75 23.58
CA CYS A 15 3.91 10.13 23.84
C CYS A 15 4.50 9.37 25.02
N ALA A 16 3.85 9.47 26.19
CA ALA A 16 4.25 8.89 27.48
C ALA A 16 5.20 7.70 27.33
N SER A 17 4.66 6.54 26.95
CA SER A 17 5.44 5.42 26.42
C SER A 17 4.59 4.52 25.51
N CYS A 18 3.43 4.99 25.03
CA CYS A 18 2.53 4.10 24.31
C CYS A 18 3.14 3.68 22.98
N VAL A 19 3.60 4.64 22.16
CA VAL A 19 4.27 4.34 20.91
C VAL A 19 5.40 3.34 21.15
N SER A 20 6.22 3.61 22.16
CA SER A 20 7.36 2.76 22.50
C SER A 20 6.89 1.32 22.79
N ASN A 21 5.86 1.18 23.63
CA ASN A 21 5.30 -0.12 23.94
C ASN A 21 4.79 -0.77 22.66
N ILE A 22 3.97 -0.05 21.89
CA ILE A 22 3.40 -0.48 20.63
C ILE A 22 4.49 -1.01 19.68
N GLU A 23 5.61 -0.29 19.52
CA GLU A 23 6.74 -0.74 18.74
C GLU A 23 7.24 -2.10 19.25
N ARG A 24 7.52 -2.20 20.55
CA ARG A 24 8.06 -3.44 21.13
C ARG A 24 7.05 -4.59 21.04
N ASN A 25 5.76 -4.28 21.10
CA ASN A 25 4.68 -5.23 20.94
C ASN A 25 4.64 -5.71 19.49
N LEU A 26 4.61 -4.79 18.52
CA LEU A 26 4.63 -5.09 17.10
C LEU A 26 5.80 -5.98 16.75
N GLN A 27 6.97 -5.72 17.35
CA GLN A 27 8.15 -6.56 17.18
C GLN A 27 7.87 -8.03 17.47
N LYS A 28 6.79 -8.32 18.20
CA LYS A 28 6.32 -9.65 18.51
C LYS A 28 4.85 -9.85 18.13
N GLU A 29 4.31 -9.07 17.17
CA GLU A 29 3.00 -9.32 16.58
C GLU A 29 3.11 -10.54 15.65
N ALA A 30 3.57 -10.34 14.42
CA ALA A 30 3.77 -11.41 13.45
C ALA A 30 5.01 -11.09 12.60
N GLY A 31 4.94 -11.20 11.26
CA GLY A 31 6.10 -11.04 10.40
C GLY A 31 6.54 -9.59 10.20
N VAL A 32 6.36 -8.73 11.21
CA VAL A 32 6.90 -7.38 11.26
C VAL A 32 8.10 -7.34 12.21
N LEU A 33 9.27 -6.99 11.69
CA LEU A 33 10.50 -6.95 12.49
C LEU A 33 11.23 -5.65 12.19
N SER A 34 10.51 -4.54 12.33
CA SER A 34 11.10 -3.22 12.22
C SER A 34 10.14 -2.24 12.86
N VAL A 35 10.66 -1.15 13.43
CA VAL A 35 9.89 -0.13 14.07
C VAL A 35 10.56 1.19 13.73
N LEU A 36 10.01 1.92 12.76
CA LEU A 36 10.54 3.24 12.41
C LEU A 36 9.41 4.26 12.56
N VAL A 37 9.05 4.55 13.81
CA VAL A 37 8.11 5.60 14.13
C VAL A 37 8.90 6.85 14.51
N ALA A 38 8.50 7.99 13.94
CA ALA A 38 9.06 9.28 14.29
C ALA A 38 7.97 10.08 15.02
N LEU A 39 7.81 9.85 16.33
CA LEU A 39 6.84 10.53 17.20
C LEU A 39 6.90 12.07 17.05
N MET A 40 8.05 12.59 16.60
CA MET A 40 8.28 14.01 16.38
C MET A 40 7.48 14.55 15.20
N ALA A 41 7.41 13.76 14.13
CA ALA A 41 6.76 14.11 12.88
C ALA A 41 5.36 13.51 12.80
N GLY A 42 5.18 12.34 13.41
CA GLY A 42 3.94 11.57 13.39
C GLY A 42 3.88 10.69 12.16
N LYS A 43 4.82 9.75 12.00
CA LYS A 43 4.74 8.76 10.96
C LYS A 43 5.24 7.45 11.55
N ALA A 44 4.55 6.35 11.26
CA ALA A 44 4.98 4.99 11.56
C ALA A 44 5.30 4.26 10.26
N GLU A 45 6.60 4.13 9.95
CA GLU A 45 7.05 3.22 8.93
C GLU A 45 7.52 1.96 9.66
N ILE A 46 7.16 0.78 9.16
CA ILE A 46 7.72 -0.47 9.60
C ILE A 46 8.04 -1.31 8.37
N LYS A 47 8.67 -2.46 8.60
CA LYS A 47 9.02 -3.40 7.55
C LYS A 47 8.54 -4.79 7.96
N TYR A 48 7.44 -5.22 7.33
CA TYR A 48 6.83 -6.52 7.52
C TYR A 48 6.79 -7.37 6.26
N ASP A 49 6.47 -8.66 6.47
CA ASP A 49 6.32 -9.69 5.46
C ASP A 49 4.84 -9.91 5.11
N PRO A 50 4.36 -9.45 3.94
CA PRO A 50 2.95 -9.47 3.62
C PRO A 50 2.37 -10.87 3.40
N GLU A 51 3.19 -11.92 3.44
CA GLU A 51 2.73 -13.27 3.15
C GLU A 51 2.22 -13.96 4.41
N VAL A 52 2.64 -13.45 5.58
CA VAL A 52 2.30 -14.00 6.88
C VAL A 52 1.52 -12.96 7.69
N ILE A 53 1.79 -11.66 7.46
CA ILE A 53 1.02 -10.59 8.07
C ILE A 53 0.31 -9.79 6.97
N GLN A 54 -0.78 -9.13 7.34
CA GLN A 54 -1.66 -8.32 6.51
C GLN A 54 -1.91 -6.98 7.24
N PRO A 55 -2.22 -5.91 6.50
CA PRO A 55 -2.35 -4.58 7.07
C PRO A 55 -3.50 -4.50 8.08
N LEU A 56 -4.64 -5.14 7.80
CA LEU A 56 -5.77 -5.10 8.73
C LEU A 56 -5.41 -5.78 10.05
N GLU A 57 -4.69 -6.90 9.97
CA GLU A 57 -4.20 -7.63 11.13
C GLU A 57 -3.32 -6.74 12.00
N ILE A 58 -2.40 -5.98 11.38
CA ILE A 58 -1.62 -4.96 12.07
C ILE A 58 -2.61 -4.04 12.76
N ALA A 59 -3.53 -3.48 11.96
CA ALA A 59 -4.44 -2.47 12.46
C ALA A 59 -5.20 -2.99 13.68
N GLN A 60 -5.62 -4.25 13.64
CA GLN A 60 -6.36 -4.93 14.69
C GLN A 60 -5.58 -4.82 16.00
N PHE A 61 -4.28 -5.16 15.94
CA PHE A 61 -3.38 -5.04 17.08
C PHE A 61 -3.41 -3.60 17.62
N ILE A 62 -3.28 -2.63 16.72
CA ILE A 62 -3.25 -1.23 17.11
C ILE A 62 -4.57 -0.81 17.75
N GLN A 63 -5.71 -1.29 17.22
CA GLN A 63 -7.02 -0.99 17.76
C GLN A 63 -7.15 -1.60 19.16
N ASP A 64 -6.66 -2.84 19.34
CA ASP A 64 -6.69 -3.53 20.62
C ASP A 64 -5.89 -2.72 21.65
N LEU A 65 -4.68 -2.31 21.25
CA LEU A 65 -3.83 -1.44 22.05
C LEU A 65 -4.52 -0.09 22.36
N GLY A 66 -5.34 0.40 21.43
CA GLY A 66 -6.24 1.52 21.66
C GLY A 66 -5.82 2.76 20.88
N PHE A 67 -5.14 2.54 19.74
CA PHE A 67 -4.68 3.56 18.82
C PHE A 67 -5.34 3.33 17.45
N GLU A 68 -5.32 4.36 16.60
CA GLU A 68 -5.76 4.30 15.23
C GLU A 68 -4.53 4.13 14.35
N ALA A 69 -4.58 3.15 13.45
CA ALA A 69 -3.56 2.87 12.44
C ALA A 69 -4.12 3.24 11.07
N ALA A 70 -3.62 4.31 10.45
CA ALA A 70 -4.04 4.67 9.09
C ALA A 70 -2.81 4.83 8.20
N VAL A 71 -2.77 4.07 7.10
CA VAL A 71 -1.76 4.21 6.08
C VAL A 71 -1.76 5.62 5.50
N MET A 72 -0.57 6.09 5.09
CA MET A 72 -0.44 7.41 4.50
C MET A 72 -1.32 7.57 3.25
N GLU A 73 -1.44 6.49 2.48
CA GLU A 73 -2.14 6.19 1.26
C GLU A 73 -1.19 5.56 0.24
N ASP A 74 0.11 5.86 0.37
CA ASP A 74 1.28 5.24 -0.24
C ASP A 74 1.18 3.71 -0.29
N TYR A 75 0.47 3.14 0.68
CA TYR A 75 0.07 1.74 0.69
C TYR A 75 1.22 0.87 1.18
N ALA A 76 2.10 0.40 0.28
CA ALA A 76 3.24 -0.49 0.57
C ALA A 76 3.70 -1.22 -0.67
N GLY A 77 2.83 -2.08 -1.18
CA GLY A 77 3.21 -3.13 -2.11
C GLY A 77 2.49 -4.43 -1.76
N SER A 78 2.42 -4.75 -0.46
CA SER A 78 1.94 -5.97 0.16
C SER A 78 1.84 -7.20 -0.76
N ASP A 79 2.88 -7.41 -1.55
CA ASP A 79 3.06 -8.34 -2.66
C ASP A 79 1.84 -8.47 -3.57
N GLY A 80 1.91 -7.89 -4.78
CA GLY A 80 0.78 -7.85 -5.68
C GLY A 80 0.10 -6.50 -5.59
N ASN A 81 0.13 -5.88 -4.41
CA ASN A 81 -0.68 -4.72 -4.06
C ASN A 81 0.15 -3.46 -4.24
N ILE A 82 0.38 -3.08 -5.50
CA ILE A 82 1.13 -1.87 -5.79
C ILE A 82 0.14 -0.78 -6.18
N GLU A 83 0.55 0.48 -6.00
CA GLU A 83 -0.16 1.64 -6.43
C GLU A 83 0.74 2.41 -7.40
N LEU A 84 0.17 2.96 -8.46
CA LEU A 84 0.86 3.87 -9.37
C LEU A 84 0.00 5.11 -9.58
N THR A 85 0.63 6.26 -9.80
CA THR A 85 -0.04 7.54 -9.97
C THR A 85 -0.17 7.81 -11.47
N ILE A 86 -1.38 8.18 -11.90
CA ILE A 86 -1.66 8.39 -13.32
C ILE A 86 -1.64 9.88 -13.63
N THR A 87 -0.68 10.28 -14.47
CA THR A 87 -0.45 11.64 -14.89
C THR A 87 -0.88 11.82 -16.34
N GLY A 88 -2.15 12.16 -16.56
CA GLY A 88 -2.67 12.44 -17.89
C GLY A 88 -4.17 12.17 -17.97
N MET A 89 -4.59 11.02 -17.43
CA MET A 89 -5.99 10.68 -17.35
C MET A 89 -6.77 11.77 -16.60
N THR A 90 -7.95 12.14 -17.11
CA THR A 90 -8.82 13.12 -16.48
C THR A 90 -10.27 12.96 -16.97
N CYS A 91 -10.73 11.72 -17.23
CA CYS A 91 -12.08 11.48 -17.68
C CYS A 91 -12.50 10.04 -17.42
N ALA A 92 -13.76 9.81 -17.07
CA ALA A 92 -14.31 8.49 -16.79
C ALA A 92 -13.99 7.49 -17.90
N SER A 93 -14.02 7.92 -19.17
CA SER A 93 -13.66 7.07 -20.28
C SER A 93 -12.27 6.48 -20.08
N CYS A 94 -11.31 7.32 -19.67
CA CYS A 94 -9.91 6.93 -19.53
C CYS A 94 -9.81 5.95 -18.36
N VAL A 95 -10.45 6.28 -17.23
CA VAL A 95 -10.55 5.42 -16.06
C VAL A 95 -11.04 4.03 -16.47
N HIS A 96 -12.13 4.00 -17.24
CA HIS A 96 -12.77 2.76 -17.66
C HIS A 96 -11.80 1.99 -18.56
N ASN A 97 -11.07 2.72 -19.39
CA ASN A 97 -10.03 2.16 -20.24
C ASN A 97 -8.96 1.48 -19.40
N ILE A 98 -8.40 2.20 -18.41
CA ILE A 98 -7.41 1.67 -17.49
C ILE A 98 -7.95 0.39 -16.85
N GLU A 99 -9.13 0.47 -16.24
CA GLU A 99 -9.72 -0.68 -15.58
C GLU A 99 -9.88 -1.83 -16.58
N SER A 100 -10.37 -1.56 -17.79
CA SER A 100 -10.47 -2.54 -18.86
C SER A 100 -9.10 -3.17 -19.13
N LYS A 101 -8.06 -2.38 -19.29
CA LYS A 101 -6.72 -2.88 -19.58
C LYS A 101 -6.18 -3.72 -18.43
N LEU A 102 -6.52 -3.35 -17.19
CA LEU A 102 -6.08 -4.07 -16.01
C LEU A 102 -6.82 -5.40 -15.95
N THR A 103 -8.15 -5.35 -15.91
CA THR A 103 -8.97 -6.56 -15.94
C THR A 103 -8.67 -7.44 -17.16
N ARG A 104 -8.12 -6.85 -18.23
CA ARG A 104 -7.68 -7.62 -19.40
C ARG A 104 -6.54 -8.61 -19.09
N THR A 105 -5.70 -8.36 -18.08
CA THR A 105 -4.60 -9.23 -17.76
C THR A 105 -5.10 -10.56 -17.18
N ASN A 106 -4.15 -11.48 -17.00
CA ASN A 106 -4.39 -12.76 -16.33
C ASN A 106 -4.17 -12.62 -14.83
N GLY A 107 -3.06 -11.98 -14.43
CA GLY A 107 -2.64 -11.96 -13.03
C GLY A 107 -3.46 -11.01 -12.16
N ILE A 108 -3.92 -9.87 -12.69
CA ILE A 108 -4.64 -8.92 -11.85
C ILE A 108 -5.99 -9.51 -11.48
N THR A 109 -6.38 -9.40 -10.20
CA THR A 109 -7.69 -9.87 -9.74
C THR A 109 -8.63 -8.70 -9.48
N TYR A 110 -8.17 -7.65 -8.82
CA TYR A 110 -8.99 -6.48 -8.59
C TYR A 110 -8.10 -5.27 -8.80
N ALA A 111 -8.46 -4.36 -9.70
CA ALA A 111 -7.83 -3.05 -9.70
C ALA A 111 -8.87 -1.98 -9.41
N SER A 112 -8.47 -0.95 -8.67
CA SER A 112 -9.31 0.18 -8.32
C SER A 112 -8.50 1.44 -8.57
N VAL A 113 -8.97 2.31 -9.45
CA VAL A 113 -8.28 3.54 -9.82
C VAL A 113 -9.20 4.72 -9.55
N ALA A 114 -8.65 5.76 -8.89
CA ALA A 114 -9.41 6.88 -8.39
C ALA A 114 -8.79 8.18 -8.90
N LEU A 115 -9.41 8.73 -9.95
CA LEU A 115 -9.03 9.97 -10.60
C LEU A 115 -8.95 11.16 -9.66
N ALA A 116 -9.63 11.11 -8.50
CA ALA A 116 -9.62 12.19 -7.54
C ALA A 116 -8.27 12.22 -6.84
N THR A 117 -7.77 11.03 -6.50
CA THR A 117 -6.50 10.82 -5.85
C THR A 117 -5.36 10.71 -6.87
N SER A 118 -5.68 10.49 -8.15
CA SER A 118 -4.73 10.34 -9.24
C SER A 118 -3.88 9.07 -9.05
N LYS A 119 -4.41 8.06 -8.34
CA LYS A 119 -3.69 6.82 -8.07
C LYS A 119 -4.54 5.61 -8.47
N ALA A 120 -3.84 4.55 -8.87
CA ALA A 120 -4.36 3.29 -9.39
C ALA A 120 -3.78 2.16 -8.55
N LEU A 121 -4.64 1.43 -7.84
CA LEU A 121 -4.30 0.33 -6.97
C LEU A 121 -4.49 -0.95 -7.77
N VAL A 122 -3.41 -1.69 -8.02
CA VAL A 122 -3.42 -2.93 -8.77
C VAL A 122 -3.13 -4.11 -7.85
N LYS A 123 -3.82 -5.24 -8.03
CA LYS A 123 -3.62 -6.45 -7.23
C LYS A 123 -3.28 -7.63 -8.14
N PHE A 124 -1.98 -7.92 -8.30
CA PHE A 124 -1.52 -9.01 -9.18
C PHE A 124 -0.69 -10.08 -8.46
N ASP A 125 -0.26 -11.12 -9.18
CA ASP A 125 0.66 -12.15 -8.68
C ASP A 125 2.04 -11.90 -9.29
N PRO A 126 3.06 -11.48 -8.51
CA PRO A 126 4.37 -11.12 -9.04
C PRO A 126 5.23 -12.34 -9.40
N GLU A 127 4.74 -13.11 -10.36
CA GLU A 127 5.41 -14.22 -11.00
C GLU A 127 4.93 -14.30 -12.44
N ILE A 128 3.61 -14.32 -12.63
CA ILE A 128 2.98 -14.54 -13.92
C ILE A 128 2.81 -13.25 -14.69
N ILE A 129 2.58 -12.15 -13.97
CA ILE A 129 2.43 -10.83 -14.55
C ILE A 129 3.21 -9.86 -13.65
N GLY A 130 3.45 -8.64 -14.13
CA GLY A 130 4.25 -7.67 -13.41
C GLY A 130 3.84 -6.26 -13.82
N PRO A 131 4.24 -5.25 -13.04
CA PRO A 131 3.79 -3.88 -13.21
C PRO A 131 4.20 -3.37 -14.59
N ARG A 132 5.42 -3.69 -15.04
CA ARG A 132 5.92 -3.30 -16.34
C ARG A 132 4.94 -3.60 -17.48
N ASP A 133 4.24 -4.73 -17.43
CA ASP A 133 3.36 -5.11 -18.52
C ASP A 133 2.19 -4.13 -18.56
N ILE A 134 1.64 -3.86 -17.37
CA ILE A 134 0.56 -2.90 -17.19
C ILE A 134 1.04 -1.53 -17.67
N ILE A 135 2.24 -1.13 -17.25
CA ILE A 135 2.85 0.12 -17.65
C ILE A 135 2.90 0.18 -19.18
N LYS A 136 3.58 -0.75 -19.85
CA LYS A 136 3.64 -0.76 -21.30
C LYS A 136 2.24 -0.69 -21.91
N ILE A 137 1.29 -1.47 -21.41
CA ILE A 137 -0.09 -1.42 -21.91
C ILE A 137 -0.61 0.03 -21.83
N ILE A 138 -0.55 0.69 -20.67
CA ILE A 138 -1.06 2.05 -20.57
C ILE A 138 -0.23 3.07 -21.38
N GLU A 139 1.08 2.84 -21.54
CA GLU A 139 1.90 3.63 -22.46
C GLU A 139 1.31 3.58 -23.87
N GLU A 140 0.82 2.42 -24.29
CA GLU A 140 0.25 2.23 -25.62
C GLU A 140 -0.99 3.12 -25.78
N ILE A 141 -1.76 3.27 -24.70
CA ILE A 141 -2.87 4.22 -24.67
C ILE A 141 -2.33 5.64 -24.71
N GLY A 142 -1.29 5.91 -23.92
CA GLY A 142 -0.66 7.20 -23.75
C GLY A 142 -0.92 7.77 -22.36
N PHE A 143 -1.02 6.90 -21.34
CA PHE A 143 -0.95 7.35 -19.95
C PHE A 143 0.46 7.10 -19.42
N HIS A 144 0.71 7.49 -18.16
CA HIS A 144 1.97 7.29 -17.48
C HIS A 144 1.63 6.93 -16.04
N ALA A 145 2.13 5.78 -15.58
CA ALA A 145 1.83 5.19 -14.28
C ALA A 145 3.10 5.21 -13.42
N SER A 146 3.26 6.24 -12.59
CA SER A 146 4.47 6.46 -11.78
C SER A 146 4.20 6.07 -10.33
N LEU A 147 4.93 5.07 -9.82
CA LEU A 147 4.86 4.60 -8.44
C LEU A 147 4.87 5.78 -7.47
N ALA A 148 3.81 5.94 -6.69
CA ALA A 148 3.71 6.94 -5.64
C ALA A 148 3.75 6.31 -4.24
N GLN A 149 4.13 5.04 -4.15
CA GLN A 149 4.61 4.38 -2.95
C GLN A 149 6.13 4.56 -2.82
N MET A 1 11.29 -13.13 5.45
CA MET A 1 9.88 -12.92 5.07
C MET A 1 9.88 -11.79 4.04
N ALA A 2 8.85 -11.69 3.20
CA ALA A 2 8.86 -10.84 2.02
C ALA A 2 8.94 -9.38 2.47
N PRO A 3 10.05 -8.67 2.20
CA PRO A 3 10.25 -7.36 2.76
C PRO A 3 9.43 -6.32 2.01
N GLN A 4 8.40 -5.86 2.71
CA GLN A 4 7.57 -4.73 2.30
C GLN A 4 7.74 -3.67 3.38
N LYS A 5 7.45 -2.41 3.05
CA LYS A 5 7.28 -1.35 4.03
C LYS A 5 5.79 -1.10 4.19
N CYS A 6 5.36 -0.38 5.21
CA CYS A 6 3.97 0.07 5.33
C CYS A 6 3.94 1.47 5.92
N PHE A 7 3.39 2.44 5.20
CA PHE A 7 3.41 3.85 5.58
C PHE A 7 2.11 4.25 6.25
N LEU A 8 2.01 4.13 7.58
CA LEU A 8 0.83 4.57 8.30
C LEU A 8 1.19 5.59 9.36
N GLN A 9 0.18 6.28 9.89
CA GLN A 9 0.36 7.20 10.99
C GLN A 9 -0.50 6.72 12.15
N ILE A 10 -0.13 7.11 13.37
CA ILE A 10 -0.95 6.87 14.53
C ILE A 10 -1.73 8.15 14.84
N LYS A 11 -2.96 8.03 15.31
CA LYS A 11 -3.65 9.12 15.98
C LYS A 11 -3.92 8.69 17.43
N GLY A 12 -3.46 9.50 18.38
CA GLY A 12 -3.61 9.28 19.81
C GLY A 12 -2.40 9.87 20.56
N MET A 13 -1.29 9.12 20.60
CA MET A 13 0.01 9.58 21.12
C MET A 13 -0.07 10.04 22.58
N THR A 14 -0.34 9.10 23.49
CA THR A 14 -0.45 9.33 24.92
C THR A 14 0.69 10.20 25.48
N CYS A 15 1.95 9.81 25.27
CA CYS A 15 3.06 10.49 25.95
C CYS A 15 4.41 10.09 25.35
N ALA A 16 4.48 10.07 24.01
CA ALA A 16 5.69 9.76 23.25
C ALA A 16 6.37 8.46 23.73
N SER A 17 5.54 7.49 24.14
CA SER A 17 5.96 6.24 24.76
C SER A 17 4.94 5.14 24.47
N CYS A 18 3.64 5.44 24.58
CA CYS A 18 2.60 4.46 24.31
C CYS A 18 2.74 3.93 22.88
N VAL A 19 2.93 4.83 21.91
CA VAL A 19 3.27 4.44 20.54
C VAL A 19 4.48 3.51 20.54
N SER A 20 5.47 3.77 21.39
CA SER A 20 6.65 2.91 21.45
C SER A 20 6.25 1.47 21.81
N ASN A 21 5.35 1.30 22.78
CA ASN A 21 4.89 -0.03 23.16
C ASN A 21 4.11 -0.65 22.01
N ILE A 22 3.18 0.11 21.43
CA ILE A 22 2.43 -0.37 20.27
C ILE A 22 3.38 -0.84 19.17
N GLU A 23 4.41 -0.07 18.83
CA GLU A 23 5.42 -0.43 17.85
C GLU A 23 6.13 -1.75 18.19
N ARG A 24 6.46 -1.97 19.46
CA ARG A 24 7.05 -3.22 19.91
C ARG A 24 6.05 -4.35 19.65
N ASN A 25 4.79 -4.13 20.00
CA ASN A 25 3.74 -5.10 19.72
C ASN A 25 3.65 -5.39 18.22
N LEU A 26 3.69 -4.35 17.38
CA LEU A 26 3.76 -4.50 15.93
C LEU A 26 4.91 -5.40 15.53
N GLN A 27 6.16 -5.09 15.89
CA GLN A 27 7.27 -5.92 15.41
C GLN A 27 7.22 -7.35 15.95
N LYS A 28 6.49 -7.55 17.04
CA LYS A 28 6.13 -8.87 17.55
C LYS A 28 4.81 -9.43 17.01
N GLU A 29 4.05 -8.73 16.15
CA GLU A 29 2.87 -9.28 15.48
C GLU A 29 3.21 -10.60 14.77
N ALA A 30 3.96 -10.54 13.67
CA ALA A 30 4.47 -11.71 12.95
C ALA A 30 5.40 -11.27 11.80
N GLY A 31 4.83 -10.89 10.67
CA GLY A 31 5.59 -10.51 9.47
C GLY A 31 6.38 -9.23 9.68
N VAL A 32 5.86 -8.34 10.55
CA VAL A 32 6.48 -7.07 10.88
C VAL A 32 7.85 -7.29 11.50
N LEU A 33 8.90 -6.83 10.83
CA LEU A 33 10.26 -6.86 11.34
C LEU A 33 10.91 -5.53 10.95
N SER A 34 10.27 -4.41 11.32
CA SER A 34 10.98 -3.14 11.50
C SER A 34 10.16 -2.20 12.37
N VAL A 35 10.86 -1.21 12.91
CA VAL A 35 10.35 -0.07 13.64
C VAL A 35 10.91 1.18 12.96
N LEU A 36 10.07 1.95 12.28
CA LEU A 36 10.48 3.23 11.72
C LEU A 36 9.38 4.26 12.02
N VAL A 37 9.16 4.52 13.31
CA VAL A 37 8.24 5.55 13.76
C VAL A 37 9.06 6.81 14.05
N ALA A 38 8.44 7.97 13.85
CA ALA A 38 8.97 9.23 14.34
C ALA A 38 7.88 9.88 15.17
N LEU A 39 7.96 9.76 16.50
CA LEU A 39 7.03 10.42 17.42
C LEU A 39 7.13 11.95 17.35
N MET A 40 8.21 12.47 16.74
CA MET A 40 8.40 13.91 16.54
C MET A 40 7.45 14.42 15.46
N ALA A 41 7.46 13.78 14.29
CA ALA A 41 6.64 14.19 13.16
C ALA A 41 5.24 13.57 13.25
N GLY A 42 5.18 12.35 13.78
CA GLY A 42 3.95 11.58 13.93
C GLY A 42 3.72 10.71 12.71
N LYS A 43 4.62 9.77 12.42
CA LYS A 43 4.42 8.78 11.36
C LYS A 43 4.95 7.46 11.89
N ALA A 44 4.22 6.36 11.65
CA ALA A 44 4.63 4.99 11.97
C ALA A 44 4.87 4.21 10.69
N GLU A 45 6.13 4.14 10.25
CA GLU A 45 6.50 3.25 9.16
C GLU A 45 7.08 2.01 9.83
N ILE A 46 6.71 0.84 9.36
CA ILE A 46 7.28 -0.43 9.75
C ILE A 46 7.39 -1.26 8.48
N LYS A 47 7.95 -2.48 8.58
CA LYS A 47 8.16 -3.34 7.44
C LYS A 47 7.60 -4.74 7.72
N TYR A 48 6.39 -4.98 7.18
CA TYR A 48 5.66 -6.22 7.26
C TYR A 48 5.88 -7.11 6.05
N ASP A 49 5.18 -8.25 6.07
CA ASP A 49 5.05 -9.16 4.97
C ASP A 49 3.55 -9.42 4.73
N PRO A 50 2.97 -8.89 3.64
CA PRO A 50 1.56 -9.08 3.34
C PRO A 50 1.22 -10.52 2.95
N GLU A 51 2.20 -11.43 2.86
CA GLU A 51 1.92 -12.84 2.66
C GLU A 51 1.37 -13.47 3.94
N VAL A 52 1.91 -13.10 5.11
CA VAL A 52 1.68 -13.85 6.35
C VAL A 52 0.79 -13.05 7.29
N ILE A 53 0.72 -11.73 7.07
CA ILE A 53 -0.19 -10.86 7.75
C ILE A 53 -0.88 -9.99 6.70
N GLN A 54 -1.72 -9.07 7.14
CA GLN A 54 -2.50 -8.18 6.31
C GLN A 54 -2.57 -6.81 7.00
N PRO A 55 -2.81 -5.74 6.22
CA PRO A 55 -2.85 -4.39 6.75
C PRO A 55 -4.01 -4.25 7.75
N LEU A 56 -5.13 -4.92 7.49
CA LEU A 56 -6.23 -4.95 8.46
C LEU A 56 -5.80 -5.58 9.78
N GLU A 57 -4.97 -6.63 9.73
CA GLU A 57 -4.48 -7.35 10.90
C GLU A 57 -3.55 -6.45 11.72
N ILE A 58 -2.62 -5.75 11.05
CA ILE A 58 -1.86 -4.67 11.67
C ILE A 58 -2.87 -3.79 12.37
N ALA A 59 -3.84 -3.28 11.60
CA ALA A 59 -4.73 -2.27 12.12
C ALA A 59 -5.46 -2.77 13.37
N GLN A 60 -5.96 -4.00 13.32
CA GLN A 60 -6.68 -4.68 14.38
C GLN A 60 -5.85 -4.62 15.66
N PHE A 61 -4.57 -4.99 15.57
CA PHE A 61 -3.64 -4.87 16.69
C PHE A 61 -3.73 -3.47 17.30
N ILE A 62 -3.62 -2.44 16.44
CA ILE A 62 -3.60 -1.06 16.90
C ILE A 62 -4.95 -0.67 17.54
N GLN A 63 -6.06 -1.14 16.97
CA GLN A 63 -7.38 -0.84 17.49
C GLN A 63 -7.53 -1.46 18.89
N ASP A 64 -7.12 -2.73 19.05
CA ASP A 64 -7.13 -3.41 20.33
C ASP A 64 -6.26 -2.64 21.33
N LEU A 65 -5.02 -2.34 20.94
CA LEU A 65 -4.08 -1.63 21.79
C LEU A 65 -4.62 -0.26 22.22
N GLY A 66 -5.29 0.45 21.32
CA GLY A 66 -6.15 1.59 21.67
C GLY A 66 -5.81 2.84 20.88
N PHE A 67 -5.36 2.68 19.63
CA PHE A 67 -5.03 3.77 18.73
C PHE A 67 -5.66 3.53 17.36
N GLU A 68 -5.72 4.59 16.55
CA GLU A 68 -6.11 4.51 15.16
C GLU A 68 -4.83 4.46 14.35
N ALA A 69 -4.74 3.46 13.45
CA ALA A 69 -3.72 3.40 12.42
C ALA A 69 -4.41 3.60 11.08
N ALA A 70 -3.96 4.58 10.29
CA ALA A 70 -4.37 4.73 8.91
C ALA A 70 -3.11 4.86 8.07
N VAL A 71 -3.08 4.20 6.92
CA VAL A 71 -2.08 4.42 5.92
C VAL A 71 -2.18 5.87 5.46
N MET A 72 -1.01 6.47 5.23
CA MET A 72 -0.86 7.82 4.73
C MET A 72 -1.86 8.08 3.59
N GLU A 73 -1.80 7.22 2.59
CA GLU A 73 -2.66 7.18 1.42
C GLU A 73 -2.46 5.81 0.75
N ASP A 74 -1.20 5.46 0.49
CA ASP A 74 -0.84 4.33 -0.35
C ASP A 74 -0.85 3.01 0.40
N TYR A 75 0.29 2.62 1.00
CA TYR A 75 0.55 1.40 1.76
C TYR A 75 2.04 1.00 1.71
N ALA A 76 2.34 -0.04 0.93
CA ALA A 76 3.59 -0.77 0.90
C ALA A 76 4.23 -0.72 -0.48
N GLY A 77 3.51 -1.27 -1.47
CA GLY A 77 3.83 -1.19 -2.87
C GLY A 77 5.14 -1.87 -3.23
N SER A 78 5.13 -3.19 -3.47
CA SER A 78 6.34 -3.90 -3.90
C SER A 78 6.05 -5.28 -4.53
N ASP A 79 5.84 -6.33 -3.72
CA ASP A 79 5.63 -7.69 -4.20
C ASP A 79 4.21 -8.13 -3.85
N GLY A 80 3.43 -8.61 -4.84
CA GLY A 80 2.08 -9.11 -4.60
C GLY A 80 1.08 -7.97 -4.53
N ASN A 81 1.51 -6.84 -3.98
CA ASN A 81 0.70 -5.69 -3.69
C ASN A 81 1.50 -4.42 -4.01
N ILE A 82 1.24 -3.78 -5.16
CA ILE A 82 2.05 -2.72 -5.75
C ILE A 82 1.15 -1.52 -6.00
N GLU A 83 1.73 -0.33 -6.06
CA GLU A 83 1.07 0.91 -6.38
C GLU A 83 1.92 1.61 -7.42
N LEU A 84 1.27 2.44 -8.24
CA LEU A 84 1.89 3.35 -9.17
C LEU A 84 1.14 4.67 -9.07
N THR A 85 1.75 5.76 -9.57
CA THR A 85 1.14 7.06 -9.76
C THR A 85 0.73 7.10 -11.22
N ILE A 86 -0.49 7.54 -11.53
CA ILE A 86 -1.01 7.64 -12.89
C ILE A 86 -1.04 9.11 -13.31
N THR A 87 -0.27 9.45 -14.34
CA THR A 87 -0.22 10.79 -14.89
C THR A 87 -0.98 10.79 -16.22
N GLY A 88 -1.81 11.82 -16.45
CA GLY A 88 -2.57 12.00 -17.67
C GLY A 88 -4.06 11.76 -17.43
N MET A 89 -4.39 10.68 -16.72
CA MET A 89 -5.77 10.35 -16.39
C MET A 89 -6.39 11.45 -15.53
N THR A 90 -7.62 11.89 -15.87
CA THR A 90 -8.36 12.87 -15.11
C THR A 90 -9.87 12.74 -15.40
N CYS A 91 -10.39 11.51 -15.48
CA CYS A 91 -11.80 11.28 -15.78
C CYS A 91 -12.21 9.86 -15.38
N ALA A 92 -13.44 9.68 -14.90
CA ALA A 92 -14.00 8.37 -14.57
C ALA A 92 -13.87 7.41 -15.75
N SER A 93 -14.09 7.89 -16.97
CA SER A 93 -13.90 7.09 -18.18
C SER A 93 -12.48 6.51 -18.22
N CYS A 94 -11.47 7.36 -17.95
CA CYS A 94 -10.07 6.95 -17.99
C CYS A 94 -9.81 5.92 -16.89
N VAL A 95 -10.33 6.16 -15.68
CA VAL A 95 -10.31 5.17 -14.61
C VAL A 95 -10.87 3.84 -15.11
N HIS A 96 -12.05 3.87 -15.72
CA HIS A 96 -12.75 2.67 -16.15
C HIS A 96 -11.91 1.95 -17.19
N ASN A 97 -11.25 2.72 -18.05
CA ASN A 97 -10.33 2.22 -19.07
C ASN A 97 -9.17 1.47 -18.39
N ILE A 98 -8.48 2.13 -17.46
CA ILE A 98 -7.38 1.53 -16.73
C ILE A 98 -7.84 0.23 -16.07
N GLU A 99 -8.89 0.32 -15.25
CA GLU A 99 -9.44 -0.80 -14.51
C GLU A 99 -9.80 -1.91 -15.48
N SER A 100 -10.42 -1.59 -16.62
CA SER A 100 -10.68 -2.55 -17.69
C SER A 100 -9.39 -3.27 -18.11
N LYS A 101 -8.30 -2.54 -18.34
CA LYS A 101 -7.05 -3.14 -18.76
C LYS A 101 -6.48 -4.08 -17.69
N LEU A 102 -6.52 -3.68 -16.42
CA LEU A 102 -6.10 -4.51 -15.32
C LEU A 102 -6.96 -5.75 -15.29
N THR A 103 -8.28 -5.58 -15.24
CA THR A 103 -9.17 -6.73 -15.25
C THR A 103 -9.00 -7.60 -16.50
N ARG A 104 -8.52 -7.04 -17.62
CA ARG A 104 -8.25 -7.85 -18.81
C ARG A 104 -7.01 -8.74 -18.64
N THR A 105 -6.16 -8.47 -17.65
CA THR A 105 -4.91 -9.15 -17.46
C THR A 105 -5.15 -10.49 -16.73
N ASN A 106 -4.28 -11.48 -16.94
CA ASN A 106 -4.42 -12.83 -16.41
C ASN A 106 -4.18 -12.90 -14.90
N GLY A 107 -3.07 -12.33 -14.42
CA GLY A 107 -2.60 -12.55 -13.06
C GLY A 107 -3.26 -11.59 -12.07
N ILE A 108 -3.41 -10.33 -12.50
CA ILE A 108 -4.23 -9.36 -11.80
C ILE A 108 -5.62 -9.95 -11.58
N THR A 109 -6.16 -9.77 -10.38
CA THR A 109 -7.57 -10.01 -10.09
C THR A 109 -8.27 -8.77 -9.51
N TYR A 110 -7.52 -7.88 -8.86
CA TYR A 110 -8.05 -6.78 -8.07
C TYR A 110 -7.11 -5.60 -8.29
N ALA A 111 -7.60 -4.55 -8.97
CA ALA A 111 -6.94 -3.25 -8.94
C ALA A 111 -7.88 -2.26 -8.27
N SER A 112 -7.34 -1.18 -7.73
CA SER A 112 -8.13 -0.05 -7.26
C SER A 112 -7.33 1.22 -7.55
N VAL A 113 -7.86 2.11 -8.37
CA VAL A 113 -7.16 3.32 -8.78
C VAL A 113 -7.97 4.53 -8.33
N ALA A 114 -7.30 5.52 -7.74
CA ALA A 114 -7.94 6.60 -7.02
C ALA A 114 -7.46 7.93 -7.58
N LEU A 115 -8.15 8.42 -8.60
CA LEU A 115 -7.83 9.67 -9.30
C LEU A 115 -7.71 10.85 -8.35
N ALA A 116 -8.45 10.82 -7.24
CA ALA A 116 -8.42 11.85 -6.21
C ALA A 116 -7.00 12.05 -5.69
N THR A 117 -6.23 10.96 -5.59
CA THR A 117 -4.85 10.94 -5.16
C THR A 117 -3.89 10.68 -6.34
N SER A 118 -4.46 10.31 -7.50
CA SER A 118 -3.74 10.02 -8.73
C SER A 118 -2.88 8.76 -8.59
N LYS A 119 -3.31 7.80 -7.77
CA LYS A 119 -2.64 6.52 -7.60
C LYS A 119 -3.41 5.41 -8.29
N ALA A 120 -2.71 4.32 -8.60
CA ALA A 120 -3.22 3.09 -9.16
C ALA A 120 -2.62 1.93 -8.38
N LEU A 121 -3.43 1.24 -7.58
CA LEU A 121 -3.00 0.10 -6.79
C LEU A 121 -3.38 -1.17 -7.54
N VAL A 122 -2.44 -2.09 -7.68
CA VAL A 122 -2.59 -3.30 -8.47
C VAL A 122 -2.09 -4.48 -7.64
N LYS A 123 -2.88 -5.56 -7.63
CA LYS A 123 -2.59 -6.76 -6.87
C LYS A 123 -2.42 -7.92 -7.86
N PHE A 124 -1.17 -8.19 -8.26
CA PHE A 124 -0.81 -9.21 -9.25
C PHE A 124 0.16 -10.24 -8.69
N ASP A 125 0.36 -11.34 -9.43
CA ASP A 125 1.31 -12.38 -9.06
C ASP A 125 2.63 -12.16 -9.82
N PRO A 126 3.74 -11.83 -9.13
CA PRO A 126 4.99 -11.45 -9.76
C PRO A 126 5.75 -12.67 -10.29
N GLU A 127 5.18 -13.30 -11.32
CA GLU A 127 5.78 -14.39 -12.06
C GLU A 127 5.08 -14.51 -13.41
N ILE A 128 3.74 -14.48 -13.39
CA ILE A 128 2.92 -14.70 -14.56
C ILE A 128 2.70 -13.41 -15.34
N ILE A 129 2.73 -12.28 -14.65
CA ILE A 129 2.62 -10.96 -15.24
C ILE A 129 3.58 -10.02 -14.50
N GLY A 130 3.87 -8.86 -15.08
CA GLY A 130 4.79 -7.88 -14.52
C GLY A 130 4.35 -6.47 -14.90
N PRO A 131 4.86 -5.45 -14.20
CA PRO A 131 4.41 -4.08 -14.35
C PRO A 131 4.68 -3.54 -15.75
N ARG A 132 5.78 -3.95 -16.39
CA ARG A 132 6.12 -3.52 -17.74
C ARG A 132 4.98 -3.74 -18.72
N ASP A 133 4.30 -4.89 -18.66
CA ASP A 133 3.26 -5.16 -19.62
C ASP A 133 2.07 -4.25 -19.37
N ILE A 134 1.75 -4.01 -18.09
CA ILE A 134 0.73 -3.06 -17.70
C ILE A 134 1.10 -1.67 -18.23
N ILE A 135 2.36 -1.26 -18.02
CA ILE A 135 2.89 0.00 -18.52
C ILE A 135 2.70 0.07 -20.03
N LYS A 136 3.21 -0.90 -20.81
CA LYS A 136 3.00 -0.93 -22.23
C LYS A 136 1.51 -0.75 -22.57
N ILE A 137 0.65 -1.54 -21.93
CA ILE A 137 -0.79 -1.48 -22.16
C ILE A 137 -1.30 -0.04 -21.95
N ILE A 138 -1.05 0.58 -20.78
CA ILE A 138 -1.56 1.93 -20.52
C ILE A 138 -0.88 2.99 -21.40
N GLU A 139 0.38 2.80 -21.79
CA GLU A 139 1.05 3.65 -22.76
C GLU A 139 0.30 3.67 -24.09
N GLU A 140 -0.30 2.54 -24.50
CA GLU A 140 -1.10 2.48 -25.72
C GLU A 140 -2.27 3.45 -25.62
N ILE A 141 -2.85 3.56 -24.42
CA ILE A 141 -3.95 4.48 -24.16
C ILE A 141 -3.41 5.91 -24.12
N GLY A 142 -2.23 6.07 -23.50
CA GLY A 142 -1.55 7.33 -23.32
C GLY A 142 -1.62 7.80 -21.87
N PHE A 143 -1.60 6.88 -20.92
CA PHE A 143 -1.32 7.22 -19.53
C PHE A 143 0.14 6.89 -19.24
N HIS A 144 0.61 7.20 -18.02
CA HIS A 144 1.96 6.88 -17.59
C HIS A 144 1.85 6.45 -16.14
N ALA A 145 2.29 5.22 -15.85
CA ALA A 145 2.26 4.60 -14.53
C ALA A 145 3.69 4.53 -13.99
N SER A 146 4.02 5.31 -12.96
CA SER A 146 5.33 5.30 -12.32
C SER A 146 5.21 5.18 -10.80
N LEU A 147 6.00 4.29 -10.20
CA LEU A 147 6.11 4.04 -8.78
C LEU A 147 6.00 5.34 -8.01
N ALA A 148 5.10 5.32 -7.04
CA ALA A 148 4.81 6.48 -6.20
C ALA A 148 5.41 6.36 -4.79
N GLN A 149 5.90 5.17 -4.39
CA GLN A 149 6.96 4.88 -3.41
C GLN A 149 6.63 3.74 -2.41
N MET A 1 11.08 -13.49 6.55
CA MET A 1 9.64 -13.18 6.40
C MET A 1 9.57 -12.19 5.24
N ALA A 2 8.56 -12.29 4.36
CA ALA A 2 8.51 -11.58 3.09
C ALA A 2 8.71 -10.07 3.29
N PRO A 3 9.81 -9.47 2.80
CA PRO A 3 10.13 -8.10 3.11
C PRO A 3 9.28 -7.14 2.30
N GLN A 4 8.22 -6.68 2.95
CA GLN A 4 7.29 -5.69 2.49
C GLN A 4 7.28 -4.58 3.54
N LYS A 5 7.19 -3.34 3.09
CA LYS A 5 7.07 -2.15 3.90
C LYS A 5 5.58 -1.81 4.00
N CYS A 6 5.18 -1.07 5.04
CA CYS A 6 3.85 -0.47 5.10
C CYS A 6 3.93 0.93 5.69
N PHE A 7 3.24 1.89 5.06
CA PHE A 7 3.25 3.31 5.39
C PHE A 7 1.95 3.63 6.11
N LEU A 8 2.00 3.83 7.42
CA LEU A 8 0.84 4.30 8.14
C LEU A 8 1.20 5.39 9.10
N GLN A 9 0.19 6.05 9.65
CA GLN A 9 0.35 7.07 10.66
C GLN A 9 -0.34 6.54 11.90
N ILE A 10 0.29 6.76 13.06
CA ILE A 10 -0.29 6.44 14.33
C ILE A 10 -0.87 7.74 14.88
N LYS A 11 -2.09 7.69 15.40
CA LYS A 11 -2.58 8.72 16.29
C LYS A 11 -2.55 8.12 17.70
N GLY A 12 -1.83 8.79 18.61
CA GLY A 12 -1.61 8.34 19.98
C GLY A 12 -0.15 8.52 20.39
N MET A 13 0.79 8.50 19.43
CA MET A 13 2.20 8.80 19.67
C MET A 13 2.39 10.18 20.27
N THR A 14 3.60 10.46 20.77
CA THR A 14 3.97 11.71 21.43
C THR A 14 3.45 11.78 22.87
N CYS A 15 2.60 10.83 23.26
CA CYS A 15 1.91 10.83 24.55
C CYS A 15 2.40 9.65 25.40
N ALA A 16 2.65 9.93 26.68
CA ALA A 16 3.23 9.01 27.64
C ALA A 16 4.39 8.23 26.98
N SER A 17 4.17 6.95 26.66
CA SER A 17 5.11 6.17 25.88
C SER A 17 4.38 4.97 25.27
N CYS A 18 3.14 5.22 24.82
CA CYS A 18 2.30 4.15 24.32
C CYS A 18 2.78 3.68 22.95
N VAL A 19 3.16 4.61 22.06
CA VAL A 19 3.83 4.25 20.82
C VAL A 19 5.09 3.45 21.12
N SER A 20 5.81 3.91 22.14
CA SER A 20 7.00 3.23 22.60
C SER A 20 6.70 1.78 23.00
N ASN A 21 5.63 1.54 23.75
CA ASN A 21 5.20 0.18 24.07
C ASN A 21 4.85 -0.59 22.79
N ILE A 22 4.09 0.04 21.90
CA ILE A 22 3.69 -0.51 20.61
C ILE A 22 4.88 -1.12 19.88
N GLU A 23 6.05 -0.47 19.91
CA GLU A 23 7.25 -0.95 19.24
C GLU A 23 7.50 -2.44 19.53
N ARG A 24 7.67 -2.79 20.81
CA ARG A 24 8.06 -4.12 21.19
C ARG A 24 6.89 -5.07 20.96
N ASN A 25 5.68 -4.58 21.22
CA ASN A 25 4.46 -5.35 21.00
C ASN A 25 4.39 -5.79 19.54
N LEU A 26 4.47 -4.87 18.58
CA LEU A 26 4.44 -5.21 17.16
C LEU A 26 5.57 -6.18 16.80
N GLN A 27 6.79 -5.93 17.28
CA GLN A 27 7.91 -6.87 17.16
C GLN A 27 7.63 -8.27 17.72
N LYS A 28 6.54 -8.43 18.46
CA LYS A 28 6.09 -9.71 18.98
C LYS A 28 4.69 -10.09 18.45
N GLU A 29 4.09 -9.29 17.55
CA GLU A 29 2.74 -9.57 17.04
C GLU A 29 2.75 -10.82 16.14
N ALA A 30 3.43 -10.74 14.99
CA ALA A 30 3.51 -11.85 14.05
C ALA A 30 4.82 -11.75 13.24
N GLY A 31 4.78 -11.88 11.91
CA GLY A 31 5.99 -11.84 11.09
C GLY A 31 6.53 -10.43 10.88
N VAL A 32 5.85 -9.41 11.42
CA VAL A 32 6.34 -8.05 11.45
C VAL A 32 7.62 -7.92 12.29
N LEU A 33 8.67 -7.33 11.72
CA LEU A 33 9.89 -7.04 12.47
C LEU A 33 10.59 -5.75 12.02
N SER A 34 9.88 -4.62 11.98
CA SER A 34 10.55 -3.33 11.88
C SER A 34 9.59 -2.29 12.42
N VAL A 35 10.11 -1.28 13.11
CA VAL A 35 9.32 -0.22 13.71
C VAL A 35 10.10 1.06 13.50
N LEU A 36 9.81 1.78 12.41
CA LEU A 36 10.46 3.03 12.10
C LEU A 36 9.38 4.09 12.14
N VAL A 37 9.02 4.54 13.35
CA VAL A 37 8.09 5.64 13.54
C VAL A 37 8.90 6.90 13.81
N ALA A 38 8.61 7.97 13.07
CA ALA A 38 9.18 9.27 13.31
C ALA A 38 8.15 10.03 14.14
N LEU A 39 8.05 9.69 15.42
CA LEU A 39 7.07 10.27 16.36
C LEU A 39 7.05 11.81 16.28
N MET A 40 8.20 12.39 15.94
CA MET A 40 8.42 13.83 15.90
C MET A 40 7.70 14.47 14.72
N ALA A 41 7.66 13.77 13.58
CA ALA A 41 7.06 14.25 12.34
C ALA A 41 5.63 13.72 12.23
N GLY A 42 5.49 12.42 12.47
CA GLY A 42 4.23 11.72 12.69
C GLY A 42 3.95 10.72 11.58
N LYS A 43 4.84 9.75 11.38
CA LYS A 43 4.64 8.69 10.42
C LYS A 43 5.21 7.40 11.00
N ALA A 44 4.48 6.29 10.86
CA ALA A 44 4.96 4.93 11.12
C ALA A 44 5.25 4.18 9.83
N GLU A 45 6.54 3.93 9.57
CA GLU A 45 6.98 3.01 8.54
C GLU A 45 7.33 1.67 9.22
N ILE A 46 6.55 0.62 8.98
CA ILE A 46 6.83 -0.74 9.45
C ILE A 46 7.22 -1.62 8.26
N LYS A 47 7.77 -2.81 8.53
CA LYS A 47 7.86 -3.91 7.58
C LYS A 47 7.17 -5.14 8.17
N TYR A 48 6.02 -5.49 7.61
CA TYR A 48 5.33 -6.74 7.85
C TYR A 48 5.27 -7.59 6.58
N ASP A 49 4.99 -8.88 6.76
CA ASP A 49 4.93 -9.91 5.77
C ASP A 49 3.47 -10.29 5.47
N PRO A 50 2.90 -9.87 4.32
CA PRO A 50 1.49 -10.10 4.00
C PRO A 50 1.11 -11.57 3.83
N GLU A 51 2.05 -12.50 4.04
CA GLU A 51 1.84 -13.93 4.00
C GLU A 51 1.30 -14.43 5.35
N VAL A 52 1.54 -13.67 6.43
CA VAL A 52 1.26 -14.11 7.79
C VAL A 52 0.32 -13.09 8.44
N ILE A 53 0.82 -11.86 8.64
CA ILE A 53 -0.01 -10.77 9.15
C ILE A 53 -0.70 -10.07 7.98
N GLN A 54 -1.84 -9.43 8.25
CA GLN A 54 -2.61 -8.63 7.31
C GLN A 54 -2.89 -7.27 7.97
N PRO A 55 -3.04 -6.19 7.18
CA PRO A 55 -3.16 -4.84 7.70
C PRO A 55 -4.37 -4.68 8.64
N LEU A 56 -5.49 -5.33 8.32
CA LEU A 56 -6.68 -5.27 9.18
C LEU A 56 -6.37 -5.81 10.57
N GLU A 57 -5.61 -6.90 10.64
CA GLU A 57 -5.16 -7.49 11.89
C GLU A 57 -4.29 -6.50 12.65
N ILE A 58 -3.42 -5.76 11.95
CA ILE A 58 -2.66 -4.65 12.54
C ILE A 58 -3.65 -3.70 13.18
N ALA A 59 -4.72 -3.37 12.44
CA ALA A 59 -5.70 -2.40 12.88
C ALA A 59 -6.42 -2.88 14.15
N GLN A 60 -6.81 -4.15 14.18
CA GLN A 60 -7.36 -4.73 15.40
C GLN A 60 -6.36 -4.61 16.55
N PHE A 61 -5.13 -5.08 16.33
CA PHE A 61 -4.07 -5.03 17.33
C PHE A 61 -3.92 -3.61 17.90
N ILE A 62 -3.70 -2.60 17.05
CA ILE A 62 -3.55 -1.23 17.55
C ILE A 62 -4.82 -0.74 18.28
N GLN A 63 -6.01 -1.08 17.77
CA GLN A 63 -7.26 -0.69 18.41
C GLN A 63 -7.41 -1.38 19.78
N ASP A 64 -6.91 -2.61 19.91
CA ASP A 64 -6.93 -3.34 21.18
C ASP A 64 -6.05 -2.61 22.20
N LEU A 65 -4.82 -2.28 21.82
CA LEU A 65 -3.97 -1.44 22.66
C LEU A 65 -4.62 -0.08 22.95
N GLY A 66 -5.35 0.48 21.98
CA GLY A 66 -6.21 1.64 22.17
C GLY A 66 -5.69 2.86 21.42
N PHE A 67 -5.03 2.63 20.28
CA PHE A 67 -4.54 3.65 19.37
C PHE A 67 -5.32 3.58 18.07
N GLU A 68 -5.23 4.63 17.24
CA GLU A 68 -5.65 4.55 15.85
C GLU A 68 -4.39 4.42 15.01
N ALA A 69 -4.41 3.52 14.04
CA ALA A 69 -3.40 3.43 13.01
C ALA A 69 -4.14 3.38 11.69
N ALA A 70 -3.77 4.27 10.78
CA ALA A 70 -4.36 4.35 9.45
C ALA A 70 -3.29 4.66 8.43
N VAL A 71 -3.38 4.00 7.28
CA VAL A 71 -2.39 4.11 6.24
C VAL A 71 -2.32 5.55 5.75
N MET A 72 -1.11 5.97 5.40
CA MET A 72 -0.81 7.34 5.00
C MET A 72 -1.78 7.82 3.93
N GLU A 73 -2.06 6.94 2.97
CA GLU A 73 -3.08 7.05 1.94
C GLU A 73 -3.13 5.68 1.27
N ASP A 74 -1.94 5.34 0.79
CA ASP A 74 -1.57 4.26 -0.09
C ASP A 74 -1.46 2.92 0.64
N TYR A 75 -0.25 2.58 1.11
CA TYR A 75 0.22 1.33 1.67
C TYR A 75 1.75 1.21 1.55
N ALA A 76 2.35 1.26 0.35
CA ALA A 76 3.75 0.92 0.08
C ALA A 76 4.10 0.75 -1.39
N GLY A 77 3.82 -0.41 -1.96
CA GLY A 77 4.29 -0.75 -3.28
C GLY A 77 5.67 -1.39 -3.22
N SER A 78 5.68 -2.73 -3.20
CA SER A 78 6.89 -3.50 -3.39
C SER A 78 6.65 -4.69 -4.32
N ASP A 79 5.85 -5.67 -3.89
CA ASP A 79 5.66 -6.93 -4.58
C ASP A 79 4.22 -7.38 -4.34
N GLY A 80 3.54 -7.88 -5.37
CA GLY A 80 2.20 -8.41 -5.26
C GLY A 80 1.24 -7.24 -5.39
N ASN A 81 1.34 -6.36 -4.40
CA ASN A 81 0.61 -5.11 -4.32
C ASN A 81 1.55 -3.96 -4.70
N ILE A 82 1.32 -3.35 -5.86
CA ILE A 82 2.09 -2.18 -6.29
C ILE A 82 1.17 -1.02 -6.63
N GLU A 83 1.57 0.18 -6.21
CA GLU A 83 0.85 1.42 -6.42
C GLU A 83 1.62 2.26 -7.41
N LEU A 84 0.91 2.94 -8.30
CA LEU A 84 1.50 3.87 -9.23
C LEU A 84 0.59 5.07 -9.41
N THR A 85 1.17 6.18 -9.82
CA THR A 85 0.48 7.44 -10.00
C THR A 85 0.16 7.51 -11.49
N ILE A 86 -1.13 7.63 -11.84
CA ILE A 86 -1.57 7.75 -13.24
C ILE A 86 -1.85 9.20 -13.56
N THR A 87 -1.15 9.75 -14.55
CA THR A 87 -1.33 11.13 -14.99
C THR A 87 -2.06 11.14 -16.34
N GLY A 88 -2.94 12.12 -16.55
CA GLY A 88 -3.70 12.30 -17.79
C GLY A 88 -5.21 12.08 -17.60
N MET A 89 -5.58 11.27 -16.61
CA MET A 89 -6.95 10.80 -16.46
C MET A 89 -7.91 11.94 -16.09
N THR A 90 -8.77 12.32 -17.05
CA THR A 90 -9.64 13.50 -16.95
C THR A 90 -11.13 13.11 -17.00
N CYS A 91 -11.48 11.81 -16.97
CA CYS A 91 -12.88 11.38 -17.02
C CYS A 91 -13.05 9.92 -16.56
N ALA A 92 -14.22 9.61 -16.00
CA ALA A 92 -14.54 8.29 -15.48
C ALA A 92 -14.49 7.23 -16.58
N SER A 93 -14.83 7.60 -17.82
CA SER A 93 -14.67 6.71 -18.96
C SER A 93 -13.22 6.18 -19.04
N CYS A 94 -12.24 7.06 -18.77
CA CYS A 94 -10.85 6.66 -18.80
C CYS A 94 -10.54 5.75 -17.61
N VAL A 95 -11.08 6.04 -16.42
CA VAL A 95 -11.00 5.12 -15.28
C VAL A 95 -11.46 3.72 -15.71
N HIS A 96 -12.69 3.63 -16.23
CA HIS A 96 -13.30 2.36 -16.62
C HIS A 96 -12.44 1.67 -17.67
N ASN A 97 -11.98 2.43 -18.68
CA ASN A 97 -11.16 1.89 -19.76
C ASN A 97 -9.85 1.33 -19.22
N ILE A 98 -9.14 2.12 -18.40
CA ILE A 98 -7.91 1.68 -17.77
C ILE A 98 -8.17 0.40 -16.97
N GLU A 99 -9.24 0.39 -16.17
CA GLU A 99 -9.62 -0.77 -15.39
C GLU A 99 -9.79 -1.96 -16.33
N SER A 100 -10.55 -1.78 -17.41
CA SER A 100 -10.77 -2.80 -18.42
C SER A 100 -9.42 -3.35 -18.92
N LYS A 101 -8.50 -2.46 -19.30
CA LYS A 101 -7.18 -2.86 -19.76
C LYS A 101 -6.41 -3.61 -18.68
N LEU A 102 -6.47 -3.14 -17.44
CA LEU A 102 -5.71 -3.75 -16.37
C LEU A 102 -6.28 -5.13 -16.12
N THR A 103 -7.57 -5.24 -15.84
CA THR A 103 -8.25 -6.51 -15.66
C THR A 103 -8.08 -7.46 -16.86
N ARG A 104 -7.68 -6.94 -18.03
CA ARG A 104 -7.31 -7.77 -19.19
C ARG A 104 -6.01 -8.57 -18.94
N THR A 105 -5.24 -8.21 -17.92
CA THR A 105 -3.98 -8.82 -17.53
C THR A 105 -4.26 -10.09 -16.73
N ASN A 106 -3.29 -11.02 -16.77
CA ASN A 106 -3.43 -12.35 -16.19
C ASN A 106 -3.51 -12.29 -14.67
N GLY A 107 -2.44 -11.85 -14.02
CA GLY A 107 -2.33 -11.88 -12.57
C GLY A 107 -3.20 -10.84 -11.88
N ILE A 108 -3.39 -9.67 -12.51
CA ILE A 108 -4.07 -8.57 -11.84
C ILE A 108 -5.47 -9.00 -11.42
N THR A 109 -5.71 -9.11 -10.12
CA THR A 109 -6.95 -9.66 -9.59
C THR A 109 -7.90 -8.53 -9.18
N TYR A 110 -7.37 -7.48 -8.56
CA TYR A 110 -8.13 -6.27 -8.34
C TYR A 110 -7.24 -5.05 -8.57
N ALA A 111 -7.62 -4.19 -9.51
CA ALA A 111 -7.07 -2.86 -9.67
C ALA A 111 -8.07 -1.84 -9.13
N SER A 112 -7.59 -0.80 -8.44
CA SER A 112 -8.41 0.35 -8.05
C SER A 112 -7.63 1.61 -8.40
N VAL A 113 -8.16 2.44 -9.32
CA VAL A 113 -7.55 3.70 -9.74
C VAL A 113 -8.42 4.86 -9.27
N ALA A 114 -7.83 5.93 -8.70
CA ALA A 114 -8.63 7.01 -8.11
C ALA A 114 -8.11 8.39 -8.54
N LEU A 115 -8.63 8.91 -9.64
CA LEU A 115 -8.14 10.10 -10.32
C LEU A 115 -8.21 11.37 -9.48
N ALA A 116 -9.12 11.40 -8.49
CA ALA A 116 -9.20 12.51 -7.55
C ALA A 116 -7.88 12.68 -6.79
N THR A 117 -7.19 11.55 -6.57
CA THR A 117 -5.93 11.47 -5.85
C THR A 117 -4.78 11.02 -6.77
N SER A 118 -5.10 10.52 -7.97
CA SER A 118 -4.16 10.12 -9.01
C SER A 118 -3.34 8.87 -8.68
N LYS A 119 -3.73 8.07 -7.67
CA LYS A 119 -3.06 6.79 -7.41
C LYS A 119 -3.84 5.70 -8.10
N ALA A 120 -3.16 4.58 -8.35
CA ALA A 120 -3.75 3.34 -8.78
C ALA A 120 -3.05 2.19 -8.07
N LEU A 121 -3.83 1.35 -7.38
CA LEU A 121 -3.37 0.18 -6.66
C LEU A 121 -3.60 -1.02 -7.57
N VAL A 122 -2.55 -1.70 -8.03
CA VAL A 122 -2.67 -2.98 -8.73
C VAL A 122 -2.22 -4.16 -7.85
N LYS A 123 -3.00 -5.24 -7.84
CA LYS A 123 -2.71 -6.49 -7.15
C LYS A 123 -2.47 -7.60 -8.18
N PHE A 124 -1.23 -7.89 -8.55
CA PHE A 124 -0.89 -8.94 -9.52
C PHE A 124 0.07 -9.97 -8.91
N ASP A 125 0.36 -11.05 -9.64
CA ASP A 125 1.30 -12.08 -9.24
C ASP A 125 2.59 -11.92 -10.05
N PRO A 126 3.70 -11.49 -9.43
CA PRO A 126 4.94 -11.16 -10.14
C PRO A 126 5.69 -12.43 -10.55
N GLU A 127 5.11 -13.16 -11.50
CA GLU A 127 5.67 -14.37 -12.06
C GLU A 127 5.05 -14.62 -13.43
N ILE A 128 3.71 -14.53 -13.50
CA ILE A 128 2.97 -14.71 -14.73
C ILE A 128 2.94 -13.44 -15.55
N ILE A 129 3.02 -12.29 -14.87
CA ILE A 129 2.99 -10.98 -15.49
C ILE A 129 3.99 -10.08 -14.77
N GLY A 130 4.34 -8.95 -15.40
CA GLY A 130 5.32 -8.00 -14.88
C GLY A 130 4.90 -6.59 -15.29
N PRO A 131 5.43 -5.57 -14.60
CA PRO A 131 5.03 -4.19 -14.77
C PRO A 131 5.24 -3.71 -16.21
N ARG A 132 6.31 -4.13 -16.87
CA ARG A 132 6.65 -3.68 -18.21
C ARG A 132 5.49 -3.84 -19.19
N ASP A 133 4.71 -4.92 -19.07
CA ASP A 133 3.59 -5.13 -19.97
C ASP A 133 2.51 -4.09 -19.69
N ILE A 134 2.19 -3.88 -18.41
CA ILE A 134 1.22 -2.89 -17.99
C ILE A 134 1.64 -1.52 -18.50
N ILE A 135 2.94 -1.21 -18.34
CA ILE A 135 3.54 -0.01 -18.90
C ILE A 135 3.26 0.04 -20.41
N LYS A 136 3.70 -0.93 -21.20
CA LYS A 136 3.49 -0.93 -22.64
C LYS A 136 2.02 -0.64 -22.98
N ILE A 137 1.09 -1.36 -22.33
CA ILE A 137 -0.33 -1.16 -22.52
C ILE A 137 -0.66 0.32 -22.30
N ILE A 138 -0.38 0.86 -21.10
CA ILE A 138 -0.79 2.23 -20.83
C ILE A 138 -0.05 3.26 -21.70
N GLU A 139 1.19 3.01 -22.10
CA GLU A 139 1.87 3.84 -23.09
C GLU A 139 1.11 3.83 -24.41
N GLU A 140 0.61 2.65 -24.80
CA GLU A 140 -0.16 2.48 -26.02
C GLU A 140 -1.47 3.28 -25.91
N ILE A 141 -2.07 3.30 -24.72
CA ILE A 141 -3.23 4.16 -24.48
C ILE A 141 -2.82 5.63 -24.56
N GLY A 142 -1.67 5.96 -23.94
CA GLY A 142 -1.16 7.30 -23.79
C GLY A 142 -1.36 7.83 -22.37
N PHE A 143 -1.34 6.95 -21.35
CA PHE A 143 -1.23 7.37 -19.95
C PHE A 143 0.23 7.19 -19.52
N HIS A 144 0.55 7.61 -18.30
CA HIS A 144 1.89 7.45 -17.74
C HIS A 144 1.68 7.06 -16.28
N ALA A 145 2.19 5.87 -15.93
CA ALA A 145 2.07 5.24 -14.62
C ALA A 145 3.44 5.26 -13.94
N SER A 146 3.61 6.07 -12.89
CA SER A 146 4.85 6.15 -12.13
C SER A 146 4.63 5.70 -10.70
N LEU A 147 5.23 4.58 -10.31
CA LEU A 147 5.32 4.07 -8.95
C LEU A 147 5.38 5.20 -7.92
N ALA A 148 4.34 5.27 -7.07
CA ALA A 148 3.99 6.47 -6.28
C ALA A 148 4.43 6.40 -4.81
N GLN A 149 5.32 5.49 -4.48
CA GLN A 149 5.77 5.24 -3.10
C GLN A 149 6.65 6.39 -2.57
N MET A 1 13.55 -11.93 3.36
CA MET A 1 12.20 -11.81 2.79
C MET A 1 12.12 -10.47 2.06
N ALA A 2 11.03 -10.20 1.33
CA ALA A 2 10.84 -8.97 0.58
C ALA A 2 10.53 -7.83 1.55
N PRO A 3 11.43 -6.85 1.75
CA PRO A 3 11.11 -5.73 2.61
C PRO A 3 10.14 -4.82 1.87
N GLN A 4 8.93 -4.72 2.39
CA GLN A 4 7.99 -3.70 2.00
C GLN A 4 8.07 -2.61 3.05
N LYS A 5 7.65 -1.40 2.69
CA LYS A 5 7.63 -0.22 3.54
C LYS A 5 6.22 0.32 3.50
N CYS A 6 5.77 0.95 4.59
CA CYS A 6 4.47 1.58 4.64
C CYS A 6 4.58 2.88 5.40
N PHE A 7 3.79 3.88 4.98
CA PHE A 7 3.74 5.18 5.61
C PHE A 7 2.38 5.31 6.27
N LEU A 8 2.33 5.29 7.61
CA LEU A 8 1.11 5.59 8.32
C LEU A 8 1.38 6.57 9.46
N GLN A 9 0.30 6.99 10.11
CA GLN A 9 0.37 7.87 11.26
C GLN A 9 -0.60 7.35 12.31
N ILE A 10 -0.14 7.36 13.56
CA ILE A 10 -0.90 6.89 14.69
C ILE A 10 -1.50 8.12 15.35
N LYS A 11 -2.82 8.12 15.56
CA LYS A 11 -3.48 9.20 16.28
C LYS A 11 -3.75 8.66 17.69
N GLY A 12 -2.95 9.12 18.66
CA GLY A 12 -3.05 8.72 20.05
C GLY A 12 -1.79 9.17 20.79
N MET A 13 -0.76 8.31 20.83
CA MET A 13 0.54 8.56 21.43
C MET A 13 0.44 9.17 22.84
N THR A 14 0.07 8.35 23.83
CA THR A 14 0.05 8.70 25.25
C THR A 14 1.42 9.16 25.78
N CYS A 15 2.50 8.97 25.01
CA CYS A 15 3.87 9.34 25.34
C CYS A 15 4.45 8.40 26.39
N ALA A 16 3.90 8.43 27.61
CA ALA A 16 4.28 7.68 28.80
C ALA A 16 5.23 6.51 28.50
N SER A 17 4.69 5.43 27.94
CA SER A 17 5.47 4.41 27.25
C SER A 17 4.61 3.69 26.19
N CYS A 18 3.48 4.27 25.75
CA CYS A 18 2.56 3.51 24.93
C CYS A 18 3.16 3.29 23.56
N VAL A 19 3.71 4.35 22.95
CA VAL A 19 4.41 4.24 21.67
C VAL A 19 5.52 3.18 21.76
N SER A 20 6.36 3.27 22.80
CA SER A 20 7.45 2.32 23.04
C SER A 20 6.92 0.88 23.11
N ASN A 21 5.87 0.66 23.90
CA ASN A 21 5.24 -0.64 23.98
C ASN A 21 4.76 -1.08 22.59
N ILE A 22 4.06 -0.18 21.87
CA ILE A 22 3.65 -0.37 20.49
C ILE A 22 4.82 -0.91 19.65
N GLU A 23 5.99 -0.27 19.71
CA GLU A 23 7.13 -0.71 18.93
C GLU A 23 7.44 -2.18 19.18
N ARG A 24 7.63 -2.52 20.46
CA ARG A 24 7.97 -3.89 20.85
C ARG A 24 6.88 -4.85 20.41
N ASN A 25 5.63 -4.45 20.60
CA ASN A 25 4.47 -5.24 20.22
C ASN A 25 4.53 -5.55 18.73
N LEU A 26 4.61 -4.54 17.87
CA LEU A 26 4.70 -4.76 16.44
C LEU A 26 5.92 -5.62 16.08
N GLN A 27 7.10 -5.35 16.64
CA GLN A 27 8.26 -6.23 16.42
C GLN A 27 7.98 -7.70 16.76
N LYS A 28 6.98 -7.98 17.59
CA LYS A 28 6.55 -9.35 17.87
C LYS A 28 5.16 -9.70 17.30
N GLU A 29 4.59 -8.90 16.40
CA GLU A 29 3.29 -9.21 15.83
C GLU A 29 3.38 -10.44 14.92
N ALA A 30 4.13 -10.33 13.82
CA ALA A 30 4.22 -11.40 12.81
C ALA A 30 5.41 -11.16 11.87
N GLY A 31 5.19 -11.10 10.56
CA GLY A 31 6.26 -10.92 9.58
C GLY A 31 6.97 -9.57 9.74
N VAL A 32 6.26 -8.58 10.31
CA VAL A 32 6.82 -7.27 10.56
C VAL A 32 7.97 -7.38 11.57
N LEU A 33 9.14 -6.85 11.20
CA LEU A 33 10.29 -6.82 12.09
C LEU A 33 11.07 -5.51 11.89
N SER A 34 10.36 -4.39 11.94
CA SER A 34 10.95 -3.07 11.78
C SER A 34 9.98 -2.04 12.36
N VAL A 35 10.51 -0.95 12.89
CA VAL A 35 9.74 0.15 13.41
C VAL A 35 10.49 1.45 13.11
N LEU A 36 9.82 2.46 12.53
CA LEU A 36 10.40 3.77 12.28
C LEU A 36 9.31 4.82 12.52
N VAL A 37 8.98 5.09 13.78
CA VAL A 37 8.08 6.19 14.11
C VAL A 37 8.91 7.39 14.52
N ALA A 38 8.31 8.57 14.44
CA ALA A 38 8.85 9.78 15.03
C ALA A 38 7.74 10.44 15.84
N LEU A 39 7.64 10.08 17.12
CA LEU A 39 6.76 10.68 18.10
C LEU A 39 6.94 12.22 18.12
N MET A 40 8.13 12.68 17.75
CA MET A 40 8.46 14.09 17.65
C MET A 40 7.55 14.83 16.68
N ALA A 41 7.21 14.19 15.55
CA ALA A 41 6.41 14.79 14.48
C ALA A 41 5.00 14.20 14.43
N GLY A 42 4.86 12.92 14.81
CA GLY A 42 3.62 12.17 14.81
C GLY A 42 3.49 11.36 13.53
N LYS A 43 4.41 10.42 13.29
CA LYS A 43 4.34 9.57 12.11
C LYS A 43 4.80 8.19 12.52
N ALA A 44 4.18 7.13 11.98
CA ALA A 44 4.63 5.75 12.14
C ALA A 44 4.89 5.11 10.77
N GLU A 45 6.16 5.03 10.39
CA GLU A 45 6.57 4.34 9.18
C GLU A 45 7.13 2.99 9.65
N ILE A 46 6.72 1.87 9.07
CA ILE A 46 7.31 0.58 9.39
C ILE A 46 7.55 -0.19 8.11
N LYS A 47 8.25 -1.32 8.23
CA LYS A 47 8.47 -2.27 7.15
C LYS A 47 7.86 -3.62 7.55
N TYR A 48 6.66 -3.90 7.02
CA TYR A 48 5.99 -5.19 7.14
C TYR A 48 6.18 -6.00 5.86
N ASP A 49 5.60 -7.20 5.82
CA ASP A 49 5.67 -8.13 4.70
C ASP A 49 4.27 -8.60 4.28
N PRO A 50 3.67 -8.08 3.19
CA PRO A 50 2.27 -8.24 2.84
C PRO A 50 1.85 -9.67 2.52
N GLU A 51 2.80 -10.61 2.40
CA GLU A 51 2.52 -12.02 2.17
C GLU A 51 2.42 -12.79 3.49
N VAL A 52 2.76 -12.18 4.63
CA VAL A 52 2.70 -12.81 5.95
C VAL A 52 1.78 -12.01 6.87
N ILE A 53 1.93 -10.69 6.91
CA ILE A 53 1.13 -9.80 7.74
C ILE A 53 0.34 -8.87 6.81
N GLN A 54 -0.89 -8.54 7.19
CA GLN A 54 -1.78 -7.68 6.43
C GLN A 54 -1.95 -6.35 7.17
N PRO A 55 -2.04 -5.23 6.43
CA PRO A 55 -2.16 -3.90 7.00
C PRO A 55 -3.40 -3.80 7.91
N LEU A 56 -4.51 -4.40 7.49
CA LEU A 56 -5.75 -4.43 8.25
C LEU A 56 -5.53 -5.17 9.59
N GLU A 57 -4.83 -6.31 9.54
CA GLU A 57 -4.51 -7.09 10.73
C GLU A 57 -3.63 -6.26 11.68
N ILE A 58 -2.67 -5.51 11.12
CA ILE A 58 -1.89 -4.54 11.88
C ILE A 58 -2.88 -3.65 12.60
N ALA A 59 -3.82 -3.08 11.84
CA ALA A 59 -4.73 -2.08 12.37
C ALA A 59 -5.49 -2.64 13.57
N GLN A 60 -5.99 -3.86 13.45
CA GLN A 60 -6.65 -4.57 14.55
C GLN A 60 -5.76 -4.54 15.80
N PHE A 61 -4.49 -4.91 15.66
CA PHE A 61 -3.54 -4.88 16.75
C PHE A 61 -3.54 -3.49 17.42
N ILE A 62 -3.45 -2.45 16.60
CA ILE A 62 -3.42 -1.08 17.09
C ILE A 62 -4.73 -0.70 17.80
N GLN A 63 -5.88 -1.15 17.26
CA GLN A 63 -7.17 -0.86 17.85
C GLN A 63 -7.28 -1.51 19.22
N ASP A 64 -6.86 -2.78 19.34
CA ASP A 64 -6.85 -3.49 20.60
C ASP A 64 -5.95 -2.76 21.61
N LEU A 65 -4.73 -2.43 21.18
CA LEU A 65 -3.81 -1.66 22.01
C LEU A 65 -4.43 -0.33 22.47
N GLY A 66 -5.15 0.35 21.58
CA GLY A 66 -6.04 1.46 21.94
C GLY A 66 -5.64 2.75 21.24
N PHE A 67 -5.14 2.65 20.02
CA PHE A 67 -4.75 3.79 19.19
C PHE A 67 -5.49 3.69 17.85
N GLU A 68 -5.56 4.80 17.10
CA GLU A 68 -6.04 4.77 15.73
C GLU A 68 -4.83 4.65 14.83
N ALA A 69 -4.87 3.70 13.89
CA ALA A 69 -3.89 3.51 12.85
C ALA A 69 -4.47 3.99 11.53
N ALA A 70 -3.95 5.10 10.98
CA ALA A 70 -4.42 5.61 9.69
C ALA A 70 -3.22 5.82 8.77
N VAL A 71 -3.21 5.07 7.67
CA VAL A 71 -2.21 5.10 6.62
C VAL A 71 -2.28 6.40 5.83
N MET A 72 -1.16 6.77 5.21
CA MET A 72 -1.07 7.91 4.30
C MET A 72 -1.41 7.50 2.86
N GLU A 73 -2.09 6.37 2.70
CA GLU A 73 -2.55 5.84 1.42
C GLU A 73 -1.41 5.10 0.73
N ASP A 74 -0.19 5.62 0.87
CA ASP A 74 1.06 4.92 0.60
C ASP A 74 1.28 3.78 1.62
N TYR A 75 0.43 2.76 1.51
CA TYR A 75 0.35 1.57 2.34
C TYR A 75 1.54 0.62 2.18
N ALA A 76 2.20 0.64 1.02
CA ALA A 76 3.20 -0.31 0.51
C ALA A 76 2.93 -0.41 -0.98
N GLY A 77 3.23 -1.56 -1.59
CA GLY A 77 3.02 -1.78 -2.99
C GLY A 77 4.32 -2.35 -3.57
N SER A 78 4.38 -3.67 -3.73
CA SER A 78 5.57 -4.31 -4.28
C SER A 78 5.25 -5.71 -4.81
N ASP A 79 4.70 -6.59 -3.96
CA ASP A 79 4.42 -7.98 -4.30
C ASP A 79 3.01 -8.31 -3.87
N GLY A 80 2.23 -8.98 -4.73
CA GLY A 80 0.88 -9.40 -4.43
C GLY A 80 -0.11 -8.23 -4.55
N ASN A 81 0.26 -7.08 -3.96
CA ASN A 81 -0.41 -5.82 -4.14
C ASN A 81 0.64 -4.80 -4.49
N ILE A 82 0.42 -4.05 -5.58
CA ILE A 82 1.29 -2.96 -6.02
C ILE A 82 0.40 -1.73 -6.18
N GLU A 83 1.00 -0.55 -6.05
CA GLU A 83 0.36 0.69 -6.37
C GLU A 83 1.24 1.50 -7.30
N LEU A 84 0.59 2.16 -8.26
CA LEU A 84 1.23 2.99 -9.25
C LEU A 84 0.45 4.29 -9.26
N THR A 85 1.10 5.41 -9.56
CA THR A 85 0.45 6.71 -9.68
C THR A 85 0.27 6.92 -11.16
N ILE A 86 -0.96 7.24 -11.57
CA ILE A 86 -1.32 7.40 -12.98
C ILE A 86 -1.32 8.89 -13.31
N THR A 87 -0.76 9.22 -14.47
CA THR A 87 -0.63 10.59 -14.95
C THR A 87 -1.19 10.69 -16.38
N GLY A 88 -2.28 11.44 -16.56
CA GLY A 88 -2.89 11.76 -17.85
C GLY A 88 -4.41 11.70 -17.78
N MET A 89 -4.94 10.74 -17.02
CA MET A 89 -6.36 10.55 -16.78
C MET A 89 -7.05 11.86 -16.44
N THR A 90 -8.03 12.26 -17.27
CA THR A 90 -8.78 13.50 -17.09
C THR A 90 -10.30 13.22 -17.17
N CYS A 91 -10.73 11.97 -17.01
CA CYS A 91 -12.15 11.61 -17.07
C CYS A 91 -12.36 10.19 -16.52
N ALA A 92 -13.44 9.95 -15.78
CA ALA A 92 -13.77 8.62 -15.26
C ALA A 92 -13.89 7.59 -16.40
N SER A 93 -14.34 8.04 -17.57
CA SER A 93 -14.36 7.20 -18.76
C SER A 93 -12.97 6.61 -19.02
N CYS A 94 -11.91 7.38 -18.78
CA CYS A 94 -10.56 6.88 -18.95
C CYS A 94 -10.33 5.73 -17.97
N VAL A 95 -10.65 5.94 -16.69
CA VAL A 95 -10.57 4.88 -15.68
C VAL A 95 -11.27 3.61 -16.17
N HIS A 96 -12.47 3.75 -16.74
CA HIS A 96 -13.22 2.61 -17.26
C HIS A 96 -12.41 1.91 -18.35
N ASN A 97 -11.87 2.67 -19.31
CA ASN A 97 -11.10 2.05 -20.37
C ASN A 97 -9.85 1.39 -19.80
N ILE A 98 -9.20 2.02 -18.83
CA ILE A 98 -7.96 1.53 -18.26
C ILE A 98 -8.25 0.20 -17.56
N GLU A 99 -9.22 0.20 -16.64
CA GLU A 99 -9.73 -0.95 -15.94
C GLU A 99 -10.04 -2.06 -16.94
N SER A 100 -10.79 -1.73 -18.00
CA SER A 100 -11.05 -2.66 -19.09
C SER A 100 -9.75 -3.30 -19.60
N LYS A 101 -8.71 -2.51 -19.91
CA LYS A 101 -7.45 -3.03 -20.39
C LYS A 101 -6.74 -3.89 -19.33
N LEU A 102 -6.59 -3.40 -18.11
CA LEU A 102 -5.84 -4.16 -17.10
C LEU A 102 -6.56 -5.47 -16.77
N THR A 103 -7.88 -5.42 -16.57
CA THR A 103 -8.71 -6.61 -16.38
C THR A 103 -8.65 -7.52 -17.60
N ARG A 104 -8.19 -7.01 -18.75
CA ARG A 104 -7.99 -7.81 -19.95
C ARG A 104 -6.84 -8.82 -19.77
N THR A 105 -5.94 -8.66 -18.78
CA THR A 105 -4.89 -9.60 -18.50
C THR A 105 -5.45 -10.89 -17.87
N ASN A 106 -4.56 -11.82 -17.51
CA ASN A 106 -4.90 -13.05 -16.80
C ASN A 106 -4.76 -12.89 -15.29
N GLY A 107 -3.61 -12.37 -14.83
CA GLY A 107 -3.25 -12.38 -13.42
C GLY A 107 -4.03 -11.35 -12.61
N ILE A 108 -4.20 -10.14 -13.15
CA ILE A 108 -4.80 -9.05 -12.39
C ILE A 108 -6.23 -9.45 -12.02
N THR A 109 -6.57 -9.39 -10.73
CA THR A 109 -7.87 -9.85 -10.24
C THR A 109 -8.74 -8.71 -9.75
N TYR A 110 -8.18 -7.80 -8.96
CA TYR A 110 -8.83 -6.54 -8.66
C TYR A 110 -7.78 -5.44 -8.75
N ALA A 111 -8.05 -4.42 -9.56
CA ALA A 111 -7.35 -3.15 -9.44
C ALA A 111 -8.37 -2.10 -9.06
N SER A 112 -7.90 -0.98 -8.51
CA SER A 112 -8.75 0.14 -8.16
C SER A 112 -7.96 1.42 -8.45
N VAL A 113 -8.33 2.10 -9.54
CA VAL A 113 -7.66 3.27 -10.08
C VAL A 113 -8.42 4.50 -9.61
N ALA A 114 -7.81 5.37 -8.79
CA ALA A 114 -8.49 6.52 -8.20
C ALA A 114 -7.84 7.83 -8.65
N LEU A 115 -8.52 8.55 -9.55
CA LEU A 115 -8.00 9.75 -10.19
C LEU A 115 -7.93 10.95 -9.23
N ALA A 116 -8.83 10.99 -8.25
CA ALA A 116 -8.88 12.07 -7.26
C ALA A 116 -7.56 12.18 -6.51
N THR A 117 -7.02 11.02 -6.13
CA THR A 117 -5.73 10.86 -5.49
C THR A 117 -4.62 10.71 -6.54
N SER A 118 -4.95 10.14 -7.70
CA SER A 118 -4.06 9.85 -8.81
C SER A 118 -3.21 8.60 -8.51
N LYS A 119 -3.67 7.74 -7.60
CA LYS A 119 -3.12 6.43 -7.33
C LYS A 119 -3.93 5.36 -8.04
N ALA A 120 -3.34 4.17 -8.20
CA ALA A 120 -4.04 2.97 -8.59
C ALA A 120 -3.47 1.81 -7.81
N LEU A 121 -4.33 1.00 -7.19
CA LEU A 121 -3.94 -0.24 -6.52
C LEU A 121 -4.17 -1.37 -7.51
N VAL A 122 -3.28 -2.37 -7.51
CA VAL A 122 -3.25 -3.46 -8.47
C VAL A 122 -2.92 -4.76 -7.74
N LYS A 123 -3.73 -5.81 -7.95
CA LYS A 123 -3.49 -7.13 -7.38
C LYS A 123 -3.30 -8.13 -8.51
N PHE A 124 -2.06 -8.57 -8.74
CA PHE A 124 -1.75 -9.67 -9.66
C PHE A 124 -0.95 -10.76 -8.94
N ASP A 125 -0.67 -11.85 -9.64
CA ASP A 125 0.19 -12.92 -9.16
C ASP A 125 1.60 -12.72 -9.75
N PRO A 126 2.61 -12.41 -8.92
CA PRO A 126 3.95 -12.05 -9.38
C PRO A 126 4.73 -13.29 -9.83
N GLU A 127 4.28 -13.89 -10.94
CA GLU A 127 4.90 -15.02 -11.57
C GLU A 127 4.37 -15.15 -13.01
N ILE A 128 3.05 -15.07 -13.17
CA ILE A 128 2.42 -15.23 -14.47
C ILE A 128 2.37 -13.92 -15.24
N ILE A 129 2.24 -12.80 -14.50
CA ILE A 129 2.23 -11.47 -15.07
C ILE A 129 3.26 -10.63 -14.30
N GLY A 130 3.65 -9.49 -14.87
CA GLY A 130 4.63 -8.59 -14.28
C GLY A 130 4.29 -7.16 -14.66
N PRO A 131 4.83 -6.17 -13.91
CA PRO A 131 4.47 -4.77 -14.06
C PRO A 131 4.79 -4.25 -15.46
N ARG A 132 5.88 -4.72 -16.06
CA ARG A 132 6.32 -4.23 -17.36
C ARG A 132 5.27 -4.42 -18.45
N ASP A 133 4.46 -5.49 -18.36
CA ASP A 133 3.39 -5.71 -19.33
C ASP A 133 2.35 -4.61 -19.17
N ILE A 134 1.93 -4.38 -17.91
CA ILE A 134 0.96 -3.35 -17.58
C ILE A 134 1.50 -2.00 -18.05
N ILE A 135 2.77 -1.72 -17.79
CA ILE A 135 3.47 -0.55 -18.29
C ILE A 135 3.29 -0.50 -19.81
N LYS A 136 3.74 -1.49 -20.59
CA LYS A 136 3.54 -1.48 -22.02
C LYS A 136 2.08 -1.15 -22.37
N ILE A 137 1.10 -1.85 -21.78
CA ILE A 137 -0.31 -1.64 -22.07
C ILE A 137 -0.67 -0.15 -21.88
N ILE A 138 -0.28 0.45 -20.75
CA ILE A 138 -0.59 1.86 -20.55
C ILE A 138 0.23 2.80 -21.44
N GLU A 139 1.47 2.46 -21.81
CA GLU A 139 2.22 3.18 -22.82
C GLU A 139 1.46 3.16 -24.15
N GLU A 140 0.86 2.01 -24.47
CA GLU A 140 0.11 1.76 -25.70
C GLU A 140 -1.07 2.72 -25.75
N ILE A 141 -1.67 3.02 -24.59
CA ILE A 141 -2.70 4.04 -24.47
C ILE A 141 -2.09 5.44 -24.50
N GLY A 142 -0.98 5.62 -23.79
CA GLY A 142 -0.31 6.89 -23.57
C GLY A 142 -0.59 7.44 -22.17
N PHE A 143 -0.79 6.56 -21.17
CA PHE A 143 -0.76 6.97 -19.77
C PHE A 143 0.63 6.62 -19.22
N HIS A 144 0.91 7.00 -17.96
CA HIS A 144 2.18 6.74 -17.30
C HIS A 144 1.80 6.27 -15.91
N ALA A 145 2.32 5.11 -15.49
CA ALA A 145 2.01 4.45 -14.23
C ALA A 145 3.31 4.30 -13.46
N SER A 146 3.58 5.17 -12.47
CA SER A 146 4.85 5.13 -11.76
C SER A 146 4.69 5.54 -10.30
N LEU A 147 4.96 4.65 -9.34
CA LEU A 147 5.03 5.00 -7.93
C LEU A 147 5.68 3.86 -7.14
N ALA A 148 4.89 3.03 -6.44
CA ALA A 148 5.37 2.00 -5.52
C ALA A 148 6.55 2.48 -4.67
N GLN A 149 6.49 3.74 -4.22
CA GLN A 149 7.66 4.36 -3.59
C GLN A 149 8.10 3.71 -2.27
N MET A 1 13.57 -13.64 1.79
CA MET A 1 12.30 -13.59 1.04
C MET A 1 12.16 -12.17 0.49
N ALA A 2 11.01 -11.81 -0.09
CA ALA A 2 10.73 -10.44 -0.53
C ALA A 2 10.09 -9.68 0.64
N PRO A 3 10.76 -8.67 1.24
CA PRO A 3 10.20 -7.87 2.32
C PRO A 3 9.36 -6.74 1.73
N GLN A 4 8.33 -6.29 2.46
CA GLN A 4 7.43 -5.24 2.00
C GLN A 4 7.06 -4.34 3.17
N LYS A 5 6.95 -3.04 2.89
CA LYS A 5 6.54 -2.07 3.90
C LYS A 5 5.05 -1.77 3.77
N CYS A 6 4.43 -1.38 4.88
CA CYS A 6 3.08 -0.82 4.89
C CYS A 6 3.14 0.58 5.48
N PHE A 7 2.42 1.51 4.85
CA PHE A 7 2.41 2.93 5.15
C PHE A 7 1.15 3.26 5.95
N LEU A 8 1.29 3.46 7.25
CA LEU A 8 0.19 3.95 8.07
C LEU A 8 0.61 5.18 8.86
N GLN A 9 -0.34 5.74 9.59
CA GLN A 9 -0.09 6.87 10.45
C GLN A 9 -0.87 6.67 11.74
N ILE A 10 -0.20 6.96 12.85
CA ILE A 10 -0.66 6.63 14.17
C ILE A 10 -1.40 7.85 14.69
N LYS A 11 -2.68 7.65 15.02
CA LYS A 11 -3.56 8.65 15.57
C LYS A 11 -3.66 8.28 17.06
N GLY A 12 -2.94 9.02 17.90
CA GLY A 12 -2.84 8.78 19.34
C GLY A 12 -1.74 9.66 19.94
N MET A 13 -0.50 9.17 19.96
CA MET A 13 0.69 9.85 20.45
C MET A 13 0.49 10.51 21.83
N THR A 14 0.50 9.72 22.91
CA THR A 14 0.34 10.21 24.25
C THR A 14 1.50 11.10 24.67
N CYS A 15 2.74 10.57 24.64
CA CYS A 15 3.87 11.32 25.18
C CYS A 15 5.20 10.68 24.76
N ALA A 16 5.33 10.41 23.46
CA ALA A 16 6.50 9.75 22.89
C ALA A 16 6.90 8.50 23.69
N SER A 17 5.88 7.79 24.19
CA SER A 17 6.04 6.66 25.10
C SER A 17 5.23 5.48 24.57
N CYS A 18 3.94 5.68 24.26
CA CYS A 18 3.13 4.54 23.87
C CYS A 18 3.59 4.03 22.51
N VAL A 19 3.86 4.93 21.56
CA VAL A 19 4.43 4.56 20.27
C VAL A 19 5.75 3.80 20.50
N SER A 20 6.50 4.27 21.49
CA SER A 20 7.80 3.72 21.84
C SER A 20 7.67 2.28 22.35
N ASN A 21 6.68 1.98 23.20
CA ASN A 21 6.44 0.59 23.58
C ASN A 21 5.84 -0.22 22.43
N ILE A 22 4.95 0.38 21.64
CA ILE A 22 4.36 -0.21 20.45
C ILE A 22 5.47 -0.80 19.56
N GLU A 23 6.59 -0.09 19.37
CA GLU A 23 7.77 -0.62 18.68
C GLU A 23 8.07 -2.08 19.06
N ARG A 24 8.24 -2.31 20.37
CA ARG A 24 8.63 -3.62 20.91
C ARG A 24 7.50 -4.63 20.74
N ASN A 25 6.25 -4.13 20.69
CA ASN A 25 5.07 -4.96 20.47
C ASN A 25 5.10 -5.46 19.03
N LEU A 26 5.15 -4.56 18.04
CA LEU A 26 5.14 -4.99 16.64
C LEU A 26 6.31 -5.90 16.35
N GLN A 27 7.50 -5.59 16.90
CA GLN A 27 8.67 -6.44 16.74
C GLN A 27 8.40 -7.89 17.11
N LYS A 28 7.40 -8.14 17.96
CA LYS A 28 7.04 -9.47 18.40
C LYS A 28 5.54 -9.74 18.20
N GLU A 29 4.90 -9.05 17.25
CA GLU A 29 3.50 -9.30 16.92
C GLU A 29 3.41 -10.58 16.08
N ALA A 30 4.09 -10.62 14.93
CA ALA A 30 4.06 -11.76 14.03
C ALA A 30 5.24 -11.70 13.05
N GLY A 31 5.01 -11.88 11.75
CA GLY A 31 6.06 -11.88 10.73
C GLY A 31 6.68 -10.51 10.48
N VAL A 32 6.19 -9.46 11.14
CA VAL A 32 6.75 -8.12 11.08
C VAL A 32 7.98 -8.03 12.00
N LEU A 33 9.14 -7.68 11.43
CA LEU A 33 10.38 -7.50 12.18
C LEU A 33 11.06 -6.20 11.75
N SER A 34 10.32 -5.10 11.75
CA SER A 34 10.86 -3.76 11.59
C SER A 34 9.79 -2.81 12.12
N VAL A 35 10.21 -1.65 12.63
CA VAL A 35 9.32 -0.54 12.89
C VAL A 35 10.07 0.72 12.50
N LEU A 36 9.52 1.54 11.61
CA LEU A 36 10.06 2.87 11.34
C LEU A 36 8.96 3.92 11.40
N VAL A 37 8.71 4.44 12.61
CA VAL A 37 7.81 5.56 12.83
C VAL A 37 8.65 6.84 12.92
N ALA A 38 8.17 7.92 12.32
CA ALA A 38 8.63 9.25 12.61
C ALA A 38 7.50 9.94 13.36
N LEU A 39 7.62 10.02 14.69
CA LEU A 39 6.75 10.82 15.55
C LEU A 39 6.82 12.30 15.10
N MET A 40 7.99 12.72 14.63
CA MET A 40 8.27 14.10 14.18
C MET A 40 7.31 14.51 13.08
N ALA A 41 7.23 13.70 12.02
CA ALA A 41 6.39 13.96 10.86
C ALA A 41 4.99 13.36 11.05
N GLY A 42 4.87 12.33 11.88
CA GLY A 42 3.63 11.62 12.17
C GLY A 42 3.34 10.56 11.12
N LYS A 43 4.27 9.62 10.91
CA LYS A 43 4.07 8.51 10.00
C LYS A 43 4.57 7.25 10.68
N ALA A 44 3.84 6.13 10.54
CA ALA A 44 4.31 4.79 10.90
C ALA A 44 4.45 3.95 9.63
N GLU A 45 5.70 3.72 9.20
CA GLU A 45 6.01 2.68 8.26
C GLU A 45 6.54 1.49 9.07
N ILE A 46 6.24 0.26 8.66
CA ILE A 46 6.90 -0.94 9.16
C ILE A 46 7.14 -1.85 7.97
N LYS A 47 7.88 -2.95 8.17
CA LYS A 47 7.97 -4.04 7.20
C LYS A 47 7.37 -5.32 7.78
N TYR A 48 6.25 -5.74 7.21
CA TYR A 48 5.53 -6.96 7.54
C TYR A 48 5.75 -8.02 6.46
N ASP A 49 5.28 -9.24 6.74
CA ASP A 49 5.34 -10.38 5.83
C ASP A 49 3.91 -10.82 5.47
N PRO A 50 3.43 -10.54 4.24
CA PRO A 50 2.02 -10.51 3.88
C PRO A 50 1.37 -11.88 3.85
N GLU A 51 2.16 -12.95 3.88
CA GLU A 51 1.65 -14.32 3.95
C GLU A 51 1.65 -14.84 5.40
N VAL A 52 2.06 -14.01 6.38
CA VAL A 52 2.09 -14.37 7.79
C VAL A 52 1.17 -13.43 8.57
N ILE A 53 1.31 -12.13 8.36
CA ILE A 53 0.53 -11.08 9.01
C ILE A 53 -0.20 -10.29 7.93
N GLN A 54 -1.37 -9.75 8.29
CA GLN A 54 -2.21 -8.93 7.44
C GLN A 54 -2.32 -7.57 8.13
N PRO A 55 -2.27 -6.47 7.36
CA PRO A 55 -2.21 -5.12 7.90
C PRO A 55 -3.38 -4.82 8.86
N LEU A 56 -4.58 -5.31 8.52
CA LEU A 56 -5.76 -5.23 9.39
C LEU A 56 -5.45 -5.76 10.80
N GLU A 57 -4.76 -6.90 10.87
CA GLU A 57 -4.47 -7.56 12.13
C GLU A 57 -3.57 -6.66 12.99
N ILE A 58 -2.62 -6.00 12.32
CA ILE A 58 -1.79 -4.97 12.93
C ILE A 58 -2.70 -3.94 13.54
N ALA A 59 -3.65 -3.43 12.75
CA ALA A 59 -4.50 -2.35 13.16
C ALA A 59 -5.27 -2.73 14.43
N GLN A 60 -5.82 -3.94 14.45
CA GLN A 60 -6.44 -4.52 15.63
C GLN A 60 -5.48 -4.48 16.82
N PHE A 61 -4.23 -4.88 16.62
CA PHE A 61 -3.24 -4.88 17.70
C PHE A 61 -3.09 -3.46 18.26
N ILE A 62 -2.94 -2.47 17.37
CA ILE A 62 -2.84 -1.07 17.77
C ILE A 62 -4.09 -0.63 18.55
N GLN A 63 -5.28 -1.01 18.08
CA GLN A 63 -6.54 -0.70 18.74
C GLN A 63 -6.63 -1.36 20.11
N ASP A 64 -6.16 -2.60 20.26
CA ASP A 64 -6.12 -3.29 21.53
C ASP A 64 -5.19 -2.54 22.50
N LEU A 65 -4.00 -2.15 22.01
CA LEU A 65 -3.10 -1.29 22.76
C LEU A 65 -3.75 0.06 23.12
N GLY A 66 -4.58 0.60 22.22
CA GLY A 66 -5.48 1.72 22.50
C GLY A 66 -5.17 2.94 21.64
N PHE A 67 -4.56 2.73 20.46
CA PHE A 67 -4.24 3.76 19.49
C PHE A 67 -5.04 3.51 18.21
N GLU A 68 -5.19 4.53 17.37
CA GLU A 68 -5.83 4.37 16.07
C GLU A 68 -4.75 4.21 15.01
N ALA A 69 -4.78 3.06 14.33
CA ALA A 69 -3.90 2.73 13.22
C ALA A 69 -4.65 3.00 11.93
N ALA A 70 -4.51 4.22 11.41
CA ALA A 70 -5.13 4.59 10.16
C ALA A 70 -4.05 4.46 9.09
N VAL A 71 -4.09 3.32 8.41
CA VAL A 71 -3.32 3.04 7.22
C VAL A 71 -3.70 4.03 6.12
N MET A 72 -2.78 4.24 5.18
CA MET A 72 -3.13 4.97 3.97
C MET A 72 -4.28 4.25 3.27
N GLU A 73 -4.13 2.93 3.09
CA GLU A 73 -5.20 2.09 2.54
C GLU A 73 -4.88 0.59 2.62
N ASP A 74 -3.97 0.14 3.50
CA ASP A 74 -3.47 -1.25 3.57
C ASP A 74 -2.69 -1.73 2.36
N TYR A 75 -2.82 -1.02 1.24
CA TYR A 75 -2.37 -1.44 -0.08
C TYR A 75 -0.87 -1.84 0.01
N ALA A 76 -0.07 -0.97 0.62
CA ALA A 76 1.25 -1.28 1.13
C ALA A 76 2.23 -1.62 0.00
N GLY A 77 2.72 -2.85 -0.02
CA GLY A 77 3.48 -3.48 -1.10
C GLY A 77 2.83 -4.80 -1.44
N SER A 78 2.54 -5.61 -0.41
CA SER A 78 1.64 -6.76 -0.39
C SER A 78 1.56 -7.54 -1.70
N ASP A 79 2.73 -7.76 -2.27
CA ASP A 79 3.05 -8.74 -3.29
C ASP A 79 2.14 -8.63 -4.51
N GLY A 80 2.56 -7.75 -5.42
CA GLY A 80 1.85 -7.29 -6.56
C GLY A 80 0.84 -6.23 -6.15
N ASN A 81 0.81 -5.82 -4.87
CA ASN A 81 -0.13 -4.79 -4.41
C ASN A 81 0.60 -3.47 -4.43
N ILE A 82 0.88 -2.96 -5.62
CA ILE A 82 1.61 -1.72 -5.77
C ILE A 82 0.64 -0.64 -6.27
N GLU A 83 1.02 0.63 -6.10
CA GLU A 83 0.25 1.75 -6.57
C GLU A 83 1.07 2.56 -7.55
N LEU A 84 0.37 3.17 -8.51
CA LEU A 84 0.92 4.10 -9.46
C LEU A 84 0.02 5.32 -9.50
N THR A 85 0.62 6.49 -9.73
CA THR A 85 -0.10 7.72 -9.94
C THR A 85 -0.18 7.91 -11.45
N ILE A 86 -1.39 8.11 -11.99
CA ILE A 86 -1.57 8.30 -13.43
C ILE A 86 -1.68 9.79 -13.72
N THR A 87 -0.98 10.23 -14.76
CA THR A 87 -1.03 11.58 -15.29
C THR A 87 -1.34 11.46 -16.79
N GLY A 88 -2.19 12.36 -17.30
CA GLY A 88 -2.66 12.37 -18.69
C GLY A 88 -4.19 12.40 -18.77
N MET A 89 -4.87 11.95 -17.70
CA MET A 89 -6.32 11.88 -17.62
C MET A 89 -7.03 13.19 -17.99
N THR A 90 -8.14 13.07 -18.73
CA THR A 90 -8.99 14.20 -19.10
C THR A 90 -10.48 13.79 -19.19
N CYS A 91 -10.85 12.59 -18.73
CA CYS A 91 -12.23 12.13 -18.75
C CYS A 91 -12.35 10.79 -18.04
N ALA A 92 -13.47 10.56 -17.34
CA ALA A 92 -13.72 9.32 -16.61
C ALA A 92 -13.64 8.09 -17.53
N SER A 93 -14.04 8.24 -18.79
CA SER A 93 -13.79 7.23 -19.83
C SER A 93 -12.36 6.70 -19.73
N CYS A 94 -11.37 7.60 -19.66
CA CYS A 94 -9.97 7.19 -19.63
C CYS A 94 -9.67 6.34 -18.38
N VAL A 95 -10.29 6.68 -17.25
CA VAL A 95 -10.11 5.95 -16.00
C VAL A 95 -10.68 4.55 -16.17
N HIS A 96 -11.95 4.45 -16.53
CA HIS A 96 -12.62 3.15 -16.68
C HIS A 96 -11.91 2.30 -17.74
N ASN A 97 -11.41 2.96 -18.78
CA ASN A 97 -10.60 2.37 -19.85
C ASN A 97 -9.28 1.82 -19.30
N ILE A 98 -8.55 2.62 -18.51
CA ILE A 98 -7.32 2.18 -17.87
C ILE A 98 -7.63 0.96 -16.99
N GLU A 99 -8.71 1.05 -16.22
CA GLU A 99 -9.21 -0.06 -15.42
C GLU A 99 -9.44 -1.29 -16.30
N SER A 100 -10.14 -1.15 -17.43
CA SER A 100 -10.26 -2.22 -18.41
C SER A 100 -8.88 -2.79 -18.79
N LYS A 101 -7.94 -1.92 -19.21
CA LYS A 101 -6.60 -2.34 -19.57
C LYS A 101 -5.90 -3.10 -18.45
N LEU A 102 -6.07 -2.66 -17.19
CA LEU A 102 -5.43 -3.31 -16.06
C LEU A 102 -6.11 -4.66 -15.87
N THR A 103 -7.42 -4.64 -15.60
CA THR A 103 -8.20 -5.83 -15.36
C THR A 103 -8.09 -6.87 -16.48
N ARG A 104 -7.70 -6.46 -17.69
CA ARG A 104 -7.40 -7.43 -18.75
C ARG A 104 -6.26 -8.39 -18.37
N THR A 105 -5.26 -7.92 -17.62
CA THR A 105 -4.11 -8.71 -17.22
C THR A 105 -4.54 -9.99 -16.46
N ASN A 106 -3.75 -11.05 -16.57
CA ASN A 106 -4.05 -12.36 -16.00
C ASN A 106 -3.99 -12.36 -14.47
N GLY A 107 -2.85 -11.95 -13.89
CA GLY A 107 -2.64 -12.06 -12.45
C GLY A 107 -3.44 -11.02 -11.68
N ILE A 108 -3.73 -9.88 -12.31
CA ILE A 108 -4.41 -8.79 -11.64
C ILE A 108 -5.78 -9.28 -11.16
N THR A 109 -6.03 -9.18 -9.85
CA THR A 109 -7.28 -9.65 -9.26
C THR A 109 -8.20 -8.50 -8.92
N TYR A 110 -7.66 -7.40 -8.38
CA TYR A 110 -8.43 -6.19 -8.17
C TYR A 110 -7.57 -4.98 -8.55
N ALA A 111 -8.04 -4.16 -9.50
CA ALA A 111 -7.50 -2.82 -9.70
C ALA A 111 -8.50 -1.83 -9.12
N SER A 112 -8.04 -0.82 -8.37
CA SER A 112 -8.88 0.34 -8.05
C SER A 112 -8.15 1.64 -8.41
N VAL A 113 -8.74 2.46 -9.28
CA VAL A 113 -8.19 3.74 -9.72
C VAL A 113 -9.05 4.92 -9.24
N ALA A 114 -8.47 5.75 -8.37
CA ALA A 114 -9.11 6.87 -7.70
C ALA A 114 -8.62 8.20 -8.30
N LEU A 115 -9.31 8.64 -9.35
CA LEU A 115 -9.00 9.81 -10.15
C LEU A 115 -8.96 11.08 -9.31
N ALA A 116 -9.80 11.16 -8.27
CA ALA A 116 -9.83 12.26 -7.32
C ALA A 116 -8.45 12.51 -6.70
N THR A 117 -7.67 11.44 -6.55
CA THR A 117 -6.32 11.46 -6.01
C THR A 117 -5.29 11.03 -7.09
N SER A 118 -5.74 10.71 -8.30
CA SER A 118 -4.91 10.28 -9.41
C SER A 118 -4.12 9.00 -9.11
N LYS A 119 -4.54 8.20 -8.11
CA LYS A 119 -3.87 6.98 -7.72
C LYS A 119 -4.52 5.76 -8.37
N ALA A 120 -3.73 4.73 -8.61
CA ALA A 120 -4.12 3.45 -9.16
C ALA A 120 -3.47 2.35 -8.32
N LEU A 121 -4.25 1.68 -7.48
CA LEU A 121 -3.86 0.57 -6.64
C LEU A 121 -4.13 -0.69 -7.45
N VAL A 122 -3.06 -1.36 -7.91
CA VAL A 122 -3.14 -2.55 -8.76
C VAL A 122 -2.61 -3.75 -7.97
N LYS A 123 -3.38 -4.84 -7.89
CA LYS A 123 -3.03 -6.04 -7.11
C LYS A 123 -2.84 -7.22 -8.04
N PHE A 124 -1.58 -7.63 -8.27
CA PHE A 124 -1.22 -8.68 -9.23
C PHE A 124 -0.42 -9.80 -8.57
N ASP A 125 0.01 -10.80 -9.35
CA ASP A 125 0.81 -11.91 -8.86
C ASP A 125 2.25 -11.69 -9.34
N PRO A 126 3.19 -11.30 -8.45
CA PRO A 126 4.51 -10.84 -8.84
C PRO A 126 5.44 -12.00 -9.18
N GLU A 127 5.09 -12.70 -10.25
CA GLU A 127 5.78 -13.86 -10.76
C GLU A 127 5.37 -14.08 -12.22
N ILE A 128 4.07 -14.04 -12.49
CA ILE A 128 3.51 -14.23 -13.80
C ILE A 128 3.47 -12.93 -14.58
N ILE A 129 3.28 -11.80 -13.89
CA ILE A 129 3.24 -10.47 -14.49
C ILE A 129 4.03 -9.49 -13.62
N GLY A 130 4.38 -8.34 -14.18
CA GLY A 130 5.16 -7.31 -13.50
C GLY A 130 4.66 -5.92 -13.89
N PRO A 131 5.07 -4.88 -13.15
CA PRO A 131 4.60 -3.52 -13.34
C PRO A 131 5.06 -2.95 -14.68
N ARG A 132 6.29 -3.28 -15.11
CA ARG A 132 6.86 -2.80 -16.36
C ARG A 132 5.89 -3.02 -17.52
N ASP A 133 5.20 -4.16 -17.54
CA ASP A 133 4.34 -4.55 -18.64
C ASP A 133 3.11 -3.65 -18.65
N ILE A 134 2.58 -3.31 -17.46
CA ILE A 134 1.51 -2.34 -17.30
C ILE A 134 1.98 -0.98 -17.78
N ILE A 135 3.16 -0.57 -17.33
CA ILE A 135 3.80 0.67 -17.76
C ILE A 135 3.83 0.70 -19.28
N LYS A 136 4.36 -0.34 -19.93
CA LYS A 136 4.41 -0.38 -21.38
C LYS A 136 3.01 -0.21 -22.00
N ILE A 137 2.03 -0.97 -21.51
CA ILE A 137 0.65 -0.84 -21.97
C ILE A 137 0.24 0.64 -21.94
N ILE A 138 0.36 1.28 -20.77
CA ILE A 138 -0.08 2.68 -20.68
C ILE A 138 0.79 3.64 -21.50
N GLU A 139 2.09 3.35 -21.68
CA GLU A 139 2.91 4.13 -22.62
C GLU A 139 2.34 4.01 -24.04
N GLU A 140 1.85 2.82 -24.40
CA GLU A 140 1.29 2.59 -25.72
C GLU A 140 -0.03 3.35 -25.88
N ILE A 141 -0.78 3.54 -24.78
CA ILE A 141 -1.89 4.48 -24.77
C ILE A 141 -1.35 5.92 -24.91
N GLY A 142 -0.30 6.23 -24.16
CA GLY A 142 0.31 7.55 -24.06
C GLY A 142 -0.03 8.23 -22.73
N PHE A 143 -0.18 7.44 -21.65
CA PHE A 143 -0.32 7.94 -20.30
C PHE A 143 1.01 7.84 -19.58
N HIS A 144 1.10 8.36 -18.36
CA HIS A 144 2.29 8.25 -17.52
C HIS A 144 1.83 7.67 -16.19
N ALA A 145 2.42 6.54 -15.79
CA ALA A 145 2.14 5.83 -14.55
C ALA A 145 3.38 5.85 -13.67
N SER A 146 3.40 6.74 -12.69
CA SER A 146 4.53 6.91 -11.79
C SER A 146 4.22 6.14 -10.49
N LEU A 147 4.79 4.94 -10.39
CA LEU A 147 4.70 4.04 -9.25
C LEU A 147 5.00 4.79 -7.95
N ALA A 148 3.95 5.20 -7.22
CA ALA A 148 4.06 5.95 -5.99
C ALA A 148 5.00 7.16 -6.14
N GLN A 149 4.90 7.89 -7.26
CA GLN A 149 5.81 8.99 -7.55
C GLN A 149 5.14 9.92 -8.56
N MET A 1 12.19 -15.44 2.34
CA MET A 1 10.79 -15.05 2.06
C MET A 1 10.85 -13.67 1.40
N ALA A 2 9.71 -13.00 1.24
CA ALA A 2 9.60 -11.74 0.52
C ALA A 2 9.17 -10.64 1.51
N PRO A 3 10.03 -9.68 1.86
CA PRO A 3 9.72 -8.63 2.82
C PRO A 3 8.89 -7.53 2.13
N GLN A 4 7.82 -7.08 2.78
CA GLN A 4 6.82 -6.22 2.17
C GLN A 4 6.68 -5.00 3.08
N LYS A 5 6.63 -3.79 2.53
CA LYS A 5 6.42 -2.58 3.31
C LYS A 5 4.95 -2.23 3.31
N CYS A 6 4.54 -1.56 4.38
CA CYS A 6 3.25 -0.90 4.45
C CYS A 6 3.46 0.48 5.06
N PHE A 7 2.85 1.49 4.43
CA PHE A 7 2.88 2.89 4.87
C PHE A 7 1.55 3.24 5.52
N LEU A 8 1.58 3.62 6.80
CA LEU A 8 0.41 4.10 7.52
C LEU A 8 0.76 5.26 8.45
N GLN A 9 -0.24 5.78 9.17
CA GLN A 9 -0.03 6.79 10.20
C GLN A 9 -0.77 6.34 11.45
N ILE A 10 -0.20 6.67 12.61
CA ILE A 10 -0.83 6.45 13.89
C ILE A 10 -1.40 7.79 14.35
N LYS A 11 -2.62 7.78 14.87
CA LYS A 11 -3.18 8.88 15.64
C LYS A 11 -3.25 8.42 17.10
N GLY A 12 -2.65 9.20 18.01
CA GLY A 12 -2.64 8.95 19.44
C GLY A 12 -1.49 9.69 20.12
N MET A 13 -0.28 9.12 20.05
CA MET A 13 0.97 9.64 20.63
C MET A 13 0.84 10.15 22.07
N THR A 14 0.82 9.24 23.04
CA THR A 14 0.79 9.58 24.45
C THR A 14 1.92 10.54 24.86
N CYS A 15 3.18 10.14 24.70
CA CYS A 15 4.31 10.95 25.18
C CYS A 15 5.63 10.39 24.65
N ALA A 16 5.82 10.51 23.32
CA ALA A 16 7.01 10.14 22.56
C ALA A 16 7.76 8.89 23.07
N SER A 17 7.00 7.86 23.45
CA SER A 17 7.50 6.67 24.13
C SER A 17 6.50 5.51 24.01
N CYS A 18 5.20 5.77 24.13
CA CYS A 18 4.22 4.69 24.13
C CYS A 18 4.09 4.06 22.73
N VAL A 19 4.15 4.89 21.68
CA VAL A 19 4.31 4.39 20.33
C VAL A 19 5.61 3.60 20.23
N SER A 20 6.64 4.03 20.96
CA SER A 20 7.88 3.27 21.02
C SER A 20 7.65 1.90 21.67
N ASN A 21 6.86 1.81 22.75
CA ASN A 21 6.47 0.51 23.32
C ASN A 21 5.78 -0.36 22.25
N ILE A 22 4.86 0.26 21.50
CA ILE A 22 4.18 -0.39 20.37
C ILE A 22 5.18 -1.12 19.45
N GLU A 23 6.42 -0.63 19.33
CA GLU A 23 7.46 -1.30 18.57
C GLU A 23 7.53 -2.79 18.89
N ARG A 24 7.77 -3.11 20.16
CA ARG A 24 8.00 -4.48 20.60
C ARG A 24 6.73 -5.31 20.55
N ASN A 25 5.58 -4.63 20.58
CA ASN A 25 4.31 -5.29 20.42
C ASN A 25 4.24 -5.82 18.98
N LEU A 26 4.38 -4.93 17.98
CA LEU A 26 4.31 -5.38 16.60
C LEU A 26 5.43 -6.35 16.26
N GLN A 27 6.65 -6.09 16.72
CA GLN A 27 7.76 -6.98 16.47
C GLN A 27 7.51 -8.41 16.95
N LYS A 28 6.52 -8.59 17.83
CA LYS A 28 6.10 -9.89 18.31
C LYS A 28 4.61 -10.13 18.06
N GLU A 29 4.02 -9.50 17.03
CA GLU A 29 2.66 -9.76 16.58
C GLU A 29 2.63 -11.01 15.70
N ALA A 30 3.33 -10.99 14.57
CA ALA A 30 3.26 -12.05 13.56
C ALA A 30 4.49 -11.98 12.65
N GLY A 31 4.32 -12.15 11.32
CA GLY A 31 5.43 -12.10 10.39
C GLY A 31 6.07 -10.71 10.29
N VAL A 32 5.36 -9.67 10.75
CA VAL A 32 5.90 -8.33 10.86
C VAL A 32 7.11 -8.31 11.81
N LEU A 33 8.27 -7.89 11.30
CA LEU A 33 9.47 -7.74 12.11
C LEU A 33 10.25 -6.51 11.67
N SER A 34 9.56 -5.37 11.57
CA SER A 34 10.18 -4.08 11.39
C SER A 34 9.18 -3.03 11.86
N VAL A 35 9.68 -1.97 12.46
CA VAL A 35 8.89 -0.86 12.96
C VAL A 35 9.67 0.37 12.57
N LEU A 36 9.14 1.19 11.65
CA LEU A 36 9.82 2.42 11.28
C LEU A 36 8.83 3.57 11.31
N VAL A 37 8.66 4.15 12.49
CA VAL A 37 7.89 5.37 12.67
C VAL A 37 8.84 6.56 12.67
N ALA A 38 8.28 7.72 12.35
CA ALA A 38 8.87 9.00 12.72
C ALA A 38 7.83 9.73 13.55
N LEU A 39 7.94 9.68 14.88
CA LEU A 39 7.02 10.41 15.75
C LEU A 39 7.12 11.92 15.52
N MET A 40 8.25 12.37 14.95
CA MET A 40 8.52 13.78 14.68
C MET A 40 7.69 14.28 13.50
N ALA A 41 7.50 13.44 12.48
CA ALA A 41 6.76 13.79 11.28
C ALA A 41 5.34 13.21 11.30
N GLY A 42 5.10 12.16 12.08
CA GLY A 42 3.82 11.50 12.23
C GLY A 42 3.57 10.50 11.10
N LYS A 43 4.42 9.46 11.00
CA LYS A 43 4.22 8.41 10.02
C LYS A 43 4.65 7.10 10.67
N ALA A 44 3.91 6.02 10.42
CA ALA A 44 4.34 4.65 10.70
C ALA A 44 4.48 3.87 9.40
N GLU A 45 5.69 3.54 8.95
CA GLU A 45 5.84 2.43 8.03
C GLU A 45 6.40 1.23 8.78
N ILE A 46 6.03 0.03 8.34
CA ILE A 46 6.53 -1.21 8.90
C ILE A 46 6.82 -2.15 7.72
N LYS A 47 7.33 -3.35 8.01
CA LYS A 47 7.37 -4.43 7.05
C LYS A 47 6.73 -5.69 7.62
N TYR A 48 5.55 -6.05 7.07
CA TYR A 48 4.82 -7.28 7.34
C TYR A 48 4.74 -8.17 6.10
N ASP A 49 4.07 -9.31 6.22
CA ASP A 49 3.82 -10.31 5.20
C ASP A 49 2.30 -10.53 5.03
N PRO A 50 1.68 -10.04 3.94
CA PRO A 50 0.23 -10.09 3.76
C PRO A 50 -0.31 -11.50 3.52
N GLU A 51 0.51 -12.55 3.72
CA GLU A 51 0.07 -13.92 3.69
C GLU A 51 -0.16 -14.44 5.13
N VAL A 52 0.42 -13.77 6.14
CA VAL A 52 0.28 -14.17 7.53
C VAL A 52 -0.52 -13.10 8.25
N ILE A 53 0.03 -11.90 8.39
CA ILE A 53 -0.65 -10.79 9.06
C ILE A 53 -1.38 -9.93 8.03
N GLN A 54 -2.58 -9.45 8.41
CA GLN A 54 -3.44 -8.60 7.59
C GLN A 54 -3.56 -7.22 8.23
N PRO A 55 -3.74 -6.16 7.41
CA PRO A 55 -3.84 -4.80 7.90
C PRO A 55 -5.08 -4.57 8.77
N LEU A 56 -6.09 -5.45 8.67
CA LEU A 56 -7.26 -5.41 9.56
C LEU A 56 -6.82 -5.84 10.96
N GLU A 57 -6.32 -7.07 11.09
CA GLU A 57 -5.92 -7.63 12.37
C GLU A 57 -4.82 -6.78 13.04
N ILE A 58 -3.92 -6.17 12.25
CA ILE A 58 -2.95 -5.22 12.76
C ILE A 58 -3.72 -4.17 13.56
N ALA A 59 -4.81 -3.68 12.97
CA ALA A 59 -5.59 -2.61 13.56
C ALA A 59 -6.16 -3.04 14.90
N GLN A 60 -6.57 -4.31 15.06
CA GLN A 60 -7.08 -4.79 16.33
C GLN A 60 -6.02 -4.64 17.41
N PHE A 61 -4.78 -5.03 17.09
CA PHE A 61 -3.66 -4.86 18.02
C PHE A 61 -3.58 -3.39 18.45
N ILE A 62 -3.54 -2.49 17.47
CA ILE A 62 -3.38 -1.06 17.76
C ILE A 62 -4.56 -0.50 18.58
N GLN A 63 -5.79 -0.88 18.21
CA GLN A 63 -7.01 -0.51 18.91
C GLN A 63 -6.97 -1.01 20.36
N ASP A 64 -6.54 -2.27 20.58
CA ASP A 64 -6.42 -2.86 21.91
C ASP A 64 -5.43 -2.03 22.73
N LEU A 65 -4.23 -1.85 22.17
CA LEU A 65 -3.19 -1.00 22.74
C LEU A 65 -3.74 0.39 23.10
N GLY A 66 -4.59 0.95 22.24
CA GLY A 66 -5.39 2.13 22.56
C GLY A 66 -5.00 3.30 21.67
N PHE A 67 -4.69 3.01 20.41
CA PHE A 67 -4.27 3.98 19.42
C PHE A 67 -5.11 3.75 18.16
N GLU A 68 -5.21 4.76 17.29
CA GLU A 68 -5.84 4.56 16.00
C GLU A 68 -4.74 4.37 14.97
N ALA A 69 -4.73 3.22 14.29
CA ALA A 69 -3.90 2.98 13.13
C ALA A 69 -4.75 3.21 11.90
N ALA A 70 -4.38 4.17 11.06
CA ALA A 70 -5.05 4.42 9.80
C ALA A 70 -3.99 4.56 8.72
N VAL A 71 -4.14 3.75 7.68
CA VAL A 71 -3.26 3.73 6.53
C VAL A 71 -3.29 5.08 5.80
N MET A 72 -2.17 5.40 5.13
CA MET A 72 -2.04 6.64 4.38
C MET A 72 -3.09 6.71 3.26
N GLU A 73 -3.54 5.53 2.84
CA GLU A 73 -4.57 5.11 1.90
C GLU A 73 -3.80 4.23 0.91
N ASP A 74 -2.77 4.80 0.30
CA ASP A 74 -1.96 4.11 -0.71
C ASP A 74 -0.81 3.31 -0.10
N TYR A 75 -1.15 2.32 0.72
CA TYR A 75 -0.15 1.50 1.41
C TYR A 75 1.00 1.07 0.50
N ALA A 76 0.66 0.39 -0.59
CA ALA A 76 1.58 -0.10 -1.60
C ALA A 76 2.79 -0.82 -1.01
N GLY A 77 3.85 -0.89 -1.82
CA GLY A 77 5.18 -1.28 -1.46
C GLY A 77 5.24 -2.65 -0.84
N SER A 78 4.30 -3.52 -1.20
CA SER A 78 4.33 -4.86 -0.67
C SER A 78 5.31 -5.67 -1.50
N ASP A 79 5.05 -5.78 -2.80
CA ASP A 79 5.70 -6.82 -3.62
C ASP A 79 5.31 -6.68 -5.08
N GLY A 80 4.20 -7.32 -5.48
CA GLY A 80 3.46 -6.96 -6.67
C GLY A 80 2.27 -6.09 -6.30
N ASN A 81 2.16 -5.69 -5.01
CA ASN A 81 1.27 -4.60 -4.67
C ASN A 81 2.09 -3.33 -4.61
N ILE A 82 1.82 -2.47 -5.57
CA ILE A 82 2.36 -1.13 -5.66
C ILE A 82 1.19 -0.19 -5.94
N GLU A 83 1.40 1.10 -5.68
CA GLU A 83 0.56 2.18 -6.14
C GLU A 83 1.29 2.92 -7.26
N LEU A 84 0.54 3.57 -8.14
CA LEU A 84 1.06 4.43 -9.18
C LEU A 84 0.17 5.64 -9.38
N THR A 85 0.77 6.75 -9.83
CA THR A 85 0.10 8.02 -10.08
C THR A 85 -0.14 8.11 -11.58
N ILE A 86 -1.34 8.47 -12.01
CA ILE A 86 -1.67 8.60 -13.41
C ILE A 86 -1.59 10.08 -13.81
N THR A 87 -0.79 10.40 -14.81
CA THR A 87 -0.64 11.76 -15.31
C THR A 87 -1.27 11.86 -16.70
N GLY A 88 -2.48 12.42 -16.76
CA GLY A 88 -3.24 12.64 -17.99
C GLY A 88 -4.71 12.29 -17.81
N MET A 89 -5.00 11.28 -17.00
CA MET A 89 -6.35 10.83 -16.71
C MET A 89 -7.22 11.95 -16.13
N THR A 90 -8.49 12.01 -16.54
CA THR A 90 -9.54 12.85 -15.99
C THR A 90 -10.87 12.14 -16.25
N CYS A 91 -11.23 11.22 -15.36
CA CYS A 91 -12.47 10.44 -15.40
C CYS A 91 -12.69 9.79 -16.78
N ALA A 92 -13.68 10.28 -17.54
CA ALA A 92 -14.07 9.75 -18.84
C ALA A 92 -14.22 8.23 -18.77
N SER A 93 -13.85 7.52 -19.84
CA SER A 93 -13.65 6.08 -19.77
C SER A 93 -12.20 5.78 -19.40
N CYS A 94 -11.40 6.77 -19.00
CA CYS A 94 -9.96 6.60 -18.89
C CYS A 94 -9.62 5.65 -17.75
N VAL A 95 -10.09 5.99 -16.54
CA VAL A 95 -9.98 5.16 -15.36
C VAL A 95 -10.48 3.75 -15.67
N HIS A 96 -11.63 3.65 -16.34
CA HIS A 96 -12.23 2.39 -16.69
C HIS A 96 -11.33 1.61 -17.65
N ASN A 97 -10.65 2.33 -18.55
CA ASN A 97 -9.68 1.75 -19.46
C ASN A 97 -8.51 1.17 -18.68
N ILE A 98 -7.89 1.96 -17.80
CA ILE A 98 -6.79 1.48 -16.98
C ILE A 98 -7.22 0.23 -16.22
N GLU A 99 -8.34 0.29 -15.50
CA GLU A 99 -8.83 -0.84 -14.75
C GLU A 99 -9.06 -2.02 -15.70
N SER A 100 -9.69 -1.80 -16.86
CA SER A 100 -9.87 -2.82 -17.88
C SER A 100 -8.53 -3.46 -18.26
N LYS A 101 -7.53 -2.67 -18.65
CA LYS A 101 -6.25 -3.17 -19.07
C LYS A 101 -5.58 -3.98 -17.95
N LEU A 102 -5.79 -3.59 -16.70
CA LEU A 102 -5.26 -4.36 -15.58
C LEU A 102 -6.06 -5.65 -15.47
N THR A 103 -7.36 -5.56 -15.25
CA THR A 103 -8.21 -6.73 -15.11
C THR A 103 -8.14 -7.68 -16.31
N ARG A 104 -7.66 -7.21 -17.47
CA ARG A 104 -7.37 -8.11 -18.59
C ARG A 104 -6.28 -9.15 -18.25
N THR A 105 -5.31 -8.79 -17.41
CA THR A 105 -4.24 -9.67 -16.98
C THR A 105 -4.78 -10.89 -16.22
N ASN A 106 -4.05 -12.00 -16.27
CA ASN A 106 -4.39 -13.24 -15.58
C ASN A 106 -4.22 -13.11 -14.06
N GLY A 107 -3.04 -12.67 -13.62
CA GLY A 107 -2.66 -12.69 -12.22
C GLY A 107 -3.34 -11.58 -11.44
N ILE A 108 -3.37 -10.38 -12.02
CA ILE A 108 -3.97 -9.23 -11.36
C ILE A 108 -5.46 -9.49 -11.15
N THR A 109 -5.94 -9.20 -9.96
CA THR A 109 -7.36 -9.26 -9.62
C THR A 109 -7.83 -7.94 -8.99
N TYR A 110 -6.98 -7.29 -8.19
CA TYR A 110 -7.33 -6.10 -7.42
C TYR A 110 -6.59 -4.93 -8.05
N ALA A 111 -7.24 -4.23 -9.00
CA ALA A 111 -6.86 -2.89 -9.40
C ALA A 111 -7.92 -1.97 -8.79
N SER A 112 -7.50 -0.85 -8.19
CA SER A 112 -8.41 0.14 -7.63
C SER A 112 -7.83 1.52 -7.95
N VAL A 113 -8.47 2.26 -8.87
CA VAL A 113 -8.00 3.53 -9.39
C VAL A 113 -8.74 4.68 -8.71
N ALA A 114 -8.08 5.41 -7.82
CA ALA A 114 -8.67 6.49 -7.03
C ALA A 114 -8.30 7.84 -7.65
N LEU A 115 -9.02 8.22 -8.69
CA LEU A 115 -8.83 9.48 -9.40
C LEU A 115 -8.87 10.69 -8.49
N ALA A 116 -9.58 10.59 -7.35
CA ALA A 116 -9.63 11.64 -6.35
C ALA A 116 -8.23 12.04 -5.88
N THR A 117 -7.33 11.05 -5.81
CA THR A 117 -5.93 11.22 -5.45
C THR A 117 -5.03 11.09 -6.70
N SER A 118 -5.59 10.72 -7.84
CA SER A 118 -4.90 10.51 -9.12
C SER A 118 -4.06 9.22 -9.12
N LYS A 119 -4.14 8.43 -8.05
CA LYS A 119 -3.41 7.21 -7.90
C LYS A 119 -4.25 5.99 -8.25
N ALA A 120 -3.57 4.87 -8.43
CA ALA A 120 -4.17 3.55 -8.54
C ALA A 120 -3.34 2.58 -7.72
N LEU A 121 -4.00 1.71 -6.96
CA LEU A 121 -3.39 0.61 -6.26
C LEU A 121 -3.62 -0.62 -7.14
N VAL A 122 -2.56 -1.39 -7.35
CA VAL A 122 -2.57 -2.59 -8.15
C VAL A 122 -2.00 -3.68 -7.25
N LYS A 123 -2.54 -4.90 -7.32
CA LYS A 123 -1.99 -6.09 -6.69
C LYS A 123 -1.79 -7.17 -7.75
N PHE A 124 -0.55 -7.32 -8.24
CA PHE A 124 -0.11 -8.37 -9.15
C PHE A 124 0.81 -9.34 -8.40
N ASP A 125 1.33 -10.35 -9.10
CA ASP A 125 2.25 -11.36 -8.57
C ASP A 125 3.59 -11.18 -9.29
N PRO A 126 4.68 -10.76 -8.61
CA PRO A 126 5.88 -10.26 -9.26
C PRO A 126 6.80 -11.39 -9.74
N GLU A 127 6.26 -12.25 -10.59
CA GLU A 127 6.96 -13.30 -11.30
C GLU A 127 6.31 -13.46 -12.68
N ILE A 128 4.99 -13.57 -12.73
CA ILE A 128 4.28 -13.83 -13.98
C ILE A 128 4.12 -12.56 -14.79
N ILE A 129 3.98 -11.43 -14.09
CA ILE A 129 3.81 -10.11 -14.70
C ILE A 129 4.64 -9.12 -13.89
N GLY A 130 4.90 -7.94 -14.48
CA GLY A 130 5.69 -6.89 -13.86
C GLY A 130 5.12 -5.53 -14.24
N PRO A 131 5.50 -4.47 -13.51
CA PRO A 131 4.94 -3.14 -13.69
C PRO A 131 5.22 -2.63 -15.10
N ARG A 132 6.43 -2.87 -15.62
CA ARG A 132 6.83 -2.46 -16.95
C ARG A 132 5.82 -2.83 -18.02
N ASP A 133 5.23 -4.02 -17.92
CA ASP A 133 4.27 -4.49 -18.91
C ASP A 133 3.06 -3.57 -18.90
N ILE A 134 2.54 -3.30 -17.70
CA ILE A 134 1.39 -2.44 -17.48
C ILE A 134 1.73 -1.04 -18.02
N ILE A 135 2.92 -0.53 -17.68
CA ILE A 135 3.41 0.75 -18.17
C ILE A 135 3.35 0.73 -19.71
N LYS A 136 3.95 -0.25 -20.37
CA LYS A 136 3.94 -0.36 -21.82
C LYS A 136 2.51 -0.33 -22.37
N ILE A 137 1.62 -1.13 -21.77
CA ILE A 137 0.22 -1.14 -22.17
C ILE A 137 -0.34 0.28 -22.10
N ILE A 138 -0.27 0.96 -20.95
CA ILE A 138 -0.87 2.29 -20.83
C ILE A 138 -0.16 3.35 -21.71
N GLU A 139 1.14 3.20 -21.94
CA GLU A 139 1.86 4.01 -22.93
C GLU A 139 1.23 3.86 -24.31
N GLU A 140 0.78 2.65 -24.65
CA GLU A 140 0.17 2.38 -25.94
C GLU A 140 -1.16 3.13 -26.04
N ILE A 141 -1.89 3.24 -24.93
CA ILE A 141 -3.09 4.07 -24.88
C ILE A 141 -2.69 5.54 -24.99
N GLY A 142 -1.61 5.90 -24.30
CA GLY A 142 -1.08 7.25 -24.20
C GLY A 142 -1.37 7.87 -22.84
N PHE A 143 -1.38 7.06 -21.77
CA PHE A 143 -1.35 7.57 -20.40
C PHE A 143 0.08 7.43 -19.87
N HIS A 144 0.32 7.91 -18.65
CA HIS A 144 1.61 7.83 -17.99
C HIS A 144 1.37 7.39 -16.56
N ALA A 145 2.03 6.31 -16.14
CA ALA A 145 1.91 5.72 -14.80
C ALA A 145 3.24 5.88 -14.06
N SER A 146 3.25 6.80 -13.09
CA SER A 146 4.38 7.12 -12.25
C SER A 146 4.22 6.40 -10.92
N LEU A 147 4.83 5.21 -10.80
CA LEU A 147 4.93 4.43 -9.57
C LEU A 147 5.36 5.32 -8.40
N ALA A 148 4.41 5.67 -7.53
CA ALA A 148 4.64 6.55 -6.40
C ALA A 148 5.43 7.81 -6.79
N GLN A 149 5.08 8.43 -7.92
CA GLN A 149 5.72 9.65 -8.37
C GLN A 149 4.68 10.51 -9.10
N MET A 1 12.77 -13.97 -1.29
CA MET A 1 11.43 -13.72 -1.85
C MET A 1 11.31 -12.21 -2.09
N ALA A 2 10.28 -11.54 -1.57
CA ALA A 2 9.98 -10.15 -1.85
C ALA A 2 9.52 -9.47 -0.56
N PRO A 3 10.39 -8.76 0.18
CA PRO A 3 10.03 -8.13 1.42
C PRO A 3 9.21 -6.86 1.13
N GLN A 4 8.05 -6.70 1.78
CA GLN A 4 7.19 -5.55 1.54
C GLN A 4 7.27 -4.62 2.74
N LYS A 5 7.45 -3.34 2.44
CA LYS A 5 7.48 -2.27 3.42
C LYS A 5 6.06 -1.71 3.45
N CYS A 6 5.65 -1.17 4.59
CA CYS A 6 4.32 -0.63 4.79
C CYS A 6 4.45 0.81 5.22
N PHE A 7 3.57 1.69 4.75
CA PHE A 7 3.66 3.12 5.00
C PHE A 7 2.37 3.58 5.64
N LEU A 8 2.37 3.75 6.96
CA LEU A 8 1.23 4.25 7.70
C LEU A 8 1.62 5.46 8.53
N GLN A 9 0.60 6.14 9.05
CA GLN A 9 0.73 7.19 10.04
C GLN A 9 -0.02 6.71 11.28
N ILE A 10 0.50 7.08 12.44
CA ILE A 10 -0.10 6.80 13.72
C ILE A 10 -0.79 8.06 14.20
N LYS A 11 -2.05 7.94 14.62
CA LYS A 11 -2.76 8.98 15.33
C LYS A 11 -3.13 8.39 16.69
N GLY A 12 -2.61 8.99 17.76
CA GLY A 12 -2.73 8.54 19.14
C GLY A 12 -1.64 9.19 19.98
N MET A 13 -0.56 8.44 20.26
CA MET A 13 0.62 8.88 21.00
C MET A 13 0.31 9.37 22.42
N THR A 14 0.05 8.44 23.35
CA THR A 14 -0.19 8.73 24.75
C THR A 14 0.86 9.67 25.34
N CYS A 15 2.16 9.29 25.32
CA CYS A 15 3.16 10.14 25.98
C CYS A 15 4.59 9.72 25.61
N ALA A 16 4.86 9.62 24.31
CA ALA A 16 6.16 9.21 23.78
C ALA A 16 6.70 7.93 24.45
N SER A 17 5.81 6.96 24.67
CA SER A 17 6.09 5.72 25.38
C SER A 17 5.17 4.59 24.89
N CYS A 18 3.88 4.87 24.68
CA CYS A 18 2.97 3.79 24.28
C CYS A 18 3.40 3.27 22.92
N VAL A 19 3.67 4.17 21.96
CA VAL A 19 4.19 3.79 20.66
C VAL A 19 5.47 2.96 20.83
N SER A 20 6.28 3.34 21.83
CA SER A 20 7.48 2.57 22.18
C SER A 20 7.14 1.18 22.72
N ASN A 21 6.00 1.01 23.40
CA ASN A 21 5.52 -0.30 23.81
C ASN A 21 5.03 -1.10 22.59
N ILE A 22 4.39 -0.41 21.65
CA ILE A 22 3.86 -0.98 20.42
C ILE A 22 5.00 -1.61 19.60
N GLU A 23 6.18 -0.94 19.54
CA GLU A 23 7.39 -1.51 18.95
C GLU A 23 7.61 -2.97 19.34
N ARG A 24 7.70 -3.24 20.64
CA ARG A 24 8.05 -4.56 21.16
C ARG A 24 6.96 -5.56 20.83
N ASN A 25 5.71 -5.12 20.95
CA ASN A 25 4.57 -5.92 20.57
C ASN A 25 4.73 -6.38 19.13
N LEU A 26 4.90 -5.45 18.20
CA LEU A 26 4.99 -5.79 16.79
C LEU A 26 6.23 -6.61 16.44
N GLN A 27 7.37 -6.34 17.09
CA GLN A 27 8.53 -7.21 17.01
C GLN A 27 8.20 -8.67 17.34
N LYS A 28 7.10 -8.92 18.06
CA LYS A 28 6.61 -10.25 18.33
C LYS A 28 5.17 -10.46 17.86
N GLU A 29 4.73 -9.78 16.79
CA GLU A 29 3.48 -10.12 16.12
C GLU A 29 3.67 -11.43 15.33
N ALA A 30 4.27 -11.35 14.13
CA ALA A 30 4.43 -12.50 13.24
C ALA A 30 5.52 -12.22 12.20
N GLY A 31 5.20 -12.12 10.91
CA GLY A 31 6.16 -11.87 9.85
C GLY A 31 6.73 -10.45 9.86
N VAL A 32 6.15 -9.55 10.67
CA VAL A 32 6.77 -8.27 10.96
C VAL A 32 8.14 -8.50 11.59
N LEU A 33 9.22 -8.02 10.95
CA LEU A 33 10.49 -7.87 11.64
C LEU A 33 11.17 -6.57 11.21
N SER A 34 10.43 -5.46 11.25
CA SER A 34 11.05 -4.15 11.25
C SER A 34 10.03 -3.18 11.80
N VAL A 35 10.52 -2.11 12.42
CA VAL A 35 9.77 -1.02 12.95
C VAL A 35 10.60 0.22 12.70
N LEU A 36 10.07 1.19 11.95
CA LEU A 36 10.72 2.47 11.77
C LEU A 36 9.61 3.50 11.84
N VAL A 37 9.35 3.99 13.05
CA VAL A 37 8.44 5.09 13.31
C VAL A 37 9.26 6.32 13.66
N ALA A 38 8.91 7.46 13.08
CA ALA A 38 9.36 8.75 13.56
C ALA A 38 8.18 9.38 14.29
N LEU A 39 8.19 9.35 15.62
CA LEU A 39 7.28 10.07 16.49
C LEU A 39 7.37 11.57 16.18
N MET A 40 8.56 12.05 15.81
CA MET A 40 8.83 13.47 15.59
C MET A 40 7.92 14.02 14.48
N ALA A 41 7.84 13.29 13.37
CA ALA A 41 7.03 13.66 12.20
C ALA A 41 5.65 13.00 12.25
N GLY A 42 5.54 11.86 12.94
CA GLY A 42 4.32 11.09 13.06
C GLY A 42 4.12 10.18 11.85
N LYS A 43 5.10 9.33 11.55
CA LYS A 43 5.03 8.43 10.42
C LYS A 43 5.55 7.07 10.86
N ALA A 44 4.79 6.01 10.60
CA ALA A 44 5.17 4.64 10.91
C ALA A 44 5.34 3.81 9.65
N GLU A 45 6.54 3.31 9.38
CA GLU A 45 6.71 2.22 8.43
C GLU A 45 7.20 0.96 9.15
N ILE A 46 6.69 -0.18 8.69
CA ILE A 46 7.13 -1.52 9.08
C ILE A 46 7.57 -2.23 7.80
N LYS A 47 8.24 -3.38 7.93
CA LYS A 47 8.53 -4.24 6.81
C LYS A 47 8.21 -5.68 7.17
N TYR A 48 7.09 -6.16 6.60
CA TYR A 48 6.60 -7.53 6.67
C TYR A 48 6.88 -8.30 5.38
N ASP A 49 6.37 -9.54 5.35
CA ASP A 49 6.41 -10.43 4.20
C ASP A 49 4.97 -10.55 3.67
N PRO A 50 4.72 -10.37 2.36
CA PRO A 50 3.37 -10.19 1.83
C PRO A 50 2.62 -11.52 1.64
N GLU A 51 2.75 -12.42 2.60
CA GLU A 51 2.12 -13.74 2.58
C GLU A 51 2.13 -14.35 3.98
N VAL A 52 2.21 -13.52 5.02
CA VAL A 52 2.34 -13.96 6.41
C VAL A 52 1.44 -13.07 7.25
N ILE A 53 1.57 -11.75 7.08
CA ILE A 53 0.73 -10.78 7.75
C ILE A 53 0.11 -9.86 6.69
N GLN A 54 -1.05 -9.29 7.00
CA GLN A 54 -1.81 -8.44 6.10
C GLN A 54 -2.07 -7.14 6.85
N PRO A 55 -2.35 -6.01 6.17
CA PRO A 55 -2.29 -4.71 6.80
C PRO A 55 -3.37 -4.59 7.88
N LEU A 56 -4.47 -5.32 7.72
CA LEU A 56 -5.49 -5.51 8.73
C LEU A 56 -4.89 -6.08 10.02
N GLU A 57 -4.00 -7.06 9.95
CA GLU A 57 -3.44 -7.72 11.12
C GLU A 57 -2.64 -6.73 11.95
N ILE A 58 -1.70 -6.04 11.31
CA ILE A 58 -1.01 -4.89 11.88
C ILE A 58 -2.04 -3.98 12.50
N ALA A 59 -3.03 -3.58 11.70
CA ALA A 59 -3.99 -2.59 12.13
C ALA A 59 -4.74 -3.06 13.38
N GLN A 60 -5.01 -4.36 13.47
CA GLN A 60 -5.76 -4.97 14.56
C GLN A 60 -5.04 -4.68 15.88
N PHE A 61 -3.71 -4.89 15.90
CA PHE A 61 -2.90 -4.54 17.07
C PHE A 61 -3.12 -3.07 17.42
N ILE A 62 -2.95 -2.17 16.46
CA ILE A 62 -3.03 -0.74 16.73
C ILE A 62 -4.41 -0.37 17.32
N GLN A 63 -5.47 -0.85 16.68
CA GLN A 63 -6.84 -0.65 17.14
C GLN A 63 -7.03 -1.22 18.56
N ASP A 64 -6.56 -2.44 18.83
CA ASP A 64 -6.69 -3.07 20.13
C ASP A 64 -5.99 -2.23 21.20
N LEU A 65 -4.74 -1.86 20.92
CA LEU A 65 -3.96 -0.96 21.76
C LEU A 65 -4.65 0.39 21.97
N GLY A 66 -5.47 0.81 21.00
CA GLY A 66 -6.37 1.96 21.15
C GLY A 66 -5.77 3.17 20.46
N PHE A 67 -5.11 2.93 19.33
CA PHE A 67 -4.48 3.91 18.47
C PHE A 67 -5.15 3.78 17.10
N GLU A 68 -5.03 4.80 16.24
CA GLU A 68 -5.42 4.68 14.85
C GLU A 68 -4.15 4.55 14.00
N ALA A 69 -4.08 3.48 13.20
CA ALA A 69 -3.14 3.37 12.09
C ALA A 69 -3.96 3.48 10.81
N ALA A 70 -3.61 4.46 9.98
CA ALA A 70 -4.12 4.58 8.62
C ALA A 70 -2.96 4.92 7.72
N VAL A 71 -3.13 4.60 6.44
CA VAL A 71 -2.04 4.54 5.51
C VAL A 71 -1.53 5.95 5.19
N MET A 72 -0.27 6.08 4.80
CA MET A 72 0.32 7.33 4.33
C MET A 72 0.02 7.56 2.85
N GLU A 73 -1.19 7.21 2.45
CA GLU A 73 -1.75 7.27 1.12
C GLU A 73 -1.06 6.28 0.14
N ASP A 74 0.28 6.27 0.09
CA ASP A 74 1.15 5.24 -0.49
C ASP A 74 0.58 3.81 -0.45
N TYR A 75 -0.07 3.45 0.67
CA TYR A 75 -0.80 2.22 0.85
C TYR A 75 0.12 1.07 1.24
N ALA A 76 1.05 0.68 0.36
CA ALA A 76 2.10 -0.32 0.56
C ALA A 76 2.10 -1.44 -0.47
N GLY A 77 1.34 -2.49 -0.18
CA GLY A 77 1.70 -3.83 -0.61
C GLY A 77 0.88 -4.88 0.13
N SER A 78 1.53 -5.89 0.68
CA SER A 78 0.90 -7.03 1.34
C SER A 78 0.13 -7.96 0.38
N ASP A 79 -0.40 -7.46 -0.73
CA ASP A 79 -1.04 -8.24 -1.80
C ASP A 79 -0.84 -7.50 -3.13
N GLY A 80 0.42 -7.18 -3.45
CA GLY A 80 0.85 -6.44 -4.63
C GLY A 80 -0.01 -5.20 -4.77
N ASN A 81 -0.16 -4.49 -3.65
CA ASN A 81 -1.15 -3.44 -3.44
C ASN A 81 -0.45 -2.10 -3.62
N ILE A 82 -0.11 -1.76 -4.85
CA ILE A 82 0.68 -0.56 -5.08
C ILE A 82 -0.28 0.49 -5.65
N GLU A 83 0.00 1.75 -5.35
CA GLU A 83 -0.80 2.87 -5.80
C GLU A 83 0.06 3.77 -6.68
N LEU A 84 -0.55 4.37 -7.70
CA LEU A 84 0.13 5.18 -8.70
C LEU A 84 -0.78 6.31 -9.16
N THR A 85 -0.21 7.40 -9.69
CA THR A 85 -0.95 8.56 -10.17
C THR A 85 -1.09 8.39 -11.68
N ILE A 86 -2.29 8.61 -12.23
CA ILE A 86 -2.50 8.60 -13.67
C ILE A 86 -2.50 10.05 -14.17
N THR A 87 -1.46 10.41 -14.91
CA THR A 87 -1.39 11.69 -15.59
C THR A 87 -1.79 11.48 -17.05
N GLY A 88 -2.60 12.39 -17.60
CA GLY A 88 -3.03 12.39 -19.00
C GLY A 88 -4.48 11.98 -19.17
N MET A 89 -5.02 11.16 -18.26
CA MET A 89 -6.39 10.67 -18.33
C MET A 89 -7.36 11.78 -17.93
N THR A 90 -8.30 12.10 -18.83
CA THR A 90 -9.32 13.12 -18.62
C THR A 90 -10.67 12.63 -19.17
N CYS A 91 -11.04 11.36 -18.91
CA CYS A 91 -12.36 10.86 -19.32
C CYS A 91 -12.71 9.54 -18.63
N ALA A 92 -13.98 9.37 -18.23
CA ALA A 92 -14.46 8.12 -17.63
C ALA A 92 -14.35 6.94 -18.62
N SER A 93 -14.52 7.20 -19.91
CA SER A 93 -14.24 6.21 -20.94
C SER A 93 -12.82 5.67 -20.78
N CYS A 94 -11.86 6.59 -20.57
CA CYS A 94 -10.47 6.23 -20.42
C CYS A 94 -10.30 5.40 -19.15
N VAL A 95 -10.91 5.82 -18.02
CA VAL A 95 -10.97 4.98 -16.81
C VAL A 95 -11.36 3.55 -17.17
N HIS A 96 -12.55 3.35 -17.74
CA HIS A 96 -13.07 2.01 -18.01
C HIS A 96 -12.07 1.22 -18.90
N ASN A 97 -11.56 1.88 -19.94
CA ASN A 97 -10.60 1.30 -20.88
C ASN A 97 -9.33 0.86 -20.14
N ILE A 98 -8.75 1.76 -19.35
CA ILE A 98 -7.57 1.48 -18.54
C ILE A 98 -7.87 0.27 -17.67
N GLU A 99 -9.00 0.29 -16.98
CA GLU A 99 -9.42 -0.78 -16.08
C GLU A 99 -9.51 -2.10 -16.84
N SER A 100 -10.10 -2.09 -18.03
CA SER A 100 -10.12 -3.27 -18.90
C SER A 100 -8.70 -3.75 -19.16
N LYS A 101 -7.83 -2.88 -19.66
CA LYS A 101 -6.44 -3.21 -19.97
C LYS A 101 -5.68 -3.76 -18.75
N LEU A 102 -5.87 -3.15 -17.58
CA LEU A 102 -5.25 -3.63 -16.34
C LEU A 102 -5.79 -5.01 -16.03
N THR A 103 -7.11 -5.12 -15.87
CA THR A 103 -7.80 -6.37 -15.58
C THR A 103 -7.45 -7.47 -16.60
N ARG A 104 -7.01 -7.06 -17.79
CA ARG A 104 -6.51 -7.98 -18.82
C ARG A 104 -5.20 -8.69 -18.44
N THR A 105 -4.58 -8.36 -17.30
CA THR A 105 -3.39 -8.99 -16.76
C THR A 105 -3.78 -10.24 -15.96
N ASN A 106 -2.91 -11.24 -15.91
CA ASN A 106 -3.14 -12.50 -15.22
C ASN A 106 -3.21 -12.31 -13.70
N GLY A 107 -2.18 -11.68 -13.10
CA GLY A 107 -2.06 -11.62 -11.66
C GLY A 107 -2.97 -10.57 -11.01
N ILE A 108 -3.42 -9.57 -11.77
CA ILE A 108 -4.21 -8.50 -11.19
C ILE A 108 -5.59 -9.04 -10.82
N THR A 109 -6.03 -8.80 -9.58
CA THR A 109 -7.35 -9.24 -9.12
C THR A 109 -8.34 -8.08 -9.06
N TYR A 110 -7.99 -6.97 -8.40
CA TYR A 110 -8.87 -5.82 -8.31
C TYR A 110 -8.07 -4.53 -8.45
N ALA A 111 -8.31 -3.79 -9.53
CA ALA A 111 -7.85 -2.41 -9.65
C ALA A 111 -9.01 -1.47 -9.34
N SER A 112 -8.69 -0.29 -8.79
CA SER A 112 -9.65 0.79 -8.62
C SER A 112 -8.93 2.09 -8.97
N VAL A 113 -9.35 2.79 -10.03
CA VAL A 113 -8.73 4.04 -10.44
C VAL A 113 -9.71 5.20 -10.27
N ALA A 114 -9.35 6.18 -9.45
CA ALA A 114 -10.25 7.23 -9.00
C ALA A 114 -9.72 8.59 -9.46
N LEU A 115 -10.12 8.99 -10.67
CA LEU A 115 -9.70 10.21 -11.34
C LEU A 115 -9.87 11.45 -10.46
N ALA A 116 -10.89 11.44 -9.61
CA ALA A 116 -11.18 12.52 -8.69
C ALA A 116 -9.97 12.82 -7.79
N THR A 117 -9.25 11.76 -7.40
CA THR A 117 -8.03 11.84 -6.61
C THR A 117 -6.79 11.69 -7.51
N SER A 118 -6.96 11.12 -8.72
CA SER A 118 -5.91 10.92 -9.71
C SER A 118 -5.05 9.70 -9.36
N LYS A 119 -5.44 8.94 -8.35
CA LYS A 119 -4.76 7.75 -7.86
C LYS A 119 -5.40 6.50 -8.47
N ALA A 120 -4.58 5.48 -8.67
CA ALA A 120 -4.91 4.16 -9.16
C ALA A 120 -4.36 3.15 -8.16
N LEU A 121 -5.22 2.34 -7.55
CA LEU A 121 -4.84 1.25 -6.66
C LEU A 121 -4.86 -0.01 -7.52
N VAL A 122 -3.75 -0.74 -7.60
CA VAL A 122 -3.65 -2.01 -8.33
C VAL A 122 -3.30 -3.11 -7.34
N LYS A 123 -4.00 -4.26 -7.40
CA LYS A 123 -3.75 -5.42 -6.56
C LYS A 123 -3.30 -6.59 -7.44
N PHE A 124 -2.04 -7.00 -7.37
CA PHE A 124 -1.55 -8.15 -8.11
C PHE A 124 -0.85 -9.16 -7.22
N ASP A 125 -0.43 -10.29 -7.81
CA ASP A 125 0.28 -11.36 -7.11
C ASP A 125 1.77 -11.13 -7.35
N PRO A 126 2.54 -10.71 -6.32
CA PRO A 126 3.92 -10.25 -6.49
C PRO A 126 4.88 -11.43 -6.64
N GLU A 127 4.70 -12.18 -7.73
CA GLU A 127 5.46 -13.37 -8.07
C GLU A 127 5.25 -13.69 -9.55
N ILE A 128 4.01 -13.62 -10.05
CA ILE A 128 3.71 -13.88 -11.45
C ILE A 128 3.77 -12.60 -12.27
N ILE A 129 3.46 -11.45 -11.65
CA ILE A 129 3.39 -10.16 -12.31
C ILE A 129 4.07 -9.11 -11.41
N GLY A 130 4.37 -7.94 -11.96
CA GLY A 130 5.04 -6.86 -11.24
C GLY A 130 4.61 -5.50 -11.79
N PRO A 131 4.93 -4.41 -11.06
CA PRO A 131 4.44 -3.06 -11.35
C PRO A 131 4.87 -2.58 -12.74
N ARG A 132 6.07 -2.98 -13.16
CA ARG A 132 6.62 -2.63 -14.45
C ARG A 132 5.68 -3.01 -15.59
N ASP A 133 4.99 -4.15 -15.49
CA ASP A 133 4.04 -4.57 -16.51
C ASP A 133 2.86 -3.59 -16.55
N ILE A 134 2.36 -3.22 -15.37
CA ILE A 134 1.28 -2.26 -15.22
C ILE A 134 1.66 -0.95 -15.92
N ILE A 135 2.86 -0.47 -15.63
CA ILE A 135 3.46 0.66 -16.32
C ILE A 135 3.44 0.41 -17.82
N LYS A 136 4.04 -0.67 -18.31
CA LYS A 136 4.09 -0.98 -19.72
C LYS A 136 2.72 -0.89 -20.40
N ILE A 137 1.71 -1.51 -19.79
CA ILE A 137 0.34 -1.44 -20.27
C ILE A 137 -0.04 0.03 -20.46
N ILE A 138 0.15 0.88 -19.44
CA ILE A 138 -0.23 2.27 -19.61
C ILE A 138 0.67 3.06 -20.56
N GLU A 139 1.96 2.70 -20.70
CA GLU A 139 2.82 3.26 -21.72
C GLU A 139 2.21 2.99 -23.10
N GLU A 140 1.75 1.76 -23.31
CA GLU A 140 1.19 1.33 -24.58
C GLU A 140 -0.11 2.09 -24.85
N ILE A 141 -0.90 2.36 -23.80
CA ILE A 141 -2.06 3.23 -23.94
C ILE A 141 -1.62 4.67 -24.25
N GLY A 142 -0.58 5.13 -23.57
CA GLY A 142 -0.07 6.49 -23.62
C GLY A 142 -0.55 7.32 -22.43
N PHE A 143 -0.76 6.70 -21.26
CA PHE A 143 -0.88 7.44 -20.00
C PHE A 143 0.44 7.32 -19.24
N HIS A 144 0.55 7.93 -18.05
CA HIS A 144 1.79 7.91 -17.29
C HIS A 144 1.41 7.57 -15.85
N ALA A 145 1.98 6.47 -15.35
CA ALA A 145 1.80 5.98 -14.00
C ALA A 145 3.04 6.32 -13.20
N SER A 146 2.91 7.18 -12.18
CA SER A 146 3.98 7.44 -11.22
C SER A 146 3.39 7.45 -9.82
N LEU A 147 3.97 6.67 -8.90
CA LEU A 147 3.69 6.63 -7.47
C LEU A 147 3.11 7.96 -7.01
N ALA A 148 1.83 7.94 -6.68
CA ALA A 148 1.14 9.19 -6.38
C ALA A 148 1.51 9.66 -4.97
N GLN A 149 1.65 8.72 -4.05
CA GLN A 149 2.00 8.93 -2.66
C GLN A 149 0.80 9.47 -1.87
N MET A 1 9.15 -14.19 5.38
CA MET A 1 7.72 -13.85 5.25
C MET A 1 7.66 -12.78 4.17
N ALA A 2 6.59 -12.72 3.38
CA ALA A 2 6.48 -11.94 2.16
C ALA A 2 6.59 -10.44 2.48
N PRO A 3 7.70 -9.76 2.13
CA PRO A 3 7.97 -8.45 2.67
C PRO A 3 7.18 -7.37 1.93
N GLN A 4 6.22 -6.78 2.64
CA GLN A 4 5.25 -5.83 2.09
C GLN A 4 5.16 -4.61 2.98
N LYS A 5 5.29 -3.44 2.37
CA LYS A 5 5.32 -2.18 3.06
C LYS A 5 3.92 -1.61 3.10
N CYS A 6 3.57 -1.11 4.27
CA CYS A 6 2.26 -0.53 4.55
C CYS A 6 2.41 0.88 5.09
N PHE A 7 1.64 1.79 4.49
CA PHE A 7 1.69 3.21 4.68
C PHE A 7 0.57 3.69 5.58
N LEU A 8 0.85 3.85 6.87
CA LEU A 8 -0.12 4.35 7.82
C LEU A 8 0.40 5.52 8.64
N GLN A 9 -0.50 6.08 9.43
CA GLN A 9 -0.18 7.05 10.46
C GLN A 9 -0.78 6.55 11.76
N ILE A 10 -0.20 6.99 12.86
CA ILE A 10 -0.72 6.77 14.18
C ILE A 10 -1.48 8.03 14.59
N LYS A 11 -2.58 7.88 15.34
CA LYS A 11 -3.16 8.96 16.09
C LYS A 11 -3.11 8.54 17.58
N GLY A 12 -2.56 9.42 18.43
CA GLY A 12 -2.45 9.20 19.86
C GLY A 12 -1.24 9.90 20.47
N MET A 13 -0.06 9.66 19.91
CA MET A 13 1.28 10.08 20.37
C MET A 13 1.32 10.66 21.79
N THR A 14 1.55 9.84 22.81
CA THR A 14 1.66 10.35 24.17
C THR A 14 2.85 11.30 24.32
N CYS A 15 4.07 10.81 24.06
CA CYS A 15 5.27 11.61 24.29
C CYS A 15 6.45 11.00 23.55
N ALA A 16 6.25 10.67 22.27
CA ALA A 16 7.27 10.09 21.40
C ALA A 16 7.89 8.79 21.96
N SER A 17 7.18 8.11 22.86
CA SER A 17 7.67 6.92 23.57
C SER A 17 6.67 5.77 23.52
N CYS A 18 5.36 6.04 23.62
CA CYS A 18 4.40 4.96 23.59
C CYS A 18 4.44 4.28 22.23
N VAL A 19 4.39 5.08 21.16
CA VAL A 19 4.54 4.53 19.82
C VAL A 19 5.85 3.74 19.74
N SER A 20 6.90 4.28 20.38
CA SER A 20 8.18 3.59 20.41
C SER A 20 8.06 2.21 21.06
N ASN A 21 7.29 2.07 22.15
CA ASN A 21 7.10 0.75 22.75
C ASN A 21 6.20 -0.13 21.87
N ILE A 22 5.12 0.45 21.34
CA ILE A 22 4.15 -0.23 20.48
C ILE A 22 4.90 -0.90 19.32
N GLU A 23 5.77 -0.18 18.63
CA GLU A 23 6.49 -0.74 17.48
C GLU A 23 7.25 -2.04 17.85
N ARG A 24 7.83 -2.10 19.05
CA ARG A 24 8.52 -3.29 19.53
C ARG A 24 7.52 -4.42 19.78
N ASN A 25 6.29 -4.07 20.19
CA ASN A 25 5.23 -5.06 20.34
C ASN A 25 4.89 -5.62 18.96
N LEU A 26 4.67 -4.76 17.96
CA LEU A 26 4.39 -5.22 16.60
C LEU A 26 5.49 -6.12 16.04
N GLN A 27 6.76 -5.84 16.33
CA GLN A 27 7.83 -6.75 15.91
C GLN A 27 7.62 -8.19 16.38
N LYS A 28 6.76 -8.39 17.39
CA LYS A 28 6.40 -9.72 17.88
C LYS A 28 4.91 -10.02 17.69
N GLU A 29 4.22 -9.36 16.74
CA GLU A 29 2.89 -9.77 16.32
C GLU A 29 2.97 -11.07 15.51
N ALA A 30 3.54 -10.99 14.30
CA ALA A 30 3.54 -12.08 13.33
C ALA A 30 4.49 -11.72 12.17
N GLY A 31 3.97 -11.61 10.94
CA GLY A 31 4.77 -11.31 9.76
C GLY A 31 5.41 -9.91 9.82
N VAL A 32 4.83 -9.00 10.60
CA VAL A 32 5.33 -7.64 10.76
C VAL A 32 6.76 -7.63 11.33
N LEU A 33 7.71 -7.20 10.51
CA LEU A 33 9.11 -7.13 10.87
C LEU A 33 9.72 -5.87 10.21
N SER A 34 9.11 -4.70 10.41
CA SER A 34 9.81 -3.43 10.28
C SER A 34 8.98 -2.35 10.96
N VAL A 35 9.64 -1.30 11.45
CA VAL A 35 9.04 -0.22 12.19
C VAL A 35 9.72 1.10 11.79
N LEU A 36 9.40 1.62 10.60
CA LEU A 36 10.05 2.83 10.12
C LEU A 36 9.09 4.02 10.29
N VAL A 37 8.83 4.39 11.54
CA VAL A 37 7.95 5.50 11.83
C VAL A 37 8.81 6.76 12.02
N ALA A 38 8.20 7.93 11.84
CA ALA A 38 8.81 9.20 12.18
C ALA A 38 7.87 9.90 13.13
N LEU A 39 8.19 9.89 14.42
CA LEU A 39 7.43 10.58 15.46
C LEU A 39 7.52 12.11 15.29
N MET A 40 8.49 12.57 14.49
CA MET A 40 8.75 13.98 14.25
C MET A 40 7.70 14.56 13.29
N ALA A 41 7.47 13.84 12.19
CA ALA A 41 6.53 14.23 11.13
C ALA A 41 5.15 13.61 11.36
N GLY A 42 5.11 12.38 11.89
CA GLY A 42 3.92 11.60 12.07
C GLY A 42 3.65 10.73 10.85
N LYS A 43 4.42 9.65 10.68
CA LYS A 43 4.08 8.60 9.77
C LYS A 43 4.47 7.31 10.48
N ALA A 44 3.67 6.26 10.35
CA ALA A 44 4.07 4.91 10.68
C ALA A 44 4.09 4.08 9.41
N GLU A 45 5.28 3.84 8.87
CA GLU A 45 5.47 2.83 7.86
C GLU A 45 5.98 1.58 8.57
N ILE A 46 5.39 0.44 8.22
CA ILE A 46 5.73 -0.88 8.71
C ILE A 46 5.88 -1.76 7.48
N LYS A 47 6.57 -2.89 7.61
CA LYS A 47 6.56 -3.93 6.61
C LYS A 47 6.05 -5.25 7.20
N TYR A 48 4.81 -5.60 6.85
CA TYR A 48 4.14 -6.86 7.18
C TYR A 48 4.06 -7.82 5.99
N ASP A 49 3.40 -8.96 6.20
CA ASP A 49 3.14 -10.02 5.22
C ASP A 49 1.62 -10.23 5.11
N PRO A 50 0.97 -9.85 4.00
CA PRO A 50 -0.48 -9.93 3.86
C PRO A 50 -1.04 -11.34 3.92
N GLU A 51 -0.21 -12.38 3.86
CA GLU A 51 -0.64 -13.76 3.71
C GLU A 51 -0.75 -14.45 5.07
N VAL A 52 -0.34 -13.75 6.13
CA VAL A 52 -0.49 -14.18 7.50
C VAL A 52 -1.02 -13.05 8.39
N ILE A 53 -0.61 -11.79 8.16
CA ILE A 53 -1.07 -10.67 8.97
C ILE A 53 -1.81 -9.68 8.06
N GLN A 54 -2.74 -8.92 8.64
CA GLN A 54 -3.60 -7.99 7.94
C GLN A 54 -3.73 -6.69 8.73
N PRO A 55 -4.00 -5.57 8.04
CA PRO A 55 -3.94 -4.25 8.63
C PRO A 55 -4.99 -4.08 9.73
N LEU A 56 -6.19 -4.64 9.55
CA LEU A 56 -7.21 -4.61 10.60
C LEU A 56 -6.74 -5.32 11.87
N GLU A 57 -6.07 -6.46 11.71
CA GLU A 57 -5.51 -7.22 12.81
C GLU A 57 -4.46 -6.39 13.55
N ILE A 58 -3.59 -5.70 12.79
CA ILE A 58 -2.68 -4.72 13.37
C ILE A 58 -3.53 -3.75 14.18
N ALA A 59 -4.54 -3.16 13.54
CA ALA A 59 -5.32 -2.12 14.14
C ALA A 59 -5.89 -2.58 15.47
N GLN A 60 -6.44 -3.80 15.53
CA GLN A 60 -6.93 -4.41 16.75
C GLN A 60 -5.85 -4.35 17.83
N PHE A 61 -4.64 -4.80 17.50
CA PHE A 61 -3.51 -4.77 18.41
C PHE A 61 -3.29 -3.34 18.93
N ILE A 62 -3.33 -2.37 18.02
CA ILE A 62 -3.14 -0.96 18.40
C ILE A 62 -4.28 -0.48 19.30
N GLN A 63 -5.51 -0.92 19.04
CA GLN A 63 -6.67 -0.54 19.83
C GLN A 63 -6.52 -1.11 21.24
N ASP A 64 -6.06 -2.36 21.36
CA ASP A 64 -5.77 -2.97 22.66
C ASP A 64 -4.69 -2.16 23.39
N LEU A 65 -3.59 -1.88 22.70
CA LEU A 65 -2.52 -1.04 23.25
C LEU A 65 -3.03 0.34 23.65
N GLY A 66 -4.02 0.87 22.93
CA GLY A 66 -4.81 2.03 23.33
C GLY A 66 -4.53 3.24 22.43
N PHE A 67 -4.29 2.99 21.15
CA PHE A 67 -3.99 3.99 20.14
C PHE A 67 -4.86 3.73 18.90
N GLU A 68 -4.98 4.72 18.02
CA GLU A 68 -5.62 4.51 16.73
C GLU A 68 -4.53 4.38 15.68
N ALA A 69 -4.54 3.28 14.93
CA ALA A 69 -3.75 3.15 13.71
C ALA A 69 -4.69 3.34 12.52
N ALA A 70 -4.41 4.32 11.65
CA ALA A 70 -5.16 4.51 10.42
C ALA A 70 -4.18 4.56 9.26
N VAL A 71 -4.34 3.60 8.33
CA VAL A 71 -3.65 3.57 7.07
C VAL A 71 -4.14 4.69 6.16
N MET A 72 -3.34 5.03 5.15
CA MET A 72 -3.81 5.91 4.08
C MET A 72 -5.04 5.30 3.40
N GLU A 73 -4.87 4.05 2.99
CA GLU A 73 -5.79 3.24 2.21
C GLU A 73 -5.12 1.88 2.29
N ASP A 74 -5.64 0.93 3.08
CA ASP A 74 -4.87 -0.24 3.38
C ASP A 74 -4.70 -1.04 2.11
N TYR A 75 -3.43 -1.30 1.84
CA TYR A 75 -3.09 -2.01 0.62
C TYR A 75 -1.93 -2.99 0.79
N ALA A 76 -0.71 -2.46 0.93
CA ALA A 76 0.57 -3.15 0.96
C ALA A 76 1.25 -3.00 -0.40
N GLY A 77 2.49 -2.51 -0.45
CA GLY A 77 3.19 -2.21 -1.68
C GLY A 77 4.58 -2.83 -1.66
N SER A 78 4.83 -3.87 -2.48
CA SER A 78 6.18 -4.41 -2.69
C SER A 78 6.16 -5.49 -3.79
N ASP A 79 5.34 -6.53 -3.63
CA ASP A 79 5.23 -7.70 -4.48
C ASP A 79 3.81 -8.23 -4.26
N GLY A 80 3.11 -8.73 -5.28
CA GLY A 80 1.79 -9.29 -5.07
C GLY A 80 0.71 -8.22 -4.88
N ASN A 81 1.08 -7.07 -4.30
CA ASN A 81 0.26 -5.90 -4.13
C ASN A 81 1.19 -4.73 -4.34
N ILE A 82 0.93 -3.91 -5.36
CA ILE A 82 1.73 -2.73 -5.66
C ILE A 82 0.80 -1.55 -5.87
N GLU A 83 1.40 -0.36 -5.86
CA GLU A 83 0.72 0.88 -6.12
C GLU A 83 1.47 1.71 -7.14
N LEU A 84 0.71 2.49 -7.91
CA LEU A 84 1.24 3.46 -8.85
C LEU A 84 0.32 4.67 -8.89
N THR A 85 0.86 5.85 -9.18
CA THR A 85 0.07 7.07 -9.36
C THR A 85 -0.11 7.22 -10.85
N ILE A 86 -1.34 7.49 -11.28
CA ILE A 86 -1.65 7.65 -12.68
C ILE A 86 -1.68 9.14 -13.00
N THR A 87 -1.14 9.51 -14.15
CA THR A 87 -1.16 10.87 -14.64
C THR A 87 -1.51 10.82 -16.12
N GLY A 88 -2.33 11.77 -16.57
CA GLY A 88 -2.73 11.91 -17.97
C GLY A 88 -4.22 11.67 -18.19
N MET A 89 -4.90 10.97 -17.26
CA MET A 89 -6.34 10.77 -17.36
C MET A 89 -7.10 12.09 -17.41
N THR A 90 -8.24 12.10 -18.11
CA THR A 90 -9.09 13.27 -18.32
C THR A 90 -10.58 12.96 -18.11
N CYS A 91 -10.98 11.69 -17.97
CA CYS A 91 -12.38 11.30 -17.79
C CYS A 91 -12.42 9.90 -17.19
N ALA A 92 -13.52 9.51 -16.54
CA ALA A 92 -13.68 8.18 -15.92
C ALA A 92 -13.35 7.05 -16.90
N SER A 93 -13.68 7.21 -18.19
CA SER A 93 -13.30 6.30 -19.25
C SER A 93 -11.81 5.92 -19.15
N CYS A 94 -10.95 6.90 -18.86
CA CYS A 94 -9.52 6.67 -18.69
C CYS A 94 -9.29 5.74 -17.51
N VAL A 95 -9.86 6.07 -16.34
CA VAL A 95 -9.76 5.21 -15.16
C VAL A 95 -10.20 3.78 -15.48
N HIS A 96 -11.31 3.61 -16.20
CA HIS A 96 -11.78 2.28 -16.60
C HIS A 96 -10.75 1.62 -17.51
N ASN A 97 -10.08 2.43 -18.33
CA ASN A 97 -9.01 2.01 -19.21
C ASN A 97 -7.86 1.44 -18.37
N ILE A 98 -7.26 2.26 -17.50
CA ILE A 98 -6.24 1.82 -16.56
C ILE A 98 -6.65 0.51 -15.91
N GLU A 99 -7.82 0.48 -15.27
CA GLU A 99 -8.23 -0.72 -14.57
C GLU A 99 -8.33 -1.87 -15.55
N SER A 100 -8.93 -1.68 -16.72
CA SER A 100 -9.04 -2.69 -17.76
C SER A 100 -7.66 -3.27 -18.09
N LYS A 101 -6.71 -2.43 -18.50
CA LYS A 101 -5.36 -2.87 -18.85
C LYS A 101 -4.67 -3.66 -17.75
N LEU A 102 -4.86 -3.28 -16.48
CA LEU A 102 -4.24 -3.97 -15.38
C LEU A 102 -4.95 -5.30 -15.28
N THR A 103 -6.29 -5.24 -15.12
CA THR A 103 -7.22 -6.36 -15.08
C THR A 103 -7.03 -7.33 -16.25
N ARG A 104 -6.41 -6.87 -17.34
CA ARG A 104 -6.11 -7.69 -18.51
C ARG A 104 -5.05 -8.76 -18.23
N THR A 105 -4.18 -8.54 -17.24
CA THR A 105 -3.20 -9.54 -16.81
C THR A 105 -3.88 -10.81 -16.29
N ASN A 106 -3.13 -11.88 -16.05
CA ASN A 106 -3.69 -13.15 -15.56
C ASN A 106 -3.86 -13.09 -14.03
N GLY A 107 -2.79 -12.68 -13.33
CA GLY A 107 -2.69 -12.73 -11.88
C GLY A 107 -3.58 -11.70 -11.20
N ILE A 108 -3.78 -10.56 -11.88
CA ILE A 108 -4.62 -9.49 -11.40
C ILE A 108 -5.99 -10.02 -10.95
N THR A 109 -6.20 -10.08 -9.63
CA THR A 109 -7.49 -10.47 -9.05
C THR A 109 -8.22 -9.24 -8.51
N TYR A 110 -7.47 -8.25 -8.04
CA TYR A 110 -8.00 -7.06 -7.40
C TYR A 110 -7.12 -5.90 -7.87
N ALA A 111 -7.66 -4.95 -8.65
CA ALA A 111 -7.11 -3.61 -8.69
C ALA A 111 -8.18 -2.66 -8.18
N SER A 112 -7.79 -1.48 -7.71
CA SER A 112 -8.69 -0.38 -7.47
C SER A 112 -7.97 0.90 -7.87
N VAL A 113 -8.65 1.79 -8.57
CA VAL A 113 -8.10 3.05 -9.05
C VAL A 113 -8.95 4.22 -8.55
N ALA A 114 -8.29 5.27 -8.03
CA ALA A 114 -8.91 6.37 -7.32
C ALA A 114 -8.39 7.71 -7.86
N LEU A 115 -9.28 8.49 -8.44
CA LEU A 115 -9.05 9.73 -9.18
C LEU A 115 -8.75 10.87 -8.22
N ALA A 116 -9.58 11.00 -7.17
CA ALA A 116 -9.47 12.01 -6.12
C ALA A 116 -8.03 12.17 -5.63
N THR A 117 -7.33 11.04 -5.59
CA THR A 117 -5.97 10.90 -5.11
C THR A 117 -5.02 10.51 -6.25
N SER A 118 -5.53 10.27 -7.46
CA SER A 118 -4.76 9.86 -8.63
C SER A 118 -3.87 8.65 -8.37
N LYS A 119 -4.33 7.75 -7.48
CA LYS A 119 -3.60 6.54 -7.10
C LYS A 119 -4.27 5.30 -7.70
N ALA A 120 -3.48 4.25 -7.97
CA ALA A 120 -3.94 3.00 -8.56
C ALA A 120 -3.22 1.85 -7.89
N LEU A 121 -3.98 1.00 -7.21
CA LEU A 121 -3.53 -0.14 -6.46
C LEU A 121 -3.81 -1.36 -7.33
N VAL A 122 -2.81 -2.23 -7.55
CA VAL A 122 -2.94 -3.40 -8.41
C VAL A 122 -2.31 -4.60 -7.72
N LYS A 123 -3.03 -5.72 -7.70
CA LYS A 123 -2.59 -6.96 -7.10
C LYS A 123 -2.38 -8.03 -8.18
N PHE A 124 -1.21 -8.01 -8.82
CA PHE A 124 -0.79 -8.93 -9.86
C PHE A 124 0.38 -9.78 -9.35
N ASP A 125 0.79 -10.80 -10.12
CA ASP A 125 1.86 -11.71 -9.72
C ASP A 125 3.18 -11.24 -10.35
N PRO A 126 4.19 -10.88 -9.55
CA PRO A 126 5.43 -10.29 -10.03
C PRO A 126 6.34 -11.37 -10.63
N GLU A 127 5.93 -11.89 -11.78
CA GLU A 127 6.67 -12.87 -12.56
C GLU A 127 6.10 -12.94 -13.98
N ILE A 128 4.77 -12.97 -14.10
CA ILE A 128 4.09 -13.14 -15.36
C ILE A 128 4.11 -11.86 -16.16
N ILE A 129 3.95 -10.74 -15.45
CA ILE A 129 3.94 -9.40 -16.00
C ILE A 129 4.95 -8.56 -15.22
N GLY A 130 5.44 -7.50 -15.86
CA GLY A 130 6.37 -6.55 -15.29
C GLY A 130 5.78 -5.15 -15.32
N PRO A 131 6.29 -4.25 -14.46
CA PRO A 131 5.81 -2.87 -14.39
C PRO A 131 6.06 -2.17 -15.73
N ARG A 132 7.26 -2.36 -16.30
CA ARG A 132 7.62 -1.75 -17.58
C ARG A 132 6.59 -2.05 -18.67
N ASP A 133 6.05 -3.27 -18.67
CA ASP A 133 5.15 -3.72 -19.72
C ASP A 133 3.84 -2.94 -19.57
N ILE A 134 3.37 -2.82 -18.33
CA ILE A 134 2.18 -2.04 -18.00
C ILE A 134 2.43 -0.59 -18.41
N ILE A 135 3.57 -0.03 -18.01
CA ILE A 135 4.01 1.30 -18.38
C ILE A 135 3.91 1.46 -19.90
N LYS A 136 4.59 0.62 -20.67
CA LYS A 136 4.56 0.73 -22.12
C LYS A 136 3.13 0.74 -22.68
N ILE A 137 2.27 -0.16 -22.19
CA ILE A 137 0.88 -0.20 -22.62
C ILE A 137 0.22 1.17 -22.37
N ILE A 138 0.41 1.76 -21.20
CA ILE A 138 -0.18 3.08 -20.93
C ILE A 138 0.50 4.22 -21.70
N GLU A 139 1.82 4.16 -21.91
CA GLU A 139 2.57 5.15 -22.70
C GLU A 139 1.95 5.23 -24.10
N GLU A 140 1.51 4.08 -24.62
CA GLU A 140 0.92 4.00 -25.94
C GLU A 140 -0.38 4.80 -26.00
N ILE A 141 -1.03 4.99 -24.85
CA ILE A 141 -2.20 5.85 -24.73
C ILE A 141 -1.74 7.29 -24.45
N GLY A 142 -0.71 7.43 -23.62
CA GLY A 142 -0.15 8.69 -23.19
C GLY A 142 -0.50 8.99 -21.73
N PHE A 143 -0.72 7.95 -20.91
CA PHE A 143 -0.75 8.12 -19.46
C PHE A 143 0.60 7.69 -18.88
N HIS A 144 0.84 7.95 -17.60
CA HIS A 144 2.09 7.64 -16.92
C HIS A 144 1.75 7.02 -15.57
N ALA A 145 2.57 6.06 -15.13
CA ALA A 145 2.40 5.28 -13.91
C ALA A 145 3.65 5.40 -13.05
N SER A 146 3.59 6.22 -11.99
CA SER A 146 4.71 6.43 -11.07
C SER A 146 4.31 6.02 -9.65
N LEU A 147 4.90 4.96 -9.10
CA LEU A 147 4.80 4.46 -7.73
C LEU A 147 4.24 5.51 -6.75
N ALA A 148 3.00 5.32 -6.34
CA ALA A 148 2.32 6.25 -5.46
C ALA A 148 2.72 6.00 -4.01
N GLN A 149 2.83 4.71 -3.68
CA GLN A 149 3.15 4.17 -2.37
C GLN A 149 2.24 4.58 -1.20
N MET A 1 9.98 -16.35 2.83
CA MET A 1 8.78 -15.72 2.25
C MET A 1 9.26 -14.50 1.46
N ALA A 2 8.51 -13.41 1.45
CA ALA A 2 8.81 -12.17 0.76
C ALA A 2 8.31 -11.06 1.67
N PRO A 3 9.15 -10.14 2.17
CA PRO A 3 8.73 -9.05 3.03
C PRO A 3 8.38 -7.81 2.20
N GLN A 4 7.40 -7.02 2.66
CA GLN A 4 6.89 -5.84 1.97
C GLN A 4 6.94 -4.68 2.95
N LYS A 5 7.02 -3.45 2.45
CA LYS A 5 7.04 -2.21 3.23
C LYS A 5 5.60 -1.73 3.33
N CYS A 6 5.29 -0.88 4.33
CA CYS A 6 4.03 -0.16 4.32
C CYS A 6 4.14 1.16 5.05
N PHE A 7 3.43 2.19 4.60
CA PHE A 7 3.47 3.52 5.18
C PHE A 7 2.15 3.79 5.91
N LEU A 8 2.18 3.69 7.24
CA LEU A 8 1.07 4.07 8.08
C LEU A 8 1.34 5.37 8.81
N GLN A 9 0.30 5.92 9.43
CA GLN A 9 0.39 7.00 10.38
C GLN A 9 -0.24 6.51 11.68
N ILE A 10 0.17 7.14 12.77
CA ILE A 10 -0.45 6.98 14.06
C ILE A 10 -1.38 8.17 14.27
N LYS A 11 -2.55 7.94 14.87
CA LYS A 11 -3.32 9.02 15.50
C LYS A 11 -3.44 8.65 16.98
N GLY A 12 -2.96 9.52 17.86
CA GLY A 12 -2.93 9.32 19.30
C GLY A 12 -1.83 10.16 19.95
N MET A 13 -0.59 9.65 19.94
CA MET A 13 0.61 10.30 20.47
C MET A 13 0.47 10.77 21.93
N THR A 14 0.45 9.82 22.87
CA THR A 14 0.41 10.13 24.30
C THR A 14 1.56 11.04 24.73
N CYS A 15 2.82 10.62 24.58
CA CYS A 15 3.96 11.42 25.04
C CYS A 15 5.26 10.84 24.52
N ALA A 16 5.43 10.87 23.19
CA ALA A 16 6.61 10.39 22.46
C ALA A 16 7.19 9.10 23.07
N SER A 17 6.32 8.15 23.40
CA SER A 17 6.66 7.00 24.24
C SER A 17 5.66 5.87 24.05
N CYS A 18 4.36 6.18 23.97
CA CYS A 18 3.38 5.14 23.70
C CYS A 18 3.65 4.53 22.32
N VAL A 19 4.00 5.37 21.34
CA VAL A 19 4.45 4.87 20.05
C VAL A 19 5.72 4.02 20.21
N SER A 20 6.55 4.39 21.19
CA SER A 20 7.76 3.60 21.47
C SER A 20 7.40 2.20 22.00
N ASN A 21 6.36 2.06 22.84
CA ASN A 21 5.91 0.72 23.20
C ASN A 21 5.20 0.01 22.05
N ILE A 22 4.46 0.74 21.21
CA ILE A 22 3.81 0.19 20.02
C ILE A 22 4.80 -0.63 19.19
N GLU A 23 5.97 -0.07 18.87
CA GLU A 23 7.07 -0.78 18.23
C GLU A 23 7.14 -2.24 18.71
N ARG A 24 7.22 -2.42 20.02
CA ARG A 24 7.49 -3.68 20.68
C ARG A 24 6.31 -4.63 20.50
N ASN A 25 5.10 -4.07 20.40
CA ASN A 25 3.90 -4.84 20.14
C ASN A 25 4.01 -5.44 18.73
N LEU A 26 4.18 -4.58 17.70
CA LEU A 26 4.26 -5.05 16.33
C LEU A 26 5.42 -6.03 16.16
N GLN A 27 6.54 -5.77 16.82
CA GLN A 27 7.70 -6.63 16.81
C GLN A 27 7.35 -8.09 17.12
N LYS A 28 6.25 -8.30 17.86
CA LYS A 28 5.78 -9.63 18.19
C LYS A 28 4.33 -9.87 17.74
N GLU A 29 3.81 -9.13 16.75
CA GLU A 29 2.57 -9.51 16.07
C GLU A 29 2.74 -10.86 15.37
N ALA A 30 3.55 -10.90 14.31
CA ALA A 30 3.54 -11.99 13.35
C ALA A 30 4.78 -11.90 12.45
N GLY A 31 4.63 -11.98 11.12
CA GLY A 31 5.75 -11.94 10.19
C GLY A 31 6.40 -10.55 10.11
N VAL A 32 5.75 -9.51 10.63
CA VAL A 32 6.33 -8.17 10.64
C VAL A 32 7.63 -8.15 11.43
N LEU A 33 8.70 -7.65 10.82
CA LEU A 33 9.97 -7.50 11.52
C LEU A 33 10.69 -6.22 11.10
N SER A 34 9.98 -5.09 11.16
CA SER A 34 10.61 -3.78 11.12
C SER A 34 9.68 -2.76 11.78
N VAL A 35 10.26 -1.71 12.34
CA VAL A 35 9.62 -0.72 13.17
C VAL A 35 10.18 0.66 12.83
N LEU A 36 9.88 1.17 11.64
CA LEU A 36 10.47 2.41 11.15
C LEU A 36 9.47 3.54 11.42
N VAL A 37 9.36 3.94 12.69
CA VAL A 37 8.49 5.03 13.10
C VAL A 37 9.33 6.25 13.40
N ALA A 38 8.87 7.43 12.95
CA ALA A 38 9.49 8.70 13.28
C ALA A 38 8.52 9.51 14.14
N LEU A 39 8.72 9.50 15.46
CA LEU A 39 7.95 10.33 16.39
C LEU A 39 8.13 11.83 16.12
N MET A 40 9.16 12.22 15.37
CA MET A 40 9.41 13.61 15.02
C MET A 40 8.34 14.09 14.03
N ALA A 41 8.23 13.37 12.91
CA ALA A 41 7.32 13.74 11.82
C ALA A 41 5.93 13.13 12.01
N GLY A 42 5.86 12.03 12.76
CA GLY A 42 4.64 11.26 12.96
C GLY A 42 4.35 10.41 11.72
N LYS A 43 5.17 9.39 11.45
CA LYS A 43 4.88 8.42 10.42
C LYS A 43 5.24 7.08 11.01
N ALA A 44 4.42 6.06 10.76
CA ALA A 44 4.78 4.67 11.09
C ALA A 44 4.97 3.82 9.84
N GLU A 45 6.22 3.55 9.44
CA GLU A 45 6.53 2.58 8.40
C GLU A 45 6.94 1.28 9.09
N ILE A 46 6.46 0.13 8.62
CA ILE A 46 6.90 -1.16 9.08
C ILE A 46 6.97 -2.12 7.88
N LYS A 47 7.58 -3.29 8.06
CA LYS A 47 7.69 -4.28 6.99
C LYS A 47 7.03 -5.58 7.40
N TYR A 48 5.78 -5.77 6.94
CA TYR A 48 5.01 -7.00 7.14
C TYR A 48 4.98 -7.88 5.89
N ASP A 49 4.31 -9.02 6.00
CA ASP A 49 4.11 -10.05 4.99
C ASP A 49 2.61 -10.31 4.78
N PRO A 50 2.00 -9.82 3.68
CA PRO A 50 0.57 -9.89 3.43
C PRO A 50 0.10 -11.29 3.04
N GLU A 51 0.82 -12.33 3.48
CA GLU A 51 0.39 -13.71 3.46
C GLU A 51 0.02 -14.19 4.86
N VAL A 52 0.51 -13.54 5.92
CA VAL A 52 0.30 -13.94 7.31
C VAL A 52 -0.47 -12.84 8.02
N ILE A 53 0.19 -11.71 8.30
CA ILE A 53 -0.46 -10.56 8.92
C ILE A 53 -1.06 -9.68 7.82
N GLN A 54 -2.25 -9.14 8.06
CA GLN A 54 -2.96 -8.27 7.14
C GLN A 54 -3.22 -6.93 7.84
N PRO A 55 -3.34 -5.83 7.07
CA PRO A 55 -3.41 -4.49 7.64
C PRO A 55 -4.58 -4.32 8.62
N LEU A 56 -5.74 -4.92 8.33
CA LEU A 56 -6.88 -4.85 9.23
C LEU A 56 -6.58 -5.49 10.59
N GLU A 57 -5.90 -6.64 10.56
CA GLU A 57 -5.45 -7.33 11.75
C GLU A 57 -4.47 -6.46 12.54
N ILE A 58 -3.56 -5.76 11.84
CA ILE A 58 -2.70 -4.76 12.45
C ILE A 58 -3.60 -3.78 13.20
N ALA A 59 -4.63 -3.27 12.50
CA ALA A 59 -5.52 -2.30 13.10
C ALA A 59 -6.13 -2.84 14.40
N GLN A 60 -6.50 -4.12 14.47
CA GLN A 60 -7.00 -4.71 15.69
C GLN A 60 -5.98 -4.57 16.81
N PHE A 61 -4.71 -4.91 16.54
CA PHE A 61 -3.64 -4.76 17.54
C PHE A 61 -3.56 -3.31 18.01
N ILE A 62 -3.59 -2.35 17.08
CA ILE A 62 -3.41 -0.95 17.46
C ILE A 62 -4.61 -0.44 18.28
N GLN A 63 -5.82 -0.75 17.82
CA GLN A 63 -7.04 -0.46 18.54
C GLN A 63 -7.05 -1.14 19.91
N ASP A 64 -6.45 -2.33 20.04
CA ASP A 64 -6.43 -3.06 21.30
C ASP A 64 -5.69 -2.26 22.36
N LEU A 65 -4.48 -1.76 22.07
CA LEU A 65 -3.81 -0.96 23.08
C LEU A 65 -4.53 0.37 23.29
N GLY A 66 -5.19 0.86 22.24
CA GLY A 66 -6.08 2.03 22.31
C GLY A 66 -5.52 3.19 21.50
N PHE A 67 -4.79 2.89 20.42
CA PHE A 67 -4.39 3.89 19.44
C PHE A 67 -5.17 3.67 18.14
N GLU A 68 -5.11 4.63 17.21
CA GLU A 68 -5.60 4.44 15.87
C GLU A 68 -4.41 4.33 14.91
N ALA A 69 -4.42 3.29 14.08
CA ALA A 69 -3.54 3.16 12.93
C ALA A 69 -4.37 3.18 11.66
N ALA A 70 -4.08 4.13 10.78
CA ALA A 70 -4.54 4.16 9.40
C ALA A 70 -3.36 4.46 8.51
N VAL A 71 -3.52 4.18 7.22
CA VAL A 71 -2.42 4.25 6.30
C VAL A 71 -2.15 5.72 5.99
N MET A 72 -0.90 6.05 5.66
CA MET A 72 -0.57 7.37 5.17
C MET A 72 -1.26 7.59 3.83
N GLU A 73 -1.06 6.62 2.93
CA GLU A 73 -1.63 6.55 1.59
C GLU A 73 -1.16 5.30 0.84
N ASP A 74 0.15 5.06 0.81
CA ASP A 74 0.84 3.85 0.37
C ASP A 74 0.11 2.52 0.59
N TYR A 75 -0.25 2.21 1.84
CA TYR A 75 -0.81 0.95 2.33
C TYR A 75 0.15 -0.25 2.26
N ALA A 76 0.90 -0.43 1.15
CA ALA A 76 1.97 -1.42 1.06
C ALA A 76 2.92 -1.19 -0.12
N GLY A 77 2.35 -1.06 -1.31
CA GLY A 77 3.07 -0.70 -2.53
C GLY A 77 4.43 -1.39 -2.72
N SER A 78 4.49 -2.73 -2.68
CA SER A 78 5.77 -3.43 -2.72
C SER A 78 5.71 -4.73 -3.54
N ASP A 79 4.81 -5.65 -3.22
CA ASP A 79 4.77 -7.00 -3.80
C ASP A 79 3.36 -7.55 -3.54
N GLY A 80 2.71 -8.18 -4.51
CA GLY A 80 1.41 -8.80 -4.33
C GLY A 80 0.29 -7.75 -4.37
N ASN A 81 0.53 -6.57 -3.80
CA ASN A 81 -0.41 -5.48 -3.74
C ASN A 81 0.32 -4.17 -4.04
N ILE A 82 0.47 -3.83 -5.32
CA ILE A 82 1.24 -2.66 -5.75
C ILE A 82 0.27 -1.54 -6.12
N GLU A 83 0.71 -0.28 -6.09
CA GLU A 83 -0.11 0.82 -6.52
C GLU A 83 0.72 1.90 -7.21
N LEU A 84 0.06 2.70 -8.05
CA LEU A 84 0.71 3.68 -8.92
C LEU A 84 -0.14 4.94 -9.02
N THR A 85 0.44 6.10 -9.35
CA THR A 85 -0.27 7.37 -9.55
C THR A 85 -0.45 7.53 -11.05
N ILE A 86 -1.70 7.68 -11.52
CA ILE A 86 -1.97 7.78 -12.95
C ILE A 86 -2.12 9.26 -13.32
N THR A 87 -1.15 9.74 -14.10
CA THR A 87 -1.04 11.13 -14.51
C THR A 87 -1.49 11.25 -15.96
N GLY A 88 -2.12 12.37 -16.30
CA GLY A 88 -2.64 12.66 -17.63
C GLY A 88 -4.15 12.38 -17.71
N MET A 89 -4.63 11.37 -16.98
CA MET A 89 -6.04 11.01 -16.97
C MET A 89 -6.90 12.16 -16.43
N THR A 90 -8.15 12.23 -16.87
CA THR A 90 -9.11 13.21 -16.34
C THR A 90 -10.55 12.82 -16.70
N CYS A 91 -10.88 11.53 -16.77
CA CYS A 91 -12.25 11.09 -17.01
C CYS A 91 -12.45 9.63 -16.61
N ALA A 92 -13.65 9.33 -16.10
CA ALA A 92 -14.05 8.02 -15.60
C ALA A 92 -13.91 6.95 -16.69
N SER A 93 -14.19 7.33 -17.95
CA SER A 93 -14.01 6.44 -19.08
C SER A 93 -12.58 5.88 -19.11
N CYS A 94 -11.59 6.77 -19.00
CA CYS A 94 -10.19 6.36 -19.10
C CYS A 94 -9.79 5.51 -17.92
N VAL A 95 -10.17 5.93 -16.71
CA VAL A 95 -10.02 5.20 -15.46
C VAL A 95 -10.55 3.76 -15.63
N HIS A 96 -11.82 3.62 -16.03
CA HIS A 96 -12.45 2.33 -16.25
C HIS A 96 -11.68 1.54 -17.32
N ASN A 97 -11.30 2.20 -18.42
CA ASN A 97 -10.57 1.58 -19.51
C ASN A 97 -9.21 1.05 -19.02
N ILE A 98 -8.51 1.81 -18.20
CA ILE A 98 -7.27 1.38 -17.57
C ILE A 98 -7.56 0.11 -16.77
N GLU A 99 -8.60 0.14 -15.92
CA GLU A 99 -9.03 -1.04 -15.19
C GLU A 99 -9.28 -2.20 -16.16
N SER A 100 -9.94 -1.97 -17.29
CA SER A 100 -10.14 -2.98 -18.33
C SER A 100 -8.80 -3.53 -18.84
N LYS A 101 -7.85 -2.67 -19.21
CA LYS A 101 -6.54 -3.10 -19.67
C LYS A 101 -5.83 -3.93 -18.60
N LEU A 102 -5.97 -3.57 -17.32
CA LEU A 102 -5.33 -4.33 -16.26
C LEU A 102 -6.02 -5.67 -16.13
N THR A 103 -7.34 -5.65 -16.01
CA THR A 103 -8.14 -6.87 -15.91
C THR A 103 -7.98 -7.79 -17.11
N ARG A 104 -7.47 -7.29 -18.25
CA ARG A 104 -7.07 -8.20 -19.32
C ARG A 104 -5.98 -9.20 -18.88
N THR A 105 -5.08 -8.78 -17.99
CA THR A 105 -3.93 -9.58 -17.57
C THR A 105 -4.37 -10.72 -16.65
N ASN A 106 -3.72 -11.89 -16.80
CA ASN A 106 -4.10 -13.12 -16.10
C ASN A 106 -3.91 -13.04 -14.57
N GLY A 107 -2.79 -12.45 -14.14
CA GLY A 107 -2.37 -12.49 -12.74
C GLY A 107 -3.19 -11.49 -11.93
N ILE A 108 -3.43 -10.32 -12.54
CA ILE A 108 -4.38 -9.37 -12.01
C ILE A 108 -5.75 -10.03 -11.90
N THR A 109 -6.33 -9.98 -10.70
CA THR A 109 -7.74 -10.28 -10.47
C THR A 109 -8.46 -9.12 -9.79
N TYR A 110 -7.75 -8.28 -9.03
CA TYR A 110 -8.31 -7.24 -8.18
C TYR A 110 -7.46 -6.00 -8.44
N ALA A 111 -7.91 -5.15 -9.37
CA ALA A 111 -7.49 -3.76 -9.41
C ALA A 111 -8.60 -2.93 -8.78
N SER A 112 -8.25 -1.80 -8.17
CA SER A 112 -9.20 -0.79 -7.75
C SER A 112 -8.54 0.56 -8.03
N VAL A 113 -9.04 1.32 -9.00
CA VAL A 113 -8.52 2.65 -9.29
C VAL A 113 -9.49 3.72 -8.77
N ALA A 114 -8.95 4.88 -8.34
CA ALA A 114 -9.76 5.93 -7.72
C ALA A 114 -9.33 7.30 -8.24
N LEU A 115 -10.13 7.86 -9.16
CA LEU A 115 -9.82 9.15 -9.78
C LEU A 115 -9.74 10.32 -8.78
N ALA A 116 -10.34 10.15 -7.59
CA ALA A 116 -10.40 11.20 -6.59
C ALA A 116 -9.02 11.37 -5.97
N THR A 117 -8.35 10.25 -5.72
CA THR A 117 -7.02 10.21 -5.16
C THR A 117 -5.96 10.24 -6.28
N SER A 118 -6.33 9.78 -7.47
CA SER A 118 -5.53 9.69 -8.69
C SER A 118 -4.57 8.49 -8.68
N LYS A 119 -4.74 7.60 -7.70
CA LYS A 119 -3.97 6.37 -7.64
C LYS A 119 -4.78 5.17 -8.16
N ALA A 120 -4.04 4.21 -8.69
CA ALA A 120 -4.48 2.95 -9.22
C ALA A 120 -3.85 1.86 -8.37
N LEU A 121 -4.66 1.06 -7.67
CA LEU A 121 -4.20 -0.05 -6.86
C LEU A 121 -4.37 -1.32 -7.67
N VAL A 122 -3.33 -2.16 -7.75
CA VAL A 122 -3.26 -3.30 -8.63
C VAL A 122 -2.60 -4.47 -7.90
N LYS A 123 -3.26 -5.63 -7.94
CA LYS A 123 -2.80 -6.83 -7.28
C LYS A 123 -2.51 -7.90 -8.33
N PHE A 124 -1.24 -7.95 -8.77
CA PHE A 124 -0.74 -8.93 -9.71
C PHE A 124 0.28 -9.84 -9.03
N ASP A 125 0.65 -10.92 -9.71
CA ASP A 125 1.59 -11.92 -9.23
C ASP A 125 2.95 -11.75 -9.94
N PRO A 126 4.03 -11.40 -9.22
CA PRO A 126 5.31 -11.00 -9.83
C PRO A 126 6.12 -12.20 -10.35
N GLU A 127 5.56 -12.86 -11.35
CA GLU A 127 6.22 -13.89 -12.16
C GLU A 127 5.75 -13.75 -13.60
N ILE A 128 4.43 -13.68 -13.80
CA ILE A 128 3.83 -13.60 -15.12
C ILE A 128 3.93 -12.18 -15.67
N ILE A 129 3.83 -11.17 -14.80
CA ILE A 129 3.78 -9.79 -15.22
C ILE A 129 4.50 -8.93 -14.18
N GLY A 130 4.76 -7.66 -14.52
CA GLY A 130 5.48 -6.74 -13.64
C GLY A 130 5.04 -5.31 -13.93
N PRO A 131 5.44 -4.35 -13.08
CA PRO A 131 4.99 -2.98 -13.16
C PRO A 131 5.40 -2.34 -14.49
N ARG A 132 6.58 -2.72 -15.02
CA ARG A 132 7.02 -2.27 -16.31
C ARG A 132 5.98 -2.49 -17.40
N ASP A 133 5.29 -3.64 -17.35
CA ASP A 133 4.30 -3.94 -18.36
C ASP A 133 3.14 -2.96 -18.24
N ILE A 134 2.69 -2.71 -17.00
CA ILE A 134 1.61 -1.78 -16.71
C ILE A 134 1.95 -0.42 -17.31
N ILE A 135 3.11 0.16 -16.94
CA ILE A 135 3.51 1.44 -17.50
C ILE A 135 3.51 1.34 -19.02
N LYS A 136 4.26 0.41 -19.63
CA LYS A 136 4.33 0.29 -21.08
C LYS A 136 2.94 0.30 -21.74
N ILE A 137 2.02 -0.53 -21.26
CA ILE A 137 0.65 -0.56 -21.73
C ILE A 137 0.06 0.86 -21.66
N ILE A 138 0.10 1.50 -20.50
CA ILE A 138 -0.53 2.82 -20.40
C ILE A 138 0.24 3.93 -21.15
N GLU A 139 1.54 3.77 -21.36
CA GLU A 139 2.35 4.62 -22.22
C GLU A 139 1.88 4.50 -23.68
N GLU A 140 1.39 3.33 -24.09
CA GLU A 140 0.82 3.15 -25.41
C GLU A 140 -0.41 4.07 -25.56
N ILE A 141 -1.20 4.18 -24.49
CA ILE A 141 -2.29 5.15 -24.41
C ILE A 141 -1.72 6.56 -24.38
N GLY A 142 -0.64 6.75 -23.62
CA GLY A 142 0.08 8.01 -23.46
C GLY A 142 -0.05 8.56 -22.04
N PHE A 143 -0.36 7.70 -21.07
CA PHE A 143 -0.50 8.09 -19.67
C PHE A 143 0.81 7.74 -18.96
N HIS A 144 0.93 7.98 -17.64
CA HIS A 144 2.09 7.54 -16.88
C HIS A 144 1.60 7.05 -15.52
N ALA A 145 2.12 5.90 -15.06
CA ALA A 145 1.70 5.24 -13.82
C ALA A 145 2.90 5.06 -12.89
N SER A 146 3.12 5.97 -11.93
CA SER A 146 4.29 5.99 -11.07
C SER A 146 3.91 5.93 -9.59
N LEU A 147 4.48 4.96 -8.84
CA LEU A 147 4.35 4.74 -7.41
C LEU A 147 3.74 5.91 -6.61
N ALA A 148 2.54 5.73 -6.05
CA ALA A 148 1.82 6.77 -5.31
C ALA A 148 1.79 6.55 -3.80
N GLN A 149 2.96 6.26 -3.21
CA GLN A 149 3.12 6.05 -1.78
C GLN A 149 2.59 7.24 -0.95
N MET A 1 8.58 -13.83 -2.56
CA MET A 1 7.13 -13.57 -2.67
C MET A 1 6.58 -13.68 -1.26
N ALA A 2 5.59 -12.86 -0.91
CA ALA A 2 4.89 -12.82 0.37
C ALA A 2 5.31 -11.76 1.40
N PRO A 3 6.58 -11.35 1.54
CA PRO A 3 6.91 -10.22 2.39
C PRO A 3 6.61 -8.92 1.64
N GLN A 4 5.81 -8.02 2.24
CA GLN A 4 5.47 -6.73 1.64
C GLN A 4 5.82 -5.60 2.63
N LYS A 5 5.51 -4.35 2.29
CA LYS A 5 5.50 -3.23 3.23
C LYS A 5 4.07 -2.75 3.47
N CYS A 6 3.83 -2.14 4.64
CA CYS A 6 2.59 -1.44 4.97
C CYS A 6 2.91 -0.02 5.41
N PHE A 7 2.22 0.97 4.83
CA PHE A 7 2.32 2.40 5.07
C PHE A 7 1.08 2.89 5.80
N LEU A 8 1.20 3.20 7.10
CA LEU A 8 0.10 3.80 7.83
C LEU A 8 0.61 4.98 8.66
N GLN A 9 -0.31 5.61 9.40
CA GLN A 9 0.02 6.64 10.35
C GLN A 9 -0.61 6.25 11.68
N ILE A 10 -0.12 6.86 12.76
CA ILE A 10 -0.72 6.77 14.06
C ILE A 10 -1.58 8.03 14.21
N LYS A 11 -2.82 7.89 14.70
CA LYS A 11 -3.68 9.03 14.94
C LYS A 11 -3.98 9.07 16.45
N GLY A 12 -2.95 9.35 17.26
CA GLY A 12 -3.09 9.42 18.71
C GLY A 12 -1.78 9.85 19.37
N MET A 13 -0.78 8.98 19.33
CA MET A 13 0.60 9.16 19.82
C MET A 13 0.77 10.01 21.08
N THR A 14 0.81 9.34 22.24
CA THR A 14 1.15 9.94 23.53
C THR A 14 2.53 10.64 23.53
N CYS A 15 3.43 10.27 22.61
CA CYS A 15 4.80 10.79 22.49
C CYS A 15 5.68 10.19 23.57
N ALA A 16 5.35 10.48 24.84
CA ALA A 16 6.09 10.11 26.05
C ALA A 16 7.00 8.89 25.85
N SER A 17 6.42 7.69 25.78
CA SER A 17 7.14 6.48 25.37
C SER A 17 6.23 5.35 24.90
N CYS A 18 4.96 5.66 24.62
CA CYS A 18 3.98 4.61 24.30
C CYS A 18 4.28 4.05 22.91
N VAL A 19 4.55 4.92 21.93
CA VAL A 19 4.99 4.46 20.61
C VAL A 19 6.21 3.55 20.80
N SER A 20 7.16 3.99 21.62
CA SER A 20 8.39 3.25 21.89
C SER A 20 8.10 1.82 22.37
N ASN A 21 7.09 1.65 23.24
CA ASN A 21 6.64 0.33 23.65
C ASN A 21 5.99 -0.40 22.47
N ILE A 22 5.07 0.28 21.77
CA ILE A 22 4.37 -0.25 20.62
C ILE A 22 5.35 -0.88 19.63
N GLU A 23 6.48 -0.22 19.32
CA GLU A 23 7.53 -0.80 18.47
C GLU A 23 7.84 -2.25 18.87
N ARG A 24 8.21 -2.44 20.14
CA ARG A 24 8.60 -3.74 20.68
C ARG A 24 7.45 -4.73 20.58
N ASN A 25 6.24 -4.25 20.83
CA ASN A 25 5.05 -5.09 20.77
C ASN A 25 4.88 -5.60 19.34
N LEU A 26 4.78 -4.71 18.36
CA LEU A 26 4.52 -5.09 16.99
C LEU A 26 5.69 -5.92 16.43
N GLN A 27 6.92 -5.66 16.86
CA GLN A 27 8.06 -6.52 16.58
C GLN A 27 7.73 -8.00 16.80
N LYS A 28 6.89 -8.29 17.79
CA LYS A 28 6.54 -9.66 18.17
C LYS A 28 5.08 -9.99 17.82
N GLU A 29 4.49 -9.30 16.84
CA GLU A 29 3.14 -9.58 16.38
C GLU A 29 3.10 -10.95 15.70
N ALA A 30 3.68 -11.07 14.50
CA ALA A 30 3.59 -12.26 13.67
C ALA A 30 4.59 -12.17 12.50
N GLY A 31 4.11 -12.23 11.25
CA GLY A 31 4.95 -12.20 10.06
C GLY A 31 5.61 -10.84 9.83
N VAL A 32 5.18 -9.81 10.56
CA VAL A 32 5.82 -8.51 10.53
C VAL A 32 7.12 -8.57 11.32
N LEU A 33 8.25 -8.22 10.68
CA LEU A 33 9.52 -8.11 11.37
C LEU A 33 10.29 -6.89 10.89
N SER A 34 9.61 -5.74 10.86
CA SER A 34 10.27 -4.46 10.72
C SER A 34 9.43 -3.42 11.42
N VAL A 35 10.07 -2.33 11.82
CA VAL A 35 9.45 -1.22 12.49
C VAL A 35 10.07 0.05 11.93
N LEU A 36 9.28 0.91 11.28
CA LEU A 36 9.80 2.21 10.88
C LEU A 36 8.70 3.25 11.11
N VAL A 37 8.56 3.66 12.38
CA VAL A 37 7.74 4.79 12.76
C VAL A 37 8.64 6.01 12.96
N ALA A 38 8.21 7.16 12.45
CA ALA A 38 8.83 8.44 12.78
C ALA A 38 7.84 9.22 13.62
N LEU A 39 8.00 9.16 14.95
CA LEU A 39 7.20 9.93 15.90
C LEU A 39 7.28 11.44 15.62
N MET A 40 8.32 11.88 14.92
CA MET A 40 8.54 13.26 14.53
C MET A 40 7.42 13.72 13.59
N ALA A 41 7.31 13.01 12.46
CA ALA A 41 6.42 13.37 11.37
C ALA A 41 5.03 12.74 11.55
N GLY A 42 4.97 11.61 12.27
CA GLY A 42 3.75 10.85 12.47
C GLY A 42 3.47 9.99 11.26
N LYS A 43 4.35 9.02 10.97
CA LYS A 43 4.10 7.98 9.99
C LYS A 43 4.57 6.70 10.64
N ALA A 44 3.79 5.62 10.50
CA ALA A 44 4.18 4.27 10.87
C ALA A 44 4.19 3.38 9.63
N GLU A 45 5.38 3.05 9.11
CA GLU A 45 5.49 2.01 8.09
C GLU A 45 6.24 0.81 8.68
N ILE A 46 5.83 -0.39 8.27
CA ILE A 46 6.39 -1.64 8.72
C ILE A 46 6.46 -2.62 7.54
N LYS A 47 6.98 -3.84 7.76
CA LYS A 47 7.08 -4.88 6.73
C LYS A 47 6.40 -6.16 7.22
N TYR A 48 5.12 -6.32 6.83
CA TYR A 48 4.25 -7.44 7.12
C TYR A 48 4.12 -8.44 5.96
N ASP A 49 3.52 -9.59 6.26
CA ASP A 49 3.30 -10.70 5.33
C ASP A 49 1.79 -11.02 5.29
N PRO A 50 1.02 -10.52 4.30
CA PRO A 50 -0.43 -10.61 4.25
C PRO A 50 -0.99 -12.02 4.40
N GLU A 51 -0.16 -13.03 4.13
CA GLU A 51 -0.53 -14.43 4.08
C GLU A 51 -0.66 -15.03 5.48
N VAL A 52 0.05 -14.44 6.45
CA VAL A 52 0.02 -14.87 7.85
C VAL A 52 -0.43 -13.77 8.80
N ILE A 53 -0.16 -12.51 8.47
CA ILE A 53 -0.55 -11.35 9.29
C ILE A 53 -1.29 -10.34 8.41
N GLN A 54 -2.41 -9.78 8.87
CA GLN A 54 -3.22 -8.84 8.12
C GLN A 54 -3.34 -7.48 8.85
N PRO A 55 -3.60 -6.38 8.11
CA PRO A 55 -3.79 -5.07 8.72
C PRO A 55 -4.95 -5.08 9.71
N LEU A 56 -5.98 -5.90 9.49
CA LEU A 56 -7.16 -5.91 10.36
C LEU A 56 -6.82 -6.35 11.78
N GLU A 57 -5.99 -7.39 11.90
CA GLU A 57 -5.50 -7.90 13.17
C GLU A 57 -4.49 -6.92 13.79
N ILE A 58 -3.60 -6.34 12.96
CA ILE A 58 -2.73 -5.26 13.40
C ILE A 58 -3.59 -4.17 14.03
N ALA A 59 -4.72 -3.89 13.39
CA ALA A 59 -5.65 -2.87 13.82
C ALA A 59 -6.24 -3.21 15.18
N GLN A 60 -6.52 -4.49 15.47
CA GLN A 60 -6.90 -4.88 16.80
C GLN A 60 -5.78 -4.54 17.78
N PHE A 61 -4.55 -5.00 17.50
CA PHE A 61 -3.43 -4.78 18.40
C PHE A 61 -3.32 -3.30 18.78
N ILE A 62 -3.24 -2.41 17.79
CA ILE A 62 -3.16 -0.98 18.06
C ILE A 62 -4.42 -0.45 18.80
N GLN A 63 -5.64 -0.84 18.39
CA GLN A 63 -6.84 -0.38 19.07
C GLN A 63 -6.81 -0.81 20.54
N ASP A 64 -6.33 -2.03 20.83
CA ASP A 64 -6.26 -2.56 22.18
C ASP A 64 -5.24 -1.76 22.99
N LEU A 65 -4.05 -1.54 22.41
CA LEU A 65 -3.05 -0.62 22.96
C LEU A 65 -3.65 0.77 23.22
N GLY A 66 -4.60 1.20 22.40
CA GLY A 66 -5.41 2.40 22.62
C GLY A 66 -5.01 3.50 21.65
N PHE A 67 -4.61 3.09 20.44
CA PHE A 67 -4.13 3.96 19.39
C PHE A 67 -4.99 3.67 18.16
N GLU A 68 -5.19 4.69 17.31
CA GLU A 68 -5.82 4.51 16.02
C GLU A 68 -4.70 4.37 14.99
N ALA A 69 -4.79 3.33 14.18
CA ALA A 69 -3.87 3.10 13.08
C ALA A 69 -4.70 3.11 11.82
N ALA A 70 -4.35 4.04 10.94
CA ALA A 70 -5.02 4.22 9.66
C ALA A 70 -3.95 4.38 8.60
N VAL A 71 -4.08 3.57 7.54
CA VAL A 71 -3.20 3.56 6.39
C VAL A 71 -3.02 5.00 5.89
N MET A 72 -1.88 5.28 5.27
CA MET A 72 -1.62 6.59 4.72
C MET A 72 -2.72 6.98 3.73
N GLU A 73 -3.10 6.03 2.88
CA GLU A 73 -4.17 6.09 1.90
C GLU A 73 -4.10 4.78 1.13
N ASP A 74 -2.98 4.62 0.42
CA ASP A 74 -2.63 3.44 -0.33
C ASP A 74 -2.51 2.20 0.55
N TYR A 75 -1.33 2.01 1.13
CA TYR A 75 -0.76 0.74 1.54
C TYR A 75 0.77 0.70 1.62
N ALA A 76 1.54 1.47 0.82
CA ALA A 76 3.01 1.38 0.65
C ALA A 76 3.44 1.31 -0.80
N GLY A 77 2.95 0.30 -1.51
CA GLY A 77 3.34 0.03 -2.87
C GLY A 77 4.75 -0.52 -2.95
N SER A 78 4.90 -1.84 -2.87
CA SER A 78 6.21 -2.49 -2.96
C SER A 78 6.17 -3.76 -3.82
N ASP A 79 6.09 -4.93 -3.20
CA ASP A 79 5.86 -6.21 -3.86
C ASP A 79 4.39 -6.55 -3.63
N GLY A 80 3.78 -7.29 -4.54
CA GLY A 80 2.42 -7.76 -4.39
C GLY A 80 1.52 -6.62 -4.81
N ASN A 81 1.48 -5.60 -3.95
CA ASN A 81 0.73 -4.40 -4.15
C ASN A 81 1.68 -3.27 -4.54
N ILE A 82 1.42 -2.60 -5.66
CA ILE A 82 2.18 -1.45 -6.14
C ILE A 82 1.19 -0.35 -6.53
N GLU A 83 1.61 0.90 -6.38
CA GLU A 83 0.82 2.06 -6.72
C GLU A 83 1.58 2.96 -7.68
N LEU A 84 0.84 3.62 -8.57
CA LEU A 84 1.38 4.49 -9.60
C LEU A 84 0.44 5.67 -9.77
N THR A 85 0.98 6.84 -10.14
CA THR A 85 0.20 8.03 -10.39
C THR A 85 -0.04 8.09 -11.89
N ILE A 86 -1.29 8.33 -12.31
CA ILE A 86 -1.66 8.36 -13.72
C ILE A 86 -1.92 9.80 -14.18
N THR A 87 -1.06 10.30 -15.06
CA THR A 87 -1.14 11.64 -15.61
C THR A 87 -1.68 11.57 -17.04
N GLY A 88 -2.56 12.51 -17.40
CA GLY A 88 -3.16 12.63 -18.72
C GLY A 88 -4.65 12.28 -18.72
N MET A 89 -5.06 11.41 -17.80
CA MET A 89 -6.46 11.01 -17.62
C MET A 89 -7.29 12.23 -17.20
N THR A 90 -8.43 12.44 -17.88
CA THR A 90 -9.39 13.49 -17.58
C THR A 90 -10.81 12.97 -17.84
N CYS A 91 -11.09 11.69 -17.58
CA CYS A 91 -12.42 11.12 -17.83
C CYS A 91 -12.60 9.77 -17.14
N ALA A 92 -13.69 9.60 -16.39
CA ALA A 92 -14.03 8.34 -15.73
C ALA A 92 -14.07 7.16 -16.72
N SER A 93 -14.52 7.42 -17.94
CA SER A 93 -14.48 6.42 -19.02
C SER A 93 -13.06 5.88 -19.19
N CYS A 94 -12.08 6.78 -19.23
CA CYS A 94 -10.68 6.38 -19.37
C CYS A 94 -10.28 5.55 -18.17
N VAL A 95 -10.62 5.99 -16.95
CA VAL A 95 -10.36 5.21 -15.74
C VAL A 95 -10.92 3.80 -15.87
N HIS A 96 -12.20 3.66 -16.20
CA HIS A 96 -12.84 2.36 -16.35
C HIS A 96 -12.10 1.51 -17.37
N ASN A 97 -11.75 2.09 -18.52
CA ASN A 97 -11.00 1.42 -19.56
C ASN A 97 -9.65 0.95 -19.03
N ILE A 98 -8.90 1.82 -18.35
CA ILE A 98 -7.63 1.49 -17.73
C ILE A 98 -7.83 0.31 -16.80
N GLU A 99 -8.80 0.40 -15.88
CA GLU A 99 -9.11 -0.65 -14.92
C GLU A 99 -9.42 -1.95 -15.65
N SER A 100 -10.18 -1.90 -16.75
CA SER A 100 -10.43 -3.05 -17.60
C SER A 100 -9.11 -3.65 -18.10
N LYS A 101 -8.27 -2.84 -18.78
CA LYS A 101 -6.99 -3.30 -19.28
C LYS A 101 -6.15 -3.94 -18.17
N LEU A 102 -6.00 -3.26 -17.04
CA LEU A 102 -5.27 -3.79 -15.91
C LEU A 102 -5.85 -5.13 -15.48
N THR A 103 -7.15 -5.16 -15.15
CA THR A 103 -7.86 -6.36 -14.76
C THR A 103 -7.73 -7.47 -15.81
N ARG A 104 -7.47 -7.11 -17.07
CA ARG A 104 -7.25 -8.12 -18.11
C ARG A 104 -6.00 -8.97 -17.79
N THR A 105 -5.03 -8.41 -17.08
CA THR A 105 -3.76 -9.02 -16.75
C THR A 105 -3.94 -10.20 -15.79
N ASN A 106 -3.55 -11.39 -16.23
CA ASN A 106 -3.53 -12.64 -15.47
C ASN A 106 -3.20 -12.47 -13.99
N GLY A 107 -2.07 -11.83 -13.67
CA GLY A 107 -1.60 -11.77 -12.30
C GLY A 107 -2.37 -10.77 -11.43
N ILE A 108 -2.91 -9.71 -12.03
CA ILE A 108 -3.57 -8.66 -11.26
C ILE A 108 -4.91 -9.23 -10.76
N THR A 109 -5.18 -9.14 -9.46
CA THR A 109 -6.42 -9.66 -8.91
C THR A 109 -7.44 -8.56 -8.72
N TYR A 110 -7.04 -7.48 -8.05
CA TYR A 110 -7.82 -6.27 -8.00
C TYR A 110 -6.91 -5.09 -8.32
N ALA A 111 -7.34 -4.27 -9.28
CA ALA A 111 -6.78 -2.94 -9.51
C ALA A 111 -7.79 -1.92 -8.99
N SER A 112 -7.33 -0.98 -8.15
CA SER A 112 -8.17 0.09 -7.60
C SER A 112 -7.65 1.44 -8.10
N VAL A 113 -8.40 2.18 -8.94
CA VAL A 113 -7.93 3.47 -9.48
C VAL A 113 -8.78 4.65 -8.98
N ALA A 114 -8.13 5.72 -8.49
CA ALA A 114 -8.78 6.87 -7.89
C ALA A 114 -8.33 8.18 -8.56
N LEU A 115 -9.22 8.76 -9.38
CA LEU A 115 -8.98 9.99 -10.14
C LEU A 115 -8.99 11.25 -9.27
N ALA A 116 -9.63 11.22 -8.11
CA ALA A 116 -9.68 12.37 -7.20
C ALA A 116 -8.25 12.76 -6.79
N THR A 117 -7.42 11.75 -6.59
CA THR A 117 -6.01 11.88 -6.24
C THR A 117 -5.13 11.70 -7.49
N SER A 118 -5.56 10.83 -8.42
CA SER A 118 -4.82 10.41 -9.60
C SER A 118 -3.78 9.35 -9.25
N LYS A 119 -4.11 8.42 -8.33
CA LYS A 119 -3.27 7.28 -8.00
C LYS A 119 -4.03 5.98 -8.31
N ALA A 120 -3.30 4.97 -8.78
CA ALA A 120 -3.76 3.69 -9.31
C ALA A 120 -3.01 2.60 -8.56
N LEU A 121 -3.75 1.71 -7.88
CA LEU A 121 -3.23 0.72 -6.95
C LEU A 121 -3.49 -0.68 -7.48
N VAL A 122 -2.44 -1.35 -8.00
CA VAL A 122 -2.53 -2.68 -8.58
C VAL A 122 -1.97 -3.74 -7.63
N LYS A 123 -2.68 -4.86 -7.49
CA LYS A 123 -2.23 -6.01 -6.72
C LYS A 123 -2.04 -7.18 -7.69
N PHE A 124 -0.77 -7.48 -7.99
CA PHE A 124 -0.33 -8.61 -8.82
C PHE A 124 0.65 -9.52 -8.09
N ASP A 125 1.04 -10.63 -8.73
CA ASP A 125 2.06 -11.54 -8.21
C ASP A 125 3.41 -11.21 -8.90
N PRO A 126 4.42 -10.71 -8.14
CA PRO A 126 5.62 -10.14 -8.71
C PRO A 126 6.60 -11.22 -9.18
N GLU A 127 6.24 -11.88 -10.27
CA GLU A 127 6.95 -13.03 -10.80
C GLU A 127 6.42 -13.35 -12.19
N ILE A 128 5.09 -13.42 -12.33
CA ILE A 128 4.42 -13.72 -13.57
C ILE A 128 4.27 -12.48 -14.44
N ILE A 129 4.11 -11.32 -13.79
CA ILE A 129 3.99 -10.03 -14.45
C ILE A 129 4.94 -9.03 -13.78
N GLY A 130 5.25 -7.95 -14.48
CA GLY A 130 6.15 -6.90 -14.03
C GLY A 130 5.58 -5.52 -14.35
N PRO A 131 6.17 -4.45 -13.82
CA PRO A 131 5.69 -3.08 -13.99
C PRO A 131 5.84 -2.64 -15.45
N ARG A 132 6.95 -2.99 -16.10
CA ARG A 132 7.24 -2.61 -17.47
C ARG A 132 6.08 -2.93 -18.42
N ASP A 133 5.42 -4.06 -18.19
CA ASP A 133 4.33 -4.52 -19.03
C ASP A 133 3.16 -3.56 -18.88
N ILE A 134 2.85 -3.18 -17.63
CA ILE A 134 1.82 -2.20 -17.34
C ILE A 134 2.19 -0.88 -17.99
N ILE A 135 3.46 -0.47 -17.83
CA ILE A 135 3.99 0.72 -18.48
C ILE A 135 3.70 0.63 -19.98
N LYS A 136 4.15 -0.41 -20.68
CA LYS A 136 3.88 -0.57 -22.10
C LYS A 136 2.39 -0.36 -22.41
N ILE A 137 1.50 -1.04 -21.66
CA ILE A 137 0.07 -0.91 -21.90
C ILE A 137 -0.34 0.56 -21.82
N ILE A 138 0.06 1.28 -20.76
CA ILE A 138 -0.32 2.67 -20.65
C ILE A 138 0.39 3.58 -21.66
N GLU A 139 1.60 3.24 -22.11
CA GLU A 139 2.26 3.94 -23.21
C GLU A 139 1.44 3.74 -24.50
N GLU A 140 0.95 2.54 -24.75
CA GLU A 140 0.11 2.22 -25.88
C GLU A 140 -1.16 3.07 -25.81
N ILE A 141 -1.71 3.26 -24.61
CA ILE A 141 -2.86 4.13 -24.42
C ILE A 141 -2.47 5.61 -24.59
N GLY A 142 -1.29 5.97 -24.10
CA GLY A 142 -0.78 7.33 -24.07
C GLY A 142 -1.01 8.01 -22.71
N PHE A 143 -1.06 7.24 -21.62
CA PHE A 143 -0.98 7.83 -20.27
C PHE A 143 0.45 7.67 -19.74
N HIS A 144 0.72 8.20 -18.54
CA HIS A 144 2.03 8.13 -17.92
C HIS A 144 1.82 7.64 -16.49
N ALA A 145 2.44 6.51 -16.16
CA ALA A 145 2.38 5.87 -14.86
C ALA A 145 3.69 6.15 -14.13
N SER A 146 3.66 6.93 -13.04
CA SER A 146 4.83 7.12 -12.18
C SER A 146 4.53 6.73 -10.74
N LEU A 147 5.20 5.67 -10.27
CA LEU A 147 5.19 5.13 -8.91
C LEU A 147 4.90 6.20 -7.87
N ALA A 148 3.76 6.07 -7.19
CA ALA A 148 3.24 7.09 -6.28
C ALA A 148 3.63 6.83 -4.83
N GLN A 149 4.73 6.09 -4.63
CA GLN A 149 5.39 5.94 -3.34
C GLN A 149 5.84 7.30 -2.79
N MET A 1 12.50 -10.78 6.13
CA MET A 1 11.18 -10.28 5.71
C MET A 1 11.40 -9.57 4.37
N ALA A 2 10.46 -9.63 3.44
CA ALA A 2 10.61 -8.95 2.16
C ALA A 2 10.61 -7.43 2.44
N PRO A 3 11.55 -6.66 1.88
CA PRO A 3 11.82 -5.32 2.38
C PRO A 3 10.88 -4.27 1.85
N GLN A 4 9.70 -4.30 2.44
CA GLN A 4 8.59 -3.42 2.08
C GLN A 4 8.33 -2.43 3.20
N LYS A 5 8.38 -1.13 2.87
CA LYS A 5 8.12 -0.05 3.79
C LYS A 5 6.68 0.40 3.62
N CYS A 6 6.06 0.88 4.69
CA CYS A 6 4.71 1.41 4.66
C CYS A 6 4.69 2.71 5.47
N PHE A 7 4.05 3.74 4.92
CA PHE A 7 3.98 5.06 5.53
C PHE A 7 2.60 5.24 6.15
N LEU A 8 2.48 5.03 7.45
CA LEU A 8 1.26 5.32 8.18
C LEU A 8 1.51 6.32 9.30
N GLN A 9 0.41 6.81 9.87
CA GLN A 9 0.46 7.75 10.96
C GLN A 9 -0.49 7.27 12.05
N ILE A 10 -0.07 7.47 13.30
CA ILE A 10 -0.78 7.06 14.48
C ILE A 10 -1.54 8.27 15.00
N LYS A 11 -2.71 8.04 15.58
CA LYS A 11 -3.45 9.07 16.29
C LYS A 11 -3.79 8.49 17.67
N GLY A 12 -2.97 8.82 18.67
CA GLY A 12 -3.14 8.35 20.04
C GLY A 12 -1.96 8.83 20.91
N MET A 13 -0.79 8.23 20.67
CA MET A 13 0.52 8.58 21.23
C MET A 13 0.50 9.23 22.62
N THR A 14 0.16 8.43 23.64
CA THR A 14 0.18 8.80 25.05
C THR A 14 1.53 9.33 25.55
N CYS A 15 2.62 9.14 24.78
CA CYS A 15 4.00 9.51 25.12
C CYS A 15 4.56 8.59 26.19
N ALA A 16 3.97 8.64 27.40
CA ALA A 16 4.35 7.91 28.62
C ALA A 16 5.31 6.75 28.36
N SER A 17 4.79 5.66 27.79
CA SER A 17 5.59 4.64 27.10
C SER A 17 4.72 3.86 26.11
N CYS A 18 3.61 4.43 25.63
CA CYS A 18 2.65 3.64 24.86
C CYS A 18 3.26 3.31 23.51
N VAL A 19 3.72 4.34 22.78
CA VAL A 19 4.44 4.16 21.53
C VAL A 19 5.56 3.15 21.74
N SER A 20 6.33 3.31 22.82
CA SER A 20 7.45 2.46 23.16
C SER A 20 7.02 0.98 23.22
N ASN A 21 5.96 0.68 23.99
CA ASN A 21 5.51 -0.70 24.11
C ASN A 21 4.91 -1.18 22.78
N ILE A 22 4.15 -0.32 22.10
CA ILE A 22 3.52 -0.59 20.83
C ILE A 22 4.57 -1.03 19.82
N GLU A 23 5.66 -0.28 19.65
CA GLU A 23 6.75 -0.64 18.77
C GLU A 23 7.24 -2.07 19.04
N ARG A 24 7.43 -2.46 20.30
CA ARG A 24 7.82 -3.83 20.60
C ARG A 24 6.71 -4.83 20.30
N ASN A 25 5.46 -4.47 20.63
CA ASN A 25 4.32 -5.35 20.41
C ASN A 25 4.16 -5.65 18.92
N LEU A 26 4.08 -4.60 18.10
CA LEU A 26 4.02 -4.72 16.65
C LEU A 26 5.20 -5.54 16.14
N GLN A 27 6.41 -5.37 16.68
CA GLN A 27 7.55 -6.21 16.32
C GLN A 27 7.25 -7.72 16.45
N LYS A 28 6.28 -8.09 17.29
CA LYS A 28 5.83 -9.46 17.47
C LYS A 28 4.48 -9.74 16.81
N GLU A 29 4.06 -8.92 15.84
CA GLU A 29 2.80 -9.10 15.11
C GLU A 29 2.93 -10.32 14.21
N ALA A 30 3.72 -10.18 13.13
CA ALA A 30 3.97 -11.22 12.15
C ALA A 30 5.19 -10.78 11.32
N GLY A 31 4.98 -10.34 10.08
CA GLY A 31 6.08 -10.02 9.17
C GLY A 31 6.46 -8.54 9.18
N VAL A 32 6.20 -7.80 10.28
CA VAL A 32 6.72 -6.46 10.50
C VAL A 32 7.98 -6.54 11.37
N LEU A 33 9.13 -6.06 10.86
CA LEU A 33 10.38 -6.13 11.61
C LEU A 33 11.14 -4.83 11.43
N SER A 34 10.49 -3.70 11.71
CA SER A 34 11.12 -2.40 11.88
C SER A 34 10.11 -1.55 12.62
N VAL A 35 10.59 -0.52 13.31
CA VAL A 35 9.77 0.45 14.00
C VAL A 35 10.44 1.80 13.81
N LEU A 36 9.82 2.67 13.01
CA LEU A 36 10.35 4.03 12.86
C LEU A 36 9.19 5.00 13.10
N VAL A 37 8.83 5.21 14.38
CA VAL A 37 7.86 6.22 14.76
C VAL A 37 8.59 7.47 15.22
N ALA A 38 8.25 8.62 14.64
CA ALA A 38 8.70 9.91 15.14
C ALA A 38 7.57 10.51 15.98
N LEU A 39 7.53 10.20 17.27
CA LEU A 39 6.63 10.81 18.24
C LEU A 39 6.74 12.34 18.22
N MET A 40 7.86 12.87 17.73
CA MET A 40 8.12 14.30 17.69
C MET A 40 7.27 14.99 16.60
N ALA A 41 7.04 14.29 15.48
CA ALA A 41 6.39 14.85 14.31
C ALA A 41 5.00 14.24 14.10
N GLY A 42 4.88 12.95 14.36
CA GLY A 42 3.67 12.16 14.28
C GLY A 42 3.63 11.38 12.96
N LYS A 43 4.57 10.45 12.78
CA LYS A 43 4.55 9.55 11.66
C LYS A 43 5.04 8.21 12.17
N ALA A 44 4.37 7.12 11.78
CA ALA A 44 4.80 5.77 12.06
C ALA A 44 5.09 5.04 10.75
N GLU A 45 6.35 5.03 10.33
CA GLU A 45 6.75 4.24 9.20
C GLU A 45 7.43 2.98 9.75
N ILE A 46 7.11 1.84 9.17
CA ILE A 46 7.69 0.57 9.53
C ILE A 46 8.07 -0.13 8.24
N LYS A 47 8.60 -1.35 8.38
CA LYS A 47 8.95 -2.20 7.26
C LYS A 47 8.44 -3.59 7.55
N TYR A 48 7.37 -3.94 6.83
CA TYR A 48 6.74 -5.24 6.90
C TYR A 48 6.76 -6.03 5.60
N ASP A 49 6.25 -7.26 5.66
CA ASP A 49 6.11 -8.16 4.53
C ASP A 49 4.63 -8.42 4.20
N PRO A 50 4.13 -7.86 3.08
CA PRO A 50 2.73 -7.96 2.71
C PRO A 50 2.32 -9.38 2.36
N GLU A 51 3.25 -10.34 2.18
CA GLU A 51 2.82 -11.71 1.89
C GLU A 51 2.12 -12.34 3.09
N VAL A 52 2.35 -11.82 4.31
CA VAL A 52 1.94 -12.46 5.54
C VAL A 52 1.16 -11.47 6.42
N ILE A 53 1.66 -10.24 6.59
CA ILE A 53 0.94 -9.21 7.31
C ILE A 53 0.11 -8.38 6.33
N GLN A 54 -1.04 -7.91 6.80
CA GLN A 54 -1.95 -7.04 6.07
C GLN A 54 -2.26 -5.81 6.94
N PRO A 55 -2.55 -4.66 6.32
CA PRO A 55 -2.87 -3.42 7.03
C PRO A 55 -4.10 -3.61 7.93
N LEU A 56 -5.01 -4.50 7.54
CA LEU A 56 -6.16 -4.93 8.32
C LEU A 56 -5.69 -5.53 9.66
N GLU A 57 -4.72 -6.45 9.59
CA GLU A 57 -4.22 -7.14 10.77
C GLU A 57 -3.47 -6.15 11.66
N ILE A 58 -2.71 -5.23 11.05
CA ILE A 58 -2.06 -4.14 11.76
C ILE A 58 -3.14 -3.35 12.47
N ALA A 59 -4.23 -3.04 11.75
CA ALA A 59 -5.32 -2.24 12.27
C ALA A 59 -5.94 -2.90 13.49
N GLN A 60 -6.18 -4.21 13.41
CA GLN A 60 -6.66 -4.94 14.57
C GLN A 60 -5.66 -4.85 15.72
N PHE A 61 -4.39 -5.15 15.49
CA PHE A 61 -3.38 -5.10 16.56
C PHE A 61 -3.35 -3.72 17.24
N ILE A 62 -3.30 -2.64 16.46
CA ILE A 62 -3.26 -1.30 17.05
C ILE A 62 -4.58 -0.97 17.77
N GLN A 63 -5.72 -1.35 17.21
CA GLN A 63 -7.01 -1.11 17.86
C GLN A 63 -7.11 -1.93 19.16
N ASP A 64 -6.54 -3.13 19.20
CA ASP A 64 -6.45 -3.92 20.42
C ASP A 64 -5.62 -3.18 21.46
N LEU A 65 -4.41 -2.74 21.06
CA LEU A 65 -3.56 -1.94 21.93
C LEU A 65 -4.26 -0.63 22.35
N GLY A 66 -5.15 -0.11 21.52
CA GLY A 66 -6.08 0.96 21.86
C GLY A 66 -5.68 2.29 21.23
N PHE A 67 -5.07 2.21 20.04
CA PHE A 67 -4.62 3.34 19.25
C PHE A 67 -5.38 3.34 17.92
N GLU A 68 -5.40 4.48 17.21
CA GLU A 68 -5.76 4.51 15.82
C GLU A 68 -4.47 4.53 15.02
N ALA A 69 -4.41 3.71 13.99
CA ALA A 69 -3.35 3.74 12.99
C ALA A 69 -4.04 3.85 11.66
N ALA A 70 -3.62 4.86 10.88
CA ALA A 70 -4.20 5.14 9.58
C ALA A 70 -3.06 5.40 8.61
N VAL A 71 -3.04 4.63 7.53
CA VAL A 71 -2.08 4.76 6.47
C VAL A 71 -2.37 6.04 5.71
N MET A 72 -1.32 6.69 5.24
CA MET A 72 -1.51 7.85 4.38
C MET A 72 -2.35 7.44 3.17
N GLU A 73 -1.94 6.33 2.56
CA GLU A 73 -2.41 5.59 1.42
C GLU A 73 -1.26 4.73 0.89
N ASP A 74 -0.03 5.23 1.00
CA ASP A 74 1.23 4.54 0.68
C ASP A 74 1.46 3.36 1.63
N TYR A 75 0.66 2.31 1.43
CA TYR A 75 0.62 1.10 2.22
C TYR A 75 1.81 0.16 1.98
N ALA A 76 2.49 0.29 0.84
CA ALA A 76 3.55 -0.57 0.29
C ALA A 76 3.25 -0.84 -1.17
N GLY A 77 3.68 -1.99 -1.69
CA GLY A 77 3.50 -2.33 -3.07
C GLY A 77 4.65 -3.24 -3.51
N SER A 78 4.43 -4.56 -3.45
CA SER A 78 5.46 -5.51 -3.87
C SER A 78 4.97 -6.96 -4.13
N ASP A 79 3.87 -7.40 -3.51
CA ASP A 79 3.38 -8.76 -3.64
C ASP A 79 2.59 -8.88 -4.95
N GLY A 80 1.44 -9.54 -4.98
CA GLY A 80 0.40 -9.25 -5.93
C GLY A 80 -0.14 -7.84 -5.67
N ASN A 81 0.06 -7.32 -4.46
CA ASN A 81 -0.45 -6.03 -4.04
C ASN A 81 0.61 -5.00 -4.38
N ILE A 82 0.37 -4.25 -5.44
CA ILE A 82 1.18 -3.10 -5.86
C ILE A 82 0.22 -1.96 -6.10
N GLU A 83 0.77 -0.75 -6.02
CA GLU A 83 0.11 0.43 -6.48
C GLU A 83 0.95 1.14 -7.51
N LEU A 84 0.28 2.00 -8.28
CA LEU A 84 0.93 2.88 -9.22
C LEU A 84 0.21 4.22 -9.27
N THR A 85 0.91 5.25 -9.75
CA THR A 85 0.41 6.59 -9.98
C THR A 85 0.31 6.81 -11.49
N ILE A 86 -0.84 7.32 -11.94
CA ILE A 86 -1.23 7.44 -13.34
C ILE A 86 -1.21 8.89 -13.80
N THR A 87 -0.12 9.30 -14.45
CA THR A 87 0.08 10.69 -14.83
C THR A 87 -0.40 10.89 -16.27
N GLY A 88 -1.48 11.66 -16.43
CA GLY A 88 -2.08 11.97 -17.73
C GLY A 88 -3.61 11.83 -17.69
N MET A 89 -4.13 11.05 -16.76
CA MET A 89 -5.56 10.77 -16.68
C MET A 89 -6.35 11.99 -16.24
N THR A 90 -7.47 12.29 -16.94
CA THR A 90 -8.37 13.38 -16.59
C THR A 90 -9.80 13.05 -17.06
N CYS A 91 -10.25 11.80 -16.93
CA CYS A 91 -11.62 11.42 -17.26
C CYS A 91 -11.93 10.01 -16.75
N ALA A 92 -13.13 9.79 -16.19
CA ALA A 92 -13.57 8.47 -15.72
C ALA A 92 -13.55 7.42 -16.84
N SER A 93 -13.75 7.86 -18.08
CA SER A 93 -13.55 6.98 -19.22
C SER A 93 -12.14 6.36 -19.18
N CYS A 94 -11.13 7.16 -18.87
CA CYS A 94 -9.74 6.69 -18.81
C CYS A 94 -9.59 5.66 -17.69
N VAL A 95 -10.20 5.91 -16.53
CA VAL A 95 -10.27 4.95 -15.42
C VAL A 95 -10.80 3.61 -15.95
N HIS A 96 -11.98 3.65 -16.58
CA HIS A 96 -12.62 2.42 -17.07
C HIS A 96 -11.73 1.74 -18.10
N ASN A 97 -11.05 2.56 -18.92
CA ASN A 97 -10.11 2.08 -19.92
C ASN A 97 -9.02 1.28 -19.24
N ILE A 98 -8.27 1.93 -18.34
CA ILE A 98 -7.20 1.31 -17.58
C ILE A 98 -7.67 0.01 -16.94
N GLU A 99 -8.82 0.06 -16.28
CA GLU A 99 -9.46 -1.11 -15.67
C GLU A 99 -9.64 -2.21 -16.73
N SER A 100 -10.25 -1.88 -17.86
CA SER A 100 -10.51 -2.84 -18.93
C SER A 100 -9.21 -3.30 -19.60
N LYS A 101 -8.16 -2.50 -19.54
CA LYS A 101 -6.81 -2.88 -19.96
C LYS A 101 -6.17 -3.84 -18.97
N LEU A 102 -6.24 -3.58 -17.67
CA LEU A 102 -5.57 -4.45 -16.69
C LEU A 102 -6.32 -5.77 -16.62
N THR A 103 -7.66 -5.72 -16.55
CA THR A 103 -8.47 -6.94 -16.57
C THR A 103 -8.28 -7.74 -17.86
N ARG A 104 -7.65 -7.17 -18.89
CA ARG A 104 -7.21 -7.96 -20.03
C ARG A 104 -6.35 -9.15 -19.60
N THR A 105 -5.55 -9.02 -18.54
CA THR A 105 -4.62 -10.03 -18.10
C THR A 105 -5.36 -11.14 -17.32
N ASN A 106 -4.70 -12.28 -17.14
CA ASN A 106 -5.24 -13.42 -16.41
C ASN A 106 -5.07 -13.26 -14.91
N GLY A 107 -3.88 -12.83 -14.46
CA GLY A 107 -3.53 -12.84 -13.05
C GLY A 107 -4.28 -11.79 -12.25
N ILE A 108 -4.51 -10.62 -12.86
CA ILE A 108 -5.12 -9.52 -12.13
C ILE A 108 -6.56 -9.90 -11.76
N THR A 109 -6.94 -9.72 -10.49
CA THR A 109 -8.28 -10.03 -10.02
C THR A 109 -9.07 -8.76 -9.69
N TYR A 110 -8.51 -7.90 -8.84
CA TYR A 110 -9.12 -6.62 -8.53
C TYR A 110 -8.03 -5.54 -8.66
N ALA A 111 -8.28 -4.52 -9.49
CA ALA A 111 -7.66 -3.22 -9.29
C ALA A 111 -8.70 -2.21 -8.83
N SER A 112 -8.24 -1.11 -8.27
CA SER A 112 -9.04 0.07 -7.99
C SER A 112 -8.19 1.28 -8.33
N VAL A 113 -8.53 2.01 -9.40
CA VAL A 113 -7.80 3.17 -9.87
C VAL A 113 -8.60 4.45 -9.60
N ALA A 114 -7.96 5.48 -9.04
CA ALA A 114 -8.63 6.72 -8.65
C ALA A 114 -7.78 7.96 -8.96
N LEU A 115 -8.31 8.83 -9.82
CA LEU A 115 -7.68 10.05 -10.29
C LEU A 115 -7.59 11.12 -9.21
N ALA A 116 -8.55 11.16 -8.27
CA ALA A 116 -8.61 12.19 -7.25
C ALA A 116 -7.37 12.11 -6.37
N THR A 117 -7.06 10.89 -5.91
CA THR A 117 -5.81 10.58 -5.25
C THR A 117 -4.67 10.55 -6.28
N SER A 118 -4.95 10.06 -7.49
CA SER A 118 -4.02 9.92 -8.61
C SER A 118 -3.24 8.61 -8.52
N LYS A 119 -3.70 7.67 -7.69
CA LYS A 119 -3.09 6.35 -7.55
C LYS A 119 -4.08 5.25 -7.88
N ALA A 120 -3.55 4.06 -8.09
CA ALA A 120 -4.31 2.84 -8.30
C ALA A 120 -3.69 1.74 -7.46
N LEU A 121 -4.54 0.86 -6.93
CA LEU A 121 -4.13 -0.41 -6.36
C LEU A 121 -4.38 -1.51 -7.40
N VAL A 122 -3.52 -2.53 -7.43
CA VAL A 122 -3.60 -3.70 -8.29
C VAL A 122 -3.32 -4.94 -7.44
N LYS A 123 -4.11 -6.01 -7.63
CA LYS A 123 -3.83 -7.35 -7.12
C LYS A 123 -3.55 -8.28 -8.31
N PHE A 124 -2.31 -8.75 -8.52
CA PHE A 124 -1.98 -9.74 -9.55
C PHE A 124 -1.21 -10.92 -8.96
N ASP A 125 -0.76 -11.89 -9.77
CA ASP A 125 0.09 -12.98 -9.28
C ASP A 125 1.54 -12.68 -9.70
N PRO A 126 2.47 -12.40 -8.77
CA PRO A 126 3.78 -11.84 -9.11
C PRO A 126 4.73 -12.91 -9.64
N GLU A 127 4.41 -13.43 -10.83
CA GLU A 127 5.20 -14.41 -11.55
C GLU A 127 4.72 -14.49 -13.00
N ILE A 128 3.40 -14.50 -13.21
CA ILE A 128 2.82 -14.62 -14.53
C ILE A 128 2.84 -13.29 -15.25
N ILE A 129 2.55 -12.22 -14.51
CA ILE A 129 2.60 -10.85 -15.00
C ILE A 129 3.29 -9.97 -13.95
N GLY A 130 3.45 -8.68 -14.27
CA GLY A 130 4.12 -7.71 -13.43
C GLY A 130 3.67 -6.32 -13.86
N PRO A 131 4.19 -5.24 -13.23
CA PRO A 131 3.77 -3.90 -13.52
C PRO A 131 4.09 -3.54 -14.98
N ARG A 132 5.26 -3.96 -15.48
CA ARG A 132 5.75 -3.64 -16.81
C ARG A 132 4.74 -3.95 -17.91
N ASP A 133 4.02 -5.06 -17.80
CA ASP A 133 2.96 -5.38 -18.75
C ASP A 133 1.90 -4.28 -18.72
N ILE A 134 1.41 -3.97 -17.52
CA ILE A 134 0.36 -3.00 -17.32
C ILE A 134 0.84 -1.65 -17.88
N ILE A 135 2.10 -1.27 -17.57
CA ILE A 135 2.74 -0.10 -18.12
C ILE A 135 2.63 -0.13 -19.64
N LYS A 136 3.18 -1.13 -20.32
CA LYS A 136 3.13 -1.21 -21.77
C LYS A 136 1.70 -1.08 -22.28
N ILE A 137 0.76 -1.80 -21.67
CA ILE A 137 -0.63 -1.73 -22.06
C ILE A 137 -1.14 -0.28 -21.96
N ILE A 138 -0.93 0.41 -20.82
CA ILE A 138 -1.41 1.79 -20.68
C ILE A 138 -0.62 2.79 -21.54
N GLU A 139 0.64 2.50 -21.86
CA GLU A 139 1.42 3.26 -22.83
C GLU A 139 0.73 3.22 -24.20
N GLU A 140 0.11 2.11 -24.56
CA GLU A 140 -0.60 2.00 -25.83
C GLU A 140 -1.76 3.01 -25.87
N ILE A 141 -2.39 3.24 -24.73
CA ILE A 141 -3.37 4.31 -24.58
C ILE A 141 -2.66 5.67 -24.63
N GLY A 142 -1.55 5.78 -23.90
CA GLY A 142 -0.73 6.97 -23.78
C GLY A 142 -0.76 7.55 -22.37
N PHE A 143 -0.92 6.71 -21.35
CA PHE A 143 -0.79 7.13 -19.95
C PHE A 143 0.60 6.76 -19.44
N HIS A 144 0.88 7.07 -18.16
CA HIS A 144 2.19 6.86 -17.56
C HIS A 144 1.97 6.34 -16.13
N ALA A 145 2.21 5.05 -15.94
CA ALA A 145 1.99 4.34 -14.68
C ALA A 145 3.32 4.17 -13.96
N SER A 146 3.60 5.03 -12.99
CA SER A 146 4.80 4.98 -12.17
C SER A 146 4.41 4.36 -10.84
N LEU A 147 4.97 3.19 -10.52
CA LEU A 147 4.88 2.56 -9.22
C LEU A 147 5.29 3.55 -8.14
N ALA A 148 4.29 4.12 -7.47
CA ALA A 148 4.54 5.10 -6.43
C ALA A 148 5.18 4.43 -5.21
N GLN A 149 4.71 3.22 -4.92
CA GLN A 149 5.06 2.40 -3.76
C GLN A 149 5.05 3.19 -2.45
N MET A 1 10.23 -15.96 2.60
CA MET A 1 9.11 -15.82 1.66
C MET A 1 9.26 -14.48 0.96
N ALA A 2 8.40 -13.50 1.24
CA ALA A 2 8.38 -12.26 0.48
C ALA A 2 8.28 -11.09 1.46
N PRO A 3 9.38 -10.38 1.75
CA PRO A 3 9.38 -9.34 2.77
C PRO A 3 8.82 -8.05 2.18
N GLN A 4 7.64 -7.67 2.66
CA GLN A 4 6.94 -6.49 2.19
C GLN A 4 7.16 -5.36 3.18
N LYS A 5 6.69 -4.15 2.81
CA LYS A 5 6.61 -3.00 3.68
C LYS A 5 5.13 -2.65 3.83
N CYS A 6 4.77 -1.88 4.85
CA CYS A 6 3.50 -1.19 4.88
C CYS A 6 3.71 0.19 5.49
N PHE A 7 3.16 1.23 4.85
CA PHE A 7 3.40 2.63 5.18
C PHE A 7 2.13 3.21 5.79
N LEU A 8 2.03 3.20 7.12
CA LEU A 8 0.91 3.77 7.82
C LEU A 8 1.34 4.94 8.70
N GLN A 9 0.34 5.60 9.28
CA GLN A 9 0.48 6.66 10.24
C GLN A 9 -0.39 6.27 11.42
N ILE A 10 -0.06 6.84 12.58
CA ILE A 10 -0.81 6.63 13.78
C ILE A 10 -1.73 7.83 13.92
N LYS A 11 -3.01 7.60 14.24
CA LYS A 11 -3.83 8.64 14.85
C LYS A 11 -3.99 8.22 16.32
N GLY A 12 -3.49 9.07 17.24
CA GLY A 12 -3.46 8.81 18.67
C GLY A 12 -2.20 9.42 19.29
N MET A 13 -1.18 8.59 19.56
CA MET A 13 0.08 8.96 20.19
C MET A 13 -0.06 9.55 21.60
N THR A 14 -0.04 8.70 22.62
CA THR A 14 0.12 9.15 24.00
C THR A 14 1.48 9.83 24.20
N CYS A 15 2.51 9.43 23.45
CA CYS A 15 3.83 10.05 23.43
C CYS A 15 4.65 9.63 24.66
N ALA A 16 4.13 9.90 25.86
CA ALA A 16 4.70 9.60 27.18
C ALA A 16 5.77 8.50 27.12
N SER A 17 5.37 7.26 26.83
CA SER A 17 6.26 6.19 26.37
C SER A 17 5.47 5.14 25.58
N CYS A 18 4.33 5.51 24.98
CA CYS A 18 3.46 4.49 24.40
C CYS A 18 4.09 3.90 23.16
N VAL A 19 4.53 4.74 22.22
CA VAL A 19 5.27 4.27 21.05
C VAL A 19 6.36 3.32 21.50
N SER A 20 7.16 3.75 22.47
CA SER A 20 8.25 2.96 23.03
C SER A 20 7.80 1.54 23.42
N ASN A 21 6.69 1.41 24.15
CA ASN A 21 6.16 0.10 24.54
C ASN A 21 5.59 -0.65 23.33
N ILE A 22 4.92 0.09 22.45
CA ILE A 22 4.24 -0.44 21.28
C ILE A 22 5.27 -1.13 20.38
N GLU A 23 6.39 -0.47 20.09
CA GLU A 23 7.46 -1.08 19.31
C GLU A 23 7.82 -2.47 19.86
N ARG A 24 8.04 -2.59 21.17
CA ARG A 24 8.42 -3.87 21.75
C ARG A 24 7.31 -4.90 21.59
N ASN A 25 6.06 -4.46 21.66
CA ASN A 25 4.93 -5.33 21.38
C ASN A 25 4.99 -5.82 19.93
N LEU A 26 5.12 -4.91 18.97
CA LEU A 26 5.22 -5.28 17.55
C LEU A 26 6.40 -6.21 17.30
N GLN A 27 7.55 -6.03 17.98
CA GLN A 27 8.66 -6.97 17.87
C GLN A 27 8.22 -8.41 18.10
N LYS A 28 7.11 -8.64 18.82
CA LYS A 28 6.55 -9.96 19.02
C LYS A 28 5.08 -10.06 18.61
N GLU A 29 4.62 -9.35 17.56
CA GLU A 29 3.28 -9.62 17.03
C GLU A 29 3.22 -10.98 16.35
N ALA A 30 3.85 -11.09 15.18
CA ALA A 30 3.64 -12.18 14.25
C ALA A 30 4.75 -12.17 13.21
N GLY A 31 4.45 -12.26 11.91
CA GLY A 31 5.48 -12.36 10.89
C GLY A 31 6.05 -10.99 10.49
N VAL A 32 5.84 -9.92 11.26
CA VAL A 32 6.64 -8.72 11.10
C VAL A 32 7.68 -8.72 12.21
N LEU A 33 8.95 -8.56 11.83
CA LEU A 33 10.07 -8.38 12.74
C LEU A 33 10.88 -7.17 12.27
N SER A 34 10.17 -6.05 12.09
CA SER A 34 10.75 -4.77 11.76
C SER A 34 9.75 -3.71 12.23
N VAL A 35 10.24 -2.58 12.73
CA VAL A 35 9.41 -1.46 13.12
C VAL A 35 10.16 -0.20 12.68
N LEU A 36 9.49 0.73 12.02
CA LEU A 36 10.08 2.03 11.71
C LEU A 36 9.03 3.13 11.92
N VAL A 37 8.89 3.57 13.18
CA VAL A 37 8.06 4.73 13.51
C VAL A 37 8.99 5.93 13.65
N ALA A 38 8.55 7.08 13.14
CA ALA A 38 9.17 8.36 13.45
C ALA A 38 8.12 9.21 14.16
N LEU A 39 8.20 9.26 15.49
CA LEU A 39 7.30 10.04 16.33
C LEU A 39 7.37 11.53 15.97
N MET A 40 8.53 11.98 15.45
CA MET A 40 8.74 13.36 15.04
C MET A 40 7.80 13.73 13.89
N ALA A 41 7.93 13.00 12.78
CA ALA A 41 7.17 13.28 11.57
C ALA A 41 5.75 12.75 11.68
N GLY A 42 5.57 11.68 12.47
CA GLY A 42 4.30 11.02 12.67
C GLY A 42 4.05 10.00 11.56
N LYS A 43 4.92 8.99 11.44
CA LYS A 43 4.72 7.91 10.49
C LYS A 43 5.02 6.62 11.23
N ALA A 44 4.27 5.56 10.93
CA ALA A 44 4.61 4.19 11.31
C ALA A 44 4.71 3.36 10.04
N GLU A 45 5.93 3.02 9.59
CA GLU A 45 6.10 2.05 8.52
C GLU A 45 6.80 0.81 9.08
N ILE A 46 6.33 -0.39 8.69
CA ILE A 46 6.93 -1.65 9.12
C ILE A 46 7.18 -2.57 7.93
N LYS A 47 7.87 -3.70 8.17
CA LYS A 47 8.08 -4.75 7.17
C LYS A 47 7.51 -6.09 7.66
N TYR A 48 6.36 -6.49 7.09
CA TYR A 48 5.70 -7.77 7.31
C TYR A 48 5.85 -8.74 6.12
N ASP A 49 5.42 -10.00 6.30
CA ASP A 49 5.37 -11.04 5.27
C ASP A 49 3.89 -11.46 5.10
N PRO A 50 3.25 -11.17 3.95
CA PRO A 50 1.80 -11.04 3.84
C PRO A 50 1.04 -12.37 3.70
N GLU A 51 1.52 -13.41 4.37
CA GLU A 51 0.83 -14.69 4.50
C GLU A 51 0.74 -15.16 5.96
N VAL A 52 1.52 -14.57 6.87
CA VAL A 52 1.59 -14.96 8.28
C VAL A 52 0.86 -13.91 9.13
N ILE A 53 0.97 -12.65 8.73
CA ILE A 53 0.36 -11.50 9.37
C ILE A 53 -0.28 -10.71 8.26
N GLN A 54 -1.37 -9.99 8.57
CA GLN A 54 -2.09 -9.14 7.66
C GLN A 54 -2.45 -7.79 8.31
N PRO A 55 -2.65 -6.72 7.52
CA PRO A 55 -2.91 -5.38 8.05
C PRO A 55 -4.12 -5.35 8.99
N LEU A 56 -5.14 -6.17 8.73
CA LEU A 56 -6.31 -6.28 9.60
C LEU A 56 -5.90 -6.64 11.03
N GLU A 57 -5.18 -7.76 11.20
CA GLU A 57 -4.79 -8.22 12.52
C GLU A 57 -3.73 -7.29 13.14
N ILE A 58 -2.88 -6.68 12.31
CA ILE A 58 -1.99 -5.60 12.77
C ILE A 58 -2.88 -4.54 13.41
N ALA A 59 -3.93 -4.13 12.70
CA ALA A 59 -4.80 -3.07 13.17
C ALA A 59 -5.39 -3.44 14.52
N GLN A 60 -5.75 -4.71 14.73
CA GLN A 60 -6.23 -5.19 16.02
C GLN A 60 -5.20 -4.92 17.11
N PHE A 61 -3.93 -5.28 16.89
CA PHE A 61 -2.89 -4.99 17.86
C PHE A 61 -2.88 -3.49 18.19
N ILE A 62 -2.84 -2.66 17.15
CA ILE A 62 -2.70 -1.22 17.35
C ILE A 62 -3.92 -0.65 18.10
N GLN A 63 -5.13 -1.06 17.71
CA GLN A 63 -6.37 -0.72 18.39
C GLN A 63 -6.32 -1.16 19.86
N ASP A 64 -5.90 -2.39 20.14
CA ASP A 64 -5.82 -2.91 21.50
C ASP A 64 -4.86 -2.05 22.33
N LEU A 65 -3.68 -1.80 21.77
CA LEU A 65 -2.68 -0.93 22.38
C LEU A 65 -3.24 0.48 22.60
N GLY A 66 -4.14 0.93 21.73
CA GLY A 66 -5.01 2.09 21.96
C GLY A 66 -4.72 3.21 20.97
N PHE A 67 -4.20 2.86 19.80
CA PHE A 67 -3.84 3.77 18.73
C PHE A 67 -4.69 3.38 17.52
N GLU A 68 -4.90 4.29 16.56
CA GLU A 68 -5.44 3.92 15.27
C GLU A 68 -4.29 3.75 14.30
N ALA A 69 -4.25 2.60 13.63
CA ALA A 69 -3.37 2.34 12.50
C ALA A 69 -4.16 2.62 11.23
N ALA A 70 -3.75 3.63 10.46
CA ALA A 70 -4.36 3.94 9.17
C ALA A 70 -3.23 4.29 8.20
N VAL A 71 -3.36 3.89 6.95
CA VAL A 71 -2.33 4.09 5.94
C VAL A 71 -2.04 5.58 5.77
N MET A 72 -0.82 5.92 5.34
CA MET A 72 -0.49 7.29 4.96
C MET A 72 -1.23 7.76 3.71
N GLU A 73 -1.95 6.86 3.05
CA GLU A 73 -2.62 7.02 1.76
C GLU A 73 -1.62 6.79 0.61
N ASP A 74 -0.32 6.97 0.89
CA ASP A 74 0.81 6.52 0.10
C ASP A 74 0.60 5.13 -0.47
N TYR A 75 0.21 4.17 0.38
CA TYR A 75 0.03 2.76 0.05
C TYR A 75 1.36 2.02 -0.22
N ALA A 76 2.34 2.70 -0.83
CA ALA A 76 3.76 2.34 -0.91
C ALA A 76 4.06 1.28 -1.96
N GLY A 77 3.24 0.22 -1.96
CA GLY A 77 3.54 -0.99 -2.69
C GLY A 77 4.12 -2.01 -1.71
N SER A 78 3.25 -2.54 -0.86
CA SER A 78 3.42 -3.79 -0.12
C SER A 78 3.38 -5.01 -1.08
N ASP A 79 4.07 -4.90 -2.22
CA ASP A 79 4.30 -5.86 -3.29
C ASP A 79 3.06 -6.60 -3.79
N GLY A 80 2.68 -6.34 -5.05
CA GLY A 80 1.41 -6.72 -5.60
C GLY A 80 0.50 -5.50 -5.57
N ASN A 81 0.49 -4.74 -4.47
CA ASN A 81 -0.53 -3.73 -4.25
C ASN A 81 0.00 -2.36 -4.64
N ILE A 82 0.42 -2.22 -5.90
CA ILE A 82 1.19 -1.05 -6.26
C ILE A 82 0.21 0.01 -6.74
N GLU A 83 0.48 1.25 -6.34
CA GLU A 83 -0.33 2.39 -6.66
C GLU A 83 0.43 3.23 -7.69
N LEU A 84 -0.31 3.92 -8.57
CA LEU A 84 0.28 4.79 -9.58
C LEU A 84 -0.59 6.02 -9.80
N THR A 85 -0.02 7.14 -10.22
CA THR A 85 -0.75 8.35 -10.60
C THR A 85 -0.90 8.33 -12.11
N ILE A 86 -2.09 8.65 -12.62
CA ILE A 86 -2.33 8.63 -14.07
C ILE A 86 -2.17 10.05 -14.59
N THR A 87 -1.09 10.30 -15.33
CA THR A 87 -0.88 11.57 -16.00
C THR A 87 -1.36 11.41 -17.44
N GLY A 88 -2.11 12.40 -17.91
CA GLY A 88 -2.63 12.48 -19.27
C GLY A 88 -4.12 12.12 -19.35
N MET A 89 -4.70 11.49 -18.32
CA MET A 89 -6.08 11.04 -18.42
C MET A 89 -7.05 12.21 -18.28
N THR A 90 -7.94 12.42 -19.26
CA THR A 90 -8.87 13.55 -19.30
C THR A 90 -10.32 13.12 -19.55
N CYS A 91 -10.65 11.82 -19.50
CA CYS A 91 -11.99 11.36 -19.87
C CYS A 91 -12.33 10.03 -19.18
N ALA A 92 -13.53 9.91 -18.61
CA ALA A 92 -13.95 8.74 -17.85
C ALA A 92 -13.77 7.44 -18.63
N SER A 93 -14.04 7.42 -19.93
CA SER A 93 -13.82 6.24 -20.76
C SER A 93 -12.42 5.65 -20.56
N CYS A 94 -11.41 6.52 -20.42
CA CYS A 94 -10.03 6.11 -20.24
C CYS A 94 -9.88 5.30 -18.96
N VAL A 95 -10.65 5.64 -17.92
CA VAL A 95 -10.67 4.89 -16.67
C VAL A 95 -11.09 3.44 -16.96
N HIS A 96 -12.20 3.27 -17.70
CA HIS A 96 -12.71 1.95 -18.02
C HIS A 96 -11.66 1.20 -18.81
N ASN A 97 -11.02 1.90 -19.73
CA ASN A 97 -9.98 1.36 -20.60
C ASN A 97 -8.83 0.81 -19.75
N ILE A 98 -8.31 1.64 -18.85
CA ILE A 98 -7.25 1.26 -17.91
C ILE A 98 -7.68 0.05 -17.10
N GLU A 99 -8.85 0.11 -16.47
CA GLU A 99 -9.32 -0.94 -15.60
C GLU A 99 -9.50 -2.23 -16.40
N SER A 100 -9.97 -2.13 -17.65
CA SER A 100 -10.01 -3.26 -18.56
C SER A 100 -8.60 -3.81 -18.77
N LYS A 101 -7.64 -2.96 -19.17
CA LYS A 101 -6.26 -3.37 -19.39
C LYS A 101 -5.70 -4.10 -18.17
N LEU A 102 -5.89 -3.55 -16.98
CA LEU A 102 -5.41 -4.18 -15.76
C LEU A 102 -6.11 -5.52 -15.58
N THR A 103 -7.45 -5.51 -15.49
CA THR A 103 -8.30 -6.70 -15.32
C THR A 103 -8.05 -7.75 -16.41
N ARG A 104 -7.47 -7.33 -17.54
CA ARG A 104 -7.03 -8.25 -18.59
C ARG A 104 -6.05 -9.31 -18.04
N THR A 105 -5.26 -8.93 -17.03
CA THR A 105 -4.21 -9.72 -16.40
C THR A 105 -4.78 -10.88 -15.58
N ASN A 106 -4.01 -11.97 -15.45
CA ASN A 106 -4.40 -13.13 -14.66
C ASN A 106 -4.33 -12.84 -13.15
N GLY A 107 -3.20 -12.29 -12.67
CA GLY A 107 -2.96 -12.12 -11.26
C GLY A 107 -3.85 -11.05 -10.63
N ILE A 108 -4.17 -9.99 -11.38
CA ILE A 108 -4.85 -8.84 -10.82
C ILE A 108 -6.21 -9.24 -10.25
N THR A 109 -6.44 -8.96 -8.97
CA THR A 109 -7.69 -9.32 -8.32
C THR A 109 -8.63 -8.12 -8.25
N TYR A 110 -8.15 -6.97 -7.77
CA TYR A 110 -8.91 -5.75 -7.81
C TYR A 110 -7.99 -4.59 -8.16
N ALA A 111 -8.35 -3.87 -9.22
CA ALA A 111 -7.86 -2.52 -9.48
C ALA A 111 -8.92 -1.53 -9.00
N SER A 112 -8.50 -0.31 -8.63
CA SER A 112 -9.39 0.81 -8.38
C SER A 112 -8.70 2.06 -8.90
N VAL A 113 -9.22 2.65 -9.99
CA VAL A 113 -8.66 3.86 -10.59
C VAL A 113 -9.62 5.03 -10.48
N ALA A 114 -9.17 6.12 -9.84
CA ALA A 114 -10.00 7.28 -9.53
C ALA A 114 -9.39 8.54 -10.15
N LEU A 115 -9.99 9.03 -11.23
CA LEU A 115 -9.50 10.20 -11.97
C LEU A 115 -9.47 11.48 -11.11
N ALA A 116 -10.28 11.54 -10.05
CA ALA A 116 -10.46 12.75 -9.27
C ALA A 116 -9.22 12.96 -8.40
N THR A 117 -8.89 11.94 -7.62
CA THR A 117 -7.67 11.88 -6.84
C THR A 117 -6.46 11.70 -7.77
N SER A 118 -6.70 11.15 -8.97
CA SER A 118 -5.72 10.90 -10.00
C SER A 118 -4.80 9.73 -9.66
N LYS A 119 -5.20 8.86 -8.72
CA LYS A 119 -4.44 7.70 -8.32
C LYS A 119 -5.18 6.41 -8.72
N ALA A 120 -4.40 5.37 -8.99
CA ALA A 120 -4.83 4.07 -9.46
C ALA A 120 -4.13 3.00 -8.63
N LEU A 121 -4.91 2.23 -7.87
CA LEU A 121 -4.41 1.18 -7.00
C LEU A 121 -4.60 -0.15 -7.72
N VAL A 122 -3.57 -1.00 -7.80
CA VAL A 122 -3.61 -2.25 -8.53
C VAL A 122 -3.07 -3.36 -7.63
N LYS A 123 -3.86 -4.41 -7.35
CA LYS A 123 -3.45 -5.59 -6.61
C LYS A 123 -3.15 -6.73 -7.57
N PHE A 124 -1.88 -6.89 -7.99
CA PHE A 124 -1.45 -8.00 -8.82
C PHE A 124 -0.55 -8.94 -8.02
N ASP A 125 -0.06 -10.01 -8.66
CA ASP A 125 0.81 -11.01 -8.07
C ASP A 125 2.21 -10.81 -8.65
N PRO A 126 3.20 -10.32 -7.87
CA PRO A 126 4.48 -9.87 -8.40
C PRO A 126 5.43 -11.04 -8.70
N GLU A 127 5.02 -11.87 -9.65
CA GLU A 127 5.78 -13.00 -10.19
C GLU A 127 5.40 -13.16 -11.67
N ILE A 128 4.09 -13.23 -11.95
CA ILE A 128 3.62 -13.40 -13.31
C ILE A 128 3.72 -12.09 -14.08
N ILE A 129 3.49 -10.98 -13.38
CA ILE A 129 3.43 -9.66 -13.98
C ILE A 129 4.20 -8.70 -13.07
N GLY A 130 4.62 -7.57 -13.65
CA GLY A 130 5.36 -6.52 -12.97
C GLY A 130 4.84 -5.16 -13.42
N PRO A 131 5.18 -4.09 -12.69
CA PRO A 131 4.63 -2.77 -12.90
C PRO A 131 5.02 -2.23 -14.28
N ARG A 132 6.28 -2.39 -14.69
CA ARG A 132 6.78 -1.92 -15.96
C ARG A 132 5.93 -2.37 -17.15
N ASP A 133 5.46 -3.62 -17.13
CA ASP A 133 4.63 -4.12 -18.22
C ASP A 133 3.34 -3.31 -18.27
N ILE A 134 2.72 -3.12 -17.11
CA ILE A 134 1.50 -2.33 -16.97
C ILE A 134 1.78 -0.92 -17.50
N ILE A 135 2.87 -0.29 -17.05
CA ILE A 135 3.29 1.02 -17.53
C ILE A 135 3.30 1.00 -19.06
N LYS A 136 4.09 0.14 -19.70
CA LYS A 136 4.13 0.02 -21.14
C LYS A 136 2.71 -0.09 -21.72
N ILE A 137 1.88 -0.96 -21.15
CA ILE A 137 0.51 -1.14 -21.60
C ILE A 137 -0.25 0.19 -21.63
N ILE A 138 -0.21 1.01 -20.57
CA ILE A 138 -0.84 2.34 -20.67
C ILE A 138 -0.06 3.34 -21.54
N GLU A 139 1.27 3.28 -21.60
CA GLU A 139 2.04 4.10 -22.53
C GLU A 139 1.59 3.87 -23.97
N GLU A 140 1.22 2.63 -24.30
CA GLU A 140 0.75 2.25 -25.61
C GLU A 140 -0.64 2.82 -25.87
N ILE A 141 -1.42 3.10 -24.81
CA ILE A 141 -2.62 3.91 -24.97
C ILE A 141 -2.23 5.38 -25.15
N GLY A 142 -1.28 5.83 -24.34
CA GLY A 142 -0.81 7.21 -24.26
C GLY A 142 -1.18 7.84 -22.92
N PHE A 143 -1.24 7.05 -21.83
CA PHE A 143 -1.27 7.59 -20.47
C PHE A 143 0.03 7.17 -19.77
N HIS A 144 0.41 7.84 -18.69
CA HIS A 144 1.63 7.51 -17.96
C HIS A 144 1.25 7.25 -16.51
N ALA A 145 1.74 6.14 -15.95
CA ALA A 145 1.36 5.66 -14.63
C ALA A 145 2.57 5.71 -13.70
N SER A 146 2.61 6.69 -12.78
CA SER A 146 3.76 6.93 -11.90
C SER A 146 3.33 7.13 -10.45
N LEU A 147 3.76 6.26 -9.52
CA LEU A 147 3.59 6.33 -8.05
C LEU A 147 2.92 7.60 -7.54
N ALA A 148 1.61 7.51 -7.27
CA ALA A 148 0.83 8.61 -6.70
C ALA A 148 1.12 8.79 -5.21
N GLN A 149 2.35 9.18 -4.89
CA GLN A 149 2.78 9.64 -3.59
C GLN A 149 3.15 11.12 -3.72
N MET A 1 13.26 -7.44 -2.35
CA MET A 1 11.96 -7.43 -3.03
C MET A 1 10.79 -7.86 -2.13
N ALA A 2 11.01 -8.71 -1.11
CA ALA A 2 9.92 -9.16 -0.24
C ALA A 2 9.60 -8.29 1.01
N PRO A 3 10.53 -7.54 1.61
CA PRO A 3 10.16 -6.72 2.77
C PRO A 3 9.46 -5.46 2.29
N GLN A 4 8.17 -5.35 2.60
CA GLN A 4 7.28 -4.35 2.03
C GLN A 4 6.95 -3.28 3.06
N LYS A 5 7.19 -2.02 2.70
CA LYS A 5 7.00 -0.91 3.60
C LYS A 5 5.59 -0.35 3.43
N CYS A 6 4.99 0.04 4.55
CA CYS A 6 3.73 0.77 4.58
C CYS A 6 3.98 2.11 5.26
N PHE A 7 3.15 3.11 4.95
CA PHE A 7 3.15 4.41 5.61
C PHE A 7 1.83 4.57 6.32
N LEU A 8 1.83 4.44 7.64
CA LEU A 8 0.67 4.74 8.45
C LEU A 8 0.94 5.94 9.33
N GLN A 9 -0.11 6.42 9.98
CA GLN A 9 -0.03 7.39 11.05
C GLN A 9 -0.70 6.75 12.26
N ILE A 10 -0.21 7.06 13.46
CA ILE A 10 -0.82 6.65 14.69
C ILE A 10 -1.66 7.83 15.20
N LYS A 11 -2.82 7.57 15.79
CA LYS A 11 -3.55 8.56 16.58
C LYS A 11 -3.63 8.05 18.02
N GLY A 12 -3.19 8.89 18.97
CA GLY A 12 -3.26 8.61 20.40
C GLY A 12 -2.20 9.39 21.18
N MET A 13 -0.93 9.18 20.81
CA MET A 13 0.27 9.84 21.35
C MET A 13 0.14 10.39 22.78
N THR A 14 0.12 9.50 23.78
CA THR A 14 -0.01 9.92 25.17
C THR A 14 1.11 10.85 25.62
N CYS A 15 2.38 10.42 25.52
CA CYS A 15 3.47 11.21 26.10
C CYS A 15 4.84 10.75 25.62
N ALA A 16 5.08 10.85 24.30
CA ALA A 16 6.34 10.51 23.63
C ALA A 16 7.01 9.26 24.21
N SER A 17 6.21 8.18 24.34
CA SER A 17 6.58 6.99 25.08
C SER A 17 5.60 5.87 24.76
N CYS A 18 4.31 6.18 24.76
CA CYS A 18 3.28 5.16 24.54
C CYS A 18 3.38 4.63 23.11
N VAL A 19 3.55 5.51 22.13
CA VAL A 19 3.88 5.10 20.76
C VAL A 19 5.24 4.39 20.68
N SER A 20 6.13 4.60 21.65
CA SER A 20 7.32 3.76 21.76
C SER A 20 6.92 2.31 22.08
N ASN A 21 5.91 2.09 22.93
CA ASN A 21 5.49 0.75 23.32
C ASN A 21 5.10 -0.08 22.09
N ILE A 22 4.48 0.58 21.09
CA ILE A 22 4.17 0.00 19.79
C ILE A 22 5.38 -0.71 19.19
N GLU A 23 6.60 -0.22 19.43
CA GLU A 23 7.83 -0.81 18.91
C GLU A 23 7.93 -2.28 19.30
N ARG A 24 7.79 -2.55 20.61
CA ARG A 24 7.85 -3.90 21.14
C ARG A 24 6.62 -4.66 20.73
N ASN A 25 5.44 -4.03 20.83
CA ASN A 25 4.19 -4.69 20.48
C ASN A 25 4.27 -5.25 19.07
N LEU A 26 4.64 -4.42 18.10
CA LEU A 26 4.79 -4.83 16.71
C LEU A 26 5.93 -5.82 16.53
N GLN A 27 7.08 -5.63 17.19
CA GLN A 27 8.12 -6.66 17.13
C GLN A 27 7.59 -8.02 17.57
N LYS A 28 6.51 -8.06 18.35
CA LYS A 28 5.82 -9.28 18.71
C LYS A 28 4.39 -9.34 18.17
N GLU A 29 4.15 -8.76 16.99
CA GLU A 29 2.97 -9.07 16.18
C GLU A 29 3.22 -10.43 15.53
N ALA A 30 3.75 -10.44 14.30
CA ALA A 30 4.04 -11.66 13.55
C ALA A 30 5.05 -11.36 12.43
N GLY A 31 4.61 -11.21 11.17
CA GLY A 31 5.50 -11.01 10.04
C GLY A 31 6.30 -9.71 10.13
N VAL A 32 5.82 -8.71 10.86
CA VAL A 32 6.50 -7.41 10.88
C VAL A 32 7.78 -7.47 11.73
N LEU A 33 8.90 -6.99 11.18
CA LEU A 33 10.15 -6.86 11.91
C LEU A 33 10.89 -5.57 11.51
N SER A 34 10.18 -4.45 11.61
CA SER A 34 10.75 -3.13 11.48
C SER A 34 9.80 -2.17 12.17
N VAL A 35 10.36 -1.16 12.83
CA VAL A 35 9.61 -0.10 13.48
C VAL A 35 10.28 1.21 13.08
N LEU A 36 9.72 1.93 12.10
CA LEU A 36 10.26 3.24 11.74
C LEU A 36 9.17 4.29 11.97
N VAL A 37 8.98 4.67 13.24
CA VAL A 37 8.07 5.74 13.62
C VAL A 37 8.88 6.99 13.94
N ALA A 38 8.55 8.11 13.31
CA ALA A 38 9.06 9.41 13.70
C ALA A 38 7.97 10.08 14.53
N LEU A 39 8.04 9.98 15.85
CA LEU A 39 7.13 10.70 16.74
C LEU A 39 7.26 12.22 16.54
N MET A 40 8.40 12.68 16.02
CA MET A 40 8.73 14.08 15.83
C MET A 40 7.78 14.72 14.81
N ALA A 41 7.58 14.03 13.68
CA ALA A 41 6.73 14.47 12.58
C ALA A 41 5.35 13.84 12.67
N GLY A 42 5.27 12.63 13.22
CA GLY A 42 4.06 11.86 13.38
C GLY A 42 3.79 10.99 12.16
N LYS A 43 4.66 10.00 11.91
CA LYS A 43 4.44 9.02 10.88
C LYS A 43 4.93 7.69 11.44
N ALA A 44 4.14 6.64 11.30
CA ALA A 44 4.57 5.27 11.57
C ALA A 44 4.69 4.50 10.25
N GLU A 45 5.91 4.29 9.76
CA GLU A 45 6.13 3.32 8.69
C GLU A 45 6.82 2.11 9.30
N ILE A 46 6.51 0.94 8.75
CA ILE A 46 7.15 -0.30 9.11
C ILE A 46 7.35 -1.07 7.81
N LYS A 47 8.16 -2.13 7.86
CA LYS A 47 8.34 -3.10 6.80
C LYS A 47 7.81 -4.44 7.27
N TYR A 48 6.65 -4.85 6.73
CA TYR A 48 6.07 -6.17 6.92
C TYR A 48 6.24 -7.08 5.70
N ASP A 49 5.71 -8.29 5.82
CA ASP A 49 5.72 -9.31 4.78
C ASP A 49 4.28 -9.75 4.48
N PRO A 50 3.67 -9.31 3.36
CA PRO A 50 2.26 -9.54 3.08
C PRO A 50 1.95 -11.00 2.75
N GLU A 51 2.97 -11.86 2.64
CA GLU A 51 2.74 -13.27 2.40
C GLU A 51 2.27 -14.00 3.67
N VAL A 52 2.41 -13.39 4.86
CA VAL A 52 2.14 -14.06 6.12
C VAL A 52 1.15 -13.24 6.93
N ILE A 53 1.30 -11.90 6.94
CA ILE A 53 0.29 -11.02 7.51
C ILE A 53 -0.36 -10.16 6.44
N GLN A 54 -1.27 -9.27 6.85
CA GLN A 54 -2.00 -8.35 5.99
C GLN A 54 -2.04 -7.05 6.78
N PRO A 55 -2.19 -5.89 6.11
CA PRO A 55 -2.13 -4.60 6.79
C PRO A 55 -3.21 -4.51 7.87
N LEU A 56 -4.37 -5.14 7.63
CA LEU A 56 -5.40 -5.30 8.62
C LEU A 56 -4.87 -6.00 9.89
N GLU A 57 -4.08 -7.06 9.76
CA GLU A 57 -3.65 -7.84 10.92
C GLU A 57 -2.73 -7.01 11.82
N ILE A 58 -1.80 -6.27 11.21
CA ILE A 58 -1.03 -5.27 11.93
C ILE A 58 -2.02 -4.37 12.66
N ALA A 59 -2.95 -3.80 11.90
CA ALA A 59 -3.88 -2.85 12.47
C ALA A 59 -4.63 -3.45 13.66
N GLN A 60 -5.10 -4.69 13.55
CA GLN A 60 -5.81 -5.39 14.60
C GLN A 60 -4.99 -5.38 15.88
N PHE A 61 -3.70 -5.72 15.79
CA PHE A 61 -2.82 -5.67 16.96
C PHE A 61 -2.89 -4.27 17.60
N ILE A 62 -2.76 -3.23 16.78
CA ILE A 62 -2.82 -1.85 17.26
C ILE A 62 -4.17 -1.55 17.93
N GLN A 63 -5.27 -2.01 17.32
CA GLN A 63 -6.60 -1.76 17.87
C GLN A 63 -6.75 -2.48 19.21
N ASP A 64 -6.31 -3.74 19.30
CA ASP A 64 -6.37 -4.55 20.52
C ASP A 64 -5.54 -3.88 21.62
N LEU A 65 -4.35 -3.39 21.28
CA LEU A 65 -3.52 -2.61 22.15
C LEU A 65 -4.33 -1.41 22.66
N GLY A 66 -5.00 -0.70 21.75
CA GLY A 66 -5.88 0.42 22.08
C GLY A 66 -5.40 1.72 21.44
N PHE A 67 -4.82 1.65 20.26
CA PHE A 67 -4.46 2.79 19.42
C PHE A 67 -5.20 2.70 18.10
N GLU A 68 -5.21 3.80 17.34
CA GLU A 68 -5.56 3.73 15.93
C GLU A 68 -4.28 3.74 15.12
N ALA A 69 -4.24 2.92 14.08
CA ALA A 69 -3.26 2.96 13.00
C ALA A 69 -4.08 3.05 11.72
N ALA A 70 -3.85 4.09 10.91
CA ALA A 70 -4.49 4.21 9.60
C ALA A 70 -3.43 4.63 8.58
N VAL A 71 -3.53 4.10 7.37
CA VAL A 71 -2.59 4.34 6.31
C VAL A 71 -2.69 5.80 5.87
N MET A 72 -1.54 6.42 5.67
CA MET A 72 -1.41 7.70 4.99
C MET A 72 -2.10 7.62 3.63
N GLU A 73 -1.66 6.62 2.87
CA GLU A 73 -2.12 6.28 1.54
C GLU A 73 -1.37 5.02 1.08
N ASP A 74 -0.04 5.07 1.10
CA ASP A 74 0.84 3.96 0.74
C ASP A 74 0.75 2.84 1.77
N TYR A 75 -0.32 2.05 1.63
CA TYR A 75 -0.64 0.89 2.47
C TYR A 75 0.43 -0.21 2.36
N ALA A 76 1.14 -0.26 1.21
CA ALA A 76 2.34 -1.06 0.91
C ALA A 76 2.20 -1.77 -0.42
N GLY A 77 2.54 -1.06 -1.50
CA GLY A 77 2.33 -1.61 -2.81
C GLY A 77 3.61 -2.22 -3.35
N SER A 78 3.84 -3.50 -3.08
CA SER A 78 5.04 -4.16 -3.61
C SER A 78 4.94 -5.68 -3.69
N ASP A 79 3.72 -6.24 -3.63
CA ASP A 79 3.55 -7.69 -3.63
C ASP A 79 2.14 -8.07 -4.11
N GLY A 80 1.82 -7.87 -5.40
CA GLY A 80 0.55 -8.27 -5.95
C GLY A 80 -0.43 -7.14 -5.73
N ASN A 81 -0.54 -6.70 -4.48
CA ASN A 81 -1.42 -5.63 -4.09
C ASN A 81 -0.63 -4.36 -4.17
N ILE A 82 -0.46 -3.80 -5.37
CA ILE A 82 0.28 -2.55 -5.50
C ILE A 82 -0.57 -1.48 -6.14
N GLU A 83 -0.31 -0.23 -5.75
CA GLU A 83 -0.94 0.92 -6.35
C GLU A 83 0.01 1.51 -7.37
N LEU A 84 -0.55 2.22 -8.35
CA LEU A 84 0.20 3.05 -9.25
C LEU A 84 -0.51 4.38 -9.37
N THR A 85 0.25 5.46 -9.45
CA THR A 85 -0.29 6.80 -9.54
C THR A 85 -0.33 7.18 -11.01
N ILE A 86 -1.51 7.54 -11.53
CA ILE A 86 -1.73 7.78 -12.95
C ILE A 86 -1.70 9.27 -13.24
N THR A 87 -0.67 9.71 -13.99
CA THR A 87 -0.52 11.10 -14.41
C THR A 87 -0.97 11.20 -15.88
N GLY A 88 -1.75 12.24 -16.20
CA GLY A 88 -2.21 12.54 -17.56
C GLY A 88 -3.71 12.31 -17.73
N MET A 89 -4.27 11.36 -16.98
CA MET A 89 -5.69 11.05 -16.95
C MET A 89 -6.51 12.26 -16.49
N THR A 90 -7.57 12.59 -17.24
CA THR A 90 -8.54 13.64 -16.87
C THR A 90 -9.93 13.28 -17.41
N CYS A 91 -10.39 12.03 -17.24
CA CYS A 91 -11.72 11.61 -17.71
C CYS A 91 -12.08 10.24 -17.16
N ALA A 92 -13.35 10.03 -16.77
CA ALA A 92 -13.84 8.72 -16.35
C ALA A 92 -13.55 7.67 -17.41
N SER A 93 -13.80 7.98 -18.68
CA SER A 93 -13.51 7.11 -19.80
C SER A 93 -12.05 6.63 -19.79
N CYS A 94 -11.11 7.52 -19.43
CA CYS A 94 -9.70 7.16 -19.39
C CYS A 94 -9.49 6.07 -18.33
N VAL A 95 -9.92 6.37 -17.11
CA VAL A 95 -9.96 5.40 -16.02
C VAL A 95 -10.56 4.08 -16.48
N HIS A 96 -11.73 4.14 -17.11
CA HIS A 96 -12.44 2.95 -17.56
C HIS A 96 -11.55 2.16 -18.51
N ASN A 97 -10.93 2.85 -19.48
CA ASN A 97 -10.04 2.18 -20.41
C ASN A 97 -8.89 1.54 -19.65
N ILE A 98 -8.27 2.25 -18.71
CA ILE A 98 -7.15 1.75 -17.94
C ILE A 98 -7.55 0.48 -17.21
N GLU A 99 -8.69 0.54 -16.50
CA GLU A 99 -9.24 -0.58 -15.78
C GLU A 99 -9.45 -1.74 -16.75
N SER A 100 -10.10 -1.49 -17.90
CA SER A 100 -10.32 -2.51 -18.93
C SER A 100 -9.01 -3.09 -19.48
N LYS A 101 -7.97 -2.27 -19.61
CA LYS A 101 -6.67 -2.71 -20.04
C LYS A 101 -6.06 -3.62 -18.98
N LEU A 102 -6.05 -3.19 -17.73
CA LEU A 102 -5.35 -3.93 -16.70
C LEU A 102 -6.11 -5.22 -16.43
N THR A 103 -7.45 -5.17 -16.34
CA THR A 103 -8.29 -6.37 -16.27
C THR A 103 -8.05 -7.34 -17.43
N ARG A 104 -7.42 -6.92 -18.52
CA ARG A 104 -7.04 -7.86 -19.58
C ARG A 104 -6.01 -8.89 -19.06
N THR A 105 -5.21 -8.50 -18.06
CA THR A 105 -4.21 -9.33 -17.40
C THR A 105 -4.86 -10.56 -16.76
N ASN A 106 -4.10 -11.67 -16.67
CA ASN A 106 -4.58 -12.91 -16.08
C ASN A 106 -4.68 -12.83 -14.56
N GLY A 107 -3.59 -12.46 -13.88
CA GLY A 107 -3.54 -12.50 -12.41
C GLY A 107 -4.41 -11.44 -11.77
N ILE A 108 -4.55 -10.28 -12.41
CA ILE A 108 -5.26 -9.17 -11.83
C ILE A 108 -6.69 -9.60 -11.46
N THR A 109 -7.02 -9.50 -10.18
CA THR A 109 -8.30 -9.97 -9.66
C THR A 109 -9.24 -8.81 -9.42
N TYR A 110 -8.79 -7.77 -8.73
CA TYR A 110 -9.61 -6.59 -8.51
C TYR A 110 -8.73 -5.35 -8.59
N ALA A 111 -8.98 -4.44 -9.55
CA ALA A 111 -8.45 -3.10 -9.40
C ALA A 111 -9.51 -2.16 -8.84
N SER A 112 -9.06 -1.09 -8.19
CA SER A 112 -9.89 0.09 -7.96
C SER A 112 -9.04 1.36 -8.14
N VAL A 113 -9.32 2.19 -9.14
CA VAL A 113 -8.61 3.46 -9.35
C VAL A 113 -9.48 4.68 -9.06
N ALA A 114 -8.89 5.72 -8.43
CA ALA A 114 -9.63 6.87 -7.93
C ALA A 114 -8.98 8.19 -8.32
N LEU A 115 -9.57 8.87 -9.30
CA LEU A 115 -9.10 10.12 -9.88
C LEU A 115 -9.12 11.30 -8.90
N ALA A 116 -9.90 11.22 -7.82
CA ALA A 116 -9.87 12.23 -6.77
C ALA A 116 -8.48 12.31 -6.13
N THR A 117 -7.78 11.18 -6.11
CA THR A 117 -6.50 11.00 -5.44
C THR A 117 -5.39 10.64 -6.46
N SER A 118 -5.77 10.19 -7.67
CA SER A 118 -4.89 9.82 -8.78
C SER A 118 -4.17 8.50 -8.52
N LYS A 119 -4.67 7.70 -7.58
CA LYS A 119 -4.11 6.40 -7.21
C LYS A 119 -4.94 5.29 -7.84
N ALA A 120 -4.26 4.28 -8.40
CA ALA A 120 -4.83 3.08 -8.98
C ALA A 120 -4.40 1.88 -8.15
N LEU A 121 -5.30 1.23 -7.40
CA LEU A 121 -4.98 0.08 -6.57
C LEU A 121 -5.19 -1.16 -7.45
N VAL A 122 -4.17 -2.01 -7.58
CA VAL A 122 -4.17 -3.15 -8.52
C VAL A 122 -3.73 -4.42 -7.77
N LYS A 123 -4.47 -5.53 -7.94
CA LYS A 123 -4.24 -6.77 -7.20
C LYS A 123 -3.92 -7.89 -8.17
N PHE A 124 -2.63 -8.04 -8.49
CA PHE A 124 -2.13 -9.10 -9.38
C PHE A 124 -1.34 -10.16 -8.60
N ASP A 125 -0.81 -11.17 -9.30
CA ASP A 125 -0.02 -12.24 -8.72
C ASP A 125 1.44 -12.05 -9.13
N PRO A 126 2.34 -11.74 -8.19
CA PRO A 126 3.71 -11.35 -8.49
C PRO A 126 4.58 -12.57 -8.79
N GLU A 127 4.27 -13.21 -9.92
CA GLU A 127 4.99 -14.35 -10.45
C GLU A 127 4.65 -14.53 -11.93
N ILE A 128 3.36 -14.47 -12.26
CA ILE A 128 2.87 -14.74 -13.60
C ILE A 128 2.98 -13.49 -14.46
N ILE A 129 2.83 -12.32 -13.83
CA ILE A 129 2.86 -11.03 -14.47
C ILE A 129 3.70 -10.09 -13.61
N GLY A 130 4.15 -8.98 -14.20
CA GLY A 130 5.03 -8.03 -13.55
C GLY A 130 4.68 -6.62 -14.03
N PRO A 131 5.11 -5.58 -13.29
CA PRO A 131 4.73 -4.20 -13.54
C PRO A 131 5.10 -3.76 -14.95
N ARG A 132 6.23 -4.23 -15.47
CA ARG A 132 6.71 -3.86 -16.80
C ARG A 132 5.65 -4.01 -17.88
N ASP A 133 4.80 -5.04 -17.78
CA ASP A 133 3.77 -5.27 -18.78
C ASP A 133 2.71 -4.17 -18.69
N ILE A 134 2.30 -3.85 -17.47
CA ILE A 134 1.32 -2.80 -17.22
C ILE A 134 1.90 -1.48 -17.72
N ILE A 135 3.18 -1.22 -17.39
CA ILE A 135 3.91 -0.07 -17.85
C ILE A 135 3.83 -0.02 -19.39
N LYS A 136 4.31 -1.04 -20.11
CA LYS A 136 4.21 -1.11 -21.54
C LYS A 136 2.78 -0.76 -22.02
N ILE A 137 1.75 -1.42 -21.47
CA ILE A 137 0.37 -1.13 -21.87
C ILE A 137 0.10 0.37 -21.77
N ILE A 138 0.38 0.99 -20.62
CA ILE A 138 0.10 2.42 -20.48
C ILE A 138 1.05 3.32 -21.28
N GLU A 139 2.28 2.89 -21.54
CA GLU A 139 3.21 3.57 -22.45
C GLU A 139 2.59 3.59 -23.85
N GLU A 140 2.02 2.46 -24.27
CA GLU A 140 1.37 2.31 -25.57
C GLU A 140 0.22 3.32 -25.66
N ILE A 141 -0.51 3.50 -24.55
CA ILE A 141 -1.57 4.50 -24.50
C ILE A 141 -0.99 5.92 -24.48
N GLY A 142 0.08 6.12 -23.71
CA GLY A 142 0.69 7.40 -23.45
C GLY A 142 0.24 7.99 -22.11
N PHE A 143 -0.03 7.14 -21.11
CA PHE A 143 -0.16 7.58 -19.71
C PHE A 143 1.12 7.26 -18.95
N HIS A 144 1.17 7.58 -17.65
CA HIS A 144 2.33 7.33 -16.80
C HIS A 144 1.77 6.77 -15.50
N ALA A 145 2.09 5.50 -15.23
CA ALA A 145 1.73 4.76 -14.03
C ALA A 145 2.96 4.64 -13.14
N SER A 146 2.97 5.37 -12.02
CA SER A 146 4.09 5.49 -11.11
C SER A 146 3.75 4.65 -9.87
N LEU A 147 4.23 3.40 -9.85
CA LEU A 147 3.97 2.41 -8.81
C LEU A 147 4.53 2.88 -7.47
N ALA A 148 3.74 3.67 -6.74
CA ALA A 148 4.13 4.26 -5.46
C ALA A 148 5.53 4.87 -5.57
N GLN A 149 5.70 5.74 -6.57
CA GLN A 149 6.97 6.40 -6.89
C GLN A 149 6.83 7.88 -6.57
N MET A 1 10.13 -13.02 -1.25
CA MET A 1 8.77 -13.14 -1.79
C MET A 1 7.80 -13.52 -0.66
N ALA A 2 7.44 -12.55 0.19
CA ALA A 2 6.51 -12.67 1.32
C ALA A 2 6.64 -11.55 2.38
N PRO A 3 7.83 -11.12 2.83
CA PRO A 3 7.92 -9.92 3.63
C PRO A 3 7.64 -8.71 2.74
N GLN A 4 6.63 -7.91 3.09
CA GLN A 4 6.21 -6.72 2.34
C GLN A 4 6.22 -5.51 3.26
N LYS A 5 6.38 -4.31 2.70
CA LYS A 5 6.35 -3.06 3.44
C LYS A 5 4.96 -2.45 3.45
N CYS A 6 4.67 -1.67 4.51
CA CYS A 6 3.40 -0.99 4.72
C CYS A 6 3.63 0.39 5.32
N PHE A 7 3.06 1.41 4.69
CA PHE A 7 3.19 2.84 5.03
C PHE A 7 1.92 3.35 5.71
N LEU A 8 1.89 3.50 7.04
CA LEU A 8 0.75 4.06 7.76
C LEU A 8 1.18 5.24 8.64
N GLN A 9 0.23 5.95 9.25
CA GLN A 9 0.52 6.86 10.32
C GLN A 9 -0.32 6.49 11.54
N ILE A 10 0.22 6.74 12.72
CA ILE A 10 -0.46 6.50 13.97
C ILE A 10 -1.09 7.82 14.39
N LYS A 11 -2.40 7.80 14.62
CA LYS A 11 -3.14 8.92 15.16
C LYS A 11 -3.34 8.60 16.65
N GLY A 12 -2.68 9.39 17.52
CA GLY A 12 -2.76 9.23 18.97
C GLY A 12 -1.60 9.96 19.67
N MET A 13 -0.40 9.35 19.66
CA MET A 13 0.82 9.83 20.31
C MET A 13 0.61 10.40 21.72
N THR A 14 0.49 9.52 22.73
CA THR A 14 0.40 9.93 24.12
C THR A 14 1.56 10.87 24.52
N CYS A 15 2.82 10.45 24.34
CA CYS A 15 3.93 11.27 24.84
C CYS A 15 5.26 10.86 24.21
N ALA A 16 5.33 10.89 22.88
CA ALA A 16 6.53 10.60 22.08
C ALA A 16 7.35 9.41 22.64
N SER A 17 6.65 8.34 23.00
CA SER A 17 7.21 7.25 23.79
C SER A 17 6.22 6.09 23.86
N CYS A 18 4.93 6.38 24.07
CA CYS A 18 3.95 5.30 24.19
C CYS A 18 3.88 4.50 22.88
N VAL A 19 3.86 5.19 21.73
CA VAL A 19 4.00 4.53 20.45
C VAL A 19 5.23 3.61 20.44
N SER A 20 6.31 4.08 21.06
CA SER A 20 7.56 3.32 21.13
C SER A 20 7.35 1.98 21.86
N ASN A 21 6.45 1.94 22.85
CA ASN A 21 6.04 0.67 23.43
C ASN A 21 5.20 -0.11 22.43
N ILE A 22 4.11 0.48 21.91
CA ILE A 22 3.23 -0.18 20.96
C ILE A 22 4.03 -0.92 19.88
N GLU A 23 4.92 -0.24 19.16
CA GLU A 23 5.67 -0.84 18.07
C GLU A 23 6.51 -2.05 18.54
N ARG A 24 7.06 -1.99 19.76
CA ARG A 24 7.82 -3.10 20.32
C ARG A 24 6.90 -4.29 20.57
N ASN A 25 5.65 -4.00 20.96
CA ASN A 25 4.65 -5.05 21.11
C ASN A 25 4.36 -5.65 19.73
N LEU A 26 4.13 -4.82 18.70
CA LEU A 26 3.89 -5.32 17.34
C LEU A 26 5.03 -6.20 16.84
N GLN A 27 6.28 -5.89 17.19
CA GLN A 27 7.42 -6.74 16.85
C GLN A 27 7.23 -8.19 17.31
N LYS A 28 6.37 -8.42 18.30
CA LYS A 28 6.06 -9.75 18.83
C LYS A 28 4.63 -10.18 18.48
N GLU A 29 4.02 -9.59 17.44
CA GLU A 29 2.70 -9.97 16.97
C GLU A 29 2.77 -11.30 16.26
N ALA A 30 3.48 -11.34 15.12
CA ALA A 30 3.59 -12.50 14.25
C ALA A 30 4.67 -12.22 13.21
N GLY A 31 4.37 -12.31 11.92
CA GLY A 31 5.37 -12.19 10.86
C GLY A 31 5.89 -10.76 10.62
N VAL A 32 5.40 -9.77 11.37
CA VAL A 32 5.92 -8.41 11.28
C VAL A 32 7.18 -8.30 12.14
N LEU A 33 8.35 -8.30 11.50
CA LEU A 33 9.64 -8.15 12.19
C LEU A 33 10.38 -6.93 11.67
N SER A 34 9.71 -5.78 11.68
CA SER A 34 10.34 -4.51 11.38
C SER A 34 9.46 -3.42 11.95
N VAL A 35 10.09 -2.37 12.45
CA VAL A 35 9.44 -1.20 13.00
C VAL A 35 10.27 -0.02 12.54
N LEU A 36 9.71 0.88 11.73
CA LEU A 36 10.36 2.16 11.52
C LEU A 36 9.34 3.32 11.50
N VAL A 37 9.08 3.90 12.67
CA VAL A 37 8.27 5.10 12.77
C VAL A 37 9.18 6.32 12.92
N ALA A 38 8.62 7.50 12.68
CA ALA A 38 9.24 8.77 13.01
C ALA A 38 8.24 9.58 13.83
N LEU A 39 8.42 9.62 15.14
CA LEU A 39 7.56 10.36 16.06
C LEU A 39 7.66 11.87 15.83
N MET A 40 8.71 12.32 15.14
CA MET A 40 8.90 13.72 14.77
C MET A 40 7.85 14.15 13.74
N ALA A 41 7.78 13.41 12.63
CA ALA A 41 6.89 13.71 11.52
C ALA A 41 5.50 13.08 11.73
N GLY A 42 5.44 11.98 12.48
CA GLY A 42 4.23 11.23 12.71
C GLY A 42 3.94 10.31 11.53
N LYS A 43 4.81 9.31 11.29
CA LYS A 43 4.58 8.29 10.29
C LYS A 43 5.08 6.98 10.88
N ALA A 44 4.36 5.88 10.64
CA ALA A 44 4.78 4.53 10.96
C ALA A 44 4.94 3.71 9.67
N GLU A 45 6.18 3.37 9.31
CA GLU A 45 6.48 2.41 8.26
C GLU A 45 6.80 1.09 8.97
N ILE A 46 6.26 -0.04 8.52
CA ILE A 46 6.73 -1.34 8.98
C ILE A 46 6.85 -2.33 7.81
N LYS A 47 7.49 -3.49 8.02
CA LYS A 47 7.41 -4.65 7.13
C LYS A 47 6.69 -5.80 7.84
N TYR A 48 5.48 -6.08 7.37
CA TYR A 48 4.64 -7.21 7.68
C TYR A 48 4.75 -8.29 6.60
N ASP A 49 3.96 -9.36 6.76
CA ASP A 49 3.84 -10.45 5.79
C ASP A 49 2.36 -10.85 5.67
N PRO A 50 1.70 -10.54 4.54
CA PRO A 50 0.28 -10.77 4.34
C PRO A 50 -0.09 -12.24 4.16
N GLU A 51 0.83 -13.20 4.36
CA GLU A 51 0.44 -14.60 4.45
C GLU A 51 0.25 -15.04 5.92
N VAL A 52 0.72 -14.25 6.90
CA VAL A 52 0.64 -14.61 8.32
C VAL A 52 0.06 -13.49 9.18
N ILE A 53 0.46 -12.23 8.97
CA ILE A 53 -0.05 -11.07 9.70
C ILE A 53 -0.78 -10.20 8.69
N GLN A 54 -1.95 -9.67 9.06
CA GLN A 54 -2.78 -8.89 8.14
C GLN A 54 -2.94 -7.49 8.73
N PRO A 55 -3.09 -6.47 7.88
CA PRO A 55 -3.12 -5.08 8.31
C PRO A 55 -4.28 -4.82 9.29
N LEU A 56 -5.42 -5.47 9.07
CA LEU A 56 -6.56 -5.34 9.97
C LEU A 56 -6.18 -5.74 11.40
N GLU A 57 -5.49 -6.88 11.55
CA GLU A 57 -5.06 -7.39 12.84
C GLU A 57 -4.19 -6.37 13.56
N ILE A 58 -3.25 -5.78 12.81
CA ILE A 58 -2.42 -4.66 13.27
C ILE A 58 -3.39 -3.63 13.85
N ALA A 59 -4.35 -3.21 13.02
CA ALA A 59 -5.22 -2.10 13.35
C ALA A 59 -6.02 -2.39 14.61
N GLN A 60 -6.58 -3.59 14.72
CA GLN A 60 -7.27 -4.07 15.91
C GLN A 60 -6.35 -3.97 17.12
N PHE A 61 -5.08 -4.39 16.99
CA PHE A 61 -4.16 -4.36 18.11
C PHE A 61 -3.93 -2.90 18.53
N ILE A 62 -3.74 -2.01 17.55
CA ILE A 62 -3.57 -0.58 17.81
C ILE A 62 -4.80 -0.03 18.54
N GLN A 63 -6.00 -0.41 18.09
CA GLN A 63 -7.26 -0.01 18.70
C GLN A 63 -7.38 -0.55 20.14
N ASP A 64 -7.00 -1.80 20.39
CA ASP A 64 -6.98 -2.37 21.72
C ASP A 64 -6.04 -1.57 22.62
N LEU A 65 -4.82 -1.34 22.13
CA LEU A 65 -3.81 -0.53 22.81
C LEU A 65 -4.34 0.89 23.08
N GLY A 66 -5.15 1.43 22.17
CA GLY A 66 -5.95 2.64 22.41
C GLY A 66 -5.48 3.78 21.52
N PHE A 67 -5.12 3.44 20.28
CA PHE A 67 -4.62 4.36 19.27
C PHE A 67 -5.37 4.05 17.97
N GLU A 68 -5.25 4.89 16.94
CA GLU A 68 -5.74 4.53 15.62
C GLU A 68 -4.56 4.40 14.67
N ALA A 69 -4.51 3.28 13.94
CA ALA A 69 -3.62 3.07 12.82
C ALA A 69 -4.42 3.37 11.56
N ALA A 70 -3.98 4.35 10.78
CA ALA A 70 -4.63 4.71 9.53
C ALA A 70 -3.55 4.78 8.47
N VAL A 71 -3.82 4.19 7.32
CA VAL A 71 -2.85 4.10 6.26
C VAL A 71 -2.88 5.40 5.48
N MET A 72 -1.74 5.71 4.86
CA MET A 72 -1.59 6.92 4.10
C MET A 72 -2.36 6.88 2.77
N GLU A 73 -2.93 5.70 2.47
CA GLU A 73 -3.78 5.36 1.33
C GLU A 73 -2.96 4.74 0.18
N ASP A 74 -1.68 4.47 0.45
CA ASP A 74 -0.78 3.68 -0.38
C ASP A 74 -0.85 2.24 0.10
N TYR A 75 -0.21 1.95 1.23
CA TYR A 75 0.19 0.61 1.64
C TYR A 75 1.12 -0.13 0.65
N ALA A 76 0.82 -0.10 -0.64
CA ALA A 76 1.26 -1.06 -1.63
C ALA A 76 2.52 -0.66 -2.38
N GLY A 77 3.65 -1.22 -1.97
CA GLY A 77 4.91 -0.87 -2.60
C GLY A 77 5.99 -1.87 -2.22
N SER A 78 5.80 -3.13 -2.61
CA SER A 78 6.73 -4.19 -2.23
C SER A 78 6.87 -5.27 -3.31
N ASP A 79 5.81 -6.03 -3.59
CA ASP A 79 5.89 -7.22 -4.44
C ASP A 79 4.47 -7.74 -4.64
N GLY A 80 3.99 -7.83 -5.89
CA GLY A 80 2.65 -8.29 -6.18
C GLY A 80 1.70 -7.13 -5.99
N ASN A 81 1.73 -6.51 -4.80
CA ASN A 81 0.84 -5.45 -4.44
C ASN A 81 1.63 -4.17 -4.53
N ILE A 82 1.38 -3.42 -5.59
CA ILE A 82 2.07 -2.17 -5.88
C ILE A 82 1.00 -1.13 -6.16
N GLU A 83 1.37 0.15 -6.26
CA GLU A 83 0.48 1.21 -6.65
C GLU A 83 1.15 2.21 -7.58
N LEU A 84 0.36 2.85 -8.45
CA LEU A 84 0.82 3.70 -9.53
C LEU A 84 -0.07 4.93 -9.55
N THR A 85 0.46 6.11 -9.90
CA THR A 85 -0.26 7.36 -9.94
C THR A 85 -0.38 7.77 -11.40
N ILE A 86 -1.62 8.05 -11.82
CA ILE A 86 -1.97 8.29 -13.21
C ILE A 86 -1.98 9.79 -13.39
N THR A 87 -1.11 10.31 -14.25
CA THR A 87 -1.04 11.72 -14.52
C THR A 87 -1.79 11.99 -15.83
N GLY A 88 -2.51 13.13 -15.86
CA GLY A 88 -3.35 13.50 -16.99
C GLY A 88 -4.75 12.88 -16.93
N MET A 89 -4.97 11.84 -16.13
CA MET A 89 -6.24 11.14 -16.11
C MET A 89 -7.27 11.89 -15.27
N THR A 90 -8.52 11.92 -15.73
CA THR A 90 -9.63 12.53 -15.03
C THR A 90 -10.92 11.86 -15.51
N CYS A 91 -11.27 10.74 -14.87
CA CYS A 91 -12.48 9.95 -15.16
C CYS A 91 -12.49 9.46 -16.61
N ALA A 92 -13.23 10.17 -17.48
CA ALA A 92 -13.60 9.77 -18.82
C ALA A 92 -14.04 8.30 -18.86
N SER A 93 -13.78 7.62 -19.98
CA SER A 93 -13.73 6.17 -20.01
C SER A 93 -12.37 5.70 -19.49
N CYS A 94 -11.43 6.62 -19.22
CA CYS A 94 -10.03 6.29 -18.99
C CYS A 94 -9.92 5.35 -17.80
N VAL A 95 -10.56 5.75 -16.70
CA VAL A 95 -10.64 4.97 -15.47
C VAL A 95 -10.99 3.50 -15.76
N HIS A 96 -12.17 3.28 -16.35
CA HIS A 96 -12.68 1.94 -16.63
C HIS A 96 -11.80 1.23 -17.65
N ASN A 97 -11.19 2.00 -18.56
CA ASN A 97 -10.30 1.51 -19.59
C ASN A 97 -9.01 0.97 -18.98
N ILE A 98 -8.37 1.75 -18.10
CA ILE A 98 -7.17 1.33 -17.38
C ILE A 98 -7.51 0.07 -16.58
N GLU A 99 -8.63 0.11 -15.86
CA GLU A 99 -9.14 -1.06 -15.17
C GLU A 99 -9.21 -2.23 -16.13
N SER A 100 -9.89 -2.08 -17.28
CA SER A 100 -9.97 -3.11 -18.30
C SER A 100 -8.57 -3.61 -18.70
N LYS A 101 -7.63 -2.71 -18.97
CA LYS A 101 -6.28 -3.08 -19.36
C LYS A 101 -5.59 -3.91 -18.28
N LEU A 102 -5.81 -3.56 -17.02
CA LEU A 102 -5.23 -4.30 -15.91
C LEU A 102 -5.93 -5.64 -15.80
N THR A 103 -7.24 -5.61 -15.55
CA THR A 103 -8.07 -6.79 -15.37
C THR A 103 -8.06 -7.72 -16.58
N ARG A 104 -7.66 -7.22 -17.76
CA ARG A 104 -7.44 -8.05 -18.94
C ARG A 104 -6.42 -9.15 -18.64
N THR A 105 -5.39 -8.84 -17.83
CA THR A 105 -4.33 -9.81 -17.60
C THR A 105 -4.76 -10.93 -16.65
N ASN A 106 -3.88 -11.91 -16.47
CA ASN A 106 -4.14 -13.07 -15.63
C ASN A 106 -3.81 -12.80 -14.16
N GLY A 107 -2.64 -12.22 -13.91
CA GLY A 107 -2.11 -12.09 -12.55
C GLY A 107 -2.92 -11.12 -11.70
N ILE A 108 -3.43 -10.04 -12.30
CA ILE A 108 -4.06 -8.98 -11.53
C ILE A 108 -5.40 -9.48 -11.00
N THR A 109 -5.57 -9.52 -9.68
CA THR A 109 -6.79 -10.06 -9.08
C THR A 109 -7.75 -8.91 -8.77
N TYR A 110 -7.28 -7.83 -8.16
CA TYR A 110 -8.15 -6.73 -7.76
C TYR A 110 -7.50 -5.36 -7.94
N ALA A 111 -7.69 -4.70 -9.09
CA ALA A 111 -7.09 -3.39 -9.29
C ALA A 111 -8.11 -2.35 -8.86
N SER A 112 -7.65 -1.24 -8.28
CA SER A 112 -8.52 -0.21 -7.74
C SER A 112 -7.90 1.15 -8.04
N VAL A 113 -8.51 1.92 -8.95
CA VAL A 113 -8.04 3.23 -9.40
C VAL A 113 -8.82 4.32 -8.69
N ALA A 114 -8.11 5.24 -8.02
CA ALA A 114 -8.65 6.30 -7.19
C ALA A 114 -8.19 7.67 -7.73
N LEU A 115 -8.97 8.21 -8.67
CA LEU A 115 -8.72 9.48 -9.33
C LEU A 115 -8.81 10.69 -8.39
N ALA A 116 -9.50 10.55 -7.25
CA ALA A 116 -9.60 11.61 -6.26
C ALA A 116 -8.21 11.97 -5.73
N THR A 117 -7.41 10.93 -5.49
CA THR A 117 -6.02 11.03 -5.08
C THR A 117 -5.09 10.92 -6.30
N SER A 118 -5.59 10.39 -7.42
CA SER A 118 -4.83 10.08 -8.62
C SER A 118 -3.82 8.97 -8.34
N LYS A 119 -4.18 7.97 -7.51
CA LYS A 119 -3.35 6.78 -7.32
C LYS A 119 -4.20 5.55 -7.58
N ALA A 120 -3.55 4.42 -7.90
CA ALA A 120 -4.22 3.16 -8.22
C ALA A 120 -3.44 2.02 -7.60
N LEU A 121 -4.13 1.10 -6.92
CA LEU A 121 -3.58 -0.05 -6.21
C LEU A 121 -3.77 -1.26 -7.12
N VAL A 122 -2.70 -2.05 -7.36
CA VAL A 122 -2.69 -3.20 -8.27
C VAL A 122 -2.11 -4.43 -7.55
N LYS A 123 -2.84 -5.56 -7.51
CA LYS A 123 -2.37 -6.82 -6.92
C LYS A 123 -2.16 -7.80 -8.07
N PHE A 124 -0.93 -7.90 -8.59
CA PHE A 124 -0.55 -8.89 -9.59
C PHE A 124 0.40 -9.93 -8.99
N ASP A 125 0.88 -10.89 -9.80
CA ASP A 125 1.88 -11.87 -9.39
C ASP A 125 3.24 -11.47 -10.01
N PRO A 126 4.27 -11.13 -9.22
CA PRO A 126 5.47 -10.49 -9.72
C PRO A 126 6.43 -11.52 -10.32
N GLU A 127 6.01 -12.09 -11.45
CA GLU A 127 6.77 -13.08 -12.21
C GLU A 127 6.15 -13.24 -13.59
N ILE A 128 4.82 -13.33 -13.65
CA ILE A 128 4.10 -13.57 -14.89
C ILE A 128 3.95 -12.28 -15.70
N ILE A 129 3.72 -11.18 -15.00
CA ILE A 129 3.65 -9.86 -15.59
C ILE A 129 4.50 -8.88 -14.78
N GLY A 130 4.90 -7.78 -15.40
CA GLY A 130 5.70 -6.73 -14.79
C GLY A 130 4.99 -5.38 -14.91
N PRO A 131 5.48 -4.35 -14.21
CA PRO A 131 4.94 -3.01 -14.28
C PRO A 131 5.21 -2.40 -15.66
N ARG A 132 6.42 -2.60 -16.20
CA ARG A 132 6.85 -2.03 -17.47
C ARG A 132 5.84 -2.31 -18.59
N ASP A 133 5.27 -3.51 -18.64
CA ASP A 133 4.28 -3.90 -19.62
C ASP A 133 3.06 -3.00 -19.49
N ILE A 134 2.56 -2.87 -18.27
CA ILE A 134 1.39 -2.08 -17.94
C ILE A 134 1.67 -0.62 -18.34
N ILE A 135 2.83 -0.12 -17.95
CA ILE A 135 3.30 1.21 -18.34
C ILE A 135 3.22 1.33 -19.86
N LYS A 136 3.91 0.48 -20.62
CA LYS A 136 3.88 0.49 -22.07
C LYS A 136 2.47 0.57 -22.63
N ILE A 137 1.57 -0.31 -22.15
CA ILE A 137 0.17 -0.26 -22.54
C ILE A 137 -0.37 1.17 -22.37
N ILE A 138 -0.23 1.76 -21.18
CA ILE A 138 -0.77 3.10 -20.98
C ILE A 138 0.01 4.20 -21.72
N GLU A 139 1.30 4.02 -22.00
CA GLU A 139 2.05 4.91 -22.88
C GLU A 139 1.41 4.89 -24.26
N GLU A 140 1.05 3.70 -24.74
CA GLU A 140 0.44 3.52 -26.05
C GLU A 140 -0.91 4.24 -26.08
N ILE A 141 -1.65 4.18 -24.98
CA ILE A 141 -2.87 4.97 -24.83
C ILE A 141 -2.53 6.47 -24.83
N GLY A 142 -1.50 6.84 -24.08
CA GLY A 142 -1.02 8.19 -23.92
C GLY A 142 -1.26 8.74 -22.51
N PHE A 143 -1.37 7.87 -21.49
CA PHE A 143 -1.28 8.32 -20.09
C PHE A 143 0.12 7.99 -19.57
N HIS A 144 0.41 8.35 -18.32
CA HIS A 144 1.65 7.94 -17.65
C HIS A 144 1.24 7.53 -16.23
N ALA A 145 1.70 6.36 -15.80
CA ALA A 145 1.32 5.69 -14.57
C ALA A 145 2.59 5.40 -13.78
N SER A 146 2.94 6.25 -12.81
CA SER A 146 4.19 6.12 -12.06
C SER A 146 3.95 6.52 -10.61
N LEU A 147 4.45 5.73 -9.65
CA LEU A 147 4.49 6.04 -8.23
C LEU A 147 5.25 4.95 -7.48
N ALA A 148 4.54 3.94 -6.95
CA ALA A 148 5.04 2.93 -6.03
C ALA A 148 6.06 3.48 -5.02
N GLN A 149 5.88 4.72 -4.54
CA GLN A 149 6.87 5.31 -3.65
C GLN A 149 6.30 6.57 -2.97
N MET A 1 9.83 -13.32 7.41
CA MET A 1 8.54 -13.17 6.70
C MET A 1 8.79 -12.34 5.45
N ALA A 2 7.85 -12.32 4.50
CA ALA A 2 8.06 -11.67 3.21
C ALA A 2 8.08 -10.16 3.41
N PRO A 3 9.16 -9.45 3.00
CA PRO A 3 9.31 -8.05 3.29
C PRO A 3 8.39 -7.20 2.42
N GLN A 4 7.37 -6.67 3.07
CA GLN A 4 6.37 -5.77 2.51
C GLN A 4 6.34 -4.53 3.39
N LYS A 5 6.10 -3.35 2.82
CA LYS A 5 6.02 -2.09 3.56
C LYS A 5 4.57 -1.64 3.70
N CYS A 6 4.26 -0.85 4.74
CA CYS A 6 2.96 -0.19 4.88
C CYS A 6 3.13 1.20 5.49
N PHE A 7 2.34 2.15 4.98
CA PHE A 7 2.39 3.58 5.27
C PHE A 7 1.14 3.96 6.08
N LEU A 8 1.21 3.95 7.41
CA LEU A 8 0.08 4.38 8.23
C LEU A 8 0.44 5.56 9.12
N GLN A 9 -0.59 6.22 9.65
CA GLN A 9 -0.41 7.17 10.73
C GLN A 9 -0.83 6.49 12.01
N ILE A 10 -0.28 6.96 13.13
CA ILE A 10 -0.82 6.74 14.44
C ILE A 10 -1.64 7.97 14.79
N LYS A 11 -2.73 7.78 15.52
CA LYS A 11 -3.32 8.84 16.32
C LYS A 11 -3.39 8.32 17.75
N GLY A 12 -2.77 9.06 18.68
CA GLY A 12 -2.57 8.65 20.06
C GLY A 12 -1.27 9.28 20.58
N MET A 13 -0.14 8.64 20.25
CA MET A 13 1.22 9.04 20.60
C MET A 13 1.36 9.85 21.90
N THR A 14 1.22 9.17 23.04
CA THR A 14 1.41 9.71 24.37
C THR A 14 2.79 10.36 24.58
N CYS A 15 3.77 10.08 23.72
CA CYS A 15 5.10 10.70 23.68
C CYS A 15 6.03 10.13 24.76
N ALA A 16 5.55 10.04 26.00
CA ALA A 16 6.30 9.54 27.16
C ALA A 16 7.19 8.34 26.79
N SER A 17 6.56 7.19 26.52
CA SER A 17 7.26 6.02 26.00
C SER A 17 6.31 5.03 25.33
N CYS A 18 5.08 5.47 25.01
CA CYS A 18 4.03 4.56 24.60
C CYS A 18 4.34 4.02 23.21
N VAL A 19 4.68 4.93 22.28
CA VAL A 19 5.18 4.56 20.95
C VAL A 19 6.26 3.49 21.13
N SER A 20 7.24 3.78 21.98
CA SER A 20 8.40 2.92 22.24
C SER A 20 8.02 1.53 22.77
N ASN A 21 6.95 1.44 23.57
CA ASN A 21 6.40 0.15 23.99
C ASN A 21 5.69 -0.54 22.82
N ILE A 22 4.88 0.22 22.07
CA ILE A 22 4.12 -0.28 20.94
C ILE A 22 5.09 -0.92 19.93
N GLU A 23 6.19 -0.24 19.60
CA GLU A 23 7.22 -0.76 18.73
C GLU A 23 7.62 -2.20 19.15
N ARG A 24 7.97 -2.36 20.43
CA ARG A 24 8.46 -3.63 20.98
C ARG A 24 7.37 -4.70 21.00
N ASN A 25 6.12 -4.27 21.16
CA ASN A 25 4.97 -5.16 21.12
C ASN A 25 4.80 -5.67 19.69
N LEU A 26 4.67 -4.76 18.73
CA LEU A 26 4.44 -5.10 17.33
C LEU A 26 5.58 -5.94 16.77
N GLN A 27 6.83 -5.69 17.18
CA GLN A 27 7.97 -6.53 16.85
C GLN A 27 7.73 -8.01 17.19
N LYS A 28 6.84 -8.29 18.13
CA LYS A 28 6.48 -9.64 18.54
C LYS A 28 5.00 -9.92 18.33
N GLU A 29 4.38 -9.29 17.32
CA GLU A 29 3.09 -9.72 16.80
C GLU A 29 3.40 -10.94 15.91
N ALA A 30 3.67 -10.72 14.62
CA ALA A 30 4.03 -11.77 13.69
C ALA A 30 4.94 -11.25 12.59
N GLY A 31 4.38 -10.80 11.47
CA GLY A 31 5.15 -10.44 10.30
C GLY A 31 5.70 -9.01 10.37
N VAL A 32 5.15 -8.18 11.27
CA VAL A 32 5.65 -6.81 11.45
C VAL A 32 7.05 -6.86 12.04
N LEU A 33 8.05 -6.50 11.23
CA LEU A 33 9.44 -6.44 11.67
C LEU A 33 10.10 -5.19 11.09
N SER A 34 9.47 -4.02 11.27
CA SER A 34 10.14 -2.74 11.18
C SER A 34 9.26 -1.74 11.92
N VAL A 35 9.86 -0.69 12.45
CA VAL A 35 9.19 0.35 13.21
C VAL A 35 9.86 1.65 12.83
N LEU A 36 9.21 2.43 11.97
CA LEU A 36 9.74 3.71 11.55
C LEU A 36 8.63 4.73 11.79
N VAL A 37 8.43 5.06 13.07
CA VAL A 37 7.52 6.11 13.47
C VAL A 37 8.31 7.39 13.70
N ALA A 38 7.93 8.45 12.99
CA ALA A 38 8.45 9.77 13.27
C ALA A 38 7.41 10.44 14.15
N LEU A 39 7.56 10.34 15.47
CA LEU A 39 6.73 10.99 16.47
C LEU A 39 6.68 12.50 16.22
N MET A 40 7.75 13.07 15.65
CA MET A 40 7.85 14.50 15.38
C MET A 40 6.84 14.92 14.32
N ALA A 41 6.87 14.23 13.17
CA ALA A 41 6.03 14.56 12.03
C ALA A 41 4.66 13.90 12.13
N GLY A 42 4.57 12.81 12.89
CA GLY A 42 3.39 12.00 13.06
C GLY A 42 3.16 11.11 11.84
N LYS A 43 4.08 10.17 11.56
CA LYS A 43 3.84 9.17 10.54
C LYS A 43 4.41 7.85 11.03
N ALA A 44 3.71 6.73 10.79
CA ALA A 44 4.19 5.39 11.10
C ALA A 44 4.37 4.52 9.84
N GLU A 45 5.63 4.34 9.44
CA GLU A 45 5.97 3.41 8.38
C GLU A 45 6.43 2.11 9.05
N ILE A 46 5.81 0.99 8.66
CA ILE A 46 6.11 -0.34 9.18
C ILE A 46 6.40 -1.24 7.99
N LYS A 47 7.03 -2.40 8.22
CA LYS A 47 7.10 -3.47 7.26
C LYS A 47 6.52 -4.74 7.90
N TYR A 48 5.31 -5.11 7.49
CA TYR A 48 4.65 -6.35 7.85
C TYR A 48 4.40 -7.19 6.60
N ASP A 49 4.20 -8.51 6.80
CA ASP A 49 3.97 -9.46 5.71
C ASP A 49 2.46 -9.74 5.57
N PRO A 50 1.84 -9.29 4.46
CA PRO A 50 0.41 -9.45 4.21
C PRO A 50 -0.01 -10.91 4.04
N GLU A 51 0.91 -11.88 4.06
CA GLU A 51 0.52 -13.29 4.13
C GLU A 51 0.03 -13.63 5.53
N VAL A 52 0.73 -13.19 6.58
CA VAL A 52 0.55 -13.71 7.93
C VAL A 52 -0.13 -12.68 8.83
N ILE A 53 0.11 -11.39 8.56
CA ILE A 53 -0.50 -10.29 9.28
C ILE A 53 -1.15 -9.35 8.29
N GLN A 54 -2.39 -8.97 8.56
CA GLN A 54 -3.22 -8.12 7.72
C GLN A 54 -3.32 -6.72 8.33
N PRO A 55 -3.48 -5.67 7.51
CA PRO A 55 -3.60 -4.30 7.96
C PRO A 55 -4.67 -4.14 9.06
N LEU A 56 -5.88 -4.62 8.80
CA LEU A 56 -6.97 -4.50 9.77
C LEU A 56 -6.63 -5.22 11.08
N GLU A 57 -6.07 -6.42 10.96
CA GLU A 57 -5.58 -7.18 12.11
C GLU A 57 -4.52 -6.39 12.89
N ILE A 58 -3.66 -5.64 12.20
CA ILE A 58 -2.73 -4.70 12.83
C ILE A 58 -3.56 -3.75 13.69
N ALA A 59 -4.61 -3.18 13.08
CA ALA A 59 -5.43 -2.19 13.74
C ALA A 59 -5.98 -2.75 15.04
N GLN A 60 -6.46 -4.00 15.05
CA GLN A 60 -6.91 -4.65 16.27
C GLN A 60 -5.83 -4.59 17.35
N PHE A 61 -4.59 -4.93 17.00
CA PHE A 61 -3.48 -4.85 17.95
C PHE A 61 -3.34 -3.42 18.49
N ILE A 62 -3.33 -2.43 17.60
CA ILE A 62 -3.12 -1.04 18.01
C ILE A 62 -4.26 -0.55 18.90
N GLN A 63 -5.50 -0.87 18.54
CA GLN A 63 -6.69 -0.54 19.30
C GLN A 63 -6.64 -1.22 20.67
N ASP A 64 -6.22 -2.49 20.74
CA ASP A 64 -6.07 -3.19 22.00
C ASP A 64 -5.04 -2.49 22.88
N LEU A 65 -3.87 -2.18 22.30
CA LEU A 65 -2.84 -1.40 22.99
C LEU A 65 -3.38 -0.04 23.45
N GLY A 66 -4.26 0.58 22.66
CA GLY A 66 -5.06 1.74 23.06
C GLY A 66 -4.76 2.97 22.22
N PHE A 67 -4.29 2.78 20.99
CA PHE A 67 -4.00 3.83 20.02
C PHE A 67 -4.91 3.62 18.81
N GLU A 68 -4.99 4.61 17.90
CA GLU A 68 -5.52 4.38 16.58
C GLU A 68 -4.34 4.20 15.62
N ALA A 69 -4.53 3.32 14.64
CA ALA A 69 -3.72 3.25 13.45
C ALA A 69 -4.63 3.21 12.22
N ALA A 70 -4.33 4.00 11.19
CA ALA A 70 -4.99 3.95 9.89
C ALA A 70 -3.97 4.19 8.78
N VAL A 71 -4.07 3.44 7.68
CA VAL A 71 -3.23 3.53 6.50
C VAL A 71 -3.81 4.57 5.55
N MET A 72 -2.93 5.18 4.74
CA MET A 72 -3.35 6.16 3.75
C MET A 72 -4.49 5.62 2.88
N GLU A 73 -4.30 4.45 2.27
CA GLU A 73 -5.23 3.91 1.29
C GLU A 73 -4.88 2.44 1.05
N ASP A 74 -5.15 1.59 2.05
CA ASP A 74 -4.60 0.24 2.22
C ASP A 74 -4.06 -0.39 0.95
N TYR A 75 -2.73 -0.33 0.85
CA TYR A 75 -2.02 -0.50 -0.41
C TYR A 75 -0.82 -1.41 -0.15
N ALA A 76 0.13 -0.90 0.63
CA ALA A 76 1.33 -1.56 1.10
C ALA A 76 2.53 -1.15 0.24
N GLY A 77 2.73 -1.86 -0.88
CA GLY A 77 3.58 -1.37 -1.96
C GLY A 77 4.92 -2.05 -2.12
N SER A 78 4.87 -3.32 -2.54
CA SER A 78 6.09 -4.10 -2.58
C SER A 78 6.09 -5.17 -3.67
N ASP A 79 5.33 -6.26 -3.49
CA ASP A 79 5.20 -7.41 -4.37
C ASP A 79 3.80 -7.91 -4.11
N GLY A 80 3.08 -8.43 -5.11
CA GLY A 80 1.71 -8.89 -4.93
C GLY A 80 0.72 -7.72 -4.86
N ASN A 81 1.14 -6.57 -4.32
CA ASN A 81 0.38 -5.33 -4.29
C ASN A 81 1.35 -4.20 -4.52
N ILE A 82 1.22 -3.50 -5.65
CA ILE A 82 2.03 -2.34 -5.99
C ILE A 82 1.07 -1.21 -6.36
N GLU A 83 1.54 0.04 -6.33
CA GLU A 83 0.82 1.19 -6.86
C GLU A 83 1.59 1.72 -8.05
N LEU A 84 0.89 2.39 -8.98
CA LEU A 84 1.49 3.25 -9.97
C LEU A 84 0.71 4.55 -10.03
N THR A 85 1.43 5.66 -10.20
CA THR A 85 0.87 7.00 -10.27
C THR A 85 0.69 7.31 -11.75
N ILE A 86 -0.53 7.69 -12.17
CA ILE A 86 -0.83 7.90 -13.58
C ILE A 86 -0.80 9.38 -13.89
N THR A 87 0.02 9.79 -14.85
CA THR A 87 0.02 11.15 -15.36
C THR A 87 -0.84 11.17 -16.63
N GLY A 88 -1.84 12.05 -16.64
CA GLY A 88 -2.72 12.30 -17.78
C GLY A 88 -4.17 11.94 -17.48
N MET A 89 -4.41 10.89 -16.68
CA MET A 89 -5.75 10.47 -16.28
C MET A 89 -6.55 11.66 -15.72
N THR A 90 -7.69 11.98 -16.34
CA THR A 90 -8.45 13.19 -16.05
C THR A 90 -9.97 13.01 -16.13
N CYS A 91 -10.49 11.79 -16.32
CA CYS A 91 -11.93 11.57 -16.44
C CYS A 91 -12.32 10.13 -16.08
N ALA A 92 -13.46 9.95 -15.41
CA ALA A 92 -13.92 8.67 -14.89
C ALA A 92 -13.98 7.59 -15.98
N SER A 93 -14.37 7.98 -17.18
CA SER A 93 -14.32 7.15 -18.38
C SER A 93 -12.90 6.58 -18.57
N CYS A 94 -11.89 7.45 -18.50
CA CYS A 94 -10.50 7.05 -18.68
C CYS A 94 -10.11 6.12 -17.54
N VAL A 95 -10.45 6.48 -16.30
CA VAL A 95 -10.24 5.63 -15.12
C VAL A 95 -10.74 4.20 -15.40
N HIS A 96 -12.03 4.07 -15.73
CA HIS A 96 -12.65 2.77 -16.01
C HIS A 96 -11.93 2.07 -17.16
N ASN A 97 -11.62 2.79 -18.23
CA ASN A 97 -10.96 2.23 -19.41
C ASN A 97 -9.58 1.69 -19.04
N ILE A 98 -8.79 2.47 -18.32
CA ILE A 98 -7.47 2.08 -17.86
C ILE A 98 -7.60 0.80 -17.02
N GLU A 99 -8.54 0.78 -16.08
CA GLU A 99 -8.76 -0.39 -15.26
C GLU A 99 -9.13 -1.57 -16.15
N SER A 100 -10.05 -1.38 -17.10
CA SER A 100 -10.40 -2.41 -18.08
C SER A 100 -9.14 -2.94 -18.77
N LYS A 101 -8.23 -2.07 -19.23
CA LYS A 101 -6.99 -2.47 -19.85
C LYS A 101 -6.14 -3.30 -18.89
N LEU A 102 -5.92 -2.83 -17.67
CA LEU A 102 -5.14 -3.57 -16.68
C LEU A 102 -5.78 -4.93 -16.45
N THR A 103 -7.06 -4.94 -16.05
CA THR A 103 -7.91 -6.11 -15.89
C THR A 103 -7.89 -7.03 -17.11
N ARG A 104 -7.48 -6.54 -18.29
CA ARG A 104 -7.34 -7.41 -19.46
C ARG A 104 -6.22 -8.44 -19.29
N THR A 105 -5.31 -8.23 -18.34
CA THR A 105 -4.18 -9.09 -18.03
C THR A 105 -4.65 -10.38 -17.36
N ASN A 106 -3.86 -11.46 -17.48
CA ASN A 106 -4.15 -12.77 -16.90
C ASN A 106 -3.94 -12.78 -15.39
N GLY A 107 -2.74 -12.36 -14.94
CA GLY A 107 -2.35 -12.46 -13.54
C GLY A 107 -3.14 -11.51 -12.66
N ILE A 108 -3.43 -10.31 -13.18
CA ILE A 108 -4.18 -9.33 -12.43
C ILE A 108 -5.60 -9.85 -12.21
N THR A 109 -6.14 -9.70 -11.00
CA THR A 109 -7.55 -9.99 -10.73
C THR A 109 -8.22 -8.92 -9.87
N TYR A 110 -7.45 -8.03 -9.24
CA TYR A 110 -7.98 -7.00 -8.36
C TYR A 110 -7.13 -5.78 -8.65
N ALA A 111 -7.73 -4.67 -9.12
CA ALA A 111 -7.07 -3.38 -9.16
C ALA A 111 -7.99 -2.39 -8.45
N SER A 112 -7.44 -1.25 -8.03
CA SER A 112 -8.24 -0.08 -7.72
C SER A 112 -7.52 1.17 -8.19
N VAL A 113 -8.06 1.85 -9.21
CA VAL A 113 -7.58 3.16 -9.64
C VAL A 113 -8.40 4.28 -9.01
N ALA A 114 -7.72 5.31 -8.50
CA ALA A 114 -8.33 6.37 -7.70
C ALA A 114 -7.75 7.74 -8.05
N LEU A 115 -8.56 8.55 -8.72
CA LEU A 115 -8.21 9.85 -9.29
C LEU A 115 -7.83 10.87 -8.22
N ALA A 116 -8.55 10.88 -7.10
CA ALA A 116 -8.31 11.80 -6.00
C ALA A 116 -6.87 11.72 -5.51
N THR A 117 -6.30 10.52 -5.61
CA THR A 117 -4.96 10.14 -5.16
C THR A 117 -4.02 10.00 -6.38
N SER A 118 -4.59 9.90 -7.58
CA SER A 118 -3.93 9.97 -8.89
C SER A 118 -3.08 8.75 -9.18
N LYS A 119 -3.36 7.64 -8.47
CA LYS A 119 -2.66 6.38 -8.68
C LYS A 119 -3.65 5.23 -8.82
N ALA A 120 -3.11 4.06 -9.15
CA ALA A 120 -3.81 2.81 -9.14
C ALA A 120 -2.99 1.79 -8.37
N LEU A 121 -3.66 1.04 -7.50
CA LEU A 121 -3.15 -0.08 -6.76
C LEU A 121 -3.47 -1.29 -7.63
N VAL A 122 -2.48 -2.08 -8.02
CA VAL A 122 -2.62 -3.21 -8.92
C VAL A 122 -2.06 -4.44 -8.19
N LYS A 123 -2.84 -5.51 -8.15
CA LYS A 123 -2.48 -6.78 -7.52
C LYS A 123 -2.22 -7.79 -8.62
N PHE A 124 -0.97 -7.82 -9.07
CA PHE A 124 -0.47 -8.79 -10.04
C PHE A 124 0.56 -9.74 -9.42
N ASP A 125 0.87 -10.86 -10.09
CA ASP A 125 1.86 -11.84 -9.65
C ASP A 125 3.18 -11.60 -10.39
N PRO A 126 4.27 -11.24 -9.69
CA PRO A 126 5.53 -10.87 -10.31
C PRO A 126 6.31 -12.10 -10.78
N GLU A 127 5.78 -12.77 -11.80
CA GLU A 127 6.43 -13.89 -12.47
C GLU A 127 5.80 -14.08 -13.84
N ILE A 128 4.47 -14.08 -13.91
CA ILE A 128 3.73 -14.30 -15.13
C ILE A 128 3.65 -13.01 -15.94
N ILE A 129 3.61 -11.88 -15.26
CA ILE A 129 3.60 -10.57 -15.89
C ILE A 129 4.59 -9.66 -15.16
N GLY A 130 4.96 -8.54 -15.80
CA GLY A 130 5.90 -7.57 -15.28
C GLY A 130 5.48 -6.17 -15.72
N PRO A 131 6.03 -5.13 -15.06
CA PRO A 131 5.59 -3.75 -15.22
C PRO A 131 5.75 -3.24 -16.65
N ARG A 132 6.80 -3.66 -17.35
CA ARG A 132 7.12 -3.16 -18.68
C ARG A 132 5.95 -3.38 -19.64
N ASP A 133 5.26 -4.52 -19.57
CA ASP A 133 4.18 -4.76 -20.51
C ASP A 133 2.99 -3.85 -20.16
N ILE A 134 2.72 -3.66 -18.88
CA ILE A 134 1.72 -2.71 -18.41
C ILE A 134 2.06 -1.33 -18.97
N ILE A 135 3.32 -0.92 -18.80
CA ILE A 135 3.86 0.30 -19.38
C ILE A 135 3.51 0.32 -20.87
N LYS A 136 3.96 -0.65 -21.68
CA LYS A 136 3.65 -0.63 -23.11
C LYS A 136 2.15 -0.47 -23.38
N ILE A 137 1.29 -1.19 -22.65
CA ILE A 137 -0.16 -1.05 -22.81
C ILE A 137 -0.55 0.42 -22.57
N ILE A 138 -0.17 1.01 -21.44
CA ILE A 138 -0.57 2.40 -21.19
C ILE A 138 0.11 3.40 -22.12
N GLU A 139 1.30 3.09 -22.67
CA GLU A 139 1.90 3.85 -23.75
C GLU A 139 0.98 3.84 -24.98
N GLU A 140 0.34 2.71 -25.27
CA GLU A 140 -0.57 2.57 -26.39
C GLU A 140 -1.76 3.51 -26.18
N ILE A 141 -2.25 3.60 -24.93
CA ILE A 141 -3.29 4.55 -24.59
C ILE A 141 -2.74 5.98 -24.71
N GLY A 142 -1.52 6.19 -24.22
CA GLY A 142 -0.84 7.47 -24.15
C GLY A 142 -0.91 8.06 -22.74
N PHE A 143 -0.88 7.22 -21.69
CA PHE A 143 -0.65 7.68 -20.32
C PHE A 143 0.78 7.33 -19.91
N HIS A 144 1.19 7.73 -18.70
CA HIS A 144 2.46 7.35 -18.11
C HIS A 144 2.14 6.84 -16.71
N ALA A 145 2.52 5.59 -16.41
CA ALA A 145 2.30 4.94 -15.13
C ALA A 145 3.65 4.80 -14.43
N SER A 146 3.81 5.53 -13.33
CA SER A 146 5.04 5.66 -12.57
C SER A 146 4.86 4.94 -11.24
N LEU A 147 5.37 3.71 -11.17
CA LEU A 147 5.32 2.83 -10.02
C LEU A 147 5.95 3.49 -8.80
N ALA A 148 5.12 4.05 -7.91
CA ALA A 148 5.57 4.75 -6.71
C ALA A 148 6.68 5.75 -7.03
N GLN A 149 6.48 6.52 -8.10
CA GLN A 149 7.45 7.47 -8.62
C GLN A 149 6.67 8.51 -9.41
N MET A 1 15.66 -11.02 6.17
CA MET A 1 14.25 -10.89 5.75
C MET A 1 14.16 -9.69 4.82
N ALA A 2 13.13 -9.64 3.97
CA ALA A 2 12.93 -8.57 2.99
C ALA A 2 11.59 -7.89 3.24
N PRO A 3 11.45 -7.12 4.33
CA PRO A 3 10.25 -6.34 4.56
C PRO A 3 10.17 -5.23 3.52
N GLN A 4 8.94 -4.85 3.17
CA GLN A 4 8.63 -3.76 2.26
C GLN A 4 8.28 -2.54 3.09
N LYS A 5 8.05 -1.38 2.47
CA LYS A 5 7.86 -0.12 3.19
C LYS A 5 6.37 0.19 3.38
N CYS A 6 6.01 0.76 4.55
CA CYS A 6 4.66 1.25 4.80
C CYS A 6 4.67 2.56 5.59
N PHE A 7 4.00 3.57 5.05
CA PHE A 7 3.76 4.88 5.63
C PHE A 7 2.38 4.87 6.28
N LEU A 8 2.35 4.74 7.61
CA LEU A 8 1.11 4.85 8.35
C LEU A 8 1.23 6.01 9.33
N GLN A 9 0.10 6.40 9.89
CA GLN A 9 0.09 7.42 10.91
C GLN A 9 -0.93 7.03 11.98
N ILE A 10 -0.53 7.22 13.23
CA ILE A 10 -1.32 6.88 14.38
C ILE A 10 -2.00 8.18 14.78
N LYS A 11 -3.28 8.12 15.15
CA LYS A 11 -3.97 9.26 15.73
C LYS A 11 -4.17 8.98 17.22
N GLY A 12 -3.68 9.90 18.06
CA GLY A 12 -3.77 9.87 19.51
C GLY A 12 -2.40 10.18 20.11
N MET A 13 -1.60 9.13 20.30
CA MET A 13 -0.34 9.12 21.04
C MET A 13 -0.54 9.38 22.53
N THR A 14 0.28 8.71 23.34
CA THR A 14 0.36 8.92 24.80
C THR A 14 1.69 9.60 25.16
N CYS A 15 2.68 9.54 24.27
CA CYS A 15 4.06 9.95 24.49
C CYS A 15 4.77 9.07 25.53
N ALA A 16 4.31 9.12 26.79
CA ALA A 16 4.85 8.46 27.97
C ALA A 16 5.73 7.25 27.65
N SER A 17 5.11 6.14 27.23
CA SER A 17 5.84 5.04 26.61
C SER A 17 4.95 4.10 25.80
N CYS A 18 3.69 4.46 25.50
CA CYS A 18 2.79 3.48 24.90
C CYS A 18 3.15 3.25 23.43
N VAL A 19 3.46 4.32 22.68
CA VAL A 19 3.89 4.16 21.31
C VAL A 19 5.24 3.42 21.28
N SER A 20 6.06 3.63 22.32
CA SER A 20 7.27 2.85 22.51
C SER A 20 6.93 1.36 22.69
N ASN A 21 6.02 1.01 23.60
CA ASN A 21 5.59 -0.38 23.78
C ASN A 21 5.11 -0.98 22.44
N ILE A 22 4.30 -0.20 21.72
CA ILE A 22 3.84 -0.52 20.35
C ILE A 22 4.99 -1.05 19.48
N GLU A 23 6.20 -0.49 19.62
CA GLU A 23 7.36 -0.91 18.85
C GLU A 23 7.57 -2.42 18.94
N ARG A 24 7.75 -2.92 20.16
CA ARG A 24 8.04 -4.33 20.39
C ARG A 24 6.83 -5.16 20.00
N ASN A 25 5.64 -4.65 20.29
CA ASN A 25 4.41 -5.34 19.94
C ASN A 25 4.40 -5.63 18.44
N LEU A 26 4.53 -4.61 17.58
CA LEU A 26 4.58 -4.87 16.14
C LEU A 26 5.77 -5.75 15.78
N GLN A 27 6.95 -5.51 16.37
CA GLN A 27 8.11 -6.34 16.07
C GLN A 27 7.85 -7.82 16.32
N LYS A 28 6.86 -8.15 17.17
CA LYS A 28 6.44 -9.51 17.42
C LYS A 28 5.03 -9.83 16.91
N GLU A 29 4.47 -9.00 16.02
CA GLU A 29 3.28 -9.33 15.23
C GLU A 29 3.65 -10.48 14.27
N ALA A 30 4.48 -10.18 13.28
CA ALA A 30 4.89 -11.09 12.21
C ALA A 30 6.04 -10.43 11.44
N GLY A 31 6.04 -10.44 10.10
CA GLY A 31 7.15 -9.98 9.29
C GLY A 31 7.31 -8.45 9.20
N VAL A 32 6.98 -7.73 10.28
CA VAL A 32 7.14 -6.29 10.40
C VAL A 32 8.26 -5.98 11.39
N LEU A 33 9.51 -6.11 10.92
CA LEU A 33 10.69 -6.01 11.77
C LEU A 33 11.35 -4.65 11.53
N SER A 34 10.57 -3.58 11.60
CA SER A 34 11.04 -2.22 11.50
C SER A 34 9.95 -1.31 12.02
N VAL A 35 10.26 -0.45 12.99
CA VAL A 35 9.33 0.53 13.53
C VAL A 35 10.03 1.88 13.47
N LEU A 36 9.53 2.82 12.66
CA LEU A 36 10.04 4.18 12.63
C LEU A 36 8.86 5.12 12.90
N VAL A 37 8.50 5.27 14.18
CA VAL A 37 7.49 6.24 14.58
C VAL A 37 8.17 7.49 15.08
N ALA A 38 7.75 8.63 14.53
CA ALA A 38 8.25 9.92 14.95
C ALA A 38 7.24 10.50 15.94
N LEU A 39 7.35 10.17 17.24
CA LEU A 39 6.47 10.71 18.29
C LEU A 39 6.48 12.26 18.38
N MET A 40 7.32 12.95 17.60
CA MET A 40 7.45 14.40 17.57
C MET A 40 6.63 14.99 16.41
N ALA A 41 6.69 14.35 15.24
CA ALA A 41 5.99 14.80 14.03
C ALA A 41 4.61 14.14 13.93
N GLY A 42 4.55 12.87 14.30
CA GLY A 42 3.34 12.07 14.42
C GLY A 42 3.10 11.24 13.16
N LYS A 43 4.03 10.36 12.81
CA LYS A 43 3.97 9.50 11.66
C LYS A 43 4.48 8.15 12.14
N ALA A 44 3.84 7.05 11.76
CA ALA A 44 4.35 5.70 11.97
C ALA A 44 4.75 5.07 10.64
N GLU A 45 6.04 5.23 10.30
CA GLU A 45 6.57 4.67 9.07
C GLU A 45 7.17 3.32 9.51
N ILE A 46 6.60 2.19 9.09
CA ILE A 46 7.15 0.88 9.44
C ILE A 46 7.58 0.19 8.15
N LYS A 47 8.19 -1.00 8.27
CA LYS A 47 8.45 -1.84 7.11
C LYS A 47 7.99 -3.27 7.39
N TYR A 48 6.89 -3.70 6.75
CA TYR A 48 6.36 -5.06 6.80
C TYR A 48 6.35 -5.75 5.44
N ASP A 49 6.18 -7.07 5.44
CA ASP A 49 6.09 -7.94 4.27
C ASP A 49 4.63 -8.25 3.95
N PRO A 50 4.07 -7.65 2.88
CA PRO A 50 2.64 -7.73 2.58
C PRO A 50 2.18 -9.12 2.12
N GLU A 51 3.05 -10.14 2.23
CA GLU A 51 2.70 -11.52 1.96
C GLU A 51 2.38 -12.27 3.27
N VAL A 52 2.86 -11.78 4.41
CA VAL A 52 2.70 -12.45 5.70
C VAL A 52 1.75 -11.64 6.55
N ILE A 53 2.12 -10.41 6.88
CA ILE A 53 1.26 -9.50 7.64
C ILE A 53 0.57 -8.55 6.68
N GLN A 54 -0.67 -8.20 7.00
CA GLN A 54 -1.52 -7.31 6.23
C GLN A 54 -1.75 -6.04 7.05
N PRO A 55 -1.99 -4.89 6.39
CA PRO A 55 -2.13 -3.61 7.06
C PRO A 55 -3.27 -3.64 8.08
N LEU A 56 -4.38 -4.30 7.73
CA LEU A 56 -5.54 -4.36 8.61
C LEU A 56 -5.31 -5.25 9.82
N GLU A 57 -4.61 -6.37 9.61
CA GLU A 57 -4.20 -7.23 10.72
C GLU A 57 -3.37 -6.41 11.70
N ILE A 58 -2.45 -5.59 11.19
CA ILE A 58 -1.77 -4.59 12.00
C ILE A 58 -2.82 -3.75 12.71
N ALA A 59 -3.84 -3.27 11.98
CA ALA A 59 -4.77 -2.33 12.56
C ALA A 59 -5.43 -2.93 13.81
N GLN A 60 -5.75 -4.23 13.75
CA GLN A 60 -6.34 -4.96 14.86
C GLN A 60 -5.49 -4.78 16.12
N PHE A 61 -4.18 -5.01 15.99
CA PHE A 61 -3.24 -4.83 17.09
C PHE A 61 -3.38 -3.41 17.66
N ILE A 62 -3.39 -2.42 16.77
CA ILE A 62 -3.50 -1.02 17.18
C ILE A 62 -4.83 -0.76 17.90
N GLN A 63 -5.93 -1.34 17.42
CA GLN A 63 -7.24 -1.14 18.02
C GLN A 63 -7.26 -1.78 19.42
N ASP A 64 -6.71 -2.99 19.56
CA ASP A 64 -6.62 -3.68 20.84
C ASP A 64 -5.79 -2.84 21.82
N LEU A 65 -4.60 -2.40 21.36
CA LEU A 65 -3.74 -1.53 22.14
C LEU A 65 -4.47 -0.23 22.54
N GLY A 66 -5.33 0.28 21.66
CA GLY A 66 -6.32 1.30 21.99
C GLY A 66 -6.00 2.62 21.29
N PHE A 67 -5.61 2.53 20.02
CA PHE A 67 -5.16 3.67 19.23
C PHE A 67 -5.86 3.65 17.87
N GLU A 68 -5.87 4.76 17.13
CA GLU A 68 -6.35 4.78 15.75
C GLU A 68 -5.14 4.55 14.85
N ALA A 69 -5.21 3.53 14.01
CA ALA A 69 -4.28 3.32 12.91
C ALA A 69 -4.91 3.85 11.64
N ALA A 70 -4.26 4.77 10.94
CA ALA A 70 -4.72 5.22 9.62
C ALA A 70 -3.52 5.33 8.69
N VAL A 71 -3.50 4.48 7.67
CA VAL A 71 -2.42 4.41 6.69
C VAL A 71 -2.50 5.62 5.75
N MET A 72 -1.38 5.95 5.09
CA MET A 72 -1.35 7.01 4.08
C MET A 72 -1.93 6.57 2.73
N GLU A 73 -2.30 5.29 2.60
CA GLU A 73 -2.81 4.65 1.40
C GLU A 73 -1.67 4.25 0.44
N ASP A 74 -0.44 4.16 0.94
CA ASP A 74 0.66 3.50 0.25
C ASP A 74 0.58 1.99 0.53
N TYR A 75 0.18 1.64 1.76
CA TYR A 75 0.01 0.31 2.35
C TYR A 75 1.25 -0.57 2.25
N ALA A 76 1.71 -0.93 1.05
CA ALA A 76 2.92 -1.68 0.71
C ALA A 76 2.72 -2.50 -0.56
N GLY A 77 2.88 -1.86 -1.70
CA GLY A 77 2.63 -2.46 -2.97
C GLY A 77 3.89 -3.12 -3.48
N SER A 78 3.95 -4.45 -3.42
CA SER A 78 5.19 -5.18 -3.69
C SER A 78 4.94 -6.61 -4.17
N ASP A 79 4.07 -7.34 -3.46
CA ASP A 79 3.92 -8.78 -3.57
C ASP A 79 2.43 -9.07 -3.64
N GLY A 80 1.90 -9.49 -4.79
CA GLY A 80 0.50 -9.86 -4.89
C GLY A 80 -0.34 -8.61 -5.14
N ASN A 81 -0.14 -7.60 -4.30
CA ASN A 81 -0.74 -6.30 -4.40
C ASN A 81 0.41 -5.35 -4.67
N ILE A 82 0.34 -4.61 -5.77
CA ILE A 82 1.23 -3.51 -6.06
C ILE A 82 0.38 -2.27 -6.26
N GLU A 83 0.96 -1.09 -6.11
CA GLU A 83 0.34 0.16 -6.44
C GLU A 83 1.24 0.94 -7.37
N LEU A 84 0.64 1.86 -8.12
CA LEU A 84 1.36 2.79 -8.95
C LEU A 84 0.62 4.12 -9.03
N THR A 85 1.32 5.18 -9.42
CA THR A 85 0.75 6.49 -9.69
C THR A 85 0.57 6.59 -11.19
N ILE A 86 -0.65 6.93 -11.61
CA ILE A 86 -0.99 7.14 -13.01
C ILE A 86 -1.00 8.64 -13.27
N THR A 87 -0.25 9.05 -14.30
CA THR A 87 -0.20 10.45 -14.74
C THR A 87 -0.72 10.52 -16.18
N GLY A 88 -1.89 11.15 -16.33
CA GLY A 88 -2.64 11.20 -17.59
C GLY A 88 -4.15 11.32 -17.34
N MET A 89 -4.61 10.84 -16.17
CA MET A 89 -6.03 10.78 -15.85
C MET A 89 -6.65 12.18 -15.84
N THR A 90 -7.67 12.39 -16.69
CA THR A 90 -8.40 13.66 -16.75
C THR A 90 -9.92 13.41 -16.72
N CYS A 91 -10.38 12.16 -16.55
CA CYS A 91 -11.81 11.88 -16.47
C CYS A 91 -12.08 10.46 -15.99
N ALA A 92 -13.24 10.25 -15.36
CA ALA A 92 -13.70 8.91 -14.98
C ALA A 92 -13.79 7.97 -16.18
N SER A 93 -14.10 8.54 -17.35
CA SER A 93 -14.05 7.83 -18.62
C SER A 93 -12.68 7.16 -18.80
N CYS A 94 -11.59 7.89 -18.49
CA CYS A 94 -10.26 7.29 -18.55
C CYS A 94 -10.18 6.18 -17.51
N VAL A 95 -10.51 6.47 -16.25
CA VAL A 95 -10.45 5.50 -15.14
C VAL A 95 -11.01 4.15 -15.57
N HIS A 96 -12.25 4.15 -16.08
CA HIS A 96 -12.90 2.92 -16.52
C HIS A 96 -12.10 2.25 -17.63
N ASN A 97 -11.54 3.02 -18.55
CA ASN A 97 -10.74 2.47 -19.64
C ASN A 97 -9.45 1.86 -19.09
N ILE A 98 -8.73 2.56 -18.20
CA ILE A 98 -7.53 2.03 -17.56
C ILE A 98 -7.88 0.69 -16.89
N GLU A 99 -8.94 0.68 -16.08
CA GLU A 99 -9.37 -0.52 -15.40
C GLU A 99 -9.71 -1.60 -16.41
N SER A 100 -10.45 -1.29 -17.47
CA SER A 100 -10.74 -2.24 -18.53
C SER A 100 -9.46 -2.83 -19.13
N LYS A 101 -8.42 -2.02 -19.32
CA LYS A 101 -7.13 -2.50 -19.79
C LYS A 101 -6.44 -3.37 -18.75
N LEU A 102 -6.53 -3.03 -17.46
CA LEU A 102 -5.91 -3.83 -16.42
C LEU A 102 -6.61 -5.18 -16.35
N THR A 103 -7.92 -5.14 -16.11
CA THR A 103 -8.78 -6.32 -16.08
C THR A 103 -8.75 -7.13 -17.38
N ARG A 104 -8.23 -6.56 -18.48
CA ARG A 104 -7.93 -7.33 -19.68
C ARG A 104 -7.00 -8.52 -19.36
N THR A 105 -6.07 -8.31 -18.43
CA THR A 105 -5.04 -9.26 -18.05
C THR A 105 -5.63 -10.49 -17.38
N ASN A 106 -5.03 -11.66 -17.61
CA ASN A 106 -5.44 -12.92 -17.00
C ASN A 106 -5.15 -12.93 -15.50
N GLY A 107 -3.94 -12.52 -15.10
CA GLY A 107 -3.44 -12.70 -13.75
C GLY A 107 -4.05 -11.71 -12.76
N ILE A 108 -4.56 -10.58 -13.24
CA ILE A 108 -5.21 -9.60 -12.38
C ILE A 108 -6.62 -10.09 -12.04
N THR A 109 -7.18 -9.62 -10.93
CA THR A 109 -8.60 -9.82 -10.63
C THR A 109 -9.24 -8.57 -10.02
N TYR A 110 -8.53 -7.88 -9.12
CA TYR A 110 -9.08 -6.83 -8.27
C TYR A 110 -8.17 -5.61 -8.44
N ALA A 111 -8.52 -4.67 -9.33
CA ALA A 111 -7.85 -3.39 -9.36
C ALA A 111 -8.71 -2.40 -8.57
N SER A 112 -8.09 -1.34 -8.05
CA SER A 112 -8.84 -0.15 -7.66
C SER A 112 -8.05 1.11 -8.03
N VAL A 113 -8.53 1.87 -9.01
CA VAL A 113 -7.90 3.08 -9.52
C VAL A 113 -8.62 4.32 -9.00
N ALA A 114 -7.87 5.31 -8.51
CA ALA A 114 -8.37 6.49 -7.81
C ALA A 114 -7.63 7.75 -8.24
N LEU A 115 -8.30 8.57 -9.07
CA LEU A 115 -7.76 9.84 -9.57
C LEU A 115 -7.65 10.90 -8.49
N ALA A 116 -8.42 10.77 -7.40
CA ALA A 116 -8.43 11.73 -6.32
C ALA A 116 -7.03 11.82 -5.70
N THR A 117 -6.39 10.66 -5.58
CA THR A 117 -5.00 10.54 -5.21
C THR A 117 -4.12 10.56 -6.47
N SER A 118 -4.60 10.00 -7.58
CA SER A 118 -3.79 9.75 -8.77
C SER A 118 -2.89 8.54 -8.49
N LYS A 119 -3.49 7.50 -7.92
CA LYS A 119 -2.87 6.19 -7.87
C LYS A 119 -3.85 5.09 -8.24
N ALA A 120 -3.32 3.90 -8.46
CA ALA A 120 -4.07 2.68 -8.66
C ALA A 120 -3.43 1.58 -7.85
N LEU A 121 -4.28 0.73 -7.26
CA LEU A 121 -3.93 -0.52 -6.63
C LEU A 121 -4.21 -1.60 -7.66
N VAL A 122 -3.32 -2.59 -7.77
CA VAL A 122 -3.46 -3.68 -8.73
C VAL A 122 -3.08 -4.98 -8.02
N LYS A 123 -3.94 -5.99 -8.14
CA LYS A 123 -3.77 -7.27 -7.48
C LYS A 123 -3.56 -8.33 -8.55
N PHE A 124 -2.31 -8.80 -8.67
CA PHE A 124 -1.95 -9.83 -9.67
C PHE A 124 -1.02 -10.88 -9.08
N ASP A 125 -0.79 -11.99 -9.80
CA ASP A 125 0.08 -13.06 -9.34
C ASP A 125 1.48 -12.90 -9.95
N PRO A 126 2.53 -12.64 -9.15
CA PRO A 126 3.83 -12.20 -9.64
C PRO A 126 4.69 -13.36 -10.13
N GLU A 127 4.14 -14.14 -11.06
CA GLU A 127 4.82 -15.20 -11.79
C GLU A 127 4.29 -15.21 -13.21
N ILE A 128 2.96 -15.24 -13.37
CA ILE A 128 2.36 -15.32 -14.68
C ILE A 128 2.39 -13.97 -15.38
N ILE A 129 2.29 -12.90 -14.60
CA ILE A 129 2.27 -11.54 -15.12
C ILE A 129 3.15 -10.65 -14.24
N GLY A 130 3.51 -9.47 -14.75
CA GLY A 130 4.41 -8.55 -14.07
C GLY A 130 4.16 -7.12 -14.53
N PRO A 131 4.68 -6.13 -13.78
CA PRO A 131 4.32 -4.74 -13.94
C PRO A 131 4.68 -4.21 -15.33
N ARG A 132 5.82 -4.64 -15.88
CA ARG A 132 6.27 -4.13 -17.17
C ARG A 132 5.25 -4.32 -18.28
N ASP A 133 4.43 -5.37 -18.22
CA ASP A 133 3.44 -5.54 -19.28
C ASP A 133 2.32 -4.52 -19.11
N ILE A 134 1.89 -4.28 -17.86
CA ILE A 134 0.96 -3.22 -17.53
C ILE A 134 1.54 -1.89 -18.05
N ILE A 135 2.82 -1.63 -17.75
CA ILE A 135 3.52 -0.47 -18.27
C ILE A 135 3.35 -0.43 -19.80
N LYS A 136 3.80 -1.45 -20.53
CA LYS A 136 3.64 -1.50 -21.96
C LYS A 136 2.22 -1.14 -22.43
N ILE A 137 1.20 -1.78 -21.84
CA ILE A 137 -0.19 -1.48 -22.15
C ILE A 137 -0.44 0.03 -21.99
N ILE A 138 -0.13 0.61 -20.83
CA ILE A 138 -0.40 2.03 -20.63
C ILE A 138 0.46 2.94 -21.50
N GLU A 139 1.69 2.53 -21.86
CA GLU A 139 2.48 3.24 -22.86
C GLU A 139 1.68 3.32 -24.18
N GLU A 140 1.01 2.23 -24.55
CA GLU A 140 0.23 2.15 -25.78
C GLU A 140 -0.89 3.19 -25.72
N ILE A 141 -1.51 3.33 -24.54
CA ILE A 141 -2.54 4.34 -24.31
C ILE A 141 -1.93 5.74 -24.33
N GLY A 142 -0.73 5.89 -23.77
CA GLY A 142 -0.07 7.16 -23.54
C GLY A 142 -0.32 7.66 -22.12
N PHE A 143 -0.45 6.73 -21.16
CA PHE A 143 -0.44 7.05 -19.74
C PHE A 143 0.96 6.77 -19.20
N HIS A 144 1.20 7.09 -17.92
CA HIS A 144 2.50 6.88 -17.30
C HIS A 144 2.23 6.27 -15.93
N ALA A 145 2.78 5.09 -15.66
CA ALA A 145 2.63 4.36 -14.41
C ALA A 145 3.95 4.41 -13.63
N SER A 146 4.04 5.29 -12.64
CA SER A 146 5.18 5.38 -11.74
C SER A 146 4.83 4.65 -10.45
N LEU A 147 5.36 3.43 -10.25
CA LEU A 147 5.27 2.66 -9.02
C LEU A 147 5.64 3.57 -7.87
N ALA A 148 4.65 3.95 -7.07
CA ALA A 148 4.93 4.74 -5.88
C ALA A 148 5.32 3.80 -4.74
N GLN A 149 4.75 2.59 -4.76
CA GLN A 149 5.15 1.41 -3.98
C GLN A 149 4.71 1.49 -2.52
N MET A 1 9.22 -16.00 0.32
CA MET A 1 8.07 -15.73 -0.56
C MET A 1 8.19 -14.29 -1.04
N ALA A 2 7.18 -13.45 -0.83
CA ALA A 2 7.10 -12.11 -1.40
C ALA A 2 6.95 -11.09 -0.26
N PRO A 3 8.03 -10.41 0.15
CA PRO A 3 8.02 -9.48 1.28
C PRO A 3 7.32 -8.18 0.89
N GLN A 4 6.58 -7.57 1.82
CA GLN A 4 5.71 -6.44 1.52
C GLN A 4 5.90 -5.32 2.55
N LYS A 5 5.63 -4.07 2.18
CA LYS A 5 5.77 -2.91 3.04
C LYS A 5 4.45 -2.15 3.13
N CYS A 6 4.20 -1.55 4.28
CA CYS A 6 2.99 -0.79 4.56
C CYS A 6 3.41 0.58 5.09
N PHE A 7 2.76 1.65 4.64
CA PHE A 7 3.13 3.03 4.90
C PHE A 7 1.94 3.70 5.58
N LEU A 8 1.98 3.74 6.91
CA LEU A 8 0.90 4.28 7.72
C LEU A 8 1.36 5.49 8.50
N GLN A 9 0.42 6.09 9.23
CA GLN A 9 0.65 7.08 10.27
C GLN A 9 -0.07 6.59 11.52
N ILE A 10 0.47 6.94 12.67
CA ILE A 10 -0.10 6.66 13.97
C ILE A 10 -0.73 7.96 14.47
N LYS A 11 -2.01 7.93 14.85
CA LYS A 11 -2.58 8.95 15.71
C LYS A 11 -2.80 8.34 17.10
N GLY A 12 -2.46 9.11 18.16
CA GLY A 12 -2.61 8.73 19.55
C GLY A 12 -1.45 9.32 20.37
N MET A 13 -0.34 8.59 20.46
CA MET A 13 0.92 9.05 21.04
C MET A 13 0.79 9.57 22.48
N THR A 14 0.62 8.67 23.45
CA THR A 14 0.45 9.03 24.84
C THR A 14 1.52 10.00 25.35
N CYS A 15 2.82 9.62 25.30
CA CYS A 15 3.87 10.46 25.85
C CYS A 15 5.24 9.92 25.44
N ALA A 16 5.52 9.90 24.13
CA ALA A 16 6.80 9.48 23.55
C ALA A 16 7.39 8.24 24.23
N SER A 17 6.55 7.21 24.40
CA SER A 17 6.91 6.00 25.13
C SER A 17 5.91 4.87 24.83
N CYS A 18 4.62 5.17 24.75
CA CYS A 18 3.62 4.13 24.51
C CYS A 18 3.79 3.56 23.11
N VAL A 19 4.02 4.42 22.11
CA VAL A 19 4.40 3.97 20.78
C VAL A 19 5.72 3.19 20.85
N SER A 20 6.62 3.57 21.75
CA SER A 20 7.84 2.77 21.94
C SER A 20 7.52 1.35 22.41
N ASN A 21 6.39 1.11 23.09
CA ASN A 21 5.96 -0.23 23.46
C ASN A 21 5.49 -0.99 22.21
N ILE A 22 4.81 -0.31 21.28
CA ILE A 22 4.41 -0.91 20.01
C ILE A 22 5.60 -1.62 19.35
N GLU A 23 6.78 -1.01 19.37
CA GLU A 23 7.99 -1.60 18.77
C GLU A 23 8.15 -3.06 19.17
N ARG A 24 8.22 -3.30 20.49
CA ARG A 24 8.52 -4.63 21.03
C ARG A 24 7.36 -5.57 20.73
N ASN A 25 6.14 -5.05 20.85
CA ASN A 25 4.94 -5.82 20.56
C ASN A 25 5.00 -6.32 19.12
N LEU A 26 5.11 -5.40 18.15
CA LEU A 26 5.11 -5.75 16.74
C LEU A 26 6.29 -6.65 16.40
N GLN A 27 7.48 -6.39 16.97
CA GLN A 27 8.64 -7.25 16.86
C GLN A 27 8.27 -8.71 17.06
N LYS A 28 7.31 -8.98 17.95
CA LYS A 28 6.86 -10.32 18.28
C LYS A 28 5.37 -10.50 18.02
N GLU A 29 4.80 -9.78 17.05
CA GLU A 29 3.44 -10.02 16.58
C GLU A 29 3.42 -11.31 15.74
N ALA A 30 4.05 -11.26 14.57
CA ALA A 30 3.93 -12.28 13.54
C ALA A 30 5.10 -12.13 12.56
N GLY A 31 4.90 -12.37 11.26
CA GLY A 31 5.94 -12.27 10.24
C GLY A 31 6.56 -10.86 10.12
N VAL A 32 5.92 -9.86 10.69
CA VAL A 32 6.34 -8.46 10.62
C VAL A 32 7.65 -8.21 11.38
N LEU A 33 8.79 -8.56 10.77
CA LEU A 33 10.08 -8.40 11.41
C LEU A 33 10.70 -7.06 11.00
N SER A 34 9.93 -5.99 11.18
CA SER A 34 10.41 -4.62 10.99
C SER A 34 9.47 -3.68 11.72
N VAL A 35 10.03 -2.60 12.28
CA VAL A 35 9.30 -1.49 12.86
C VAL A 35 10.06 -0.25 12.46
N LEU A 36 9.50 0.60 11.61
CA LEU A 36 10.16 1.86 11.26
C LEU A 36 9.18 3.02 11.39
N VAL A 37 8.96 3.48 12.63
CA VAL A 37 8.15 4.65 12.92
C VAL A 37 9.07 5.85 13.14
N ALA A 38 8.59 7.06 12.83
CA ALA A 38 9.17 8.30 13.31
C ALA A 38 8.04 9.13 13.93
N LEU A 39 8.11 9.34 15.25
CA LEU A 39 7.19 10.14 16.03
C LEU A 39 7.26 11.61 15.56
N MET A 40 8.44 12.07 15.12
CA MET A 40 8.64 13.45 14.68
C MET A 40 7.67 13.80 13.56
N ALA A 41 7.73 13.00 12.50
CA ALA A 41 6.92 13.19 11.30
C ALA A 41 5.56 12.50 11.45
N GLY A 42 5.46 11.52 12.34
CA GLY A 42 4.23 10.77 12.59
C GLY A 42 3.96 9.81 11.45
N LYS A 43 4.95 8.97 11.12
CA LYS A 43 4.82 7.96 10.08
C LYS A 43 5.23 6.63 10.67
N ALA A 44 4.41 5.60 10.50
CA ALA A 44 4.76 4.21 10.77
C ALA A 44 4.93 3.47 9.45
N GLU A 45 6.17 3.14 9.09
CA GLU A 45 6.46 2.19 8.02
C GLU A 45 6.77 0.85 8.69
N ILE A 46 6.17 -0.26 8.23
CA ILE A 46 6.69 -1.57 8.54
C ILE A 46 6.74 -2.46 7.30
N LYS A 47 7.50 -3.55 7.40
CA LYS A 47 7.67 -4.60 6.43
C LYS A 47 7.04 -5.87 7.00
N TYR A 48 5.87 -6.27 6.47
CA TYR A 48 5.23 -7.55 6.78
C TYR A 48 5.33 -8.56 5.63
N ASP A 49 4.75 -9.75 5.85
CA ASP A 49 4.64 -10.82 4.87
C ASP A 49 3.19 -11.36 4.90
N PRO A 50 2.45 -11.26 3.78
CA PRO A 50 1.00 -11.44 3.75
C PRO A 50 0.57 -12.87 4.02
N GLU A 51 1.49 -13.83 3.91
CA GLU A 51 1.18 -15.24 4.08
C GLU A 51 0.93 -15.59 5.55
N VAL A 52 1.24 -14.68 6.48
CA VAL A 52 1.23 -14.95 7.91
C VAL A 52 0.51 -13.83 8.67
N ILE A 53 0.83 -12.56 8.38
CA ILE A 53 0.12 -11.41 8.95
C ILE A 53 -0.63 -10.66 7.86
N GLN A 54 -1.72 -9.98 8.23
CA GLN A 54 -2.58 -9.20 7.35
C GLN A 54 -2.74 -7.78 7.91
N PRO A 55 -3.06 -6.79 7.06
CA PRO A 55 -3.25 -5.42 7.50
C PRO A 55 -4.51 -5.25 8.38
N LEU A 56 -5.36 -6.27 8.46
CA LEU A 56 -6.51 -6.30 9.36
C LEU A 56 -6.04 -6.52 10.81
N GLU A 57 -5.40 -7.66 11.05
CA GLU A 57 -5.01 -8.06 12.40
C GLU A 57 -3.99 -7.08 12.99
N ILE A 58 -3.13 -6.50 12.14
CA ILE A 58 -2.21 -5.44 12.56
C ILE A 58 -3.07 -4.32 13.13
N ALA A 59 -4.08 -3.90 12.34
CA ALA A 59 -4.90 -2.76 12.69
C ALA A 59 -5.64 -3.03 14.00
N GLN A 60 -6.16 -4.25 14.17
CA GLN A 60 -6.78 -4.67 15.40
C GLN A 60 -5.80 -4.47 16.56
N PHE A 61 -4.56 -4.90 16.38
CA PHE A 61 -3.57 -4.80 17.44
C PHE A 61 -3.35 -3.32 17.78
N ILE A 62 -3.11 -2.48 16.77
CA ILE A 62 -2.93 -1.05 16.98
C ILE A 62 -4.13 -0.43 17.72
N GLN A 63 -5.34 -0.75 17.29
CA GLN A 63 -6.56 -0.30 17.95
C GLN A 63 -6.60 -0.75 19.41
N ASP A 64 -6.30 -2.02 19.68
CA ASP A 64 -6.35 -2.59 21.02
C ASP A 64 -5.31 -1.91 21.92
N LEU A 65 -4.07 -1.83 21.42
CA LEU A 65 -2.97 -1.10 22.04
C LEU A 65 -3.40 0.32 22.40
N GLY A 66 -4.11 0.99 21.48
CA GLY A 66 -4.90 2.17 21.80
C GLY A 66 -4.55 3.33 20.87
N PHE A 67 -4.34 3.03 19.59
CA PHE A 67 -3.92 4.03 18.62
C PHE A 67 -4.70 3.83 17.33
N GLU A 68 -4.74 4.87 16.49
CA GLU A 68 -5.28 4.73 15.15
C GLU A 68 -4.11 4.55 14.19
N ALA A 69 -4.06 3.39 13.52
CA ALA A 69 -3.22 3.18 12.35
C ALA A 69 -4.12 3.43 11.14
N ALA A 70 -3.84 4.51 10.41
CA ALA A 70 -4.44 4.78 9.12
C ALA A 70 -3.31 5.08 8.17
N VAL A 71 -3.55 4.85 6.89
CA VAL A 71 -2.53 4.95 5.89
C VAL A 71 -2.10 6.40 5.76
N MET A 72 -0.83 6.64 5.42
CA MET A 72 -0.37 8.01 5.23
C MET A 72 -1.13 8.69 4.07
N GLU A 73 -1.37 7.91 3.02
CA GLU A 73 -2.23 8.13 1.87
C GLU A 73 -2.08 6.95 0.90
N ASP A 74 -0.83 6.49 0.73
CA ASP A 74 -0.44 5.54 -0.31
C ASP A 74 -0.74 4.08 0.07
N TYR A 75 -0.37 3.70 1.29
CA TYR A 75 -0.30 2.36 1.84
C TYR A 75 0.51 1.37 0.99
N ALA A 76 1.26 1.81 -0.02
CA ALA A 76 1.55 0.92 -1.13
C ALA A 76 2.56 -0.15 -0.79
N GLY A 77 2.47 -1.21 -1.59
CA GLY A 77 3.37 -2.34 -1.50
C GLY A 77 2.98 -3.22 -0.34
N SER A 78 1.75 -3.05 0.17
CA SER A 78 1.18 -3.82 1.24
C SER A 78 1.18 -5.29 0.84
N ASP A 79 0.98 -5.56 -0.46
CA ASP A 79 0.75 -6.94 -0.94
C ASP A 79 0.25 -7.00 -2.38
N GLY A 80 1.16 -6.87 -3.36
CA GLY A 80 0.80 -6.65 -4.74
C GLY A 80 0.38 -5.21 -4.95
N ASN A 81 0.20 -4.48 -3.85
CA ASN A 81 -0.84 -3.51 -3.67
C ASN A 81 -0.23 -2.14 -3.72
N ILE A 82 0.10 -1.68 -4.92
CA ILE A 82 0.65 -0.34 -5.09
C ILE A 82 -0.40 0.58 -5.67
N GLU A 83 -0.20 1.89 -5.48
CA GLU A 83 -0.98 2.89 -6.16
C GLU A 83 -0.14 3.57 -7.22
N LEU A 84 -0.75 3.92 -8.35
CA LEU A 84 -0.10 4.65 -9.44
C LEU A 84 -0.99 5.81 -9.85
N THR A 85 -0.40 6.94 -10.25
CA THR A 85 -1.10 8.13 -10.68
C THR A 85 -1.11 8.16 -12.20
N ILE A 86 -2.31 8.24 -12.80
CA ILE A 86 -2.46 8.22 -14.25
C ILE A 86 -2.63 9.63 -14.80
N THR A 87 -1.63 10.11 -15.53
CA THR A 87 -1.66 11.42 -16.15
C THR A 87 -2.10 11.25 -17.61
N GLY A 88 -2.49 12.35 -18.27
CA GLY A 88 -2.96 12.32 -19.65
C GLY A 88 -4.45 11.98 -19.74
N MET A 89 -4.97 11.14 -18.85
CA MET A 89 -6.37 10.77 -18.82
C MET A 89 -7.26 12.01 -18.64
N THR A 90 -8.41 12.01 -19.33
CA THR A 90 -9.44 13.04 -19.16
C THR A 90 -10.80 12.44 -19.59
N CYS A 91 -11.12 11.23 -19.13
CA CYS A 91 -12.43 10.66 -19.40
C CYS A 91 -12.71 9.45 -18.49
N ALA A 92 -13.95 9.29 -18.06
CA ALA A 92 -14.37 8.13 -17.28
C ALA A 92 -14.06 6.85 -18.07
N SER A 93 -14.40 6.83 -19.35
CA SER A 93 -14.07 5.74 -20.25
C SER A 93 -12.59 5.38 -20.20
N CYS A 94 -11.71 6.38 -20.13
CA CYS A 94 -10.26 6.15 -20.14
C CYS A 94 -9.87 5.42 -18.85
N VAL A 95 -10.30 5.95 -17.70
CA VAL A 95 -10.18 5.26 -16.42
C VAL A 95 -10.68 3.82 -16.53
N HIS A 96 -11.91 3.61 -16.99
CA HIS A 96 -12.52 2.29 -17.08
C HIS A 96 -11.69 1.35 -17.97
N ASN A 97 -11.17 1.90 -19.07
CA ASN A 97 -10.27 1.20 -19.98
C ASN A 97 -8.97 0.82 -19.27
N ILE A 98 -8.39 1.74 -18.50
CA ILE A 98 -7.20 1.47 -17.72
C ILE A 98 -7.48 0.33 -16.72
N GLU A 99 -8.61 0.41 -16.01
CA GLU A 99 -9.02 -0.65 -15.11
C GLU A 99 -9.13 -1.96 -15.88
N SER A 100 -9.74 -1.95 -17.06
CA SER A 100 -9.80 -3.13 -17.91
C SER A 100 -8.40 -3.64 -18.25
N LYS A 101 -7.47 -2.77 -18.67
CA LYS A 101 -6.09 -3.17 -18.96
C LYS A 101 -5.47 -3.86 -17.74
N LEU A 102 -5.54 -3.22 -16.57
CA LEU A 102 -4.99 -3.80 -15.36
C LEU A 102 -5.64 -5.15 -15.11
N THR A 103 -6.97 -5.15 -14.96
CA THR A 103 -7.81 -6.32 -14.71
C THR A 103 -7.54 -7.45 -15.72
N ARG A 104 -7.06 -7.11 -16.93
CA ARG A 104 -6.73 -8.13 -17.93
C ARG A 104 -5.56 -9.03 -17.49
N THR A 105 -4.75 -8.57 -16.52
CA THR A 105 -3.63 -9.32 -15.97
C THR A 105 -4.11 -10.53 -15.16
N ASN A 106 -3.42 -11.66 -15.30
CA ASN A 106 -3.71 -12.88 -14.55
C ASN A 106 -3.73 -12.64 -13.03
N GLY A 107 -2.61 -12.13 -12.50
CA GLY A 107 -2.41 -12.04 -11.06
C GLY A 107 -3.33 -11.01 -10.40
N ILE A 108 -3.59 -9.90 -11.11
CA ILE A 108 -4.32 -8.81 -10.51
C ILE A 108 -5.70 -9.29 -10.10
N THR A 109 -6.02 -9.18 -8.81
CA THR A 109 -7.27 -9.69 -8.29
C THR A 109 -8.30 -8.56 -8.19
N TYR A 110 -7.89 -7.38 -7.71
CA TYR A 110 -8.82 -6.27 -7.56
C TYR A 110 -8.20 -4.90 -7.86
N ALA A 111 -8.37 -4.35 -9.06
CA ALA A 111 -7.83 -3.04 -9.39
C ALA A 111 -8.92 -2.01 -9.15
N SER A 112 -8.57 -0.88 -8.51
CA SER A 112 -9.49 0.24 -8.35
C SER A 112 -8.78 1.52 -8.82
N VAL A 113 -9.20 2.07 -9.96
CA VAL A 113 -8.64 3.28 -10.56
C VAL A 113 -9.56 4.47 -10.23
N ALA A 114 -9.02 5.61 -9.74
CA ALA A 114 -9.84 6.78 -9.44
C ALA A 114 -9.26 8.00 -10.14
N LEU A 115 -10.15 8.90 -10.59
CA LEU A 115 -9.82 10.04 -11.43
C LEU A 115 -9.84 11.31 -10.61
N ALA A 116 -10.85 11.47 -9.75
CA ALA A 116 -10.96 12.55 -8.78
C ALA A 116 -9.65 12.74 -8.01
N THR A 117 -9.01 11.63 -7.63
CA THR A 117 -7.73 11.62 -6.91
C THR A 117 -6.58 11.16 -7.82
N SER A 118 -6.82 10.89 -9.10
CA SER A 118 -5.86 10.50 -10.14
C SER A 118 -5.10 9.21 -9.87
N LYS A 119 -5.25 8.61 -8.68
CA LYS A 119 -4.50 7.44 -8.27
C LYS A 119 -5.29 6.16 -8.47
N ALA A 120 -4.57 5.04 -8.61
CA ALA A 120 -5.14 3.75 -8.93
C ALA A 120 -4.44 2.66 -8.14
N LEU A 121 -5.20 1.92 -7.32
CA LEU A 121 -4.75 0.90 -6.38
C LEU A 121 -4.86 -0.45 -7.06
N VAL A 122 -3.75 -1.16 -7.19
CA VAL A 122 -3.59 -2.37 -8.03
C VAL A 122 -2.96 -3.46 -7.18
N LYS A 123 -3.60 -4.64 -7.03
CA LYS A 123 -3.07 -5.74 -6.22
C LYS A 123 -2.71 -6.92 -7.10
N PHE A 124 -1.41 -7.03 -7.46
CA PHE A 124 -0.93 -8.11 -8.35
C PHE A 124 0.01 -9.07 -7.63
N ASP A 125 0.54 -10.10 -8.30
CA ASP A 125 1.51 -11.02 -7.69
C ASP A 125 2.90 -10.57 -8.12
N PRO A 126 3.72 -10.02 -7.22
CA PRO A 126 4.99 -9.40 -7.57
C PRO A 126 6.06 -10.46 -7.81
N GLU A 127 5.88 -11.18 -8.92
CA GLU A 127 6.76 -12.23 -9.40
C GLU A 127 6.45 -12.51 -10.86
N ILE A 128 5.16 -12.64 -11.20
CA ILE A 128 4.75 -12.97 -12.55
C ILE A 128 4.64 -11.72 -13.42
N ILE A 129 4.25 -10.61 -12.81
CA ILE A 129 4.14 -9.30 -13.46
C ILE A 129 4.88 -8.28 -12.59
N GLY A 130 5.24 -7.15 -13.19
CA GLY A 130 5.99 -6.08 -12.54
C GLY A 130 5.45 -4.72 -12.97
N PRO A 131 5.65 -3.67 -12.16
CA PRO A 131 5.08 -2.35 -12.38
C PRO A 131 5.56 -1.76 -13.71
N ARG A 132 6.79 -2.05 -14.11
CA ARG A 132 7.31 -1.58 -15.38
C ARG A 132 6.39 -1.98 -16.53
N ASP A 133 5.78 -3.16 -16.44
CA ASP A 133 4.99 -3.68 -17.52
C ASP A 133 3.71 -2.85 -17.62
N ILE A 134 3.13 -2.51 -16.47
CA ILE A 134 1.97 -1.63 -16.40
C ILE A 134 2.29 -0.34 -17.14
N ILE A 135 3.36 0.37 -16.75
CA ILE A 135 3.73 1.60 -17.43
C ILE A 135 3.96 1.35 -18.93
N LYS A 136 4.76 0.35 -19.31
CA LYS A 136 5.00 0.11 -20.74
C LYS A 136 3.66 -0.08 -21.49
N ILE A 137 2.75 -0.90 -20.97
CA ILE A 137 1.46 -1.12 -21.59
C ILE A 137 0.72 0.21 -21.74
N ILE A 138 0.62 1.01 -20.67
CA ILE A 138 -0.12 2.26 -20.80
C ILE A 138 0.60 3.32 -21.65
N GLU A 139 1.93 3.27 -21.74
CA GLU A 139 2.72 4.06 -22.68
C GLU A 139 2.32 3.74 -24.12
N GLU A 140 2.01 2.46 -24.42
CA GLU A 140 1.54 2.06 -25.74
C GLU A 140 0.19 2.73 -26.03
N ILE A 141 -0.61 2.98 -25.00
CA ILE A 141 -1.84 3.78 -25.12
C ILE A 141 -1.47 5.26 -25.27
N GLY A 142 -0.45 5.69 -24.53
CA GLY A 142 0.07 7.06 -24.51
C GLY A 142 -0.28 7.76 -23.20
N PHE A 143 -0.47 7.01 -22.11
CA PHE A 143 -0.70 7.57 -20.79
C PHE A 143 0.59 7.40 -19.99
N HIS A 144 0.64 7.83 -18.72
CA HIS A 144 1.80 7.57 -17.88
C HIS A 144 1.30 7.28 -16.47
N ALA A 145 1.77 6.19 -15.85
CA ALA A 145 1.22 5.65 -14.61
C ALA A 145 2.31 5.62 -13.54
N SER A 146 2.55 6.76 -12.89
CA SER A 146 3.69 6.92 -11.99
C SER A 146 3.22 6.70 -10.55
N LEU A 147 3.81 5.70 -9.89
CA LEU A 147 3.77 5.51 -8.45
C LEU A 147 3.90 6.85 -7.73
N ALA A 148 2.77 7.30 -7.15
CA ALA A 148 2.69 8.61 -6.49
C ALA A 148 2.41 8.52 -4.99
N GLN A 149 3.11 7.62 -4.33
CA GLN A 149 3.17 7.58 -2.88
C GLN A 149 3.84 8.83 -2.31
N MET A 1 12.59 -11.80 5.94
CA MET A 1 11.16 -11.42 5.88
C MET A 1 11.02 -10.47 4.68
N ALA A 2 9.99 -10.68 3.86
CA ALA A 2 9.78 -10.06 2.56
C ALA A 2 9.81 -8.53 2.65
N PRO A 3 10.76 -7.86 2.01
CA PRO A 3 11.06 -6.48 2.36
C PRO A 3 10.16 -5.47 1.69
N GLN A 4 9.02 -5.35 2.32
CA GLN A 4 7.93 -4.43 2.01
C GLN A 4 7.80 -3.42 3.14
N LYS A 5 7.92 -2.16 2.81
CA LYS A 5 7.74 -1.05 3.74
C LYS A 5 6.32 -0.57 3.58
N CYS A 6 5.63 -0.34 4.69
CA CYS A 6 4.25 0.11 4.69
C CYS A 6 4.17 1.49 5.34
N PHE A 7 3.46 2.42 4.71
CA PHE A 7 3.44 3.83 5.08
C PHE A 7 2.16 4.16 5.83
N LEU A 8 2.21 4.31 7.15
CA LEU A 8 1.04 4.69 7.91
C LEU A 8 1.28 5.93 8.78
N GLN A 9 0.19 6.42 9.37
CA GLN A 9 0.21 7.42 10.41
C GLN A 9 -0.58 6.87 11.59
N ILE A 10 -0.25 7.36 12.79
CA ILE A 10 -1.00 7.10 13.99
C ILE A 10 -1.89 8.31 14.22
N LYS A 11 -3.13 8.08 14.64
CA LYS A 11 -3.94 9.08 15.30
C LYS A 11 -4.10 8.61 16.76
N GLY A 12 -3.49 9.36 17.68
CA GLY A 12 -3.46 9.08 19.11
C GLY A 12 -2.22 9.72 19.75
N MET A 13 -1.07 9.04 19.64
CA MET A 13 0.21 9.39 20.23
C MET A 13 0.12 10.19 21.55
N THR A 14 -0.18 9.50 22.65
CA THR A 14 -0.24 10.08 23.97
C THR A 14 1.09 10.75 24.37
N CYS A 15 2.21 10.07 24.09
CA CYS A 15 3.60 10.51 24.27
C CYS A 15 4.28 9.71 25.36
N ALA A 16 3.57 9.48 26.47
CA ALA A 16 4.07 8.82 27.67
C ALA A 16 5.04 7.68 27.36
N SER A 17 4.53 6.60 26.74
CA SER A 17 5.36 5.57 26.14
C SER A 17 4.53 4.66 25.23
N CYS A 18 3.40 5.14 24.70
CA CYS A 18 2.50 4.25 23.96
C CYS A 18 3.13 3.89 22.63
N VAL A 19 3.68 4.87 21.91
CA VAL A 19 4.38 4.61 20.67
C VAL A 19 5.51 3.62 20.96
N SER A 20 6.29 3.93 21.99
CA SER A 20 7.44 3.14 22.43
C SER A 20 7.06 1.67 22.70
N ASN A 21 5.95 1.46 23.40
CA ASN A 21 5.40 0.14 23.64
C ASN A 21 4.98 -0.50 22.31
N ILE A 22 4.20 0.25 21.52
CA ILE A 22 3.73 -0.17 20.21
C ILE A 22 4.88 -0.71 19.36
N GLU A 23 6.04 -0.07 19.39
CA GLU A 23 7.21 -0.57 18.68
C GLU A 23 7.42 -2.06 18.93
N ARG A 24 7.55 -2.45 20.20
CA ARG A 24 7.80 -3.84 20.55
C ARG A 24 6.63 -4.71 20.13
N ASN A 25 5.42 -4.24 20.44
CA ASN A 25 4.20 -5.01 20.20
C ASN A 25 4.14 -5.38 18.72
N LEU A 26 4.22 -4.37 17.85
CA LEU A 26 4.16 -4.58 16.41
C LEU A 26 5.37 -5.38 15.94
N GLN A 27 6.61 -5.08 16.40
CA GLN A 27 7.74 -5.97 16.10
C GLN A 27 7.45 -7.43 16.44
N LYS A 28 6.65 -7.67 17.49
CA LYS A 28 6.32 -9.01 17.96
C LYS A 28 4.97 -9.49 17.41
N GLU A 29 4.47 -8.89 16.32
CA GLU A 29 3.26 -9.32 15.62
C GLU A 29 3.56 -10.63 14.87
N ALA A 30 4.28 -10.54 13.74
CA ALA A 30 4.45 -11.66 12.82
C ALA A 30 5.63 -11.41 11.87
N GLY A 31 5.38 -11.33 10.56
CA GLY A 31 6.43 -11.11 9.56
C GLY A 31 7.16 -9.80 9.79
N VAL A 32 6.45 -8.80 10.34
CA VAL A 32 7.00 -7.50 10.62
C VAL A 32 8.19 -7.58 11.57
N LEU A 33 9.33 -7.03 11.17
CA LEU A 33 10.47 -6.88 12.07
C LEU A 33 11.18 -5.56 11.76
N SER A 34 10.42 -4.48 11.74
CA SER A 34 10.99 -3.15 11.68
C SER A 34 9.96 -2.19 12.25
N VAL A 35 10.44 -1.07 12.76
CA VAL A 35 9.64 0.01 13.28
C VAL A 35 10.32 1.29 12.84
N LEU A 36 9.63 2.13 12.06
CA LEU A 36 10.16 3.42 11.66
C LEU A 36 9.06 4.46 11.93
N VAL A 37 8.81 4.71 13.22
CA VAL A 37 7.88 5.75 13.65
C VAL A 37 8.68 6.99 14.01
N ALA A 38 8.28 8.14 13.48
CA ALA A 38 8.79 9.42 13.92
C ALA A 38 7.76 10.02 14.88
N LEU A 39 7.94 9.85 16.19
CA LEU A 39 7.07 10.45 17.20
C LEU A 39 7.03 11.99 17.05
N MET A 40 8.06 12.58 16.45
CA MET A 40 8.14 14.03 16.26
C MET A 40 7.20 14.46 15.13
N ALA A 41 7.35 13.86 13.96
CA ALA A 41 6.60 14.23 12.77
C ALA A 41 5.21 13.59 12.75
N GLY A 42 5.04 12.48 13.49
CA GLY A 42 3.80 11.74 13.56
C GLY A 42 3.57 10.92 12.29
N LYS A 43 4.47 9.98 12.01
CA LYS A 43 4.29 9.04 10.92
C LYS A 43 4.80 7.70 11.41
N ALA A 44 4.10 6.61 11.06
CA ALA A 44 4.49 5.24 11.34
C ALA A 44 4.76 4.50 10.02
N GLU A 45 6.03 4.37 9.64
CA GLU A 45 6.44 3.47 8.58
C GLU A 45 6.91 2.21 9.30
N ILE A 46 6.53 1.02 8.84
CA ILE A 46 7.10 -0.23 9.32
C ILE A 46 7.48 -1.05 8.10
N LYS A 47 8.01 -2.26 8.30
CA LYS A 47 8.29 -3.18 7.21
C LYS A 47 7.77 -4.56 7.58
N TYR A 48 6.64 -4.93 6.97
CA TYR A 48 5.97 -6.20 7.13
C TYR A 48 5.86 -6.98 5.81
N ASP A 49 5.50 -8.26 5.93
CA ASP A 49 5.44 -9.23 4.85
C ASP A 49 3.97 -9.46 4.43
N PRO A 50 3.48 -8.85 3.34
CA PRO A 50 2.07 -8.90 2.96
C PRO A 50 1.56 -10.31 2.68
N GLU A 51 2.44 -11.30 2.57
CA GLU A 51 2.07 -12.69 2.31
C GLU A 51 1.72 -13.45 3.59
N VAL A 52 2.17 -12.97 4.77
CA VAL A 52 1.90 -13.63 6.04
C VAL A 52 1.15 -12.71 7.00
N ILE A 53 1.50 -11.42 7.04
CA ILE A 53 0.82 -10.42 7.86
C ILE A 53 0.04 -9.46 6.97
N GLN A 54 -1.18 -9.11 7.38
CA GLN A 54 -2.08 -8.23 6.68
C GLN A 54 -2.33 -6.93 7.47
N PRO A 55 -2.69 -5.86 6.76
CA PRO A 55 -2.94 -4.57 7.38
C PRO A 55 -4.14 -4.60 8.35
N LEU A 56 -5.22 -5.32 8.03
CA LEU A 56 -6.43 -5.28 8.85
C LEU A 56 -6.18 -5.86 10.25
N GLU A 57 -5.52 -7.01 10.29
CA GLU A 57 -5.12 -7.65 11.53
C GLU A 57 -4.05 -6.85 12.29
N ILE A 58 -3.14 -6.15 11.58
CA ILE A 58 -2.32 -5.10 12.18
C ILE A 58 -3.27 -4.13 12.90
N ALA A 59 -4.33 -3.73 12.19
CA ALA A 59 -5.24 -2.72 12.67
C ALA A 59 -5.84 -3.15 14.00
N GLN A 60 -6.33 -4.40 14.08
CA GLN A 60 -6.86 -4.93 15.33
C GLN A 60 -5.90 -4.67 16.48
N PHE A 61 -4.62 -5.00 16.29
CA PHE A 61 -3.62 -4.87 17.35
C PHE A 61 -3.59 -3.43 17.90
N ILE A 62 -3.43 -2.45 17.01
CA ILE A 62 -3.42 -1.05 17.40
C ILE A 62 -4.77 -0.61 18.00
N GLN A 63 -5.91 -1.06 17.46
CA GLN A 63 -7.21 -0.65 17.99
C GLN A 63 -7.34 -1.17 19.42
N ASP A 64 -6.92 -2.41 19.66
CA ASP A 64 -6.99 -3.04 20.98
C ASP A 64 -6.13 -2.26 21.96
N LEU A 65 -4.88 -1.97 21.56
CA LEU A 65 -4.01 -1.09 22.34
C LEU A 65 -4.65 0.27 22.61
N GLY A 66 -5.38 0.82 21.63
CA GLY A 66 -6.24 1.98 21.81
C GLY A 66 -5.75 3.17 21.00
N PHE A 67 -5.10 2.90 19.85
CA PHE A 67 -4.67 3.88 18.89
C PHE A 67 -5.42 3.60 17.59
N GLU A 68 -5.60 4.63 16.76
CA GLU A 68 -5.97 4.41 15.38
C GLU A 68 -4.69 4.42 14.57
N ALA A 69 -4.48 3.38 13.77
CA ALA A 69 -3.51 3.41 12.70
C ALA A 69 -4.31 3.50 11.42
N ALA A 70 -3.88 4.41 10.56
CA ALA A 70 -4.42 4.51 9.21
C ALA A 70 -3.28 4.72 8.24
N VAL A 71 -3.35 4.07 7.09
CA VAL A 71 -2.32 4.18 6.08
C VAL A 71 -2.33 5.60 5.53
N MET A 72 -1.15 6.08 5.16
CA MET A 72 -0.97 7.41 4.59
C MET A 72 -1.95 7.65 3.43
N GLU A 73 -1.98 6.68 2.52
CA GLU A 73 -2.84 6.64 1.35
C GLU A 73 -2.68 5.24 0.76
N ASP A 74 -1.48 4.94 0.31
CA ASP A 74 -1.13 3.71 -0.39
C ASP A 74 -1.22 2.50 0.50
N TYR A 75 -0.10 2.15 1.16
CA TYR A 75 0.18 0.93 1.90
C TYR A 75 1.67 0.63 1.76
N ALA A 76 2.01 -0.54 1.20
CA ALA A 76 3.35 -0.89 0.76
C ALA A 76 3.43 -0.88 -0.76
N GLY A 77 2.90 -1.92 -1.40
CA GLY A 77 2.85 -1.98 -2.85
C GLY A 77 4.15 -2.52 -3.41
N SER A 78 4.28 -3.85 -3.47
CA SER A 78 5.41 -4.52 -4.09
C SER A 78 5.07 -5.94 -4.57
N ASP A 79 4.82 -6.86 -3.63
CA ASP A 79 4.63 -8.28 -3.89
C ASP A 79 3.14 -8.58 -3.82
N GLY A 80 2.53 -9.07 -4.91
CA GLY A 80 1.12 -9.42 -4.91
C GLY A 80 0.34 -8.15 -5.17
N ASN A 81 0.46 -7.19 -4.25
CA ASN A 81 -0.14 -5.88 -4.38
C ASN A 81 0.92 -4.88 -4.76
N ILE A 82 0.65 -4.03 -5.74
CA ILE A 82 1.50 -2.90 -6.09
C ILE A 82 0.64 -1.65 -6.12
N GLU A 83 1.27 -0.49 -5.97
CA GLU A 83 0.70 0.81 -6.23
C GLU A 83 1.55 1.42 -7.33
N LEU A 84 0.92 2.18 -8.23
CA LEU A 84 1.61 3.03 -9.18
C LEU A 84 0.79 4.31 -9.27
N THR A 85 1.42 5.44 -9.57
CA THR A 85 0.73 6.71 -9.75
C THR A 85 0.53 6.92 -11.23
N ILE A 86 -0.72 7.17 -11.64
CA ILE A 86 -1.09 7.31 -13.03
C ILE A 86 -1.17 8.79 -13.36
N THR A 87 -0.48 9.21 -14.41
CA THR A 87 -0.49 10.59 -14.91
C THR A 87 -1.01 10.57 -16.34
N GLY A 88 -1.88 11.54 -16.66
CA GLY A 88 -2.42 11.77 -17.99
C GLY A 88 -3.95 11.73 -17.99
N MET A 89 -4.54 10.72 -17.34
CA MET A 89 -5.98 10.58 -17.23
C MET A 89 -6.61 11.74 -16.45
N THR A 90 -7.90 12.00 -16.68
CA THR A 90 -8.68 12.95 -15.89
C THR A 90 -10.18 12.78 -16.24
N CYS A 91 -10.69 11.55 -16.17
CA CYS A 91 -12.09 11.28 -16.45
C CYS A 91 -12.45 9.87 -15.96
N ALA A 92 -13.62 9.72 -15.32
CA ALA A 92 -14.14 8.44 -14.87
C ALA A 92 -14.06 7.40 -15.99
N SER A 93 -14.41 7.79 -17.23
CA SER A 93 -14.29 6.94 -18.40
C SER A 93 -12.85 6.41 -18.55
N CYS A 94 -11.86 7.30 -18.46
CA CYS A 94 -10.46 6.91 -18.61
C CYS A 94 -10.06 5.97 -17.49
N VAL A 95 -10.42 6.31 -16.25
CA VAL A 95 -10.19 5.46 -15.10
C VAL A 95 -10.80 4.06 -15.32
N HIS A 96 -12.06 3.99 -15.74
CA HIS A 96 -12.72 2.74 -16.08
C HIS A 96 -11.95 2.00 -17.17
N ASN A 97 -11.46 2.70 -18.20
CA ASN A 97 -10.67 2.09 -19.26
C ASN A 97 -9.37 1.52 -18.70
N ILE A 98 -8.71 2.23 -17.79
CA ILE A 98 -7.52 1.76 -17.11
C ILE A 98 -7.85 0.50 -16.30
N GLU A 99 -8.89 0.55 -15.46
CA GLU A 99 -9.31 -0.60 -14.70
C GLU A 99 -9.65 -1.75 -15.66
N SER A 100 -10.28 -1.45 -16.79
CA SER A 100 -10.59 -2.42 -17.81
C SER A 100 -9.31 -3.07 -18.36
N LYS A 101 -8.34 -2.30 -18.88
CA LYS A 101 -7.17 -2.90 -19.49
C LYS A 101 -6.39 -3.75 -18.48
N LEU A 102 -6.41 -3.37 -17.20
CA LEU A 102 -5.83 -4.19 -16.14
C LEU A 102 -6.67 -5.46 -16.00
N THR A 103 -7.96 -5.32 -15.69
CA THR A 103 -8.89 -6.43 -15.51
C THR A 103 -8.92 -7.36 -16.74
N ARG A 104 -8.47 -6.85 -17.89
CA ARG A 104 -8.29 -7.63 -19.11
C ARG A 104 -7.35 -8.83 -18.90
N THR A 105 -6.34 -8.71 -18.03
CA THR A 105 -5.32 -9.71 -17.84
C THR A 105 -5.84 -10.91 -17.05
N ASN A 106 -5.08 -12.01 -17.06
CA ASN A 106 -5.45 -13.21 -16.32
C ASN A 106 -5.11 -13.08 -14.83
N GLY A 107 -3.96 -12.49 -14.52
CA GLY A 107 -3.41 -12.50 -13.17
C GLY A 107 -4.08 -11.52 -12.22
N ILE A 108 -4.51 -10.36 -12.73
CA ILE A 108 -5.04 -9.32 -11.86
C ILE A 108 -6.37 -9.81 -11.27
N THR A 109 -6.55 -9.65 -9.96
CA THR A 109 -7.76 -10.07 -9.26
C THR A 109 -8.62 -8.89 -8.85
N TYR A 110 -8.04 -7.92 -8.12
CA TYR A 110 -8.71 -6.65 -7.87
C TYR A 110 -7.73 -5.52 -8.15
N ALA A 111 -8.14 -4.59 -9.01
CA ALA A 111 -7.53 -3.27 -9.09
C ALA A 111 -8.40 -2.30 -8.31
N SER A 112 -7.82 -1.21 -7.81
CA SER A 112 -8.57 -0.08 -7.29
C SER A 112 -7.80 1.19 -7.62
N VAL A 113 -8.37 2.09 -8.43
CA VAL A 113 -7.69 3.29 -8.92
C VAL A 113 -8.42 4.55 -8.44
N ALA A 114 -7.69 5.53 -7.89
CA ALA A 114 -8.25 6.71 -7.24
C ALA A 114 -7.62 7.98 -7.80
N LEU A 115 -8.31 8.64 -8.73
CA LEU A 115 -7.85 9.84 -9.43
C LEU A 115 -7.74 11.04 -8.50
N ALA A 116 -8.51 11.06 -7.40
CA ALA A 116 -8.40 12.07 -6.36
C ALA A 116 -6.96 12.17 -5.85
N THR A 117 -6.24 11.04 -5.84
CA THR A 117 -4.86 10.91 -5.40
C THR A 117 -3.94 10.51 -6.58
N SER A 118 -4.50 10.16 -7.73
CA SER A 118 -3.81 9.74 -8.94
C SER A 118 -3.02 8.44 -8.72
N LYS A 119 -3.52 7.55 -7.85
CA LYS A 119 -2.93 6.24 -7.61
C LYS A 119 -3.75 5.14 -8.27
N ALA A 120 -3.08 4.03 -8.60
CA ALA A 120 -3.65 2.80 -9.11
C ALA A 120 -3.08 1.67 -8.26
N LEU A 121 -3.92 0.98 -7.48
CA LEU A 121 -3.54 -0.20 -6.73
C LEU A 121 -3.91 -1.41 -7.58
N VAL A 122 -3.01 -2.38 -7.68
CA VAL A 122 -3.15 -3.54 -8.56
C VAL A 122 -2.74 -4.79 -7.78
N LYS A 123 -3.59 -5.83 -7.78
CA LYS A 123 -3.34 -7.09 -7.12
C LYS A 123 -3.14 -8.19 -8.17
N PHE A 124 -1.88 -8.46 -8.57
CA PHE A 124 -1.54 -9.49 -9.55
C PHE A 124 -0.62 -10.56 -8.95
N ASP A 125 -0.32 -11.61 -9.72
CA ASP A 125 0.63 -12.65 -9.31
C ASP A 125 2.00 -12.34 -9.94
N PRO A 126 3.05 -12.06 -9.14
CA PRO A 126 4.33 -11.57 -9.64
C PRO A 126 5.15 -12.71 -10.25
N GLU A 127 4.70 -13.17 -11.42
CA GLU A 127 5.35 -14.20 -12.21
C GLU A 127 4.81 -14.14 -13.64
N ILE A 128 3.49 -14.03 -13.79
CA ILE A 128 2.83 -14.09 -15.09
C ILE A 128 2.76 -12.71 -15.73
N ILE A 129 2.65 -11.66 -14.92
CA ILE A 129 2.64 -10.28 -15.36
C ILE A 129 3.63 -9.50 -14.49
N GLY A 130 4.00 -8.28 -14.92
CA GLY A 130 4.96 -7.45 -14.21
C GLY A 130 4.72 -5.96 -14.50
N PRO A 131 5.38 -5.08 -13.74
CA PRO A 131 5.15 -3.65 -13.79
C PRO A 131 5.56 -3.03 -15.13
N ARG A 132 6.62 -3.56 -15.76
CA ARG A 132 7.07 -3.10 -17.06
C ARG A 132 5.92 -3.25 -18.05
N ASP A 133 5.23 -4.40 -18.02
CA ASP A 133 4.14 -4.64 -18.93
C ASP A 133 3.03 -3.65 -18.64
N ILE A 134 2.74 -3.39 -17.36
CA ILE A 134 1.74 -2.40 -17.00
C ILE A 134 2.09 -1.06 -17.64
N ILE A 135 3.29 -0.50 -17.37
CA ILE A 135 3.65 0.78 -17.97
C ILE A 135 3.47 0.73 -19.49
N LYS A 136 4.09 -0.22 -20.19
CA LYS A 136 3.94 -0.34 -21.64
C LYS A 136 2.47 -0.29 -22.06
N ILE A 137 1.66 -1.15 -21.44
CA ILE A 137 0.26 -1.30 -21.80
C ILE A 137 -0.50 0.00 -21.54
N ILE A 138 -0.15 0.80 -20.52
CA ILE A 138 -0.66 2.18 -20.37
C ILE A 138 -0.05 3.20 -21.34
N GLU A 139 1.23 3.06 -21.72
CA GLU A 139 1.85 3.91 -22.72
C GLU A 139 1.07 3.82 -24.04
N GLU A 140 0.51 2.65 -24.34
CA GLU A 140 -0.22 2.42 -25.57
C GLU A 140 -1.47 3.31 -25.60
N ILE A 141 -2.09 3.52 -24.44
CA ILE A 141 -3.20 4.45 -24.30
C ILE A 141 -2.66 5.89 -24.30
N GLY A 142 -1.56 6.10 -23.57
CA GLY A 142 -0.86 7.38 -23.46
C GLY A 142 -0.98 7.95 -22.05
N PHE A 143 -0.85 7.10 -21.02
CA PHE A 143 -0.65 7.55 -19.64
C PHE A 143 0.76 7.14 -19.20
N HIS A 144 1.15 7.46 -17.97
CA HIS A 144 2.39 6.97 -17.36
C HIS A 144 2.07 6.49 -15.96
N ALA A 145 2.56 5.28 -15.57
CA ALA A 145 2.25 4.66 -14.29
C ALA A 145 3.53 4.47 -13.49
N SER A 146 3.86 5.40 -12.59
CA SER A 146 5.14 5.41 -11.89
C SER A 146 4.92 5.07 -10.41
N LEU A 147 5.56 4.01 -9.92
CA LEU A 147 5.64 3.60 -8.53
C LEU A 147 5.77 4.81 -7.62
N ALA A 148 4.76 5.02 -6.77
CA ALA A 148 4.73 6.16 -5.85
C ALA A 148 5.05 5.80 -4.40
N GLN A 149 5.91 4.79 -4.24
CA GLN A 149 6.38 4.34 -2.93
C GLN A 149 7.50 5.24 -2.40
N MET A 1 6.17 -15.35 4.38
CA MET A 1 4.86 -15.52 3.72
C MET A 1 4.55 -14.24 2.94
N ALA A 2 5.21 -14.07 1.78
CA ALA A 2 5.02 -12.92 0.90
C ALA A 2 5.27 -11.59 1.63
N PRO A 3 6.50 -11.07 1.66
CA PRO A 3 6.81 -9.87 2.41
C PRO A 3 6.10 -8.66 1.82
N GLN A 4 5.33 -7.92 2.63
CA GLN A 4 4.54 -6.78 2.16
C GLN A 4 4.64 -5.62 3.15
N LYS A 5 4.79 -4.41 2.63
CA LYS A 5 4.87 -3.20 3.45
C LYS A 5 3.53 -2.50 3.52
N CYS A 6 3.22 -1.93 4.69
CA CYS A 6 2.01 -1.16 4.93
C CYS A 6 2.42 0.19 5.50
N PHE A 7 1.85 1.28 4.95
CA PHE A 7 2.25 2.65 5.23
C PHE A 7 1.08 3.32 5.94
N LEU A 8 1.14 3.38 7.27
CA LEU A 8 0.07 3.95 8.06
C LEU A 8 0.62 5.08 8.93
N GLN A 9 -0.28 5.72 9.66
CA GLN A 9 0.05 6.74 10.63
C GLN A 9 -0.71 6.39 11.89
N ILE A 10 -0.11 6.72 13.03
CA ILE A 10 -0.68 6.53 14.34
C ILE A 10 -1.27 7.86 14.75
N LYS A 11 -2.51 7.85 15.24
CA LYS A 11 -3.13 9.01 15.87
C LYS A 11 -3.29 8.67 17.35
N GLY A 12 -2.49 9.32 18.20
CA GLY A 12 -2.49 9.15 19.64
C GLY A 12 -1.27 9.84 20.26
N MET A 13 -0.12 9.16 20.26
CA MET A 13 1.16 9.65 20.79
C MET A 13 1.07 10.29 22.18
N THR A 14 0.83 9.50 23.23
CA THR A 14 0.92 9.97 24.61
C THR A 14 2.23 10.73 24.88
N CYS A 15 3.41 10.10 24.71
CA CYS A 15 4.65 10.78 25.07
C CYS A 15 5.87 10.03 24.53
N ALA A 16 5.98 9.94 23.19
CA ALA A 16 7.08 9.32 22.46
C ALA A 16 7.72 8.13 23.21
N SER A 17 6.89 7.14 23.54
CA SER A 17 7.24 6.06 24.47
C SER A 17 6.14 5.00 24.39
N CYS A 18 4.89 5.44 24.48
CA CYS A 18 3.72 4.58 24.40
C CYS A 18 3.66 3.89 23.04
N VAL A 19 3.97 4.62 21.96
CA VAL A 19 4.09 4.04 20.63
C VAL A 19 5.35 3.17 20.58
N SER A 20 6.39 3.53 21.33
CA SER A 20 7.58 2.69 21.40
C SER A 20 7.23 1.27 21.90
N ASN A 21 6.22 1.15 22.78
CA ASN A 21 5.69 -0.17 23.14
C ASN A 21 5.26 -0.92 21.89
N ILE A 22 4.47 -0.24 21.05
CA ILE A 22 3.88 -0.76 19.83
C ILE A 22 4.92 -1.50 19.03
N GLU A 23 6.09 -0.90 18.85
CA GLU A 23 7.18 -1.48 18.09
C GLU A 23 7.44 -2.92 18.57
N ARG A 24 7.75 -3.06 19.84
CA ARG A 24 8.08 -4.34 20.46
C ARG A 24 6.87 -5.26 20.57
N ASN A 25 5.66 -4.71 20.50
CA ASN A 25 4.46 -5.53 20.36
C ASN A 25 4.44 -6.13 18.95
N LEU A 26 4.52 -5.31 17.90
CA LEU A 26 4.53 -5.81 16.54
C LEU A 26 5.71 -6.75 16.27
N GLN A 27 6.89 -6.54 16.86
CA GLN A 27 8.03 -7.43 16.66
C GLN A 27 7.68 -8.88 17.03
N LYS A 28 6.64 -9.08 17.84
CA LYS A 28 6.13 -10.41 18.17
C LYS A 28 4.61 -10.49 17.93
N GLU A 29 4.11 -9.82 16.88
CA GLU A 29 2.75 -10.04 16.42
C GLU A 29 2.65 -11.44 15.81
N ALA A 30 3.33 -11.64 14.67
CA ALA A 30 3.09 -12.76 13.77
C ALA A 30 4.11 -12.71 12.63
N GLY A 31 3.65 -12.77 11.37
CA GLY A 31 4.51 -12.75 10.20
C GLY A 31 5.24 -11.42 10.01
N VAL A 32 4.72 -10.35 10.63
CA VAL A 32 5.36 -9.04 10.60
C VAL A 32 6.72 -9.07 11.29
N LEU A 33 7.78 -8.67 10.59
CA LEU A 33 9.11 -8.50 11.17
C LEU A 33 9.80 -7.27 10.58
N SER A 34 9.16 -6.11 10.73
CA SER A 34 9.85 -4.84 10.62
C SER A 34 9.07 -3.80 11.38
N VAL A 35 9.73 -2.70 11.75
CA VAL A 35 9.10 -1.54 12.32
C VAL A 35 9.83 -0.29 11.83
N LEU A 36 9.15 0.55 11.05
CA LEU A 36 9.69 1.82 10.57
C LEU A 36 8.71 2.94 10.91
N VAL A 37 8.67 3.31 12.20
CA VAL A 37 7.92 4.48 12.66
C VAL A 37 8.89 5.64 12.85
N ALA A 38 8.42 6.85 12.50
CA ALA A 38 9.08 8.08 12.90
C ALA A 38 8.07 8.92 13.66
N LEU A 39 8.06 8.82 14.99
CA LEU A 39 7.27 9.67 15.88
C LEU A 39 7.55 11.16 15.67
N MET A 40 8.68 11.49 15.04
CA MET A 40 9.08 12.85 14.75
C MET A 40 8.14 13.48 13.73
N ALA A 41 7.79 12.73 12.68
CA ALA A 41 6.91 13.18 11.60
C ALA A 41 5.48 12.66 11.80
N GLY A 42 5.33 11.51 12.45
CA GLY A 42 4.06 10.84 12.67
C GLY A 42 3.72 9.97 11.47
N LYS A 43 4.54 8.94 11.20
CA LYS A 43 4.27 7.96 10.18
C LYS A 43 4.72 6.63 10.78
N ALA A 44 3.88 5.61 10.68
CA ALA A 44 4.22 4.24 11.02
C ALA A 44 4.16 3.37 9.76
N GLU A 45 5.32 3.00 9.22
CA GLU A 45 5.42 2.01 8.17
C GLU A 45 5.93 0.71 8.80
N ILE A 46 5.38 -0.44 8.44
CA ILE A 46 5.92 -1.73 8.83
C ILE A 46 5.86 -2.72 7.66
N LYS A 47 6.45 -3.91 7.82
CA LYS A 47 6.41 -5.00 6.87
C LYS A 47 5.69 -6.20 7.47
N TYR A 48 4.43 -6.41 7.09
CA TYR A 48 3.64 -7.59 7.42
C TYR A 48 3.61 -8.63 6.27
N ASP A 49 3.01 -9.78 6.56
CA ASP A 49 2.87 -10.91 5.66
C ASP A 49 1.36 -11.25 5.55
N PRO A 50 0.67 -10.83 4.47
CA PRO A 50 -0.80 -10.81 4.36
C PRO A 50 -1.45 -12.19 4.31
N GLU A 51 -0.69 -13.27 4.49
CA GLU A 51 -1.13 -14.65 4.42
C GLU A 51 -1.31 -15.22 5.83
N VAL A 52 -0.71 -14.56 6.83
CA VAL A 52 -0.78 -14.95 8.24
C VAL A 52 -1.30 -13.79 9.09
N ILE A 53 -0.84 -12.56 8.83
CA ILE A 53 -1.28 -11.38 9.58
C ILE A 53 -2.02 -10.44 8.63
N GLN A 54 -3.06 -9.77 9.12
CA GLN A 54 -3.93 -8.90 8.34
C GLN A 54 -3.89 -7.49 8.93
N PRO A 55 -4.07 -6.45 8.09
CA PRO A 55 -4.01 -5.07 8.51
C PRO A 55 -5.01 -4.78 9.64
N LEU A 56 -6.21 -5.36 9.53
CA LEU A 56 -7.23 -5.27 10.58
C LEU A 56 -6.72 -5.87 11.91
N GLU A 57 -6.00 -6.98 11.84
CA GLU A 57 -5.44 -7.61 13.03
C GLU A 57 -4.41 -6.68 13.67
N ILE A 58 -3.57 -6.07 12.83
CA ILE A 58 -2.60 -5.07 13.25
C ILE A 58 -3.36 -4.00 14.02
N ALA A 59 -4.44 -3.51 13.41
CA ALA A 59 -5.19 -2.41 13.96
C ALA A 59 -5.64 -2.72 15.40
N GLN A 60 -6.01 -3.98 15.66
CA GLN A 60 -6.44 -4.43 16.97
C GLN A 60 -5.41 -4.06 18.04
N PHE A 61 -4.13 -4.36 17.80
CA PHE A 61 -3.07 -4.05 18.74
C PHE A 61 -3.05 -2.55 19.02
N ILE A 62 -3.11 -1.77 17.95
CA ILE A 62 -3.11 -0.30 18.04
C ILE A 62 -4.31 0.19 18.86
N GLN A 63 -5.49 -0.37 18.64
CA GLN A 63 -6.69 0.01 19.37
C GLN A 63 -6.57 -0.39 20.85
N ASP A 64 -5.99 -1.56 21.13
CA ASP A 64 -5.74 -2.05 22.49
C ASP A 64 -4.83 -1.08 23.22
N LEU A 65 -3.66 -0.77 22.63
CA LEU A 65 -2.75 0.21 23.19
C LEU A 65 -3.47 1.55 23.41
N GLY A 66 -4.22 2.00 22.41
CA GLY A 66 -5.22 3.04 22.59
C GLY A 66 -4.99 4.18 21.62
N PHE A 67 -4.61 3.85 20.38
CA PHE A 67 -4.39 4.84 19.35
C PHE A 67 -5.18 4.40 18.12
N GLU A 68 -5.39 5.28 17.15
CA GLU A 68 -6.04 4.92 15.91
C GLU A 68 -4.96 4.66 14.86
N ALA A 69 -5.11 3.55 14.16
CA ALA A 69 -4.29 3.18 13.02
C ALA A 69 -5.06 3.52 11.75
N ALA A 70 -4.56 4.45 10.95
CA ALA A 70 -5.14 4.76 9.65
C ALA A 70 -4.03 4.76 8.61
N VAL A 71 -4.31 4.19 7.43
CA VAL A 71 -3.36 4.15 6.34
C VAL A 71 -3.13 5.57 5.85
N MET A 72 -1.91 5.90 5.40
CA MET A 72 -1.64 7.25 4.92
C MET A 72 -2.60 7.61 3.78
N GLU A 73 -2.72 6.69 2.83
CA GLU A 73 -3.53 6.74 1.61
C GLU A 73 -3.07 5.56 0.76
N ASP A 74 -3.76 4.43 0.87
CA ASP A 74 -3.56 3.24 0.04
C ASP A 74 -2.11 2.80 -0.11
N TYR A 75 -1.41 2.84 1.01
CA TYR A 75 -0.08 2.30 1.20
C TYR A 75 0.98 2.89 0.27
N ALA A 76 1.16 2.31 -0.93
CA ALA A 76 2.20 2.61 -1.93
C ALA A 76 2.67 1.34 -2.63
N GLY A 77 3.26 1.49 -3.83
CA GLY A 77 3.93 0.43 -4.53
C GLY A 77 5.25 0.00 -3.92
N SER A 78 5.17 -0.65 -2.76
CA SER A 78 6.32 -1.24 -2.11
C SER A 78 6.54 -2.64 -2.66
N ASP A 79 5.52 -3.49 -2.51
CA ASP A 79 5.63 -4.95 -2.61
C ASP A 79 4.20 -5.48 -2.79
N GLY A 80 3.88 -6.34 -3.78
CA GLY A 80 2.58 -7.00 -3.85
C GLY A 80 1.59 -6.09 -4.55
N ASN A 81 1.70 -4.81 -4.26
CA ASN A 81 1.08 -3.73 -4.97
C ASN A 81 2.18 -2.94 -5.66
N ILE A 82 1.92 -2.39 -6.84
CA ILE A 82 2.59 -1.17 -7.30
C ILE A 82 1.54 -0.03 -7.43
N GLU A 83 1.93 1.18 -7.02
CA GLU A 83 1.19 2.40 -7.11
C GLU A 83 1.86 3.24 -8.20
N LEU A 84 1.08 3.64 -9.21
CA LEU A 84 1.55 4.55 -10.23
C LEU A 84 0.67 5.80 -10.27
N THR A 85 1.24 6.93 -10.68
CA THR A 85 0.54 8.18 -10.87
C THR A 85 0.17 8.19 -12.35
N ILE A 86 -1.11 8.41 -12.65
CA ILE A 86 -1.58 8.50 -14.02
C ILE A 86 -1.73 9.98 -14.37
N THR A 87 -1.16 10.39 -15.50
CA THR A 87 -1.21 11.75 -16.00
C THR A 87 -1.79 11.73 -17.41
N GLY A 88 -2.62 12.74 -17.73
CA GLY A 88 -3.30 12.88 -19.01
C GLY A 88 -4.77 12.49 -18.90
N MET A 89 -5.07 11.46 -18.09
CA MET A 89 -6.43 11.01 -17.86
C MET A 89 -7.30 12.10 -17.22
N THR A 90 -8.62 11.97 -17.34
CA THR A 90 -9.60 12.80 -16.62
C THR A 90 -11.02 12.31 -16.91
N CYS A 91 -11.30 11.00 -16.80
CA CYS A 91 -12.66 10.50 -17.05
C CYS A 91 -12.88 9.13 -16.43
N ALA A 92 -14.09 8.87 -15.94
CA ALA A 92 -14.48 7.60 -15.33
C ALA A 92 -14.44 6.42 -16.31
N SER A 93 -14.29 6.68 -17.61
CA SER A 93 -14.03 5.67 -18.62
C SER A 93 -12.55 5.29 -18.57
N CYS A 94 -11.65 6.28 -18.52
CA CYS A 94 -10.21 6.04 -18.53
C CYS A 94 -9.82 5.12 -17.38
N VAL A 95 -10.20 5.49 -16.17
CA VAL A 95 -9.97 4.64 -14.99
C VAL A 95 -10.46 3.22 -15.23
N HIS A 96 -11.65 3.08 -15.81
CA HIS A 96 -12.26 1.79 -16.13
C HIS A 96 -11.40 1.06 -17.16
N ASN A 97 -10.78 1.81 -18.04
CA ASN A 97 -9.93 1.31 -19.11
C ASN A 97 -8.69 0.67 -18.49
N ILE A 98 -7.94 1.44 -17.69
CA ILE A 98 -6.89 0.94 -16.81
C ILE A 98 -7.37 -0.30 -16.06
N GLU A 99 -8.42 -0.18 -15.25
CA GLU A 99 -8.95 -1.30 -14.48
C GLU A 99 -9.21 -2.53 -15.36
N SER A 100 -9.82 -2.36 -16.52
CA SER A 100 -10.09 -3.46 -17.44
C SER A 100 -8.78 -4.06 -17.98
N LYS A 101 -7.97 -3.25 -18.66
CA LYS A 101 -6.80 -3.71 -19.36
C LYS A 101 -5.77 -4.31 -18.39
N LEU A 102 -5.66 -3.77 -17.16
CA LEU A 102 -4.85 -4.39 -16.14
C LEU A 102 -5.52 -5.69 -15.69
N THR A 103 -6.82 -5.70 -15.36
CA THR A 103 -7.49 -6.92 -14.88
C THR A 103 -7.37 -8.05 -15.91
N ARG A 104 -7.18 -7.71 -17.18
CA ARG A 104 -6.89 -8.70 -18.22
C ARG A 104 -5.63 -9.54 -17.91
N THR A 105 -4.64 -8.97 -17.22
CA THR A 105 -3.43 -9.67 -16.78
C THR A 105 -3.76 -10.90 -15.91
N ASN A 106 -2.86 -11.88 -15.91
CA ASN A 106 -3.02 -13.16 -15.22
C ASN A 106 -2.87 -13.03 -13.70
N GLY A 107 -1.74 -12.49 -13.22
CA GLY A 107 -1.44 -12.49 -11.79
C GLY A 107 -2.29 -11.48 -11.03
N ILE A 108 -2.56 -10.34 -11.67
CA ILE A 108 -3.26 -9.24 -11.03
C ILE A 108 -4.61 -9.75 -10.51
N THR A 109 -4.94 -9.43 -9.26
CA THR A 109 -6.17 -9.90 -8.65
C THR A 109 -7.09 -8.78 -8.19
N TYR A 110 -6.54 -7.69 -7.65
CA TYR A 110 -7.35 -6.49 -7.52
C TYR A 110 -6.49 -5.27 -7.79
N ALA A 111 -7.10 -4.31 -8.49
CA ALA A 111 -6.64 -2.94 -8.51
C ALA A 111 -7.68 -2.03 -7.86
N SER A 112 -7.26 -0.84 -7.47
CA SER A 112 -8.13 0.27 -7.11
C SER A 112 -7.46 1.53 -7.63
N VAL A 113 -8.11 2.26 -8.54
CA VAL A 113 -7.55 3.50 -9.07
C VAL A 113 -8.40 4.69 -8.61
N ALA A 114 -7.74 5.71 -8.06
CA ALA A 114 -8.38 6.91 -7.52
C ALA A 114 -7.92 8.13 -8.31
N LEU A 115 -8.89 8.90 -8.81
CA LEU A 115 -8.72 10.00 -9.76
C LEU A 115 -8.52 11.28 -8.98
N ALA A 116 -9.29 11.43 -7.90
CA ALA A 116 -9.19 12.50 -6.91
C ALA A 116 -7.72 12.74 -6.55
N THR A 117 -6.98 11.65 -6.34
CA THR A 117 -5.55 11.69 -6.11
C THR A 117 -4.73 11.33 -7.36
N SER A 118 -5.34 10.74 -8.40
CA SER A 118 -4.71 10.35 -9.65
C SER A 118 -3.67 9.23 -9.50
N LYS A 119 -3.87 8.34 -8.52
CA LYS A 119 -3.05 7.18 -8.25
C LYS A 119 -3.76 5.91 -8.69
N ALA A 120 -2.99 4.89 -9.08
CA ALA A 120 -3.49 3.58 -9.46
C ALA A 120 -2.77 2.53 -8.65
N LEU A 121 -3.47 1.83 -7.76
CA LEU A 121 -2.93 0.74 -6.96
C LEU A 121 -3.28 -0.55 -7.68
N VAL A 122 -2.27 -1.37 -8.01
CA VAL A 122 -2.40 -2.62 -8.72
C VAL A 122 -1.74 -3.73 -7.91
N LYS A 123 -2.47 -4.80 -7.56
CA LYS A 123 -1.97 -5.89 -6.75
C LYS A 123 -1.51 -7.00 -7.68
N PHE A 124 -0.20 -7.11 -7.92
CA PHE A 124 0.36 -8.10 -8.82
C PHE A 124 1.44 -8.90 -8.10
N ASP A 125 1.99 -9.95 -8.75
CA ASP A 125 3.06 -10.75 -8.17
C ASP A 125 4.39 -10.38 -8.84
N PRO A 126 5.39 -9.85 -8.12
CA PRO A 126 6.64 -9.38 -8.70
C PRO A 126 7.54 -10.54 -9.13
N GLU A 127 7.12 -11.21 -10.20
CA GLU A 127 7.84 -12.28 -10.87
C GLU A 127 7.20 -12.57 -12.23
N ILE A 128 5.86 -12.58 -12.32
CA ILE A 128 5.17 -13.06 -13.50
C ILE A 128 5.00 -11.94 -14.52
N ILE A 129 4.65 -10.75 -14.03
CA ILE A 129 4.54 -9.52 -14.80
C ILE A 129 5.35 -8.44 -14.08
N GLY A 130 5.55 -7.29 -14.71
CA GLY A 130 6.24 -6.15 -14.12
C GLY A 130 5.50 -4.84 -14.47
N PRO A 131 5.80 -3.75 -13.77
CA PRO A 131 5.15 -2.46 -13.99
C PRO A 131 5.38 -1.99 -15.44
N ARG A 132 6.62 -2.08 -15.92
CA ARG A 132 7.02 -1.65 -17.25
C ARG A 132 6.10 -2.17 -18.35
N ASP A 133 5.64 -3.42 -18.22
CA ASP A 133 4.66 -3.97 -19.14
C ASP A 133 3.38 -3.15 -19.07
N ILE A 134 2.84 -2.96 -17.86
CA ILE A 134 1.60 -2.22 -17.66
C ILE A 134 1.75 -0.80 -18.25
N ILE A 135 2.88 -0.15 -17.98
CA ILE A 135 3.23 1.14 -18.56
C ILE A 135 3.09 1.06 -20.08
N LYS A 136 3.77 0.11 -20.73
CA LYS A 136 3.65 -0.05 -22.16
C LYS A 136 2.21 -0.26 -22.61
N ILE A 137 1.45 -1.09 -21.89
CA ILE A 137 0.08 -1.41 -22.24
C ILE A 137 -0.81 -0.15 -22.15
N ILE A 138 -0.55 0.77 -21.22
CA ILE A 138 -1.21 2.08 -21.26
C ILE A 138 -0.66 3.01 -22.35
N GLU A 139 0.64 2.95 -22.68
CA GLU A 139 1.19 3.76 -23.77
C GLU A 139 0.44 3.51 -25.08
N GLU A 140 -0.15 2.32 -25.23
CA GLU A 140 -0.94 1.97 -26.40
C GLU A 140 -2.14 2.92 -26.52
N ILE A 141 -2.70 3.33 -25.38
CA ILE A 141 -3.73 4.35 -25.32
C ILE A 141 -3.09 5.73 -25.45
N GLY A 142 -1.99 5.92 -24.72
CA GLY A 142 -1.27 7.18 -24.66
C GLY A 142 -1.49 7.87 -23.31
N PHE A 143 -1.60 7.10 -22.23
CA PHE A 143 -1.52 7.62 -20.87
C PHE A 143 -0.08 7.44 -20.37
N HIS A 144 0.26 8.07 -19.26
CA HIS A 144 1.59 8.04 -18.69
C HIS A 144 1.42 7.56 -17.26
N ALA A 145 2.12 6.47 -16.91
CA ALA A 145 2.19 5.93 -15.57
C ALA A 145 3.60 6.13 -15.04
N SER A 146 3.76 7.06 -14.09
CA SER A 146 4.99 7.16 -13.33
C SER A 146 4.73 6.68 -11.91
N LEU A 147 5.38 5.58 -11.51
CA LEU A 147 5.43 5.03 -10.16
C LEU A 147 5.48 6.17 -9.15
N ALA A 148 4.37 6.38 -8.45
CA ALA A 148 4.28 7.49 -7.52
C ALA A 148 4.92 7.09 -6.19
N GLN A 149 4.73 5.81 -5.83
CA GLN A 149 4.96 5.27 -4.50
C GLN A 149 4.44 6.19 -3.38
N MET A 1 14.05 -12.91 7.49
CA MET A 1 12.67 -12.69 7.00
C MET A 1 12.78 -11.75 5.80
N ALA A 2 11.73 -11.60 4.99
CA ALA A 2 11.81 -10.83 3.75
C ALA A 2 10.74 -9.73 3.70
N PRO A 3 10.47 -8.99 4.77
CA PRO A 3 9.24 -8.23 4.92
C PRO A 3 9.13 -7.06 3.95
N GLN A 4 7.89 -6.64 3.71
CA GLN A 4 7.48 -5.74 2.65
C GLN A 4 7.03 -4.42 3.24
N LYS A 5 7.00 -3.36 2.43
CA LYS A 5 7.02 -1.97 2.88
C LYS A 5 5.59 -1.49 3.06
N CYS A 6 5.29 -0.89 4.21
CA CYS A 6 3.99 -0.32 4.51
C CYS A 6 4.13 1.03 5.20
N PHE A 7 3.52 2.04 4.57
CA PHE A 7 3.41 3.39 5.07
C PHE A 7 2.03 3.55 5.72
N LEU A 8 2.00 3.61 7.05
CA LEU A 8 0.78 3.77 7.81
C LEU A 8 0.96 4.93 8.78
N GLN A 9 -0.12 5.32 9.43
CA GLN A 9 -0.05 6.35 10.46
C GLN A 9 -0.98 5.98 11.61
N ILE A 10 -0.56 6.31 12.83
CA ILE A 10 -1.32 6.02 14.01
C ILE A 10 -2.05 7.31 14.37
N LYS A 11 -3.38 7.27 14.54
CA LYS A 11 -4.10 8.46 15.00
C LYS A 11 -4.25 8.30 16.51
N GLY A 12 -3.38 8.97 17.27
CA GLY A 12 -3.39 8.98 18.72
C GLY A 12 -2.03 9.44 19.24
N MET A 13 -1.14 8.49 19.53
CA MET A 13 0.22 8.71 20.03
C MET A 13 0.27 9.51 21.35
N THR A 14 0.25 8.80 22.49
CA THR A 14 0.44 9.39 23.81
C THR A 14 1.82 10.05 23.98
N CYS A 15 2.77 9.78 23.09
CA CYS A 15 4.13 10.28 23.09
C CYS A 15 5.00 9.64 24.18
N ALA A 16 4.60 9.79 25.46
CA ALA A 16 5.31 9.36 26.66
C ALA A 16 6.23 8.16 26.42
N SER A 17 5.65 6.97 26.26
CA SER A 17 6.37 5.79 25.80
C SER A 17 5.44 4.79 25.13
N CYS A 18 4.22 5.22 24.79
CA CYS A 18 3.20 4.29 24.34
C CYS A 18 3.62 3.79 22.98
N VAL A 19 3.91 4.68 22.04
CA VAL A 19 4.23 4.25 20.70
C VAL A 19 5.48 3.37 20.72
N SER A 20 6.48 3.73 21.54
CA SER A 20 7.65 2.91 21.76
C SER A 20 7.27 1.49 22.18
N ASN A 21 6.35 1.34 23.13
CA ASN A 21 5.88 0.02 23.53
C ASN A 21 5.20 -0.66 22.34
N ILE A 22 4.28 0.06 21.67
CA ILE A 22 3.57 -0.46 20.50
C ILE A 22 4.58 -1.03 19.50
N GLU A 23 5.59 -0.26 19.10
CA GLU A 23 6.67 -0.70 18.22
C GLU A 23 7.27 -2.03 18.69
N ARG A 24 7.67 -2.12 19.95
CA ARG A 24 8.31 -3.31 20.48
C ARG A 24 7.31 -4.46 20.59
N ASN A 25 6.02 -4.16 20.69
CA ASN A 25 4.96 -5.16 20.60
C ASN A 25 4.83 -5.63 19.15
N LEU A 26 4.84 -4.72 18.17
CA LEU A 26 4.73 -5.06 16.77
C LEU A 26 5.85 -6.00 16.33
N GLN A 27 7.07 -5.79 16.84
CA GLN A 27 8.16 -6.74 16.60
C GLN A 27 7.77 -8.18 16.92
N LYS A 28 6.81 -8.36 17.84
CA LYS A 28 6.34 -9.65 18.30
C LYS A 28 4.93 -9.95 17.80
N GLU A 29 4.46 -9.26 16.76
CA GLU A 29 3.19 -9.54 16.12
C GLU A 29 3.31 -10.84 15.33
N ALA A 30 4.09 -10.83 14.24
CA ALA A 30 4.43 -12.00 13.44
C ALA A 30 5.47 -11.61 12.39
N GLY A 31 5.05 -11.30 11.16
CA GLY A 31 5.97 -10.99 10.07
C GLY A 31 6.49 -9.54 10.12
N VAL A 32 5.97 -8.73 11.05
CA VAL A 32 6.42 -7.36 11.24
C VAL A 32 7.87 -7.37 11.74
N LEU A 33 8.80 -6.88 10.93
CA LEU A 33 10.20 -6.80 11.29
C LEU A 33 10.74 -5.47 10.75
N SER A 34 10.07 -4.37 11.10
CA SER A 34 10.63 -3.02 11.09
C SER A 34 9.73 -2.15 11.95
N VAL A 35 10.31 -1.08 12.52
CA VAL A 35 9.61 -0.04 13.23
C VAL A 35 10.26 1.28 12.81
N LEU A 36 9.67 1.94 11.82
CA LEU A 36 10.13 3.25 11.37
C LEU A 36 9.01 4.26 11.64
N VAL A 37 8.72 4.49 12.92
CA VAL A 37 7.73 5.49 13.32
C VAL A 37 8.48 6.76 13.69
N ALA A 38 8.02 7.89 13.14
CA ALA A 38 8.55 9.20 13.48
C ALA A 38 7.55 9.88 14.41
N LEU A 39 7.77 9.82 15.73
CA LEU A 39 6.89 10.47 16.71
C LEU A 39 6.90 12.00 16.56
N MET A 40 7.85 12.55 15.79
CA MET A 40 8.01 13.98 15.57
C MET A 40 7.10 14.47 14.43
N ALA A 41 7.04 13.72 13.33
CA ALA A 41 6.22 14.04 12.17
C ALA A 41 4.82 13.42 12.31
N GLY A 42 4.76 12.22 12.88
CA GLY A 42 3.56 11.45 13.12
C GLY A 42 3.24 10.53 11.95
N LYS A 43 4.13 9.56 11.65
CA LYS A 43 3.90 8.59 10.60
C LYS A 43 4.49 7.28 11.10
N ALA A 44 3.80 6.16 10.86
CA ALA A 44 4.31 4.83 11.11
C ALA A 44 4.64 4.08 9.82
N GLU A 45 5.92 4.06 9.43
CA GLU A 45 6.38 3.19 8.35
C GLU A 45 6.88 1.93 9.02
N ILE A 46 6.46 0.76 8.56
CA ILE A 46 7.04 -0.49 8.98
C ILE A 46 7.33 -1.37 7.77
N LYS A 47 7.84 -2.57 8.03
CA LYS A 47 7.80 -3.66 7.07
C LYS A 47 7.15 -4.88 7.70
N TYR A 48 6.03 -5.31 7.11
CA TYR A 48 5.34 -6.56 7.41
C TYR A 48 5.38 -7.50 6.20
N ASP A 49 5.29 -8.82 6.40
CA ASP A 49 5.25 -9.80 5.32
C ASP A 49 3.79 -10.26 5.09
N PRO A 50 3.17 -9.91 3.95
CA PRO A 50 1.75 -10.12 3.70
C PRO A 50 1.36 -11.61 3.69
N GLU A 51 2.33 -12.50 3.49
CA GLU A 51 2.09 -13.93 3.53
C GLU A 51 1.60 -14.42 4.90
N VAL A 52 1.90 -13.70 5.99
CA VAL A 52 1.61 -14.17 7.35
C VAL A 52 0.84 -13.12 8.15
N ILE A 53 1.24 -11.84 8.06
CA ILE A 53 0.52 -10.76 8.73
C ILE A 53 -0.31 -10.02 7.69
N GLN A 54 -1.46 -9.50 8.11
CA GLN A 54 -2.38 -8.72 7.30
C GLN A 54 -2.67 -7.39 8.01
N PRO A 55 -2.97 -6.33 7.24
CA PRO A 55 -3.16 -5.00 7.79
C PRO A 55 -4.29 -4.97 8.82
N LEU A 56 -5.36 -5.74 8.60
CA LEU A 56 -6.46 -5.80 9.57
C LEU A 56 -5.97 -6.37 10.91
N GLU A 57 -5.14 -7.40 10.85
CA GLU A 57 -4.54 -8.01 12.04
C GLU A 57 -3.72 -6.97 12.80
N ILE A 58 -2.91 -6.19 12.07
CA ILE A 58 -2.17 -5.06 12.63
C ILE A 58 -3.18 -4.15 13.33
N ALA A 59 -4.28 -3.84 12.64
CA ALA A 59 -5.27 -2.92 13.17
C ALA A 59 -5.90 -3.47 14.45
N GLN A 60 -6.27 -4.75 14.48
CA GLN A 60 -6.72 -5.41 15.70
C GLN A 60 -5.67 -5.24 16.81
N PHE A 61 -4.42 -5.54 16.49
CA PHE A 61 -3.31 -5.49 17.44
C PHE A 61 -3.28 -4.12 18.10
N ILE A 62 -3.23 -3.05 17.30
CA ILE A 62 -3.16 -1.73 17.87
C ILE A 62 -4.47 -1.35 18.59
N GLN A 63 -5.66 -1.79 18.13
CA GLN A 63 -6.89 -1.39 18.79
C GLN A 63 -6.81 -1.85 20.25
N ASP A 64 -6.29 -3.08 20.47
CA ASP A 64 -6.11 -3.63 21.81
C ASP A 64 -5.17 -2.74 22.62
N LEU A 65 -4.01 -2.43 22.02
CA LEU A 65 -3.02 -1.55 22.62
C LEU A 65 -3.63 -0.19 23.01
N GLY A 66 -4.47 0.40 22.16
CA GLY A 66 -5.36 1.50 22.53
C GLY A 66 -5.16 2.72 21.64
N PHE A 67 -5.06 2.50 20.33
CA PHE A 67 -4.89 3.52 19.31
C PHE A 67 -5.82 3.26 18.13
N GLU A 68 -5.73 4.09 17.09
CA GLU A 68 -6.26 3.80 15.77
C GLU A 68 -5.10 3.67 14.79
N ALA A 69 -5.08 2.59 14.01
CA ALA A 69 -4.18 2.46 12.88
C ALA A 69 -4.96 2.82 11.64
N ALA A 70 -4.41 3.71 10.84
CA ALA A 70 -4.96 4.07 9.54
C ALA A 70 -3.79 4.21 8.58
N VAL A 71 -3.78 3.37 7.54
CA VAL A 71 -2.81 3.45 6.48
C VAL A 71 -2.85 4.85 5.88
N MET A 72 -1.73 5.29 5.30
CA MET A 72 -1.66 6.60 4.67
C MET A 72 -2.64 6.70 3.48
N GLU A 73 -3.11 5.54 3.03
CA GLU A 73 -4.11 5.21 2.02
C GLU A 73 -3.35 4.51 0.88
N ASP A 74 -2.24 5.11 0.47
CA ASP A 74 -1.26 4.51 -0.43
C ASP A 74 -0.16 3.79 0.36
N TYR A 75 -0.48 2.60 0.85
CA TYR A 75 0.41 1.78 1.68
C TYR A 75 1.81 1.67 1.10
N ALA A 76 1.93 1.27 -0.17
CA ALA A 76 3.13 1.06 -0.97
C ALA A 76 2.97 -0.18 -1.82
N GLY A 77 3.78 -0.28 -2.87
CA GLY A 77 4.33 -1.53 -3.34
C GLY A 77 4.97 -2.36 -2.23
N SER A 78 4.15 -3.20 -1.60
CA SER A 78 4.65 -4.30 -0.78
C SER A 78 5.04 -5.47 -1.69
N ASP A 79 4.13 -5.88 -2.59
CA ASP A 79 4.30 -7.10 -3.40
C ASP A 79 3.42 -7.05 -4.65
N GLY A 80 2.31 -7.78 -4.63
CA GLY A 80 1.29 -7.78 -5.63
C GLY A 80 0.52 -6.48 -5.55
N ASN A 81 0.46 -5.91 -4.35
CA ASN A 81 -0.17 -4.63 -4.12
C ASN A 81 0.94 -3.63 -4.29
N ILE A 82 0.80 -2.78 -5.31
CA ILE A 82 1.64 -1.63 -5.52
C ILE A 82 0.81 -0.46 -6.03
N GLU A 83 1.39 0.73 -5.91
CA GLU A 83 0.83 2.02 -6.21
C GLU A 83 1.42 2.56 -7.50
N LEU A 84 0.56 2.91 -8.46
CA LEU A 84 0.93 3.58 -9.69
C LEU A 84 0.20 4.92 -9.74
N THR A 85 0.96 5.99 -9.96
CA THR A 85 0.39 7.33 -10.11
C THR A 85 0.25 7.57 -11.61
N ILE A 86 -0.97 7.86 -12.07
CA ILE A 86 -1.33 7.97 -13.49
C ILE A 86 -1.42 9.43 -13.90
N THR A 87 -0.52 9.88 -14.77
CA THR A 87 -0.48 11.26 -15.25
C THR A 87 -0.97 11.34 -16.69
N GLY A 88 -1.99 12.18 -16.92
CA GLY A 88 -2.59 12.45 -18.22
C GLY A 88 -4.10 12.25 -18.20
N MET A 89 -4.60 11.37 -17.33
CA MET A 89 -6.01 11.05 -17.25
C MET A 89 -6.83 12.21 -16.67
N THR A 90 -8.07 12.37 -17.16
CA THR A 90 -9.02 13.35 -16.65
C THR A 90 -10.45 13.02 -17.12
N CYS A 91 -10.86 11.74 -17.13
CA CYS A 91 -12.21 11.36 -17.57
C CYS A 91 -12.57 9.96 -17.10
N ALA A 92 -13.86 9.74 -16.78
CA ALA A 92 -14.39 8.43 -16.40
C ALA A 92 -14.08 7.36 -17.45
N SER A 93 -14.22 7.70 -18.74
CA SER A 93 -13.84 6.80 -19.82
C SER A 93 -12.40 6.33 -19.64
N CYS A 94 -11.49 7.28 -19.39
CA CYS A 94 -10.07 6.99 -19.22
C CYS A 94 -9.85 6.14 -17.98
N VAL A 95 -10.54 6.43 -16.89
CA VAL A 95 -10.57 5.55 -15.71
C VAL A 95 -10.95 4.14 -16.12
N HIS A 96 -12.07 3.98 -16.85
CA HIS A 96 -12.57 2.67 -17.25
C HIS A 96 -11.56 1.98 -18.15
N ASN A 97 -10.85 2.77 -18.94
CA ASN A 97 -9.82 2.31 -19.85
C ASN A 97 -8.65 1.71 -19.05
N ILE A 98 -8.07 2.50 -18.15
CA ILE A 98 -6.98 2.03 -17.30
C ILE A 98 -7.44 0.79 -16.51
N GLU A 99 -8.59 0.86 -15.83
CA GLU A 99 -9.10 -0.26 -15.08
C GLU A 99 -9.30 -1.46 -15.99
N SER A 100 -9.89 -1.29 -17.17
CA SER A 100 -10.00 -2.35 -18.18
C SER A 100 -8.62 -2.98 -18.41
N LYS A 101 -7.62 -2.17 -18.70
CA LYS A 101 -6.31 -2.65 -19.08
C LYS A 101 -5.64 -3.38 -17.92
N LEU A 102 -5.92 -2.96 -16.68
CA LEU A 102 -5.42 -3.65 -15.52
C LEU A 102 -6.17 -4.95 -15.37
N THR A 103 -7.49 -4.89 -15.19
CA THR A 103 -8.37 -6.05 -15.04
C THR A 103 -8.22 -7.07 -16.19
N ARG A 104 -7.70 -6.65 -17.34
CA ARG A 104 -7.37 -7.62 -18.41
C ARG A 104 -6.38 -8.70 -17.92
N THR A 105 -5.48 -8.33 -17.02
CA THR A 105 -4.42 -9.17 -16.49
C THR A 105 -4.99 -10.39 -15.75
N ASN A 106 -4.49 -11.59 -16.03
CA ASN A 106 -4.91 -12.82 -15.36
C ASN A 106 -4.81 -12.72 -13.84
N GLY A 107 -3.62 -12.36 -13.33
CA GLY A 107 -3.35 -12.44 -11.90
C GLY A 107 -3.95 -11.29 -11.10
N ILE A 108 -4.34 -10.19 -11.76
CA ILE A 108 -4.83 -9.05 -11.02
C ILE A 108 -6.18 -9.39 -10.40
N THR A 109 -6.37 -9.05 -9.13
CA THR A 109 -7.61 -9.37 -8.42
C THR A 109 -8.47 -8.13 -8.26
N TYR A 110 -7.90 -7.04 -7.75
CA TYR A 110 -8.62 -5.78 -7.62
C TYR A 110 -7.67 -4.64 -7.93
N ALA A 111 -7.96 -3.89 -9.00
CA ALA A 111 -7.34 -2.59 -9.19
C ALA A 111 -8.36 -1.51 -8.81
N SER A 112 -7.88 -0.41 -8.19
CA SER A 112 -8.70 0.75 -7.87
C SER A 112 -7.89 2.00 -8.24
N VAL A 113 -8.42 2.82 -9.15
CA VAL A 113 -7.77 4.04 -9.65
C VAL A 113 -8.59 5.28 -9.30
N ALA A 114 -7.95 6.31 -8.75
CA ALA A 114 -8.62 7.49 -8.21
C ALA A 114 -8.00 8.77 -8.80
N LEU A 115 -8.50 9.18 -9.97
CA LEU A 115 -8.06 10.37 -10.69
C LEU A 115 -8.09 11.64 -9.83
N ALA A 116 -8.96 11.68 -8.82
CA ALA A 116 -9.05 12.79 -7.88
C ALA A 116 -7.68 13.05 -7.21
N THR A 117 -6.93 11.96 -6.98
CA THR A 117 -5.63 11.96 -6.33
C THR A 117 -4.52 11.49 -7.29
N SER A 118 -4.91 10.96 -8.45
CA SER A 118 -4.06 10.49 -9.52
C SER A 118 -3.32 9.20 -9.15
N LYS A 119 -3.84 8.44 -8.17
CA LYS A 119 -3.26 7.19 -7.68
C LYS A 119 -4.01 5.98 -8.23
N ALA A 120 -3.34 4.83 -8.28
CA ALA A 120 -3.90 3.56 -8.67
C ALA A 120 -3.28 2.43 -7.87
N LEU A 121 -4.06 1.73 -7.04
CA LEU A 121 -3.56 0.53 -6.40
C LEU A 121 -3.94 -0.64 -7.30
N VAL A 122 -2.93 -1.43 -7.65
CA VAL A 122 -3.04 -2.65 -8.45
C VAL A 122 -2.65 -3.82 -7.55
N LYS A 123 -3.46 -4.89 -7.52
CA LYS A 123 -3.21 -6.10 -6.73
C LYS A 123 -2.98 -7.31 -7.67
N PHE A 124 -1.74 -7.66 -7.99
CA PHE A 124 -1.40 -8.75 -8.93
C PHE A 124 -0.60 -9.85 -8.22
N ASP A 125 -0.15 -10.89 -8.94
CA ASP A 125 0.71 -11.93 -8.36
C ASP A 125 2.13 -11.71 -8.89
N PRO A 126 3.12 -11.29 -8.08
CA PRO A 126 4.41 -10.83 -8.56
C PRO A 126 5.32 -12.00 -8.95
N GLU A 127 4.94 -12.68 -10.03
CA GLU A 127 5.69 -13.75 -10.66
C GLU A 127 5.16 -13.99 -12.07
N ILE A 128 3.83 -14.00 -12.24
CA ILE A 128 3.22 -14.32 -13.51
C ILE A 128 3.28 -13.11 -14.44
N ILE A 129 3.12 -11.94 -13.85
CA ILE A 129 3.16 -10.65 -14.50
C ILE A 129 4.08 -9.72 -13.72
N GLY A 130 4.45 -8.59 -14.33
CA GLY A 130 5.29 -7.56 -13.73
C GLY A 130 4.89 -6.19 -14.29
N PRO A 131 5.38 -5.11 -13.69
CA PRO A 131 4.96 -3.76 -14.02
C PRO A 131 5.18 -3.42 -15.49
N ARG A 132 6.35 -3.77 -16.06
CA ARG A 132 6.70 -3.46 -17.42
C ARG A 132 5.59 -3.75 -18.43
N ASP A 133 4.90 -4.89 -18.30
CA ASP A 133 3.81 -5.22 -19.20
C ASP A 133 2.71 -4.17 -19.08
N ILE A 134 2.33 -3.85 -17.84
CA ILE A 134 1.30 -2.85 -17.56
C ILE A 134 1.74 -1.52 -18.15
N ILE A 135 3.01 -1.14 -17.94
CA ILE A 135 3.59 0.06 -18.54
C ILE A 135 3.34 0.02 -20.05
N LYS A 136 3.82 -1.00 -20.76
CA LYS A 136 3.62 -1.11 -22.19
C LYS A 136 2.15 -0.97 -22.56
N ILE A 137 1.26 -1.67 -21.84
CA ILE A 137 -0.17 -1.56 -22.08
C ILE A 137 -0.62 -0.09 -22.00
N ILE A 138 -0.26 0.63 -20.93
CA ILE A 138 -0.66 2.05 -20.82
C ILE A 138 0.07 2.97 -21.80
N GLU A 139 1.28 2.61 -22.24
CA GLU A 139 1.96 3.30 -23.34
C GLU A 139 1.08 3.24 -24.61
N GLU A 140 0.41 2.11 -24.84
CA GLU A 140 -0.44 1.93 -26.00
C GLU A 140 -1.56 2.97 -25.99
N ILE A 141 -2.10 3.23 -24.79
CA ILE A 141 -3.11 4.27 -24.56
C ILE A 141 -2.46 5.64 -24.70
N GLY A 142 -1.26 5.79 -24.13
CA GLY A 142 -0.52 7.03 -24.06
C GLY A 142 -0.68 7.69 -22.69
N PHE A 143 -0.78 6.89 -21.62
CA PHE A 143 -0.70 7.41 -20.25
C PHE A 143 0.69 7.16 -19.68
N HIS A 144 0.93 7.66 -18.47
CA HIS A 144 2.20 7.51 -17.77
C HIS A 144 1.87 6.99 -16.37
N ALA A 145 2.25 5.75 -16.09
CA ALA A 145 2.05 5.10 -14.81
C ALA A 145 3.39 5.08 -14.08
N SER A 146 3.55 5.97 -13.09
CA SER A 146 4.77 6.21 -12.35
C SER A 146 4.55 5.68 -10.94
N LEU A 147 5.22 4.58 -10.59
CA LEU A 147 5.12 3.91 -9.31
C LEU A 147 5.24 4.89 -8.15
N ALA A 148 4.09 5.28 -7.58
CA ALA A 148 4.02 6.22 -6.46
C ALA A 148 4.81 7.51 -6.70
N GLN A 149 4.90 7.99 -7.94
CA GLN A 149 5.84 9.03 -8.34
C GLN A 149 5.20 9.95 -9.37
N MET A 1 13.76 -11.51 0.32
CA MET A 1 12.33 -11.36 0.02
C MET A 1 12.03 -9.88 -0.17
N ALA A 2 10.84 -9.54 -0.67
CA ALA A 2 10.37 -8.17 -0.82
C ALA A 2 9.38 -7.91 0.32
N PRO A 3 9.68 -7.00 1.27
CA PRO A 3 8.77 -6.64 2.35
C PRO A 3 7.93 -5.41 1.96
N GLN A 4 6.68 -5.30 2.46
CA GLN A 4 5.70 -4.34 1.98
C GLN A 4 5.53 -3.21 2.99
N LYS A 5 5.63 -1.98 2.49
CA LYS A 5 5.67 -0.79 3.29
C LYS A 5 4.27 -0.22 3.47
N CYS A 6 3.85 -0.05 4.72
CA CYS A 6 2.55 0.50 5.06
C CYS A 6 2.77 1.88 5.64
N PHE A 7 2.12 2.89 5.05
CA PHE A 7 2.22 4.29 5.44
C PHE A 7 0.96 4.63 6.23
N LEU A 8 1.10 4.73 7.55
CA LEU A 8 0.01 5.13 8.41
C LEU A 8 0.44 6.22 9.37
N GLN A 9 -0.53 6.75 10.11
CA GLN A 9 -0.28 7.70 11.17
C GLN A 9 -0.83 7.14 12.49
N ILE A 10 -0.20 7.51 13.60
CA ILE A 10 -0.67 7.17 14.92
C ILE A 10 -1.41 8.39 15.45
N LYS A 11 -2.72 8.30 15.64
CA LYS A 11 -3.48 9.39 16.23
C LYS A 11 -3.68 9.08 17.71
N GLY A 12 -2.78 9.59 18.56
CA GLY A 12 -2.81 9.40 20.00
C GLY A 12 -1.56 10.02 20.65
N MET A 13 -0.44 9.30 20.57
CA MET A 13 0.87 9.67 21.11
C MET A 13 0.84 10.00 22.61
N THR A 14 1.02 8.99 23.48
CA THR A 14 1.06 9.23 24.92
C THR A 14 2.14 10.24 25.32
N CYS A 15 3.43 9.94 25.10
CA CYS A 15 4.51 10.84 25.53
C CYS A 15 5.83 10.37 24.93
N ALA A 16 5.88 10.26 23.60
CA ALA A 16 7.07 9.86 22.83
C ALA A 16 7.82 8.71 23.49
N SER A 17 7.10 7.65 23.86
CA SER A 17 7.63 6.53 24.64
C SER A 17 6.68 5.33 24.57
N CYS A 18 5.37 5.56 24.72
CA CYS A 18 4.43 4.45 24.71
C CYS A 18 4.38 3.82 23.30
N VAL A 19 4.49 4.67 22.28
CA VAL A 19 4.59 4.17 20.92
C VAL A 19 5.89 3.37 20.76
N SER A 20 6.93 3.73 21.51
CA SER A 20 8.17 2.97 21.52
C SER A 20 7.96 1.58 22.11
N ASN A 21 7.03 1.42 23.06
CA ASN A 21 6.63 0.09 23.50
C ASN A 21 5.89 -0.64 22.36
N ILE A 22 4.91 0.01 21.74
CA ILE A 22 4.24 -0.50 20.53
C ILE A 22 5.23 -1.17 19.56
N GLU A 23 6.40 -0.55 19.32
CA GLU A 23 7.44 -1.09 18.46
C GLU A 23 7.66 -2.60 18.68
N ARG A 24 7.98 -2.98 19.92
CA ARG A 24 8.27 -4.39 20.22
C ARG A 24 7.01 -5.22 20.07
N ASN A 25 5.88 -4.67 20.52
CA ASN A 25 4.61 -5.38 20.48
C ASN A 25 4.33 -5.81 19.04
N LEU A 26 4.36 -4.87 18.10
CA LEU A 26 4.17 -5.18 16.69
C LEU A 26 5.25 -6.13 16.18
N GLN A 27 6.52 -5.90 16.52
CA GLN A 27 7.58 -6.81 16.11
C GLN A 27 7.34 -8.25 16.57
N LYS A 28 6.51 -8.45 17.60
CA LYS A 28 6.11 -9.76 18.08
C LYS A 28 4.61 -9.99 17.90
N GLU A 29 4.02 -9.43 16.83
CA GLU A 29 2.68 -9.75 16.39
C GLU A 29 2.79 -11.00 15.51
N ALA A 30 3.00 -10.83 14.20
CA ALA A 30 3.17 -11.91 13.24
C ALA A 30 4.21 -11.51 12.19
N GLY A 31 3.90 -11.58 10.88
CA GLY A 31 4.87 -11.38 9.81
C GLY A 31 5.25 -9.92 9.58
N VAL A 32 5.27 -9.10 10.62
CA VAL A 32 5.70 -7.71 10.60
C VAL A 32 6.90 -7.60 11.53
N LEU A 33 8.07 -7.23 10.98
CA LEU A 33 9.29 -7.13 11.76
C LEU A 33 10.09 -5.91 11.29
N SER A 34 9.42 -4.76 11.28
CA SER A 34 10.02 -3.45 11.04
C SER A 34 9.04 -2.41 11.55
N VAL A 35 9.50 -1.43 12.33
CA VAL A 35 8.67 -0.34 12.81
C VAL A 35 9.45 0.95 12.62
N LEU A 36 8.95 1.87 11.79
CA LEU A 36 9.59 3.15 11.49
C LEU A 36 8.60 4.27 11.80
N VAL A 37 8.44 4.59 13.09
CA VAL A 37 7.64 5.73 13.53
C VAL A 37 8.56 6.89 13.85
N ALA A 38 8.17 8.10 13.42
CA ALA A 38 8.83 9.33 13.84
C ALA A 38 7.88 10.11 14.74
N LEU A 39 8.04 10.00 16.06
CA LEU A 39 7.28 10.76 17.05
C LEU A 39 7.51 12.28 16.94
N MET A 40 8.48 12.71 16.13
CA MET A 40 8.74 14.12 15.85
C MET A 40 7.76 14.65 14.82
N ALA A 41 7.59 13.90 13.71
CA ALA A 41 6.77 14.31 12.58
C ALA A 41 5.33 13.79 12.70
N GLY A 42 5.15 12.66 13.40
CA GLY A 42 3.86 12.01 13.56
C GLY A 42 3.53 11.18 12.31
N LYS A 43 4.35 10.17 12.00
CA LYS A 43 4.07 9.23 10.95
C LYS A 43 4.52 7.87 11.46
N ALA A 44 3.73 6.83 11.20
CA ALA A 44 4.14 5.44 11.34
C ALA A 44 4.26 4.78 9.98
N GLU A 45 5.49 4.57 9.51
CA GLU A 45 5.74 3.67 8.40
C GLU A 45 6.16 2.34 9.04
N ILE A 46 5.61 1.21 8.59
CA ILE A 46 6.13 -0.09 8.98
C ILE A 46 6.33 -0.90 7.71
N LYS A 47 7.04 -2.02 7.80
CA LYS A 47 7.20 -2.98 6.74
C LYS A 47 6.65 -4.34 7.21
N TYR A 48 5.46 -4.70 6.70
CA TYR A 48 4.78 -5.97 6.92
C TYR A 48 4.89 -6.89 5.70
N ASP A 49 4.28 -8.07 5.79
CA ASP A 49 4.19 -9.04 4.69
C ASP A 49 2.74 -9.53 4.50
N PRO A 50 2.04 -9.12 3.42
CA PRO A 50 0.61 -9.31 3.27
C PRO A 50 0.21 -10.78 3.07
N GLU A 51 1.16 -11.69 2.89
CA GLU A 51 0.84 -13.11 2.84
C GLU A 51 0.62 -13.69 4.24
N VAL A 52 1.05 -12.99 5.30
CA VAL A 52 1.04 -13.51 6.66
C VAL A 52 0.26 -12.58 7.58
N ILE A 53 0.56 -11.27 7.52
CA ILE A 53 0.01 -10.27 8.41
C ILE A 53 -0.84 -9.29 7.61
N GLN A 54 -1.91 -8.76 8.21
CA GLN A 54 -2.81 -7.80 7.58
C GLN A 54 -2.94 -6.49 8.37
N PRO A 55 -3.29 -5.40 7.67
CA PRO A 55 -3.57 -4.13 8.30
C PRO A 55 -4.74 -4.24 9.30
N LEU A 56 -5.77 -5.03 8.98
CA LEU A 56 -6.92 -5.24 9.87
C LEU A 56 -6.48 -5.72 11.26
N GLU A 57 -5.81 -6.87 11.32
CA GLU A 57 -5.26 -7.41 12.57
C GLU A 57 -4.30 -6.44 13.25
N ILE A 58 -3.50 -5.67 12.49
CA ILE A 58 -2.68 -4.61 13.04
C ILE A 58 -3.57 -3.65 13.84
N ALA A 59 -4.75 -3.35 13.28
CA ALA A 59 -5.70 -2.46 13.90
C ALA A 59 -6.14 -2.97 15.28
N GLN A 60 -6.30 -4.28 15.43
CA GLN A 60 -6.61 -4.84 16.72
C GLN A 60 -5.45 -4.60 17.68
N PHE A 61 -4.22 -4.96 17.28
CA PHE A 61 -3.05 -4.76 18.12
C PHE A 61 -2.94 -3.32 18.62
N ILE A 62 -3.00 -2.35 17.70
CA ILE A 62 -2.89 -0.95 18.10
C ILE A 62 -4.09 -0.50 18.97
N GLN A 63 -5.31 -0.96 18.68
CA GLN A 63 -6.46 -0.62 19.50
C GLN A 63 -6.35 -1.26 20.88
N ASP A 64 -5.73 -2.45 21.00
CA ASP A 64 -5.47 -3.10 22.27
C ASP A 64 -4.53 -2.21 23.11
N LEU A 65 -3.40 -1.81 22.53
CA LEU A 65 -2.54 -0.83 23.17
C LEU A 65 -3.29 0.45 23.53
N GLY A 66 -4.14 0.93 22.61
CA GLY A 66 -5.07 2.04 22.85
C GLY A 66 -4.75 3.23 21.95
N PHE A 67 -4.57 2.98 20.66
CA PHE A 67 -4.20 3.97 19.67
C PHE A 67 -5.07 3.80 18.41
N GLU A 68 -5.11 4.82 17.54
CA GLU A 68 -5.66 4.75 16.21
C GLU A 68 -4.50 4.60 15.24
N ALA A 69 -4.54 3.53 14.45
CA ALA A 69 -3.62 3.26 13.34
C ALA A 69 -4.35 3.54 12.03
N ALA A 70 -4.37 4.81 11.67
CA ALA A 70 -5.08 5.28 10.50
C ALA A 70 -4.09 5.38 9.33
N VAL A 71 -4.16 4.38 8.46
CA VAL A 71 -3.39 4.26 7.25
C VAL A 71 -3.84 5.27 6.20
N MET A 72 -2.93 5.55 5.26
CA MET A 72 -3.28 6.26 4.05
C MET A 72 -4.42 5.55 3.30
N GLU A 73 -4.28 4.24 3.06
CA GLU A 73 -5.22 3.43 2.27
C GLU A 73 -4.65 2.00 2.17
N ASP A 74 -4.48 1.34 3.32
CA ASP A 74 -3.84 0.02 3.56
C ASP A 74 -3.66 -0.90 2.34
N TYR A 75 -2.72 -0.50 1.49
CA TYR A 75 -2.59 -1.10 0.16
C TYR A 75 -1.54 -2.23 0.09
N ALA A 76 -0.29 -1.94 0.48
CA ALA A 76 0.90 -2.78 0.58
C ALA A 76 2.06 -2.17 -0.22
N GLY A 77 2.46 -2.75 -1.36
CA GLY A 77 3.36 -2.07 -2.27
C GLY A 77 4.81 -2.50 -2.16
N SER A 78 5.14 -3.65 -2.75
CA SER A 78 6.49 -4.16 -2.99
C SER A 78 6.45 -5.55 -3.67
N ASP A 79 5.39 -6.35 -3.42
CA ASP A 79 5.23 -7.67 -4.04
C ASP A 79 4.72 -7.48 -5.48
N GLY A 80 3.78 -8.31 -5.97
CA GLY A 80 3.06 -8.02 -7.19
C GLY A 80 1.90 -7.09 -6.91
N ASN A 81 1.82 -6.53 -5.70
CA ASN A 81 1.16 -5.27 -5.50
C ASN A 81 2.18 -4.18 -5.28
N ILE A 82 2.01 -3.08 -6.00
CA ILE A 82 2.72 -1.81 -6.01
C ILE A 82 1.65 -0.73 -6.21
N GLU A 83 2.01 0.53 -6.03
CA GLU A 83 1.18 1.69 -6.19
C GLU A 83 1.70 2.58 -7.30
N LEU A 84 0.89 2.80 -8.34
CA LEU A 84 1.26 3.60 -9.48
C LEU A 84 0.41 4.87 -9.52
N THR A 85 1.01 6.02 -9.82
CA THR A 85 0.31 7.27 -10.03
C THR A 85 0.19 7.51 -11.53
N ILE A 86 -1.02 7.83 -11.97
CA ILE A 86 -1.36 8.18 -13.33
C ILE A 86 -1.34 9.71 -13.44
N THR A 87 -0.53 10.23 -14.34
CA THR A 87 -0.45 11.65 -14.64
C THR A 87 -0.99 11.87 -16.05
N GLY A 88 -1.84 12.89 -16.22
CA GLY A 88 -2.45 13.26 -17.50
C GLY A 88 -3.96 12.99 -17.50
N MET A 89 -4.38 11.92 -16.84
CA MET A 89 -5.78 11.53 -16.77
C MET A 89 -6.64 12.65 -16.19
N THR A 90 -7.73 12.99 -16.88
CA THR A 90 -8.78 13.86 -16.38
C THR A 90 -10.05 13.56 -17.18
N CYS A 91 -10.86 12.63 -16.66
CA CYS A 91 -12.14 12.19 -17.19
C CYS A 91 -11.95 11.10 -18.26
N ALA A 92 -12.64 11.20 -19.39
CA ALA A 92 -12.73 10.17 -20.45
C ALA A 92 -13.34 8.84 -19.98
N SER A 93 -13.60 8.66 -18.67
CA SER A 93 -13.73 7.36 -18.05
C SER A 93 -12.48 6.51 -18.34
N CYS A 94 -11.33 7.17 -18.50
CA CYS A 94 -10.11 6.49 -18.95
C CYS A 94 -9.73 5.35 -17.99
N VAL A 95 -10.02 5.59 -16.72
CA VAL A 95 -9.88 4.65 -15.62
C VAL A 95 -10.57 3.33 -15.96
N HIS A 96 -11.77 3.40 -16.51
CA HIS A 96 -12.59 2.23 -16.81
C HIS A 96 -11.80 1.31 -17.73
N ASN A 97 -11.24 1.92 -18.78
CA ASN A 97 -10.43 1.21 -19.75
C ASN A 97 -9.10 0.78 -19.18
N ILE A 98 -8.44 1.58 -18.35
CA ILE A 98 -7.21 1.15 -17.68
C ILE A 98 -7.49 -0.12 -16.87
N GLU A 99 -8.49 -0.09 -15.98
CA GLU A 99 -8.90 -1.26 -15.21
C GLU A 99 -9.15 -2.42 -16.18
N SER A 100 -9.94 -2.19 -17.22
CA SER A 100 -10.21 -3.23 -18.22
C SER A 100 -8.91 -3.84 -18.76
N LYS A 101 -7.96 -3.03 -19.24
CA LYS A 101 -6.70 -3.53 -19.76
C LYS A 101 -5.91 -4.29 -18.70
N LEU A 102 -5.89 -3.82 -17.45
CA LEU A 102 -5.24 -4.54 -16.36
C LEU A 102 -5.93 -5.89 -16.12
N THR A 103 -7.22 -5.84 -15.78
CA THR A 103 -8.07 -7.01 -15.56
C THR A 103 -8.07 -7.96 -16.76
N ARG A 104 -7.70 -7.49 -17.95
CA ARG A 104 -7.53 -8.37 -19.09
C ARG A 104 -6.44 -9.43 -18.88
N THR A 105 -5.40 -9.17 -18.07
CA THR A 105 -4.35 -10.11 -17.82
C THR A 105 -4.85 -11.30 -17.00
N ASN A 106 -4.06 -12.38 -16.94
CA ASN A 106 -4.42 -13.54 -16.13
C ASN A 106 -4.08 -13.30 -14.64
N GLY A 107 -2.93 -12.66 -14.38
CA GLY A 107 -2.38 -12.54 -13.04
C GLY A 107 -3.13 -11.51 -12.21
N ILE A 108 -3.31 -10.30 -12.74
CA ILE A 108 -4.07 -9.29 -12.03
C ILE A 108 -5.51 -9.80 -11.91
N THR A 109 -6.15 -9.50 -10.78
CA THR A 109 -7.58 -9.73 -10.58
C THR A 109 -8.18 -8.58 -9.78
N TYR A 110 -7.51 -8.15 -8.71
CA TYR A 110 -7.92 -7.03 -7.88
C TYR A 110 -7.06 -5.85 -8.33
N ALA A 111 -7.64 -4.93 -9.11
CA ALA A 111 -7.08 -3.62 -9.36
C ALA A 111 -8.05 -2.59 -8.82
N SER A 112 -7.55 -1.44 -8.36
CA SER A 112 -8.37 -0.26 -8.17
C SER A 112 -7.55 0.96 -8.54
N VAL A 113 -8.16 1.87 -9.29
CA VAL A 113 -7.55 3.10 -9.81
C VAL A 113 -8.38 4.27 -9.28
N ALA A 114 -7.78 5.16 -8.50
CA ALA A 114 -8.46 6.23 -7.78
C ALA A 114 -7.90 7.59 -8.20
N LEU A 115 -8.69 8.32 -9.00
CA LEU A 115 -8.32 9.56 -9.66
C LEU A 115 -8.26 10.73 -8.69
N ALA A 116 -9.19 10.78 -7.73
CA ALA A 116 -9.27 11.82 -6.72
C ALA A 116 -7.94 11.97 -5.98
N THR A 117 -7.31 10.83 -5.70
CA THR A 117 -5.99 10.74 -5.10
C THR A 117 -4.90 10.56 -6.16
N SER A 118 -5.26 10.26 -7.41
CA SER A 118 -4.36 9.99 -8.49
C SER A 118 -3.36 8.88 -8.16
N LYS A 119 -3.83 7.79 -7.53
CA LYS A 119 -3.04 6.57 -7.40
C LYS A 119 -3.84 5.37 -7.88
N ALA A 120 -3.16 4.26 -8.14
CA ALA A 120 -3.74 2.97 -8.47
C ALA A 120 -2.93 1.89 -7.79
N LEU A 121 -3.60 0.88 -7.21
CA LEU A 121 -3.00 -0.31 -6.65
C LEU A 121 -3.56 -1.50 -7.43
N VAL A 122 -2.69 -2.44 -7.79
CA VAL A 122 -3.00 -3.62 -8.58
C VAL A 122 -2.35 -4.80 -7.91
N LYS A 123 -3.02 -5.96 -7.76
CA LYS A 123 -2.40 -7.11 -7.12
C LYS A 123 -2.28 -8.22 -8.16
N PHE A 124 -1.05 -8.45 -8.64
CA PHE A 124 -0.68 -9.53 -9.57
C PHE A 124 0.30 -10.50 -8.90
N ASP A 125 0.72 -11.55 -9.63
CA ASP A 125 1.74 -12.51 -9.22
C ASP A 125 3.05 -12.13 -9.91
N PRO A 126 4.12 -11.77 -9.19
CA PRO A 126 5.32 -11.17 -9.78
C PRO A 126 6.27 -12.23 -10.35
N GLU A 127 5.75 -13.02 -11.29
CA GLU A 127 6.49 -14.02 -12.05
C GLU A 127 5.88 -14.11 -13.45
N ILE A 128 4.55 -14.25 -13.53
CA ILE A 128 3.87 -14.44 -14.79
C ILE A 128 3.76 -13.11 -15.54
N ILE A 129 3.60 -12.02 -14.80
CA ILE A 129 3.42 -10.68 -15.33
C ILE A 129 4.30 -9.72 -14.54
N GLY A 130 4.50 -8.50 -15.04
CA GLY A 130 5.38 -7.53 -14.44
C GLY A 130 5.02 -6.12 -14.89
N PRO A 131 5.54 -5.10 -14.21
CA PRO A 131 5.14 -3.72 -14.38
C PRO A 131 5.40 -3.20 -15.80
N ARG A 132 6.49 -3.63 -16.44
CA ARG A 132 6.81 -3.22 -17.80
C ARG A 132 5.64 -3.41 -18.77
N ASP A 133 4.91 -4.52 -18.65
CA ASP A 133 3.76 -4.78 -19.51
C ASP A 133 2.69 -3.71 -19.27
N ILE A 134 2.41 -3.44 -17.98
CA ILE A 134 1.42 -2.47 -17.57
C ILE A 134 1.83 -1.08 -18.10
N ILE A 135 3.10 -0.74 -17.95
CA ILE A 135 3.67 0.48 -18.48
C ILE A 135 3.42 0.53 -19.99
N LYS A 136 3.87 -0.45 -20.77
CA LYS A 136 3.61 -0.49 -22.19
C LYS A 136 2.13 -0.28 -22.53
N ILE A 137 1.24 -1.03 -21.87
CA ILE A 137 -0.19 -0.86 -22.03
C ILE A 137 -0.57 0.62 -21.92
N ILE A 138 -0.22 1.27 -20.82
CA ILE A 138 -0.59 2.68 -20.67
C ILE A 138 0.19 3.62 -21.60
N GLU A 139 1.41 3.26 -22.02
CA GLU A 139 2.11 3.98 -23.09
C GLU A 139 1.27 3.93 -24.37
N GLU A 140 0.62 2.80 -24.65
CA GLU A 140 -0.21 2.63 -25.83
C GLU A 140 -1.44 3.56 -25.73
N ILE A 141 -2.00 3.67 -24.52
CA ILE A 141 -3.02 4.69 -24.24
C ILE A 141 -2.42 6.09 -24.43
N GLY A 142 -1.16 6.26 -24.00
CA GLY A 142 -0.43 7.51 -24.02
C GLY A 142 -0.54 8.22 -22.68
N PHE A 143 -0.70 7.48 -21.57
CA PHE A 143 -0.71 8.04 -20.23
C PHE A 143 0.65 7.82 -19.58
N HIS A 144 0.82 8.30 -18.34
CA HIS A 144 2.08 8.19 -17.62
C HIS A 144 1.78 7.57 -16.26
N ALA A 145 2.11 6.29 -16.10
CA ALA A 145 2.01 5.59 -14.84
C ALA A 145 3.40 5.56 -14.22
N SER A 146 3.62 6.41 -13.21
CA SER A 146 4.81 6.37 -12.39
C SER A 146 4.46 5.58 -11.13
N LEU A 147 5.43 5.46 -10.25
CA LEU A 147 5.29 4.91 -8.92
C LEU A 147 4.74 6.03 -8.05
N ALA A 148 3.54 5.83 -7.50
CA ALA A 148 2.96 6.80 -6.59
C ALA A 148 3.83 6.91 -5.33
N GLN A 149 4.23 5.75 -4.81
CA GLN A 149 5.03 5.53 -3.62
C GLN A 149 4.18 5.66 -2.35
N MET A 1 6.22 -16.19 -0.97
CA MET A 1 4.83 -15.76 -1.14
C MET A 1 4.85 -14.25 -1.44
N ALA A 2 3.85 -13.49 -1.01
CA ALA A 2 3.61 -12.12 -1.46
C ALA A 2 3.67 -11.13 -0.30
N PRO A 3 4.86 -10.59 0.06
CA PRO A 3 4.95 -9.52 1.04
C PRO A 3 4.26 -8.26 0.51
N GLN A 4 3.81 -7.37 1.40
CA GLN A 4 3.28 -6.06 1.05
C GLN A 4 3.77 -5.04 2.07
N LYS A 5 3.77 -3.75 1.72
CA LYS A 5 3.97 -2.69 2.70
C LYS A 5 2.58 -2.23 3.15
N CYS A 6 2.45 -1.69 4.35
CA CYS A 6 1.18 -1.18 4.86
C CYS A 6 1.43 0.23 5.38
N PHE A 7 0.75 1.20 4.77
CA PHE A 7 0.87 2.62 5.02
C PHE A 7 -0.26 3.08 5.92
N LEU A 8 0.02 3.29 7.19
CA LEU A 8 -0.96 3.82 8.12
C LEU A 8 -0.41 4.97 8.92
N GLN A 9 -1.33 5.76 9.46
CA GLN A 9 -0.99 6.84 10.37
C GLN A 9 -1.55 6.49 11.74
N ILE A 10 -0.88 7.02 12.76
CA ILE A 10 -1.27 6.90 14.14
C ILE A 10 -1.96 8.22 14.51
N LYS A 11 -3.07 8.17 15.24
CA LYS A 11 -3.69 9.35 15.83
C LYS A 11 -3.70 9.18 17.35
N GLY A 12 -2.72 9.79 18.02
CA GLY A 12 -2.57 9.79 19.47
C GLY A 12 -1.13 10.15 19.83
N MET A 13 -0.29 9.12 20.03
CA MET A 13 1.15 9.22 20.26
C MET A 13 1.52 9.89 21.59
N THR A 14 1.67 9.09 22.65
CA THR A 14 2.11 9.56 23.95
C THR A 14 3.47 10.27 23.91
N CYS A 15 4.34 9.90 22.97
CA CYS A 15 5.66 10.51 22.77
C CYS A 15 6.70 9.99 23.77
N ALA A 16 6.33 9.98 25.06
CA ALA A 16 7.18 9.56 26.18
C ALA A 16 8.07 8.36 25.80
N SER A 17 7.46 7.18 25.61
CA SER A 17 8.16 6.02 25.08
C SER A 17 7.20 4.97 24.53
N CYS A 18 5.97 5.37 24.23
CA CYS A 18 4.93 4.39 23.90
C CYS A 18 5.27 3.79 22.55
N VAL A 19 5.49 4.65 21.55
CA VAL A 19 5.85 4.17 20.22
C VAL A 19 7.07 3.25 20.32
N SER A 20 8.02 3.60 21.19
CA SER A 20 9.22 2.82 21.45
C SER A 20 8.92 1.43 22.02
N ASN A 21 7.92 1.26 22.89
CA ASN A 21 7.51 -0.09 23.28
C ASN A 21 6.75 -0.78 22.15
N ILE A 22 5.88 -0.03 21.47
CA ILE A 22 4.99 -0.55 20.44
C ILE A 22 5.81 -1.15 19.29
N GLU A 23 6.83 -0.46 18.78
CA GLU A 23 7.65 -0.96 17.69
C GLU A 23 8.18 -2.37 18.00
N ARG A 24 8.67 -2.55 19.23
CA ARG A 24 9.24 -3.80 19.71
C ARG A 24 8.17 -4.88 19.76
N ASN A 25 6.98 -4.51 20.25
CA ASN A 25 5.84 -5.39 20.24
C ASN A 25 5.56 -5.86 18.80
N LEU A 26 5.44 -4.93 17.85
CA LEU A 26 5.18 -5.28 16.46
C LEU A 26 6.25 -6.20 15.86
N GLN A 27 7.51 -6.13 16.31
CA GLN A 27 8.52 -7.07 15.82
C GLN A 27 8.08 -8.52 16.03
N LYS A 28 7.15 -8.77 16.96
CA LYS A 28 6.61 -10.08 17.23
C LYS A 28 5.09 -10.07 17.10
N GLU A 29 4.55 -9.26 16.18
CA GLU A 29 3.11 -9.24 15.89
C GLU A 29 2.72 -10.59 15.26
N ALA A 30 3.29 -10.86 14.07
CA ALA A 30 2.94 -11.99 13.22
C ALA A 30 3.97 -12.07 12.10
N GLY A 31 3.56 -12.24 10.84
CA GLY A 31 4.50 -12.36 9.73
C GLY A 31 5.21 -11.04 9.41
N VAL A 32 4.66 -9.92 9.88
CA VAL A 32 5.25 -8.60 9.69
C VAL A 32 6.65 -8.54 10.32
N LEU A 33 7.68 -8.23 9.51
CA LEU A 33 9.04 -8.08 9.99
C LEU A 33 9.66 -6.76 9.53
N SER A 34 8.92 -5.67 9.77
CA SER A 34 9.41 -4.31 9.65
C SER A 34 8.55 -3.43 10.55
N VAL A 35 9.10 -2.31 11.02
CA VAL A 35 8.33 -1.21 11.55
C VAL A 35 9.08 0.03 11.11
N LEU A 36 8.38 1.01 10.56
CA LEU A 36 9.01 2.28 10.22
C LEU A 36 8.02 3.39 10.54
N VAL A 37 8.01 3.80 11.80
CA VAL A 37 7.22 4.92 12.27
C VAL A 37 8.13 6.15 12.36
N ALA A 38 7.58 7.33 12.10
CA ALA A 38 8.23 8.59 12.39
C ALA A 38 7.34 9.34 13.38
N LEU A 39 7.73 9.37 14.66
CA LEU A 39 7.05 10.12 15.70
C LEU A 39 7.03 11.62 15.37
N MET A 40 8.02 12.09 14.61
CA MET A 40 8.16 13.48 14.22
C MET A 40 7.02 13.89 13.29
N ALA A 41 6.89 13.20 12.16
CA ALA A 41 5.88 13.49 11.16
C ALA A 41 4.52 12.89 11.55
N GLY A 42 4.52 11.83 12.35
CA GLY A 42 3.34 11.15 12.82
C GLY A 42 2.81 10.19 11.76
N LYS A 43 3.63 9.23 11.31
CA LYS A 43 3.23 8.26 10.32
C LYS A 43 3.80 6.90 10.69
N ALA A 44 3.09 5.81 10.38
CA ALA A 44 3.51 4.43 10.62
C ALA A 44 3.47 3.59 9.33
N GLU A 45 4.64 3.37 8.72
CA GLU A 45 4.80 2.48 7.59
C GLU A 45 5.35 1.14 8.10
N ILE A 46 4.66 0.01 7.87
CA ILE A 46 5.23 -1.31 8.18
C ILE A 46 5.19 -2.22 6.95
N LYS A 47 5.66 -3.47 7.08
CA LYS A 47 5.77 -4.42 5.98
C LYS A 47 5.26 -5.81 6.34
N TYR A 48 3.97 -6.06 6.10
CA TYR A 48 3.29 -7.29 6.45
C TYR A 48 3.19 -8.30 5.29
N ASP A 49 2.56 -9.44 5.57
CA ASP A 49 2.26 -10.54 4.67
C ASP A 49 0.75 -10.84 4.78
N PRO A 50 -0.07 -10.33 3.84
CA PRO A 50 -1.53 -10.37 3.93
C PRO A 50 -2.12 -11.76 3.63
N GLU A 51 -1.36 -12.82 3.89
CA GLU A 51 -1.81 -14.21 3.95
C GLU A 51 -1.81 -14.70 5.41
N VAL A 52 -1.12 -14.00 6.33
CA VAL A 52 -1.00 -14.37 7.73
C VAL A 52 -1.65 -13.27 8.56
N ILE A 53 -1.14 -12.04 8.46
CA ILE A 53 -1.61 -10.90 9.24
C ILE A 53 -2.22 -9.86 8.31
N GLN A 54 -3.48 -9.47 8.58
CA GLN A 54 -4.27 -8.53 7.80
C GLN A 54 -4.30 -7.15 8.48
N PRO A 55 -4.85 -6.11 7.83
CA PRO A 55 -4.87 -4.78 8.40
C PRO A 55 -5.92 -4.64 9.51
N LEU A 56 -6.86 -5.56 9.63
CA LEU A 56 -7.83 -5.53 10.73
C LEU A 56 -7.15 -5.94 12.04
N GLU A 57 -6.60 -7.16 12.14
CA GLU A 57 -5.92 -7.60 13.35
C GLU A 57 -4.77 -6.67 13.74
N ILE A 58 -4.09 -6.05 12.78
CA ILE A 58 -3.04 -5.09 13.08
C ILE A 58 -3.65 -4.01 13.98
N ALA A 59 -4.84 -3.55 13.58
CA ALA A 59 -5.52 -2.51 14.30
C ALA A 59 -5.86 -2.98 15.70
N GLN A 60 -6.13 -4.26 15.93
CA GLN A 60 -6.43 -4.76 17.26
C GLN A 60 -5.22 -4.57 18.18
N PHE A 61 -4.02 -4.90 17.70
CA PHE A 61 -2.81 -4.66 18.49
C PHE A 61 -2.76 -3.17 18.86
N ILE A 62 -2.87 -2.30 17.86
CA ILE A 62 -2.70 -0.87 18.12
C ILE A 62 -3.79 -0.33 19.07
N GLN A 63 -5.04 -0.76 18.88
CA GLN A 63 -6.17 -0.44 19.75
C GLN A 63 -5.90 -0.92 21.18
N ASP A 64 -5.42 -2.16 21.35
CA ASP A 64 -5.09 -2.72 22.66
C ASP A 64 -4.02 -1.88 23.33
N LEU A 65 -2.94 -1.61 22.58
CA LEU A 65 -1.85 -0.75 23.03
C LEU A 65 -2.39 0.63 23.43
N GLY A 66 -3.40 1.13 22.70
CA GLY A 66 -4.21 2.27 23.11
C GLY A 66 -4.00 3.46 22.18
N PHE A 67 -3.66 3.18 20.92
CA PHE A 67 -3.46 4.16 19.87
C PHE A 67 -4.51 3.90 18.79
N GLU A 68 -4.84 4.91 17.98
CA GLU A 68 -5.66 4.69 16.80
C GLU A 68 -4.71 4.56 15.60
N ALA A 69 -4.70 3.39 14.96
CA ALA A 69 -4.08 3.21 13.65
C ALA A 69 -5.18 3.28 12.60
N ALA A 70 -5.04 4.18 11.63
CA ALA A 70 -5.89 4.21 10.44
C ALA A 70 -5.00 4.21 9.20
N VAL A 71 -5.32 3.33 8.24
CA VAL A 71 -4.56 3.14 7.03
C VAL A 71 -5.09 4.10 5.98
N MET A 72 -4.28 4.35 4.97
CA MET A 72 -4.73 5.04 3.76
C MET A 72 -6.02 4.39 3.23
N GLU A 73 -5.88 3.14 2.80
CA GLU A 73 -6.85 2.26 2.12
C GLU A 73 -6.01 1.24 1.33
N ASP A 74 -5.26 0.39 2.05
CA ASP A 74 -4.30 -0.58 1.49
C ASP A 74 -3.55 0.00 0.28
N TYR A 75 -3.04 1.20 0.52
CA TYR A 75 -2.31 2.01 -0.44
C TYR A 75 -1.02 1.29 -0.85
N ALA A 76 -0.23 1.05 0.18
CA ALA A 76 1.02 0.32 0.20
C ALA A 76 2.04 0.87 -0.80
N GLY A 77 2.21 0.21 -1.95
CA GLY A 77 3.16 0.60 -2.97
C GLY A 77 4.61 0.28 -2.61
N SER A 78 5.11 -0.92 -2.96
CA SER A 78 6.49 -1.36 -2.86
C SER A 78 6.58 -2.81 -3.37
N ASP A 79 6.20 -3.78 -2.54
CA ASP A 79 6.20 -5.20 -2.85
C ASP A 79 4.71 -5.58 -3.02
N GLY A 80 4.27 -6.30 -4.06
CA GLY A 80 2.98 -7.00 -4.03
C GLY A 80 1.87 -6.03 -4.38
N ASN A 81 1.73 -4.96 -3.61
CA ASN A 81 1.06 -3.77 -4.01
C ASN A 81 2.16 -2.85 -4.49
N ILE A 82 2.21 -2.51 -5.78
CA ILE A 82 2.92 -1.32 -6.25
C ILE A 82 1.86 -0.25 -6.42
N GLU A 83 2.28 1.02 -6.42
CA GLU A 83 1.43 2.15 -6.68
C GLU A 83 2.11 2.91 -7.82
N LEU A 84 1.34 3.69 -8.58
CA LEU A 84 1.90 4.63 -9.52
C LEU A 84 1.00 5.86 -9.66
N THR A 85 1.54 6.94 -10.22
CA THR A 85 0.85 8.15 -10.61
C THR A 85 0.59 8.06 -12.11
N ILE A 86 -0.67 8.23 -12.54
CA ILE A 86 -1.04 8.24 -13.96
C ILE A 86 -1.28 9.68 -14.39
N THR A 87 -0.59 10.12 -15.45
CA THR A 87 -0.87 11.41 -16.09
C THR A 87 -1.53 11.17 -17.45
N GLY A 88 -2.15 12.21 -18.01
CA GLY A 88 -2.86 12.17 -19.29
C GLY A 88 -4.36 11.90 -19.13
N MET A 89 -4.73 11.01 -18.21
CA MET A 89 -6.13 10.69 -17.92
C MET A 89 -6.89 11.94 -17.47
N THR A 90 -8.10 12.14 -18.05
CA THR A 90 -9.02 13.23 -17.71
C THR A 90 -10.47 12.76 -17.90
N CYS A 91 -10.80 11.52 -17.51
CA CYS A 91 -12.18 11.02 -17.60
C CYS A 91 -12.34 9.69 -16.85
N ALA A 92 -13.43 9.52 -16.09
CA ALA A 92 -13.70 8.28 -15.36
C ALA A 92 -13.70 7.05 -16.30
N SER A 93 -14.16 7.22 -17.53
CA SER A 93 -14.09 6.18 -18.54
C SER A 93 -12.66 5.71 -18.73
N CYS A 94 -11.69 6.65 -18.75
CA CYS A 94 -10.28 6.30 -18.91
C CYS A 94 -9.85 5.47 -17.71
N VAL A 95 -10.23 5.88 -16.50
CA VAL A 95 -9.97 5.14 -15.28
C VAL A 95 -10.48 3.69 -15.41
N HIS A 96 -11.78 3.51 -15.65
CA HIS A 96 -12.38 2.18 -15.78
C HIS A 96 -11.68 1.35 -16.88
N ASN A 97 -11.38 2.01 -18.00
CA ASN A 97 -10.69 1.41 -19.12
C ASN A 97 -9.31 0.92 -18.69
N ILE A 98 -8.48 1.78 -18.10
CA ILE A 98 -7.17 1.47 -17.53
C ILE A 98 -7.30 0.23 -16.64
N GLU A 99 -8.28 0.26 -15.74
CA GLU A 99 -8.59 -0.84 -14.83
C GLU A 99 -8.88 -2.11 -15.63
N SER A 100 -9.70 -2.02 -16.67
CA SER A 100 -9.93 -3.16 -17.54
C SER A 100 -8.62 -3.67 -18.17
N LYS A 101 -7.75 -2.77 -18.66
CA LYS A 101 -6.53 -3.15 -19.32
C LYS A 101 -5.61 -3.88 -18.34
N LEU A 102 -5.38 -3.29 -17.17
CA LEU A 102 -4.51 -3.92 -16.19
C LEU A 102 -5.14 -5.23 -15.71
N THR A 103 -6.43 -5.25 -15.37
CA THR A 103 -7.16 -6.45 -14.97
C THR A 103 -7.13 -7.54 -16.05
N ARG A 104 -6.89 -7.19 -17.32
CA ARG A 104 -6.69 -8.20 -18.35
C ARG A 104 -5.42 -9.05 -18.12
N THR A 105 -4.48 -8.58 -17.31
CA THR A 105 -3.25 -9.28 -16.98
C THR A 105 -3.54 -10.46 -16.05
N ASN A 106 -2.72 -11.51 -16.14
CA ASN A 106 -2.85 -12.71 -15.31
C ASN A 106 -2.53 -12.44 -13.84
N GLY A 107 -1.40 -11.77 -13.57
CA GLY A 107 -0.84 -11.70 -12.23
C GLY A 107 -1.59 -10.73 -11.32
N ILE A 108 -2.20 -9.71 -11.91
CA ILE A 108 -2.97 -8.74 -11.15
C ILE A 108 -4.27 -9.40 -10.72
N THR A 109 -4.74 -9.11 -9.51
CA THR A 109 -6.06 -9.57 -9.05
C THR A 109 -6.96 -8.43 -8.59
N TYR A 110 -6.41 -7.43 -7.91
CA TYR A 110 -7.18 -6.32 -7.40
C TYR A 110 -6.35 -5.06 -7.61
N ALA A 111 -6.92 -4.06 -8.29
CA ALA A 111 -6.42 -2.70 -8.30
C ALA A 111 -7.48 -1.73 -7.81
N SER A 112 -7.09 -0.48 -7.55
CA SER A 112 -8.00 0.64 -7.49
C SER A 112 -7.31 1.87 -8.06
N VAL A 113 -7.94 2.56 -9.01
CA VAL A 113 -7.42 3.78 -9.61
C VAL A 113 -8.20 5.00 -9.11
N ALA A 114 -7.49 6.00 -8.59
CA ALA A 114 -8.01 7.13 -7.85
C ALA A 114 -7.52 8.45 -8.46
N LEU A 115 -8.39 9.08 -9.25
CA LEU A 115 -8.13 10.27 -10.04
C LEU A 115 -8.04 11.53 -9.17
N ALA A 116 -8.78 11.58 -8.06
CA ALA A 116 -8.70 12.68 -7.11
C ALA A 116 -7.26 12.90 -6.63
N THR A 117 -6.51 11.80 -6.51
CA THR A 117 -5.11 11.78 -6.15
C THR A 117 -4.23 11.45 -7.37
N SER A 118 -4.80 11.15 -8.52
CA SER A 118 -4.08 10.84 -9.75
C SER A 118 -3.15 9.63 -9.61
N LYS A 119 -3.47 8.66 -8.73
CA LYS A 119 -2.66 7.45 -8.63
C LYS A 119 -3.49 6.17 -8.80
N ALA A 120 -2.79 5.07 -9.03
CA ALA A 120 -3.30 3.72 -9.22
C ALA A 120 -2.57 2.82 -8.24
N LEU A 121 -3.33 2.05 -7.44
CA LEU A 121 -2.79 1.06 -6.52
C LEU A 121 -3.10 -0.30 -7.13
N VAL A 122 -2.08 -1.13 -7.35
CA VAL A 122 -2.21 -2.36 -8.12
C VAL A 122 -1.60 -3.49 -7.30
N LYS A 123 -2.37 -4.55 -7.03
CA LYS A 123 -1.89 -5.71 -6.32
C LYS A 123 -1.47 -6.74 -7.38
N PHE A 124 -0.17 -6.76 -7.68
CA PHE A 124 0.48 -7.67 -8.63
C PHE A 124 1.32 -8.73 -7.90
N ASP A 125 2.01 -9.60 -8.66
CA ASP A 125 2.93 -10.60 -8.12
C ASP A 125 4.28 -10.47 -8.84
N PRO A 126 5.36 -10.05 -8.15
CA PRO A 126 6.65 -9.71 -8.74
C PRO A 126 7.51 -10.94 -9.08
N GLU A 127 6.91 -11.89 -9.77
CA GLU A 127 7.57 -13.05 -10.35
C GLU A 127 6.92 -13.32 -11.70
N ILE A 128 5.58 -13.41 -11.72
CA ILE A 128 4.84 -13.71 -12.92
C ILE A 128 4.67 -12.48 -13.79
N ILE A 129 4.58 -11.30 -13.19
CA ILE A 129 4.36 -10.07 -13.92
C ILE A 129 5.15 -8.92 -13.27
N GLY A 130 5.33 -7.80 -13.98
CA GLY A 130 6.27 -6.74 -13.64
C GLY A 130 5.65 -5.35 -13.76
N PRO A 131 6.08 -4.36 -12.96
CA PRO A 131 5.56 -3.00 -13.03
C PRO A 131 5.75 -2.43 -14.44
N ARG A 132 6.88 -2.78 -15.08
CA ARG A 132 7.18 -2.34 -16.42
C ARG A 132 6.08 -2.72 -17.41
N ASP A 133 5.44 -3.88 -17.21
CA ASP A 133 4.38 -4.33 -18.09
C ASP A 133 3.17 -3.42 -17.89
N ILE A 134 2.84 -3.15 -16.62
CA ILE A 134 1.73 -2.28 -16.26
C ILE A 134 1.90 -0.96 -17.03
N ILE A 135 3.05 -0.30 -16.89
CA ILE A 135 3.28 0.96 -17.59
C ILE A 135 3.18 0.73 -19.09
N LYS A 136 3.96 -0.19 -19.67
CA LYS A 136 3.91 -0.45 -21.10
C LYS A 136 2.48 -0.55 -21.63
N ILE A 137 1.60 -1.29 -20.93
CA ILE A 137 0.18 -1.34 -21.24
C ILE A 137 -0.39 0.08 -21.34
N ILE A 138 -0.33 0.91 -20.29
CA ILE A 138 -0.96 2.23 -20.42
C ILE A 138 -0.22 3.19 -21.36
N GLU A 139 1.09 3.02 -21.53
CA GLU A 139 1.86 3.76 -22.53
C GLU A 139 1.38 3.41 -23.94
N GLU A 140 0.97 2.16 -24.18
CA GLU A 140 0.43 1.78 -25.47
C GLU A 140 -0.90 2.50 -25.68
N ILE A 141 -1.68 2.68 -24.62
CA ILE A 141 -2.91 3.47 -24.73
C ILE A 141 -2.55 4.92 -25.05
N GLY A 142 -1.56 5.45 -24.34
CA GLY A 142 -1.10 6.83 -24.45
C GLY A 142 -1.37 7.62 -23.17
N PHE A 143 -1.41 6.95 -22.01
CA PHE A 143 -1.19 7.61 -20.73
C PHE A 143 0.27 7.36 -20.34
N HIS A 144 0.72 7.84 -19.18
CA HIS A 144 2.06 7.54 -18.71
C HIS A 144 1.98 7.27 -17.21
N ALA A 145 2.57 6.16 -16.76
CA ALA A 145 2.58 5.78 -15.37
C ALA A 145 3.97 6.03 -14.80
N SER A 146 4.05 6.93 -13.80
CA SER A 146 5.27 7.21 -13.06
C SER A 146 5.09 6.64 -11.65
N LEU A 147 5.88 5.65 -11.24
CA LEU A 147 5.80 5.08 -9.90
C LEU A 147 6.12 6.18 -8.91
N ALA A 148 5.13 6.54 -8.09
CA ALA A 148 5.34 7.57 -7.08
C ALA A 148 5.93 6.97 -5.80
N GLN A 149 5.52 5.73 -5.49
CA GLN A 149 5.97 4.87 -4.38
C GLN A 149 5.50 5.29 -2.98
N MET A 1 11.38 -13.66 4.50
CA MET A 1 9.99 -13.54 4.03
C MET A 1 9.94 -12.35 3.07
N ALA A 2 8.84 -12.16 2.33
CA ALA A 2 8.76 -11.17 1.26
C ALA A 2 8.80 -9.76 1.85
N PRO A 3 9.91 -9.01 1.71
CA PRO A 3 10.14 -7.83 2.52
C PRO A 3 9.33 -6.64 2.02
N GLN A 4 8.33 -6.26 2.81
CA GLN A 4 7.29 -5.37 2.37
C GLN A 4 7.04 -4.26 3.36
N LYS A 5 7.23 -3.03 2.88
CA LYS A 5 7.09 -1.82 3.66
C LYS A 5 5.66 -1.33 3.55
N CYS A 6 5.18 -0.62 4.57
CA CYS A 6 3.94 0.12 4.51
C CYS A 6 4.08 1.42 5.28
N PHE A 7 3.54 2.51 4.72
CA PHE A 7 3.52 3.84 5.31
C PHE A 7 2.14 4.09 5.93
N LEU A 8 2.07 4.13 7.25
CA LEU A 8 0.87 4.52 7.96
C LEU A 8 1.20 5.67 8.92
N GLN A 9 0.17 6.32 9.43
CA GLN A 9 0.27 7.38 10.41
C GLN A 9 -0.55 6.95 11.62
N ILE A 10 0.01 7.15 12.80
CA ILE A 10 -0.59 6.77 14.05
C ILE A 10 -1.26 8.00 14.63
N LYS A 11 -2.49 7.84 15.15
CA LYS A 11 -3.16 8.85 15.96
C LYS A 11 -3.31 8.29 17.38
N GLY A 12 -3.03 9.13 18.38
CA GLY A 12 -2.99 8.80 19.80
C GLY A 12 -1.81 9.51 20.48
N MET A 13 -0.61 8.93 20.33
CA MET A 13 0.69 9.48 20.69
C MET A 13 0.82 9.89 22.17
N THR A 14 0.59 8.95 23.10
CA THR A 14 0.55 9.22 24.54
C THR A 14 1.67 10.13 25.05
N CYS A 15 2.95 9.73 24.96
CA CYS A 15 4.04 10.55 25.50
C CYS A 15 5.37 10.00 25.01
N ALA A 16 5.54 9.98 23.68
CA ALA A 16 6.74 9.50 23.02
C ALA A 16 7.28 8.21 23.64
N SER A 17 6.38 7.24 23.85
CA SER A 17 6.68 6.01 24.58
C SER A 17 5.65 4.91 24.28
N CYS A 18 4.36 5.24 24.17
CA CYS A 18 3.38 4.19 23.92
C CYS A 18 3.61 3.62 22.52
N VAL A 19 3.83 4.49 21.54
CA VAL A 19 4.18 4.03 20.21
C VAL A 19 5.41 3.14 20.32
N SER A 20 6.37 3.53 21.16
CA SER A 20 7.56 2.70 21.37
C SER A 20 7.22 1.31 21.91
N ASN A 21 6.21 1.22 22.79
CA ASN A 21 5.73 -0.07 23.26
C ASN A 21 5.07 -0.84 22.11
N ILE A 22 4.24 -0.17 21.33
CA ILE A 22 3.58 -0.73 20.14
C ILE A 22 4.64 -1.30 19.19
N GLU A 23 5.71 -0.58 18.88
CA GLU A 23 6.82 -1.06 18.07
C GLU A 23 7.32 -2.43 18.54
N ARG A 24 7.58 -2.55 19.85
CA ARG A 24 8.07 -3.79 20.43
C ARG A 24 7.02 -4.89 20.30
N ASN A 25 5.74 -4.53 20.46
CA ASN A 25 4.65 -5.48 20.28
C ASN A 25 4.65 -6.00 18.84
N LEU A 26 4.64 -5.11 17.84
CA LEU A 26 4.63 -5.53 16.45
C LEU A 26 5.83 -6.40 16.12
N GLN A 27 7.01 -6.11 16.68
CA GLN A 27 8.18 -6.98 16.50
C GLN A 27 7.92 -8.43 16.91
N LYS A 28 6.88 -8.69 17.69
CA LYS A 28 6.48 -10.05 18.06
C LYS A 28 5.06 -10.38 17.57
N GLU A 29 4.53 -9.68 16.57
CA GLU A 29 3.25 -10.03 15.96
C GLU A 29 3.39 -11.35 15.20
N ALA A 30 4.24 -11.36 14.17
CA ALA A 30 4.35 -12.42 13.17
C ALA A 30 5.49 -12.04 12.20
N GLY A 31 5.26 -12.04 10.89
CA GLY A 31 6.31 -11.84 9.88
C GLY A 31 6.80 -10.39 9.75
N VAL A 32 6.49 -9.53 10.72
CA VAL A 32 6.92 -8.14 10.74
C VAL A 32 8.11 -8.02 11.70
N LEU A 33 9.23 -7.53 11.20
CA LEU A 33 10.43 -7.35 12.03
C LEU A 33 11.17 -6.07 11.61
N SER A 34 10.46 -4.96 11.59
CA SER A 34 11.06 -3.64 11.42
C SER A 34 10.07 -2.62 11.93
N VAL A 35 10.59 -1.53 12.49
CA VAL A 35 9.82 -0.42 13.01
C VAL A 35 10.56 0.85 12.60
N LEU A 36 9.95 1.69 11.78
CA LEU A 36 10.53 2.96 11.36
C LEU A 36 9.47 4.05 11.55
N VAL A 37 9.20 4.39 12.80
CA VAL A 37 8.33 5.51 13.14
C VAL A 37 9.21 6.74 13.43
N ALA A 38 8.65 7.93 13.21
CA ALA A 38 9.21 9.15 13.75
C ALA A 38 8.10 9.85 14.53
N LEU A 39 8.14 9.71 15.87
CA LEU A 39 7.26 10.44 16.79
C LEU A 39 7.42 11.96 16.64
N MET A 40 8.53 12.41 16.05
CA MET A 40 8.80 13.82 15.80
C MET A 40 7.80 14.37 14.78
N ALA A 41 7.65 13.66 13.65
CA ALA A 41 6.84 14.08 12.51
C ALA A 41 5.43 13.49 12.57
N GLY A 42 5.30 12.28 13.13
CA GLY A 42 4.05 11.56 13.25
C GLY A 42 3.81 10.66 12.03
N LYS A 43 4.77 9.78 11.73
CA LYS A 43 4.68 8.82 10.65
C LYS A 43 5.21 7.48 11.13
N ALA A 44 4.47 6.39 10.90
CA ALA A 44 4.90 5.02 11.11
C ALA A 44 5.13 4.31 9.78
N GLU A 45 6.38 4.10 9.38
CA GLU A 45 6.72 3.17 8.30
C GLU A 45 7.19 1.88 8.97
N ILE A 46 6.67 0.72 8.57
CA ILE A 46 7.21 -0.55 9.02
C ILE A 46 7.38 -1.50 7.83
N LYS A 47 8.08 -2.63 8.05
CA LYS A 47 8.21 -3.72 7.08
C LYS A 47 7.60 -5.01 7.62
N TYR A 48 6.43 -5.36 7.08
CA TYR A 48 5.74 -6.62 7.25
C TYR A 48 5.98 -7.60 6.08
N ASP A 49 5.31 -8.76 6.12
CA ASP A 49 5.19 -9.71 5.01
C ASP A 49 3.71 -10.05 4.76
N PRO A 50 3.10 -9.64 3.62
CA PRO A 50 1.68 -9.79 3.34
C PRO A 50 1.27 -11.23 2.98
N GLU A 51 2.08 -12.22 3.35
CA GLU A 51 1.74 -13.64 3.29
C GLU A 51 1.30 -14.13 4.67
N VAL A 52 1.96 -13.70 5.75
CA VAL A 52 1.67 -14.19 7.11
C VAL A 52 1.01 -13.11 7.96
N ILE A 53 1.37 -11.84 7.75
CA ILE A 53 0.74 -10.72 8.46
C ILE A 53 0.12 -9.76 7.45
N GLN A 54 -1.14 -9.39 7.68
CA GLN A 54 -1.90 -8.49 6.83
C GLN A 54 -2.12 -7.15 7.54
N PRO A 55 -2.20 -6.04 6.78
CA PRO A 55 -2.39 -4.72 7.33
C PRO A 55 -3.61 -4.62 8.24
N LEU A 56 -4.72 -5.26 7.86
CA LEU A 56 -5.94 -5.30 8.67
C LEU A 56 -5.66 -5.87 10.07
N GLU A 57 -4.98 -7.02 10.13
CA GLU A 57 -4.65 -7.68 11.38
C GLU A 57 -3.78 -6.76 12.25
N ILE A 58 -2.83 -6.06 11.60
CA ILE A 58 -2.03 -5.04 12.26
C ILE A 58 -2.98 -4.05 12.91
N ALA A 59 -3.94 -3.56 12.12
CA ALA A 59 -4.85 -2.52 12.57
C ALA A 59 -5.61 -2.96 13.82
N GLN A 60 -6.05 -4.22 13.85
CA GLN A 60 -6.70 -4.80 15.02
C GLN A 60 -5.78 -4.69 16.24
N PHE A 61 -4.50 -5.03 16.09
CA PHE A 61 -3.53 -4.89 17.18
C PHE A 61 -3.55 -3.45 17.69
N ILE A 62 -3.43 -2.48 16.78
CA ILE A 62 -3.41 -1.06 17.15
C ILE A 62 -4.71 -0.67 17.90
N GLN A 63 -5.86 -1.10 17.39
CA GLN A 63 -7.15 -0.84 18.01
C GLN A 63 -7.24 -1.47 19.40
N ASP A 64 -6.78 -2.71 19.58
CA ASP A 64 -6.75 -3.36 20.89
C ASP A 64 -5.86 -2.58 21.85
N LEU A 65 -4.65 -2.23 21.40
CA LEU A 65 -3.72 -1.40 22.15
C LEU A 65 -4.31 -0.02 22.46
N GLY A 66 -5.23 0.46 21.63
CA GLY A 66 -6.10 1.59 21.94
C GLY A 66 -5.62 2.84 21.21
N PHE A 67 -5.21 2.66 19.95
CA PHE A 67 -4.74 3.70 19.06
C PHE A 67 -5.45 3.53 17.72
N GLU A 68 -5.31 4.51 16.81
CA GLU A 68 -5.75 4.36 15.44
C GLU A 68 -4.52 4.41 14.54
N ALA A 69 -4.31 3.35 13.76
CA ALA A 69 -3.42 3.37 12.61
C ALA A 69 -4.31 3.56 11.39
N ALA A 70 -4.12 4.67 10.67
CA ALA A 70 -4.67 4.86 9.35
C ALA A 70 -3.48 5.00 8.41
N VAL A 71 -3.61 4.48 7.20
CA VAL A 71 -2.56 4.52 6.22
C VAL A 71 -2.42 5.94 5.74
N MET A 72 -1.22 6.31 5.31
CA MET A 72 -1.01 7.62 4.72
C MET A 72 -1.91 7.80 3.48
N GLU A 73 -2.22 6.65 2.84
CA GLU A 73 -3.08 6.38 1.70
C GLU A 73 -2.28 5.66 0.59
N ASP A 74 -0.95 5.58 0.73
CA ASP A 74 -0.05 4.80 -0.13
C ASP A 74 -0.17 3.31 0.16
N TYR A 75 0.00 2.89 1.41
CA TYR A 75 0.24 1.52 1.83
C TYR A 75 1.50 0.85 1.25
N ALA A 76 1.97 1.24 0.04
CA ALA A 76 3.24 0.89 -0.61
C ALA A 76 3.02 -0.10 -1.76
N GLY A 77 3.86 -1.13 -1.87
CA GLY A 77 3.75 -2.29 -2.72
C GLY A 77 3.74 -3.53 -1.85
N SER A 78 2.61 -3.84 -1.21
CA SER A 78 2.42 -5.06 -0.44
C SER A 78 2.39 -6.26 -1.40
N ASP A 79 3.58 -6.67 -1.86
CA ASP A 79 3.88 -7.69 -2.87
C ASP A 79 2.65 -8.33 -3.50
N GLY A 80 2.28 -7.88 -4.70
CA GLY A 80 1.02 -8.23 -5.28
C GLY A 80 -0.02 -7.18 -4.98
N ASN A 81 0.31 -6.12 -4.24
CA ASN A 81 -0.59 -4.97 -4.04
C ASN A 81 0.20 -3.67 -4.00
N ILE A 82 0.31 -2.96 -5.12
CA ILE A 82 0.98 -1.71 -5.25
C ILE A 82 -0.02 -0.70 -5.80
N GLU A 83 0.14 0.55 -5.35
CA GLU A 83 -0.59 1.71 -5.83
C GLU A 83 0.33 2.63 -6.63
N LEU A 84 -0.25 3.30 -7.62
CA LEU A 84 0.47 4.22 -8.52
C LEU A 84 -0.41 5.43 -8.81
N THR A 85 0.13 6.56 -9.29
CA THR A 85 -0.65 7.70 -9.73
C THR A 85 -0.79 7.65 -11.24
N ILE A 86 -1.98 7.95 -11.76
CA ILE A 86 -2.19 8.00 -13.19
C ILE A 86 -2.01 9.44 -13.64
N THR A 87 -1.02 9.67 -14.48
CA THR A 87 -0.82 10.95 -15.15
C THR A 87 -1.40 10.81 -16.55
N GLY A 88 -2.33 11.72 -16.91
CA GLY A 88 -2.93 11.82 -18.23
C GLY A 88 -4.45 11.61 -18.16
N MET A 89 -4.90 10.63 -17.39
CA MET A 89 -6.31 10.38 -17.12
C MET A 89 -6.99 11.65 -16.59
N THR A 90 -8.04 12.14 -17.28
CA THR A 90 -8.96 13.14 -16.76
C THR A 90 -10.22 13.24 -17.63
N CYS A 91 -10.60 12.17 -18.33
CA CYS A 91 -11.61 12.23 -19.38
C CYS A 91 -11.95 10.83 -19.87
N ALA A 92 -13.03 10.73 -20.65
CA ALA A 92 -13.57 9.53 -21.28
C ALA A 92 -13.94 8.43 -20.27
N SER A 93 -13.87 8.72 -18.97
CA SER A 93 -13.67 7.73 -17.93
C SER A 93 -12.67 6.67 -18.40
N CYS A 94 -11.55 7.14 -18.96
CA CYS A 94 -10.47 6.29 -19.47
C CYS A 94 -9.93 5.33 -18.41
N VAL A 95 -10.15 5.64 -17.14
CA VAL A 95 -10.17 4.68 -16.03
C VAL A 95 -10.64 3.30 -16.49
N HIS A 96 -11.83 3.21 -17.10
CA HIS A 96 -12.41 1.96 -17.55
C HIS A 96 -11.48 1.25 -18.55
N ASN A 97 -10.88 2.01 -19.45
CA ASN A 97 -9.93 1.47 -20.42
C ASN A 97 -8.69 0.94 -19.69
N ILE A 98 -8.14 1.70 -18.75
CA ILE A 98 -6.96 1.30 -17.98
C ILE A 98 -7.26 0.01 -17.21
N GLU A 99 -8.35 0.02 -16.44
CA GLU A 99 -8.88 -1.08 -15.67
C GLU A 99 -9.11 -2.28 -16.60
N SER A 100 -9.67 -2.05 -17.79
CA SER A 100 -9.81 -3.10 -18.78
C SER A 100 -8.43 -3.66 -19.15
N LYS A 101 -7.46 -2.81 -19.51
CA LYS A 101 -6.13 -3.24 -19.91
C LYS A 101 -5.51 -4.12 -18.84
N LEU A 102 -5.48 -3.64 -17.61
CA LEU A 102 -4.91 -4.42 -16.53
C LEU A 102 -5.74 -5.69 -16.28
N THR A 103 -7.07 -5.57 -16.17
CA THR A 103 -7.97 -6.70 -15.94
C THR A 103 -7.96 -7.71 -17.09
N ARG A 104 -7.49 -7.31 -18.28
CA ARG A 104 -7.26 -8.30 -19.34
C ARG A 104 -6.18 -9.31 -18.95
N THR A 105 -5.29 -9.00 -17.98
CA THR A 105 -4.23 -9.92 -17.63
C THR A 105 -4.76 -11.00 -16.67
N ASN A 106 -3.96 -12.02 -16.42
CA ASN A 106 -4.35 -13.17 -15.60
C ASN A 106 -4.22 -12.85 -14.11
N GLY A 107 -3.09 -12.28 -13.70
CA GLY A 107 -2.76 -12.16 -12.28
C GLY A 107 -3.63 -11.15 -11.55
N ILE A 108 -3.97 -10.04 -12.20
CA ILE A 108 -4.67 -8.96 -11.54
C ILE A 108 -6.07 -9.44 -11.14
N THR A 109 -6.40 -9.35 -9.85
CA THR A 109 -7.68 -9.82 -9.33
C THR A 109 -8.64 -8.65 -9.09
N TYR A 110 -8.21 -7.62 -8.37
CA TYR A 110 -9.06 -6.49 -8.06
C TYR A 110 -8.25 -5.21 -8.15
N ALA A 111 -8.53 -4.36 -9.15
CA ALA A 111 -8.01 -3.01 -9.14
C ALA A 111 -9.07 -2.08 -8.59
N SER A 112 -8.63 -0.94 -8.04
CA SER A 112 -9.52 0.14 -7.68
C SER A 112 -8.79 1.45 -7.97
N VAL A 113 -8.98 2.02 -9.16
CA VAL A 113 -8.34 3.28 -9.52
C VAL A 113 -9.34 4.41 -9.26
N ALA A 114 -8.86 5.54 -8.73
CA ALA A 114 -9.71 6.61 -8.20
C ALA A 114 -9.19 7.96 -8.71
N LEU A 115 -9.95 8.57 -9.62
CA LEU A 115 -9.52 9.76 -10.34
C LEU A 115 -9.45 11.01 -9.45
N ALA A 116 -10.25 11.06 -8.39
CA ALA A 116 -10.36 12.20 -7.48
C ALA A 116 -8.98 12.55 -6.92
N THR A 117 -8.23 11.49 -6.61
CA THR A 117 -6.86 11.50 -6.13
C THR A 117 -5.92 11.24 -7.31
N SER A 118 -6.40 10.50 -8.32
CA SER A 118 -5.65 10.03 -9.47
C SER A 118 -4.69 8.93 -9.07
N LYS A 119 -5.13 8.02 -8.18
CA LYS A 119 -4.38 6.83 -7.84
C LYS A 119 -4.93 5.60 -8.58
N ALA A 120 -4.13 4.54 -8.62
CA ALA A 120 -4.40 3.27 -9.29
C ALA A 120 -3.88 2.14 -8.42
N LEU A 121 -4.79 1.37 -7.80
CA LEU A 121 -4.45 0.22 -6.96
C LEU A 121 -4.56 -1.02 -7.82
N VAL A 122 -3.54 -1.87 -7.78
CA VAL A 122 -3.40 -3.04 -8.62
C VAL A 122 -3.04 -4.23 -7.75
N LYS A 123 -3.94 -5.22 -7.65
CA LYS A 123 -3.71 -6.44 -6.91
C LYS A 123 -3.33 -7.56 -7.87
N PHE A 124 -2.04 -7.78 -8.12
CA PHE A 124 -1.57 -8.89 -8.96
C PHE A 124 -0.88 -9.96 -8.13
N ASP A 125 -0.34 -11.01 -8.77
CA ASP A 125 0.45 -12.04 -8.11
C ASP A 125 1.92 -11.85 -8.56
N PRO A 126 2.86 -11.51 -7.65
CA PRO A 126 4.16 -10.97 -8.02
C PRO A 126 5.13 -12.06 -8.46
N GLU A 127 4.84 -12.65 -9.63
CA GLU A 127 5.67 -13.65 -10.29
C GLU A 127 5.27 -13.75 -11.76
N ILE A 128 3.96 -13.82 -12.01
CA ILE A 128 3.40 -14.03 -13.33
C ILE A 128 3.40 -12.73 -14.13
N ILE A 129 3.09 -11.64 -13.45
CA ILE A 129 3.05 -10.31 -14.04
C ILE A 129 3.81 -9.35 -13.12
N GLY A 130 4.07 -8.12 -13.57
CA GLY A 130 4.76 -7.11 -12.79
C GLY A 130 4.25 -5.71 -13.13
N PRO A 131 4.44 -4.73 -12.24
CA PRO A 131 3.93 -3.38 -12.41
C PRO A 131 4.53 -2.72 -13.65
N ARG A 132 5.78 -3.06 -13.95
CA ARG A 132 6.50 -2.62 -15.14
C ARG A 132 5.68 -2.85 -16.40
N ASP A 133 4.96 -3.97 -16.44
CA ASP A 133 4.20 -4.34 -17.61
C ASP A 133 3.03 -3.38 -17.73
N ILE A 134 2.36 -3.14 -16.60
CA ILE A 134 1.19 -2.29 -16.54
C ILE A 134 1.57 -0.89 -16.99
N ILE A 135 2.62 -0.29 -16.40
CA ILE A 135 3.10 1.01 -16.85
C ILE A 135 3.29 0.97 -18.36
N LYS A 136 4.12 0.04 -18.87
CA LYS A 136 4.35 0.01 -20.30
C LYS A 136 3.07 -0.08 -21.14
N ILE A 137 2.13 -0.94 -20.74
CA ILE A 137 0.83 -1.05 -21.41
C ILE A 137 0.15 0.32 -21.45
N ILE A 138 0.06 1.02 -20.31
CA ILE A 138 -0.61 2.32 -20.34
C ILE A 138 0.21 3.39 -21.08
N GLU A 139 1.55 3.29 -21.10
CA GLU A 139 2.37 4.20 -21.90
C GLU A 139 1.98 4.10 -23.38
N GLU A 140 1.53 2.92 -23.82
CA GLU A 140 1.03 2.76 -25.18
C GLU A 140 -0.17 3.69 -25.40
N ILE A 141 -1.06 3.75 -24.40
CA ILE A 141 -2.23 4.61 -24.45
C ILE A 141 -1.81 6.08 -24.29
N GLY A 142 -0.75 6.30 -23.52
CA GLY A 142 -0.17 7.60 -23.24
C GLY A 142 -0.50 8.06 -21.82
N PHE A 143 -0.81 7.12 -20.91
CA PHE A 143 -0.87 7.43 -19.49
C PHE A 143 0.36 6.84 -18.80
N HIS A 144 0.73 7.37 -17.64
CA HIS A 144 1.89 6.92 -16.88
C HIS A 144 1.43 6.59 -15.46
N ALA A 145 1.91 5.49 -14.87
CA ALA A 145 1.58 5.06 -13.52
C ALA A 145 2.82 5.22 -12.65
N SER A 146 2.83 6.17 -11.71
CA SER A 146 3.94 6.35 -10.76
C SER A 146 3.42 6.71 -9.37
N LEU A 147 3.75 5.93 -8.32
CA LEU A 147 3.46 6.13 -6.90
C LEU A 147 2.66 7.40 -6.58
N ALA A 148 1.37 7.22 -6.31
CA ALA A 148 0.50 8.33 -5.95
C ALA A 148 0.79 8.81 -4.53
N GLN A 149 1.13 7.88 -3.64
CA GLN A 149 1.39 8.14 -2.23
C GLN A 149 0.41 9.15 -1.60
N MET A 1 10.89 -14.03 5.19
CA MET A 1 9.49 -13.91 4.75
C MET A 1 9.45 -12.78 3.72
N ALA A 2 8.30 -12.42 3.15
CA ALA A 2 8.17 -11.49 2.04
C ALA A 2 8.00 -10.05 2.56
N PRO A 3 9.04 -9.20 2.50
CA PRO A 3 9.03 -7.94 3.21
C PRO A 3 8.25 -6.87 2.46
N GLN A 4 7.11 -6.49 3.02
CA GLN A 4 6.16 -5.55 2.44
C GLN A 4 6.03 -4.35 3.35
N LYS A 5 6.08 -3.15 2.76
CA LYS A 5 6.18 -1.89 3.47
C LYS A 5 4.77 -1.34 3.61
N CYS A 6 4.43 -0.80 4.78
CA CYS A 6 3.14 -0.16 5.05
C CYS A 6 3.38 1.25 5.56
N PHE A 7 2.50 2.18 5.21
CA PHE A 7 2.62 3.61 5.47
C PHE A 7 1.42 4.06 6.29
N LEU A 8 1.52 4.04 7.63
CA LEU A 8 0.43 4.48 8.49
C LEU A 8 0.91 5.56 9.44
N GLN A 9 -0.02 6.23 10.11
CA GLN A 9 0.32 7.02 11.27
C GLN A 9 -0.18 6.29 12.51
N ILE A 10 0.23 6.75 13.69
CA ILE A 10 -0.38 6.40 14.93
C ILE A 10 -1.24 7.60 15.31
N LYS A 11 -2.54 7.43 15.49
CA LYS A 11 -3.41 8.51 15.86
C LYS A 11 -3.54 8.40 17.38
N GLY A 12 -2.78 9.22 18.12
CA GLY A 12 -2.82 9.27 19.58
C GLY A 12 -1.50 9.78 20.18
N MET A 13 -0.40 9.07 19.90
CA MET A 13 0.97 9.30 20.35
C MET A 13 1.09 10.15 21.63
N THR A 14 0.98 9.52 22.80
CA THR A 14 0.97 10.24 24.08
C THR A 14 2.22 11.11 24.27
N CYS A 15 3.40 10.48 24.19
CA CYS A 15 4.75 11.05 24.34
C CYS A 15 5.55 10.12 25.23
N ALA A 16 5.09 9.92 26.48
CA ALA A 16 5.82 9.32 27.60
C ALA A 16 6.87 8.30 27.15
N SER A 17 6.40 7.16 26.65
CA SER A 17 7.19 6.22 25.85
C SER A 17 6.27 5.25 25.12
N CYS A 18 5.06 5.72 24.82
CA CYS A 18 4.01 4.84 24.36
C CYS A 18 4.24 4.43 22.91
N VAL A 19 4.68 5.39 22.07
CA VAL A 19 5.14 5.06 20.74
C VAL A 19 6.24 3.99 20.85
N SER A 20 7.15 4.18 21.79
CA SER A 20 8.24 3.25 22.02
C SER A 20 7.68 1.85 22.29
N ASN A 21 6.65 1.74 23.14
CA ASN A 21 6.01 0.45 23.40
C ASN A 21 5.32 -0.10 22.16
N ILE A 22 4.72 0.78 21.34
CA ILE A 22 4.11 0.44 20.07
C ILE A 22 5.09 -0.37 19.23
N GLU A 23 6.35 0.08 19.15
CA GLU A 23 7.35 -0.60 18.36
C GLU A 23 7.51 -2.05 18.81
N ARG A 24 7.68 -2.27 20.12
CA ARG A 24 7.85 -3.62 20.64
C ARG A 24 6.60 -4.45 20.42
N ASN A 25 5.43 -3.82 20.49
CA ASN A 25 4.17 -4.52 20.26
C ASN A 25 4.11 -4.95 18.80
N LEU A 26 4.14 -4.00 17.87
CA LEU A 26 4.09 -4.30 16.44
C LEU A 26 5.16 -5.31 16.04
N GLN A 27 6.42 -5.10 16.40
CA GLN A 27 7.46 -6.03 15.95
C GLN A 27 7.26 -7.46 16.45
N LYS A 28 6.43 -7.62 17.50
CA LYS A 28 5.98 -8.91 18.01
C LYS A 28 4.61 -9.36 17.47
N GLU A 29 3.93 -8.58 16.62
CA GLU A 29 2.68 -8.97 15.99
C GLU A 29 2.80 -10.37 15.35
N ALA A 30 3.73 -10.51 14.40
CA ALA A 30 4.09 -11.77 13.73
C ALA A 30 5.12 -11.49 12.64
N GLY A 31 4.69 -11.37 11.37
CA GLY A 31 5.58 -11.28 10.23
C GLY A 31 6.19 -9.89 10.03
N VAL A 32 5.86 -8.92 10.88
CA VAL A 32 6.40 -7.57 10.81
C VAL A 32 7.65 -7.47 11.68
N LEU A 33 8.82 -7.25 11.07
CA LEU A 33 10.07 -7.15 11.80
C LEU A 33 10.81 -5.90 11.34
N SER A 34 10.13 -4.76 11.36
CA SER A 34 10.74 -3.46 11.12
C SER A 34 9.82 -2.42 11.70
N VAL A 35 10.31 -1.64 12.66
CA VAL A 35 9.62 -0.49 13.23
C VAL A 35 10.28 0.78 12.74
N LEU A 36 9.53 1.67 12.08
CA LEU A 36 10.09 2.96 11.73
C LEU A 36 9.04 4.06 11.99
N VAL A 37 8.94 4.50 13.25
CA VAL A 37 8.10 5.61 13.63
C VAL A 37 8.92 6.87 13.85
N ALA A 38 8.54 7.96 13.19
CA ALA A 38 9.07 9.28 13.46
C ALA A 38 8.05 9.99 14.35
N LEU A 39 8.27 10.00 15.67
CA LEU A 39 7.46 10.77 16.61
C LEU A 39 7.48 12.27 16.25
N MET A 40 8.54 12.72 15.59
CA MET A 40 8.74 14.11 15.20
C MET A 40 7.73 14.52 14.12
N ALA A 41 7.74 13.79 13.00
CA ALA A 41 6.89 14.08 11.86
C ALA A 41 5.50 13.47 12.02
N GLY A 42 5.39 12.39 12.81
CA GLY A 42 4.17 11.67 13.07
C GLY A 42 3.85 10.71 11.92
N LYS A 43 4.74 9.76 11.64
CA LYS A 43 4.47 8.74 10.66
C LYS A 43 5.04 7.44 11.18
N ALA A 44 4.26 6.36 11.14
CA ALA A 44 4.71 5.01 11.43
C ALA A 44 4.72 4.16 10.15
N GLU A 45 5.92 3.94 9.57
CA GLU A 45 6.08 2.95 8.52
C GLU A 45 6.73 1.72 9.12
N ILE A 46 6.25 0.55 8.72
CA ILE A 46 6.70 -0.73 9.20
C ILE A 46 6.72 -1.68 8.01
N LYS A 47 7.37 -2.84 8.18
CA LYS A 47 7.63 -3.79 7.12
C LYS A 47 7.07 -5.16 7.50
N TYR A 48 5.81 -5.39 7.13
CA TYR A 48 5.03 -6.57 7.42
C TYR A 48 5.08 -7.60 6.28
N ASP A 49 4.35 -8.70 6.47
CA ASP A 49 4.27 -9.84 5.58
C ASP A 49 2.80 -10.19 5.35
N PRO A 50 2.15 -9.70 4.27
CA PRO A 50 0.72 -9.91 4.05
C PRO A 50 0.29 -11.37 4.04
N GLU A 51 1.22 -12.28 3.77
CA GLU A 51 1.00 -13.71 3.76
C GLU A 51 0.62 -14.26 5.14
N VAL A 52 1.14 -13.66 6.23
CA VAL A 52 0.91 -14.17 7.58
C VAL A 52 0.32 -13.12 8.54
N ILE A 53 0.55 -11.83 8.31
CA ILE A 53 -0.06 -10.75 9.08
C ILE A 53 -0.80 -9.83 8.11
N GLN A 54 -2.04 -9.46 8.41
CA GLN A 54 -2.84 -8.52 7.64
C GLN A 54 -2.95 -7.18 8.39
N PRO A 55 -3.16 -6.07 7.66
CA PRO A 55 -3.25 -4.74 8.26
C PRO A 55 -4.42 -4.67 9.26
N LEU A 56 -5.52 -5.35 8.97
CA LEU A 56 -6.70 -5.37 9.83
C LEU A 56 -6.39 -5.95 11.23
N GLU A 57 -5.64 -7.04 11.27
CA GLU A 57 -5.21 -7.68 12.50
C GLU A 57 -4.21 -6.77 13.23
N ILE A 58 -3.29 -6.15 12.46
CA ILE A 58 -2.36 -5.15 12.98
C ILE A 58 -3.19 -4.14 13.75
N ALA A 59 -4.24 -3.63 13.10
CA ALA A 59 -5.06 -2.60 13.68
C ALA A 59 -5.62 -3.07 15.01
N GLN A 60 -6.08 -4.33 15.06
CA GLN A 60 -6.63 -4.94 16.26
C GLN A 60 -5.64 -4.82 17.41
N PHE A 61 -4.38 -5.18 17.16
CA PHE A 61 -3.33 -5.11 18.17
C PHE A 61 -3.19 -3.67 18.67
N ILE A 62 -3.20 -2.71 17.73
CA ILE A 62 -3.09 -1.30 18.10
C ILE A 62 -4.27 -0.86 18.96
N GLN A 63 -5.49 -1.26 18.58
CA GLN A 63 -6.67 -0.88 19.33
C GLN A 63 -6.61 -1.50 20.74
N ASP A 64 -6.23 -2.77 20.83
CA ASP A 64 -6.08 -3.49 22.08
C ASP A 64 -5.09 -2.76 22.98
N LEU A 65 -3.90 -2.43 22.44
CA LEU A 65 -2.86 -1.81 23.23
C LEU A 65 -3.30 -0.43 23.70
N GLY A 66 -4.04 0.31 22.85
CA GLY A 66 -4.79 1.48 23.27
C GLY A 66 -4.52 2.70 22.39
N PHE A 67 -4.14 2.48 21.12
CA PHE A 67 -4.00 3.52 20.12
C PHE A 67 -4.95 3.29 18.95
N GLU A 68 -4.94 4.22 17.99
CA GLU A 68 -5.45 3.97 16.65
C GLU A 68 -4.24 3.93 15.72
N ALA A 69 -4.28 3.02 14.73
CA ALA A 69 -3.38 3.10 13.59
C ALA A 69 -4.23 3.24 12.33
N ALA A 70 -3.89 4.19 11.46
CA ALA A 70 -4.55 4.34 10.16
C ALA A 70 -3.51 4.55 9.06
N VAL A 71 -3.57 3.68 8.05
CA VAL A 71 -2.80 3.75 6.82
C VAL A 71 -3.30 4.92 5.98
N MET A 72 -2.39 5.53 5.22
CA MET A 72 -2.71 6.69 4.40
C MET A 72 -3.99 6.46 3.60
N GLU A 73 -4.04 5.34 2.88
CA GLU A 73 -5.12 4.87 2.03
C GLU A 73 -4.70 3.42 1.81
N ASP A 74 -5.38 2.43 2.39
CA ASP A 74 -4.84 1.09 2.47
C ASP A 74 -4.43 0.56 1.10
N TYR A 75 -3.15 0.21 1.04
CA TYR A 75 -2.42 0.07 -0.21
C TYR A 75 -1.31 -0.95 0.00
N ALA A 76 -0.26 -0.53 0.71
CA ALA A 76 0.94 -1.31 1.05
C ALA A 76 2.02 -1.02 0.02
N GLY A 77 2.04 -1.80 -1.05
CA GLY A 77 2.91 -1.54 -2.18
C GLY A 77 4.32 -2.04 -2.02
N SER A 78 4.56 -3.30 -2.37
CA SER A 78 5.91 -3.80 -2.58
C SER A 78 5.91 -5.11 -3.37
N ASP A 79 5.00 -6.04 -3.08
CA ASP A 79 4.83 -7.30 -3.80
C ASP A 79 3.34 -7.63 -3.76
N GLY A 80 2.75 -8.08 -4.88
CA GLY A 80 1.37 -8.48 -4.94
C GLY A 80 0.54 -7.23 -5.13
N ASN A 81 0.62 -6.34 -4.15
CA ASN A 81 0.11 -4.99 -4.19
C ASN A 81 1.27 -4.07 -4.52
N ILE A 82 1.01 -3.18 -5.47
CA ILE A 82 1.78 -2.00 -5.85
C ILE A 82 0.72 -0.95 -6.19
N GLU A 83 1.09 0.34 -6.20
CA GLU A 83 0.29 1.38 -6.77
C GLU A 83 1.09 1.95 -7.92
N LEU A 84 0.41 2.52 -8.92
CA LEU A 84 1.05 3.41 -9.88
C LEU A 84 0.29 4.72 -9.96
N THR A 85 1.02 5.81 -10.20
CA THR A 85 0.48 7.15 -10.35
C THR A 85 0.23 7.36 -11.85
N ILE A 86 -1.02 7.56 -12.23
CA ILE A 86 -1.43 7.67 -13.62
C ILE A 86 -1.52 9.13 -14.02
N THR A 87 -0.53 9.60 -14.77
CA THR A 87 -0.51 10.95 -15.31
C THR A 87 -1.02 10.88 -16.75
N GLY A 88 -1.90 11.83 -17.12
CA GLY A 88 -2.48 11.97 -18.45
C GLY A 88 -4.00 11.86 -18.44
N MET A 89 -4.55 11.05 -17.53
CA MET A 89 -5.98 10.83 -17.46
C MET A 89 -6.76 12.11 -17.09
N THR A 90 -8.06 12.12 -17.37
CA THR A 90 -9.01 13.14 -16.90
C THR A 90 -10.45 12.74 -17.26
N CYS A 91 -10.83 11.46 -17.15
CA CYS A 91 -12.16 11.02 -17.56
C CYS A 91 -12.49 9.63 -17.00
N ALA A 92 -13.69 9.47 -16.44
CA ALA A 92 -14.16 8.18 -15.93
C ALA A 92 -14.20 7.13 -17.03
N SER A 93 -14.60 7.50 -18.25
CA SER A 93 -14.55 6.58 -19.39
C SER A 93 -13.12 6.06 -19.58
N CYS A 94 -12.13 6.96 -19.55
CA CYS A 94 -10.73 6.57 -19.66
C CYS A 94 -10.34 5.64 -18.51
N VAL A 95 -10.76 5.96 -17.29
CA VAL A 95 -10.50 5.11 -16.13
C VAL A 95 -11.06 3.70 -16.34
N HIS A 96 -12.33 3.62 -16.72
CA HIS A 96 -13.02 2.36 -16.98
C HIS A 96 -12.30 1.59 -18.09
N ASN A 97 -11.82 2.31 -19.10
CA ASN A 97 -11.05 1.72 -20.19
C ASN A 97 -9.76 1.12 -19.65
N ILE A 98 -9.00 1.88 -18.88
CA ILE A 98 -7.76 1.41 -18.25
C ILE A 98 -8.06 0.17 -17.42
N GLU A 99 -8.99 0.29 -16.47
CA GLU A 99 -9.42 -0.80 -15.62
C GLU A 99 -9.84 -2.02 -16.46
N SER A 100 -10.57 -1.83 -17.56
CA SER A 100 -10.95 -2.95 -18.40
C SER A 100 -9.68 -3.62 -19.00
N LYS A 101 -8.79 -2.84 -19.65
CA LYS A 101 -7.67 -3.46 -20.33
C LYS A 101 -6.76 -4.18 -19.35
N LEU A 102 -6.51 -3.61 -18.16
CA LEU A 102 -5.69 -4.27 -17.17
C LEU A 102 -6.44 -5.48 -16.62
N THR A 103 -7.73 -5.36 -16.28
CA THR A 103 -8.55 -6.48 -15.82
C THR A 103 -8.57 -7.62 -16.85
N ARG A 104 -8.35 -7.31 -18.13
CA ARG A 104 -8.22 -8.34 -19.16
C ARG A 104 -7.03 -9.29 -18.92
N THR A 105 -6.04 -8.88 -18.13
CA THR A 105 -4.85 -9.66 -17.81
C THR A 105 -5.21 -10.90 -16.98
N ASN A 106 -4.42 -11.97 -17.13
CA ASN A 106 -4.58 -13.21 -16.37
C ASN A 106 -4.27 -13.02 -14.88
N GLY A 107 -3.10 -12.43 -14.58
CA GLY A 107 -2.57 -12.37 -13.22
C GLY A 107 -3.24 -11.32 -12.35
N ILE A 108 -3.79 -10.27 -12.96
CA ILE A 108 -4.41 -9.20 -12.21
C ILE A 108 -5.71 -9.72 -11.59
N THR A 109 -5.99 -9.32 -10.36
CA THR A 109 -7.14 -9.82 -9.62
C THR A 109 -8.14 -8.71 -9.32
N TYR A 110 -7.71 -7.73 -8.54
CA TYR A 110 -8.51 -6.55 -8.28
C TYR A 110 -7.63 -5.33 -8.39
N ALA A 111 -7.93 -4.43 -9.32
CA ALA A 111 -7.36 -3.10 -9.31
C ALA A 111 -8.41 -2.09 -8.84
N SER A 112 -7.96 -0.92 -8.40
CA SER A 112 -8.80 0.24 -8.15
C SER A 112 -8.03 1.49 -8.58
N VAL A 113 -8.47 2.15 -9.64
CA VAL A 113 -7.84 3.33 -10.22
C VAL A 113 -8.57 4.60 -9.73
N ALA A 114 -7.87 5.55 -9.08
CA ALA A 114 -8.50 6.70 -8.45
C ALA A 114 -7.85 8.04 -8.85
N LEU A 115 -8.60 8.88 -9.59
CA LEU A 115 -8.08 10.09 -10.21
C LEU A 115 -7.93 11.25 -9.21
N ALA A 116 -8.86 11.37 -8.26
CA ALA A 116 -8.84 12.43 -7.25
C ALA A 116 -7.51 12.43 -6.50
N THR A 117 -7.03 11.23 -6.20
CA THR A 117 -5.75 11.00 -5.53
C THR A 117 -4.63 10.90 -6.57
N SER A 118 -4.90 10.32 -7.76
CA SER A 118 -3.99 10.23 -8.91
C SER A 118 -3.18 8.95 -8.85
N LYS A 119 -3.59 7.95 -8.07
CA LYS A 119 -2.93 6.65 -8.01
C LYS A 119 -3.92 5.54 -8.28
N ALA A 120 -3.38 4.38 -8.67
CA ALA A 120 -4.12 3.18 -8.96
C ALA A 120 -3.47 2.04 -8.20
N LEU A 121 -4.24 1.30 -7.42
CA LEU A 121 -3.77 0.15 -6.66
C LEU A 121 -4.04 -1.05 -7.57
N VAL A 122 -3.03 -1.89 -7.78
CA VAL A 122 -3.14 -3.07 -8.62
C VAL A 122 -2.74 -4.29 -7.79
N LYS A 123 -3.47 -5.39 -7.96
CA LYS A 123 -3.14 -6.67 -7.35
C LYS A 123 -2.80 -7.68 -8.44
N PHE A 124 -1.52 -7.88 -8.75
CA PHE A 124 -1.07 -8.88 -9.73
C PHE A 124 -0.19 -9.93 -9.07
N ASP A 125 0.28 -10.91 -9.86
CA ASP A 125 1.21 -11.94 -9.41
C ASP A 125 2.58 -11.69 -10.06
N PRO A 126 3.61 -11.28 -9.30
CA PRO A 126 4.84 -10.70 -9.84
C PRO A 126 5.81 -11.75 -10.38
N GLU A 127 5.37 -12.46 -11.42
CA GLU A 127 6.14 -13.40 -12.21
C GLU A 127 5.60 -13.37 -13.64
N ILE A 128 4.28 -13.51 -13.78
CA ILE A 128 3.62 -13.65 -15.06
C ILE A 128 3.45 -12.29 -15.73
N ILE A 129 3.26 -11.25 -14.93
CA ILE A 129 3.22 -9.87 -15.39
C ILE A 129 4.19 -9.05 -14.54
N GLY A 130 4.56 -7.86 -15.01
CA GLY A 130 5.48 -6.97 -14.31
C GLY A 130 5.12 -5.51 -14.59
N PRO A 131 5.50 -4.59 -13.69
CA PRO A 131 5.14 -3.18 -13.79
C PRO A 131 5.67 -2.55 -15.06
N ARG A 132 6.84 -3.00 -15.53
CA ARG A 132 7.44 -2.50 -16.76
C ARG A 132 6.49 -2.70 -17.94
N ASP A 133 5.77 -3.82 -17.96
CA ASP A 133 4.82 -4.08 -19.02
C ASP A 133 3.69 -3.08 -18.90
N ILE A 134 3.19 -2.88 -17.68
CA ILE A 134 2.10 -1.94 -17.44
C ILE A 134 2.49 -0.57 -18.02
N ILE A 135 3.62 0.01 -17.60
CA ILE A 135 4.07 1.28 -18.17
C ILE A 135 4.14 1.18 -19.69
N LYS A 136 4.87 0.22 -20.26
CA LYS A 136 5.03 0.18 -21.69
C LYS A 136 3.68 0.14 -22.44
N ILE A 137 2.74 -0.71 -22.00
CA ILE A 137 1.45 -0.82 -22.67
C ILE A 137 0.63 0.46 -22.46
N ILE A 138 0.64 1.08 -21.26
CA ILE A 138 -0.10 2.35 -21.09
C ILE A 138 0.55 3.50 -21.87
N GLU A 139 1.87 3.48 -22.06
CA GLU A 139 2.57 4.41 -22.96
C GLU A 139 2.03 4.29 -24.39
N GLU A 140 1.57 3.11 -24.80
CA GLU A 140 0.98 2.91 -26.12
C GLU A 140 -0.29 3.77 -26.23
N ILE A 141 -1.05 3.86 -25.14
CA ILE A 141 -2.20 4.76 -25.05
C ILE A 141 -1.70 6.20 -24.95
N GLY A 142 -0.60 6.42 -24.24
CA GLY A 142 0.06 7.70 -24.06
C GLY A 142 -0.20 8.25 -22.66
N PHE A 143 -0.40 7.36 -21.68
CA PHE A 143 -0.49 7.74 -20.27
C PHE A 143 0.88 7.45 -19.64
N HIS A 144 1.06 7.68 -18.34
CA HIS A 144 2.34 7.37 -17.67
C HIS A 144 2.00 6.83 -16.28
N ALA A 145 2.54 5.66 -15.90
CA ALA A 145 2.19 4.97 -14.67
C ALA A 145 3.41 4.89 -13.75
N SER A 146 3.54 5.83 -12.82
CA SER A 146 4.73 6.06 -12.02
C SER A 146 4.51 5.39 -10.66
N LEU A 147 5.03 4.17 -10.52
CA LEU A 147 4.95 3.34 -9.32
C LEU A 147 5.31 4.14 -8.06
N ALA A 148 4.30 4.56 -7.29
CA ALA A 148 4.48 5.30 -6.05
C ALA A 148 5.31 6.57 -6.26
N GLN A 149 5.14 7.23 -7.41
CA GLN A 149 5.92 8.41 -7.75
C GLN A 149 5.16 9.23 -8.79
N MET A 1 10.44 -14.66 6.06
CA MET A 1 9.20 -14.11 5.52
C MET A 1 9.57 -13.28 4.29
N ALA A 2 8.79 -12.28 3.89
CA ALA A 2 9.00 -11.48 2.69
C ALA A 2 9.08 -9.99 3.05
N PRO A 3 9.79 -9.17 2.26
CA PRO A 3 9.94 -7.74 2.54
C PRO A 3 8.88 -6.92 1.83
N GLN A 4 8.04 -6.26 2.63
CA GLN A 4 7.09 -5.24 2.21
C GLN A 4 7.11 -4.18 3.30
N LYS A 5 6.94 -2.91 2.94
CA LYS A 5 6.80 -1.81 3.91
C LYS A 5 5.33 -1.51 4.13
N CYS A 6 4.99 -0.75 5.17
CA CYS A 6 3.67 -0.14 5.30
C CYS A 6 3.78 1.25 5.91
N PHE A 7 3.22 2.26 5.23
CA PHE A 7 3.17 3.65 5.66
C PHE A 7 1.80 3.95 6.29
N LEU A 8 1.74 4.05 7.61
CA LEU A 8 0.54 4.49 8.31
C LEU A 8 0.90 5.62 9.26
N GLN A 9 -0.12 6.23 9.86
CA GLN A 9 0.01 7.24 10.90
C GLN A 9 -0.74 6.72 12.13
N ILE A 10 -0.14 6.91 13.30
CA ILE A 10 -0.73 6.54 14.57
C ILE A 10 -1.31 7.81 15.19
N LYS A 11 -2.57 7.74 15.63
CA LYS A 11 -3.21 8.82 16.37
C LYS A 11 -3.38 8.34 17.82
N GLY A 12 -2.79 9.08 18.77
CA GLY A 12 -2.88 8.80 20.20
C GLY A 12 -1.74 9.47 20.98
N MET A 13 -0.49 9.17 20.61
CA MET A 13 0.75 9.59 21.27
C MET A 13 0.64 9.91 22.77
N THR A 14 0.57 8.89 23.63
CA THR A 14 0.48 9.10 25.06
C THR A 14 1.62 9.97 25.61
N CYS A 15 2.88 9.58 25.34
CA CYS A 15 4.01 10.21 26.02
C CYS A 15 5.32 9.92 25.28
N ALA A 16 5.29 9.97 23.95
CA ALA A 16 6.45 9.76 23.06
C ALA A 16 7.23 8.47 23.34
N SER A 17 6.52 7.44 23.82
CA SER A 17 7.08 6.18 24.30
C SER A 17 6.08 5.04 24.17
N CYS A 18 4.81 5.30 24.51
CA CYS A 18 3.77 4.28 24.47
C CYS A 18 3.60 3.74 23.05
N VAL A 19 3.52 4.66 22.08
CA VAL A 19 3.54 4.31 20.66
C VAL A 19 4.73 3.40 20.35
N SER A 20 5.89 3.75 20.91
CA SER A 20 7.10 3.01 20.70
C SER A 20 6.92 1.58 21.21
N ASN A 21 6.40 1.42 22.43
CA ASN A 21 6.16 0.09 22.98
C ASN A 21 5.18 -0.69 22.10
N ILE A 22 4.07 -0.06 21.71
CA ILE A 22 3.09 -0.63 20.79
C ILE A 22 3.78 -1.17 19.53
N GLU A 23 4.55 -0.33 18.86
CA GLU A 23 5.20 -0.72 17.62
C GLU A 23 6.27 -1.81 17.88
N ARG A 24 6.91 -1.76 19.04
CA ARG A 24 7.81 -2.84 19.46
C ARG A 24 7.06 -4.13 19.72
N ASN A 25 5.82 -4.04 20.19
CA ASN A 25 4.94 -5.20 20.31
C ASN A 25 4.61 -5.72 18.91
N LEU A 26 4.41 -4.84 17.93
CA LEU A 26 4.23 -5.25 16.55
C LEU A 26 5.45 -6.04 16.08
N GLN A 27 6.67 -5.64 16.47
CA GLN A 27 7.84 -6.43 16.18
C GLN A 27 7.75 -7.88 16.64
N LYS A 28 6.86 -8.16 17.60
CA LYS A 28 6.65 -9.51 18.13
C LYS A 28 5.31 -10.12 17.67
N GLU A 29 4.62 -9.49 16.72
CA GLU A 29 3.36 -9.99 16.17
C GLU A 29 3.59 -11.28 15.38
N ALA A 30 4.29 -11.18 14.24
CA ALA A 30 4.65 -12.31 13.39
C ALA A 30 5.68 -11.86 12.37
N GLY A 31 5.27 -11.61 11.12
CA GLY A 31 6.19 -11.26 10.04
C GLY A 31 6.54 -9.78 10.00
N VAL A 32 6.42 -9.08 11.13
CA VAL A 32 6.74 -7.67 11.27
C VAL A 32 8.16 -7.53 11.81
N LEU A 33 9.10 -7.00 11.01
CA LEU A 33 10.46 -6.77 11.47
C LEU A 33 11.01 -5.44 10.97
N SER A 34 10.30 -4.33 11.21
CA SER A 34 10.90 -2.99 11.28
C SER A 34 9.97 -2.11 12.11
N VAL A 35 10.54 -1.08 12.75
CA VAL A 35 9.82 -0.13 13.59
C VAL A 35 10.40 1.25 13.34
N LEU A 36 9.80 2.04 12.46
CA LEU A 36 10.32 3.36 12.12
C LEU A 36 9.19 4.37 12.27
N VAL A 37 8.94 4.79 13.51
CA VAL A 37 7.98 5.84 13.81
C VAL A 37 8.71 7.15 14.02
N ALA A 38 8.27 8.19 13.34
CA ALA A 38 8.74 9.54 13.59
C ALA A 38 7.73 10.17 14.55
N LEU A 39 7.86 9.89 15.85
CA LEU A 39 7.01 10.49 16.89
C LEU A 39 7.07 12.03 16.86
N MET A 40 8.07 12.58 16.17
CA MET A 40 8.32 13.98 15.93
C MET A 40 7.23 14.57 15.01
N ALA A 41 6.82 13.79 14.01
CA ALA A 41 5.98 14.23 12.90
C ALA A 41 4.62 13.54 12.90
N GLY A 42 4.59 12.26 13.29
CA GLY A 42 3.40 11.44 13.37
C GLY A 42 3.24 10.57 12.13
N LYS A 43 4.24 9.72 11.84
CA LYS A 43 4.11 8.71 10.82
C LYS A 43 4.81 7.46 11.32
N ALA A 44 4.15 6.30 11.17
CA ALA A 44 4.73 4.99 11.41
C ALA A 44 5.02 4.28 10.09
N GLU A 45 6.30 3.93 9.85
CA GLU A 45 6.71 3.01 8.80
C GLU A 45 7.18 1.70 9.44
N ILE A 46 6.45 0.62 9.18
CA ILE A 46 6.82 -0.75 9.52
C ILE A 46 7.21 -1.49 8.23
N LYS A 47 7.80 -2.68 8.37
CA LYS A 47 7.91 -3.67 7.31
C LYS A 47 7.37 -5.01 7.83
N TYR A 48 6.18 -5.39 7.32
CA TYR A 48 5.50 -6.64 7.54
C TYR A 48 5.63 -7.56 6.33
N ASP A 49 5.07 -8.78 6.45
CA ASP A 49 4.92 -9.73 5.37
C ASP A 49 3.42 -10.07 5.18
N PRO A 50 2.80 -9.72 4.05
CA PRO A 50 1.40 -10.02 3.79
C PRO A 50 1.09 -11.52 3.79
N GLU A 51 2.08 -12.40 3.57
CA GLU A 51 1.85 -13.84 3.55
C GLU A 51 1.45 -14.36 4.95
N VAL A 52 1.99 -13.78 6.02
CA VAL A 52 1.82 -14.31 7.37
C VAL A 52 1.07 -13.33 8.27
N ILE A 53 1.22 -12.02 8.05
CA ILE A 53 0.54 -10.97 8.81
C ILE A 53 -0.19 -10.04 7.84
N GLN A 54 -1.46 -9.74 8.10
CA GLN A 54 -2.29 -8.84 7.30
C GLN A 54 -2.52 -7.50 8.01
N PRO A 55 -2.73 -6.41 7.25
CA PRO A 55 -2.95 -5.09 7.82
C PRO A 55 -4.19 -5.06 8.73
N LEU A 56 -5.24 -5.83 8.40
CA LEU A 56 -6.45 -5.88 9.19
C LEU A 56 -6.16 -6.35 10.62
N GLU A 57 -5.48 -7.49 10.76
CA GLU A 57 -5.11 -8.03 12.06
C GLU A 57 -4.16 -7.09 12.79
N ILE A 58 -3.26 -6.44 12.06
CA ILE A 58 -2.41 -5.39 12.61
C ILE A 58 -3.34 -4.37 13.27
N ALA A 59 -4.38 -3.94 12.55
CA ALA A 59 -5.29 -2.94 13.04
C ALA A 59 -5.97 -3.40 14.33
N GLN A 60 -6.39 -4.67 14.40
CA GLN A 60 -6.96 -5.22 15.61
C GLN A 60 -5.99 -5.06 16.77
N PHE A 61 -4.71 -5.34 16.53
CA PHE A 61 -3.67 -5.15 17.53
C PHE A 61 -3.69 -3.70 18.04
N ILE A 62 -3.69 -2.74 17.11
CA ILE A 62 -3.64 -1.32 17.48
C ILE A 62 -4.88 -0.90 18.28
N GLN A 63 -6.05 -1.28 17.78
CA GLN A 63 -7.32 -0.97 18.42
C GLN A 63 -7.39 -1.61 19.82
N ASP A 64 -6.91 -2.85 19.96
CA ASP A 64 -6.87 -3.54 21.26
C ASP A 64 -5.93 -2.81 22.22
N LEU A 65 -4.70 -2.54 21.75
CA LEU A 65 -3.73 -1.76 22.51
C LEU A 65 -4.31 -0.39 22.93
N GLY A 66 -5.17 0.18 22.08
CA GLY A 66 -6.06 1.28 22.46
C GLY A 66 -5.65 2.55 21.74
N PHE A 67 -5.23 2.41 20.48
CA PHE A 67 -4.79 3.51 19.64
C PHE A 67 -5.52 3.40 18.31
N GLU A 68 -5.43 4.42 17.46
CA GLU A 68 -5.91 4.34 16.09
C GLU A 68 -4.71 4.35 15.14
N ALA A 69 -4.61 3.31 14.32
CA ALA A 69 -3.76 3.33 13.13
C ALA A 69 -4.66 3.58 11.93
N ALA A 70 -4.38 4.64 11.18
CA ALA A 70 -4.96 4.86 9.87
C ALA A 70 -3.81 4.96 8.88
N VAL A 71 -4.01 4.45 7.67
CA VAL A 71 -3.01 4.46 6.63
C VAL A 71 -2.93 5.86 6.08
N MET A 72 -1.78 6.18 5.50
CA MET A 72 -1.66 7.45 4.84
C MET A 72 -2.63 7.55 3.65
N GLU A 73 -2.63 6.51 2.80
CA GLU A 73 -3.45 6.27 1.61
C GLU A 73 -2.74 5.20 0.77
N ASP A 74 -1.50 5.49 0.40
CA ASP A 74 -0.69 4.71 -0.53
C ASP A 74 -0.45 3.27 -0.05
N TYR A 75 -0.43 3.11 1.27
CA TYR A 75 -0.11 1.92 2.01
C TYR A 75 1.35 1.48 1.85
N ALA A 76 1.86 1.23 0.64
CA ALA A 76 3.19 0.67 0.45
C ALA A 76 3.70 0.80 -0.98
N GLY A 77 3.11 0.02 -1.89
CA GLY A 77 3.48 -0.02 -3.29
C GLY A 77 4.46 -1.16 -3.51
N SER A 78 4.03 -2.43 -3.37
CA SER A 78 5.00 -3.50 -3.44
C SER A 78 4.37 -4.85 -3.84
N ASP A 79 4.99 -5.93 -3.40
CA ASP A 79 4.89 -7.25 -3.99
C ASP A 79 3.53 -7.82 -3.65
N GLY A 80 2.78 -8.25 -4.67
CA GLY A 80 1.41 -8.68 -4.48
C GLY A 80 0.48 -7.47 -4.57
N ASN A 81 0.90 -6.30 -4.07
CA ASN A 81 0.09 -5.11 -4.08
C ASN A 81 0.85 -3.81 -4.26
N ILE A 82 0.93 -3.31 -5.49
CA ILE A 82 1.70 -2.17 -5.86
C ILE A 82 0.70 -1.09 -6.24
N GLU A 83 1.03 0.16 -5.91
CA GLU A 83 0.29 1.33 -6.32
C GLU A 83 1.12 1.99 -7.41
N LEU A 84 0.48 2.69 -8.35
CA LEU A 84 1.17 3.57 -9.29
C LEU A 84 0.37 4.86 -9.40
N THR A 85 1.03 5.95 -9.76
CA THR A 85 0.39 7.23 -10.03
C THR A 85 0.20 7.27 -11.54
N ILE A 86 -1.03 7.51 -11.98
CA ILE A 86 -1.36 7.60 -13.40
C ILE A 86 -1.40 9.07 -13.77
N THR A 87 -0.86 9.43 -14.94
CA THR A 87 -0.92 10.77 -15.49
C THR A 87 -1.53 10.72 -16.89
N GLY A 88 -2.38 11.70 -17.22
CA GLY A 88 -2.93 11.94 -18.56
C GLY A 88 -4.46 11.76 -18.62
N MET A 89 -5.03 11.02 -17.67
CA MET A 89 -6.47 10.95 -17.44
C MET A 89 -7.17 12.30 -17.63
N THR A 90 -8.25 12.33 -18.40
CA THR A 90 -9.00 13.55 -18.70
C THR A 90 -10.51 13.36 -18.46
N CYS A 91 -10.94 12.18 -17.98
CA CYS A 91 -12.35 11.85 -17.81
C CYS A 91 -12.46 10.42 -17.27
N ALA A 92 -13.57 10.11 -16.59
CA ALA A 92 -13.80 8.80 -15.97
C ALA A 92 -13.77 7.66 -17.00
N SER A 93 -14.10 7.93 -18.27
CA SER A 93 -13.90 6.96 -19.33
C SER A 93 -12.45 6.44 -19.33
N CYS A 94 -11.47 7.32 -19.13
CA CYS A 94 -10.07 6.94 -19.11
C CYS A 94 -9.81 6.01 -17.94
N VAL A 95 -10.31 6.38 -16.75
CA VAL A 95 -10.24 5.57 -15.53
C VAL A 95 -10.79 4.16 -15.80
N HIS A 96 -12.03 4.09 -16.32
CA HIS A 96 -12.67 2.82 -16.62
C HIS A 96 -11.82 2.01 -17.60
N ASN A 97 -11.32 2.68 -18.65
CA ASN A 97 -10.48 2.04 -19.64
C ASN A 97 -9.18 1.51 -19.02
N ILE A 98 -8.53 2.30 -18.18
CA ILE A 98 -7.33 1.90 -17.46
C ILE A 98 -7.65 0.63 -16.64
N GLU A 99 -8.74 0.65 -15.87
CA GLU A 99 -9.15 -0.48 -15.09
C GLU A 99 -9.37 -1.68 -16.00
N SER A 100 -10.09 -1.50 -17.10
CA SER A 100 -10.27 -2.55 -18.10
C SER A 100 -8.91 -3.12 -18.51
N LYS A 101 -7.95 -2.27 -18.85
CA LYS A 101 -6.63 -2.70 -19.28
C LYS A 101 -5.90 -3.48 -18.19
N LEU A 102 -6.06 -3.08 -16.93
CA LEU A 102 -5.44 -3.79 -15.85
C LEU A 102 -6.15 -5.12 -15.69
N THR A 103 -7.45 -5.09 -15.41
CA THR A 103 -8.30 -6.25 -15.21
C THR A 103 -8.27 -7.23 -16.39
N ARG A 104 -7.87 -6.77 -17.58
CA ARG A 104 -7.62 -7.68 -18.71
C ARG A 104 -6.54 -8.73 -18.40
N THR A 105 -5.64 -8.43 -17.47
CA THR A 105 -4.53 -9.27 -17.07
C THR A 105 -5.04 -10.54 -16.35
N ASN A 106 -4.24 -11.60 -16.39
CA ASN A 106 -4.54 -12.89 -15.77
C ASN A 106 -4.41 -12.82 -14.24
N GLY A 107 -3.24 -12.38 -13.75
CA GLY A 107 -2.94 -12.42 -12.32
C GLY A 107 -3.74 -11.40 -11.52
N ILE A 108 -3.98 -10.23 -12.12
CA ILE A 108 -4.62 -9.15 -11.38
C ILE A 108 -5.99 -9.60 -10.87
N THR A 109 -6.21 -9.45 -9.56
CA THR A 109 -7.47 -9.83 -8.94
C THR A 109 -8.36 -8.61 -8.75
N TYR A 110 -7.85 -7.54 -8.14
CA TYR A 110 -8.64 -6.35 -7.90
C TYR A 110 -7.79 -5.11 -8.12
N ALA A 111 -8.08 -4.32 -9.16
CA ALA A 111 -7.51 -2.98 -9.29
C ALA A 111 -8.51 -1.98 -8.75
N SER A 112 -8.03 -0.83 -8.27
CA SER A 112 -8.88 0.31 -7.93
C SER A 112 -8.13 1.56 -8.33
N VAL A 113 -8.73 2.43 -9.15
CA VAL A 113 -8.08 3.59 -9.74
C VAL A 113 -8.86 4.86 -9.38
N ALA A 114 -8.17 5.88 -8.84
CA ALA A 114 -8.80 7.04 -8.24
C ALA A 114 -8.10 8.33 -8.66
N LEU A 115 -8.75 9.10 -9.54
CA LEU A 115 -8.25 10.37 -10.05
C LEU A 115 -8.24 11.48 -8.99
N ALA A 116 -9.01 11.33 -7.91
CA ALA A 116 -9.00 12.28 -6.81
C ALA A 116 -7.60 12.38 -6.21
N THR A 117 -6.96 11.21 -6.04
CA THR A 117 -5.58 11.10 -5.58
C THR A 117 -4.62 11.10 -6.78
N SER A 118 -5.08 10.60 -7.93
CA SER A 118 -4.27 10.42 -9.14
C SER A 118 -3.38 9.18 -9.04
N LYS A 119 -3.87 8.13 -8.37
CA LYS A 119 -3.15 6.87 -8.30
C LYS A 119 -4.11 5.69 -8.45
N ALA A 120 -3.53 4.51 -8.67
CA ALA A 120 -4.21 3.26 -8.88
C ALA A 120 -3.50 2.18 -8.08
N LEU A 121 -4.27 1.35 -7.39
CA LEU A 121 -3.79 0.18 -6.67
C LEU A 121 -4.02 -1.02 -7.57
N VAL A 122 -3.02 -1.90 -7.70
CA VAL A 122 -3.10 -3.07 -8.56
C VAL A 122 -2.60 -4.31 -7.79
N LYS A 123 -3.42 -5.37 -7.78
CA LYS A 123 -3.16 -6.56 -6.97
C LYS A 123 -2.94 -7.75 -7.89
N PHE A 124 -1.69 -7.95 -8.32
CA PHE A 124 -1.29 -9.02 -9.24
C PHE A 124 -0.26 -9.95 -8.60
N ASP A 125 0.04 -11.07 -9.26
CA ASP A 125 0.98 -12.07 -8.78
C ASP A 125 2.34 -11.81 -9.45
N PRO A 126 3.37 -11.42 -8.68
CA PRO A 126 4.66 -11.01 -9.24
C PRO A 126 5.48 -12.22 -9.67
N GLU A 127 5.02 -12.90 -10.71
CA GLU A 127 5.67 -14.03 -11.32
C GLU A 127 5.11 -14.24 -12.73
N ILE A 128 3.79 -14.23 -12.86
CA ILE A 128 3.11 -14.54 -14.10
C ILE A 128 3.00 -13.33 -15.01
N ILE A 129 2.91 -12.13 -14.41
CA ILE A 129 2.98 -10.88 -15.11
C ILE A 129 4.06 -10.02 -14.45
N GLY A 130 4.53 -8.99 -15.17
CA GLY A 130 5.53 -8.06 -14.70
C GLY A 130 5.08 -6.63 -15.02
N PRO A 131 5.68 -5.63 -14.38
CA PRO A 131 5.28 -4.24 -14.53
C PRO A 131 5.47 -3.75 -15.96
N ARG A 132 6.54 -4.20 -16.64
CA ARG A 132 6.89 -3.69 -17.97
C ARG A 132 5.73 -3.84 -18.95
N ASP A 133 5.02 -4.96 -18.88
CA ASP A 133 3.89 -5.24 -19.73
C ASP A 133 2.83 -4.17 -19.51
N ILE A 134 2.50 -3.94 -18.24
CA ILE A 134 1.50 -2.96 -17.85
C ILE A 134 1.96 -1.59 -18.36
N ILE A 135 3.20 -1.21 -18.08
CA ILE A 135 3.83 0.00 -18.63
C ILE A 135 3.55 0.07 -20.13
N LYS A 136 3.95 -0.92 -20.93
CA LYS A 136 3.67 -0.94 -22.34
C LYS A 136 2.18 -0.66 -22.63
N ILE A 137 1.26 -1.37 -21.97
CA ILE A 137 -0.17 -1.14 -22.14
C ILE A 137 -0.49 0.35 -21.95
N ILE A 138 -0.13 0.98 -20.83
CA ILE A 138 -0.46 2.41 -20.68
C ILE A 138 0.33 3.31 -21.63
N GLU A 139 1.57 2.99 -21.99
CA GLU A 139 2.29 3.76 -23.00
C GLU A 139 1.56 3.73 -24.34
N GLU A 140 1.01 2.57 -24.71
CA GLU A 140 0.23 2.41 -25.93
C GLU A 140 -1.03 3.27 -25.84
N ILE A 141 -1.63 3.39 -24.66
CA ILE A 141 -2.74 4.32 -24.49
C ILE A 141 -2.24 5.78 -24.56
N GLY A 142 -1.08 6.05 -23.97
CA GLY A 142 -0.52 7.38 -23.78
C GLY A 142 -0.79 7.89 -22.36
N PHE A 143 -0.86 7.00 -21.37
CA PHE A 143 -0.77 7.36 -19.96
C PHE A 143 0.58 6.89 -19.41
N HIS A 144 0.96 7.38 -18.23
CA HIS A 144 2.22 7.03 -17.60
C HIS A 144 1.90 6.61 -16.17
N ALA A 145 2.41 5.45 -15.74
CA ALA A 145 2.14 4.84 -14.45
C ALA A 145 3.44 4.77 -13.65
N SER A 146 3.62 5.67 -12.66
CA SER A 146 4.83 5.74 -11.87
C SER A 146 4.52 5.55 -10.39
N LEU A 147 5.11 4.52 -9.77
CA LEU A 147 5.08 4.27 -8.33
C LEU A 147 5.17 5.58 -7.55
N ALA A 148 4.13 5.81 -6.75
CA ALA A 148 4.01 6.94 -5.83
C ALA A 148 3.86 6.41 -4.40
N GLN A 149 4.92 5.72 -3.98
CA GLN A 149 5.22 5.38 -2.60
C GLN A 149 6.05 6.53 -1.98
#